data_2RLF
#
_entry.id   2RLF
#
loop_
_entity.id
_entity.type
_entity.pdbx_description
1 polymer 'Matrix protein 2'
2 non-polymer RIMANTADINE
#
_entity_poly.entity_id   1
_entity_poly.type   'polypeptide(L)'
_entity_poly.pdbx_seq_one_letter_code
;RSNDSSDPLVVAASIIGILHLILWILDRLFFKSIYRFFEHGLK
;
_entity_poly.pdbx_strand_id   A,B,C,D
#
loop_
_chem_comp.id
_chem_comp.type
_chem_comp.name
_chem_comp.formula
RIM non-polymer RIMANTADINE 'C12 H21 N'
#
# COMPACT_ATOMS: atom_id res chain seq x y z
N SER A 6 6.45 15.32 27.50
CA SER A 6 7.47 14.70 26.61
C SER A 6 7.05 14.83 25.15
N ASP A 7 5.93 15.46 24.91
CA ASP A 7 5.45 15.62 23.51
C ASP A 7 5.31 14.24 22.85
N PRO A 8 4.66 13.33 23.51
CA PRO A 8 4.45 11.95 23.00
C PRO A 8 3.77 11.95 21.62
N LEU A 9 3.20 13.06 21.24
CA LEU A 9 2.53 13.13 19.91
C LEU A 9 3.44 12.51 18.85
N VAL A 10 4.71 12.84 18.89
CA VAL A 10 5.65 12.27 17.89
C VAL A 10 5.81 10.77 18.16
N VAL A 11 5.99 10.40 19.40
CA VAL A 11 6.15 8.96 19.72
C VAL A 11 5.03 8.16 19.04
N ALA A 12 3.81 8.60 19.19
CA ALA A 12 2.68 7.87 18.54
C ALA A 12 2.82 7.97 17.02
N ALA A 13 3.32 9.06 16.53
CA ALA A 13 3.48 9.21 15.05
C ALA A 13 4.52 8.21 14.54
N SER A 14 5.71 8.25 15.07
CA SER A 14 6.77 7.31 14.61
C SER A 14 6.27 5.87 14.76
N ILE A 15 5.53 5.59 15.78
CA ILE A 15 5.01 4.20 15.97
C ILE A 15 3.94 3.91 14.92
N ILE A 16 3.07 4.85 14.67
CA ILE A 16 2.01 4.60 13.66
C ILE A 16 2.68 4.24 12.33
N GLY A 17 3.82 4.81 12.07
CA GLY A 17 4.54 4.48 10.80
C GLY A 17 5.14 3.09 10.90
N ILE A 18 5.77 2.77 12.01
CA ILE A 18 6.37 1.43 12.17
C ILE A 18 5.30 0.36 11.94
N LEU A 19 4.09 0.62 12.38
CA LEU A 19 2.99 -0.37 12.18
C LEU A 19 2.69 -0.49 10.69
N HIS A 20 2.26 0.58 10.07
CA HIS A 20 1.93 0.53 8.62
C HIS A 20 3.04 -0.21 7.85
N LEU A 21 4.27 0.01 8.21
CA LEU A 21 5.38 -0.68 7.48
C LEU A 21 5.32 -2.19 7.75
N ILE A 22 5.60 -2.60 8.96
CA ILE A 22 5.56 -4.06 9.26
C ILE A 22 4.26 -4.67 8.74
N LEU A 23 3.22 -3.89 8.64
CA LEU A 23 1.92 -4.43 8.15
C LEU A 23 2.02 -4.69 6.64
N TRP A 24 2.27 -3.68 5.86
CA TRP A 24 2.37 -3.88 4.38
C TRP A 24 3.26 -5.08 4.07
N ILE A 25 4.41 -5.15 4.67
CA ILE A 25 5.32 -6.32 4.43
C ILE A 25 4.64 -7.60 4.91
N LEU A 26 4.33 -7.67 6.18
CA LEU A 26 3.67 -8.88 6.74
C LEU A 26 2.56 -9.34 5.80
N ASP A 27 1.81 -8.42 5.26
CA ASP A 27 0.72 -8.83 4.33
C ASP A 27 1.32 -9.36 3.03
N ARG A 28 2.46 -8.87 2.65
CA ARG A 28 3.09 -9.35 1.39
C ARG A 28 3.71 -10.73 1.63
N LEU A 29 3.90 -11.14 2.85
CA LEU A 29 4.49 -12.49 3.10
C LEU A 29 3.37 -13.52 3.19
N PHE A 30 2.14 -13.07 3.30
CA PHE A 30 1.01 -14.04 3.39
C PHE A 30 0.69 -14.59 2.00
N PHE A 31 0.33 -13.74 1.08
CA PHE A 31 0.02 -14.22 -0.29
C PHE A 31 1.16 -15.11 -0.78
N LYS A 32 1.04 -16.40 -0.60
CA LYS A 32 2.12 -17.32 -1.05
C LYS A 32 1.83 -17.79 -2.48
N SER A 33 1.00 -18.79 -2.64
CA SER A 33 0.69 -19.28 -4.01
C SER A 33 -0.47 -18.47 -4.60
N ILE A 34 -0.74 -18.65 -5.87
CA ILE A 34 -1.86 -17.91 -6.52
C ILE A 34 -3.04 -18.85 -6.75
N TYR A 35 -2.79 -20.13 -6.79
CA TYR A 35 -3.91 -21.09 -7.01
C TYR A 35 -5.01 -20.86 -5.98
N ARG A 36 -4.69 -20.25 -4.87
CA ARG A 36 -5.73 -20.00 -3.83
C ARG A 36 -6.71 -18.94 -4.32
N PHE A 37 -6.21 -17.90 -4.93
CA PHE A 37 -7.13 -16.83 -5.43
C PHE A 37 -7.98 -17.39 -6.58
N PHE A 38 -7.42 -18.26 -7.37
CA PHE A 38 -8.19 -18.85 -8.50
C PHE A 38 -9.34 -19.70 -7.94
N GLU A 39 -9.05 -20.55 -7.00
CA GLU A 39 -10.12 -21.40 -6.41
C GLU A 39 -11.15 -20.52 -5.71
N HIS A 40 -10.74 -19.40 -5.21
CA HIS A 40 -11.69 -18.49 -4.51
C HIS A 40 -12.71 -17.96 -5.53
N GLY A 41 -12.25 -17.40 -6.62
CA GLY A 41 -13.20 -16.88 -7.64
C GLY A 41 -14.07 -18.03 -8.16
N LEU A 42 -13.47 -19.02 -8.74
CA LEU A 42 -14.27 -20.18 -9.25
C LEU A 42 -15.22 -20.67 -8.16
N LYS A 43 -16.50 -20.62 -8.40
CA LYS A 43 -17.48 -21.08 -7.37
C LYS A 43 -17.53 -20.07 -6.22
N SER B 6 -0.51 25.90 18.25
CA SER B 6 0.88 26.40 18.36
C SER B 6 1.79 25.66 17.38
N ASP B 7 1.50 24.39 17.15
CA ASP B 7 2.35 23.61 16.21
C ASP B 7 1.54 22.42 15.69
N PRO B 8 0.36 22.67 15.20
CA PRO B 8 -0.53 21.60 14.66
C PRO B 8 0.11 20.84 13.48
N LEU B 9 1.20 21.33 12.97
CA LEU B 9 1.87 20.62 11.83
C LEU B 9 2.01 19.15 12.18
N VAL B 10 2.46 18.85 13.37
CA VAL B 10 2.60 17.42 13.77
C VAL B 10 1.20 16.81 13.90
N VAL B 11 0.30 17.51 14.53
CA VAL B 11 -1.08 16.96 14.68
C VAL B 11 -1.57 16.46 13.32
N ALA B 12 -1.45 17.27 12.31
CA ALA B 12 -1.90 16.84 10.95
C ALA B 12 -1.04 15.67 10.48
N ALA B 13 0.20 15.64 10.88
CA ALA B 13 1.09 14.52 10.46
C ALA B 13 0.61 13.21 11.08
N SER B 14 0.53 13.16 12.38
CA SER B 14 0.07 11.91 13.05
C SER B 14 -1.29 11.51 12.50
N ILE B 15 -2.13 12.45 12.16
CA ILE B 15 -3.47 12.10 11.62
C ILE B 15 -3.32 11.59 10.19
N ILE B 16 -2.50 12.22 9.39
CA ILE B 16 -2.32 11.74 7.99
C ILE B 16 -1.92 10.27 8.02
N GLY B 17 -1.15 9.88 8.99
CA GLY B 17 -0.71 8.45 9.08
C GLY B 17 -1.91 7.60 9.51
N ILE B 18 -2.65 8.05 10.49
CA ILE B 18 -3.82 7.26 10.95
C ILE B 18 -4.75 7.00 9.76
N LEU B 19 -4.83 7.92 8.85
CA LEU B 19 -5.71 7.72 7.66
C LEU B 19 -5.09 6.65 6.75
N HIS B 20 -3.95 6.93 6.18
CA HIS B 20 -3.30 5.94 5.29
C HIS B 20 -3.33 4.56 5.93
N LEU B 21 -3.15 4.48 7.22
CA LEU B 21 -3.16 3.15 7.91
C LEU B 21 -4.57 2.55 7.82
N ILE B 22 -5.52 3.14 8.49
CA ILE B 22 -6.92 2.60 8.44
C ILE B 22 -7.31 2.35 6.99
N LEU B 23 -6.73 3.06 6.07
CA LEU B 23 -7.07 2.87 4.63
C LEU B 23 -6.52 1.54 4.13
N TRP B 24 -5.23 1.38 4.12
CA TRP B 24 -4.63 0.10 3.64
C TRP B 24 -5.38 -1.08 4.25
N ILE B 25 -5.61 -1.05 5.54
CA ILE B 25 -6.35 -2.17 6.20
C ILE B 25 -7.76 -2.24 5.62
N LEU B 26 -8.48 -1.15 5.69
CA LEU B 26 -9.87 -1.13 5.16
C LEU B 26 -9.90 -1.75 3.76
N ASP B 27 -8.92 -1.46 2.95
CA ASP B 27 -8.89 -2.03 1.58
C ASP B 27 -8.60 -3.53 1.65
N ARG B 28 -7.88 -3.96 2.64
CA ARG B 28 -7.57 -5.42 2.74
C ARG B 28 -8.79 -6.19 3.25
N LEU B 29 -9.73 -5.53 3.88
CA LEU B 29 -10.92 -6.27 4.38
C LEU B 29 -11.92 -6.42 3.22
N PHE B 30 -11.66 -5.77 2.12
CA PHE B 30 -12.59 -5.85 0.95
C PHE B 30 -11.79 -5.99 -0.34
N PHE B 31 -11.77 -7.16 -0.93
CA PHE B 31 -11.01 -7.34 -2.19
C PHE B 31 -11.33 -8.71 -2.79
N LYS B 32 -12.22 -9.43 -2.18
CA LYS B 32 -12.57 -10.78 -2.71
C LYS B 32 -13.38 -10.62 -4.00
N SER B 33 -14.36 -11.45 -4.22
CA SER B 33 -15.18 -11.34 -5.45
C SER B 33 -14.26 -11.31 -6.67
N ILE B 34 -13.72 -12.44 -7.05
CA ILE B 34 -12.81 -12.49 -8.23
C ILE B 34 -13.59 -12.99 -9.45
N TYR B 35 -14.57 -13.83 -9.23
CA TYR B 35 -15.37 -14.36 -10.37
C TYR B 35 -16.06 -13.21 -11.09
N ARG B 36 -16.44 -12.19 -10.38
CA ARG B 36 -17.14 -11.04 -11.04
C ARG B 36 -16.17 -10.36 -12.02
N PHE B 37 -14.90 -10.34 -11.69
CA PHE B 37 -13.91 -9.71 -12.60
C PHE B 37 -13.66 -10.63 -13.80
N PHE B 38 -13.54 -11.90 -13.56
CA PHE B 38 -13.30 -12.86 -14.68
C PHE B 38 -14.43 -12.75 -15.69
N GLU B 39 -15.65 -12.63 -15.24
CA GLU B 39 -16.80 -12.52 -16.18
C GLU B 39 -16.78 -11.15 -16.85
N HIS B 40 -17.02 -10.11 -16.09
CA HIS B 40 -17.04 -8.73 -16.67
C HIS B 40 -15.88 -8.57 -17.67
N GLY B 41 -14.80 -9.26 -17.46
CA GLY B 41 -13.65 -9.14 -18.40
C GLY B 41 -13.96 -9.94 -19.68
N LEU B 42 -13.96 -11.24 -19.58
CA LEU B 42 -14.25 -12.08 -20.77
C LEU B 42 -15.70 -11.86 -21.20
N LYS B 43 -15.96 -10.82 -21.95
CA LYS B 43 -17.35 -10.56 -22.41
C LYS B 43 -17.32 -9.93 -23.80
N SER C 6 10.92 26.29 13.23
CA SER C 6 11.52 25.97 11.90
C SER C 6 11.84 24.48 11.82
N ASP C 7 13.05 24.13 11.47
CA ASP C 7 13.41 22.69 11.38
C ASP C 7 12.49 21.98 10.39
N PRO C 8 12.56 22.36 9.14
CA PRO C 8 11.73 21.76 8.06
C PRO C 8 11.66 20.23 8.15
N LEU C 9 12.49 19.63 8.96
CA LEU C 9 12.47 18.15 9.08
C LEU C 9 11.02 17.68 9.25
N VAL C 10 10.28 18.33 10.12
CA VAL C 10 8.86 17.94 10.32
C VAL C 10 8.07 18.25 9.04
N VAL C 11 8.28 19.42 8.49
CA VAL C 11 7.56 19.79 7.24
C VAL C 11 7.70 18.66 6.22
N ALA C 12 8.91 18.24 5.97
CA ALA C 12 9.12 17.13 4.99
C ALA C 12 8.43 15.86 5.48
N ALA C 13 8.37 15.68 6.77
CA ALA C 13 7.70 14.45 7.32
C ALA C 13 6.21 14.51 7.00
N SER C 14 5.54 15.55 7.39
CA SER C 14 4.08 15.66 7.12
C SER C 14 3.82 15.52 5.62
N ILE C 15 4.68 16.06 4.80
CA ILE C 15 4.48 15.95 3.32
C ILE C 15 4.75 14.52 2.87
N ILE C 16 5.78 13.90 3.36
CA ILE C 16 6.08 12.50 2.95
C ILE C 16 4.83 11.65 3.23
N GLY C 17 4.14 11.93 4.30
CA GLY C 17 2.91 11.14 4.61
C GLY C 17 1.84 11.47 3.58
N ILE C 18 1.66 12.72 3.27
CA ILE C 18 0.64 13.11 2.26
C ILE C 18 0.98 12.43 0.93
N LEU C 19 2.24 12.41 0.59
CA LEU C 19 2.65 11.77 -0.70
C LEU C 19 2.18 10.31 -0.71
N HIS C 20 2.75 9.49 0.13
CA HIS C 20 2.34 8.05 0.17
C HIS C 20 0.81 7.94 0.11
N LEU C 21 0.11 8.79 0.80
CA LEU C 21 -1.38 8.72 0.77
C LEU C 21 -1.87 8.95 -0.66
N ILE C 22 -1.72 10.14 -1.16
CA ILE C 22 -2.17 10.45 -2.54
C ILE C 22 -1.68 9.35 -3.49
N LEU C 23 -0.47 8.90 -3.31
CA LEU C 23 0.08 7.84 -4.19
C LEU C 23 -0.77 6.57 -4.05
N TRP C 24 -0.95 6.09 -2.86
CA TRP C 24 -1.77 4.86 -2.66
C TRP C 24 -3.06 4.97 -3.47
N ILE C 25 -3.85 5.97 -3.21
CA ILE C 25 -5.12 6.13 -3.99
C ILE C 25 -4.79 6.21 -5.49
N LEU C 26 -3.84 7.04 -5.84
CA LEU C 26 -3.47 7.20 -7.27
C LEU C 26 -3.18 5.84 -7.91
N ASP C 27 -2.75 4.88 -7.14
CA ASP C 27 -2.45 3.55 -7.70
C ASP C 27 -3.70 2.66 -7.63
N ARG C 28 -4.49 2.83 -6.62
CA ARG C 28 -5.72 2.02 -6.48
C ARG C 28 -6.88 2.63 -7.27
N LEU C 29 -6.61 3.69 -8.00
CA LEU C 29 -7.69 4.36 -8.82
C LEU C 29 -8.72 3.33 -9.29
N PHE C 30 -8.29 2.13 -9.58
CA PHE C 30 -9.23 1.07 -10.03
C PHE C 30 -9.78 1.44 -11.42
N PHE C 31 -9.27 0.80 -12.45
CA PHE C 31 -9.75 1.09 -13.83
C PHE C 31 -10.65 -0.05 -14.30
N LYS C 32 -11.43 0.18 -15.32
CA LYS C 32 -12.34 -0.91 -15.81
C LYS C 32 -11.65 -1.70 -16.92
N SER C 33 -12.40 -2.24 -17.84
CA SER C 33 -11.79 -3.02 -18.96
C SER C 33 -10.76 -4.01 -18.39
N ILE C 34 -11.18 -5.21 -18.11
CA ILE C 34 -10.23 -6.22 -17.56
C ILE C 34 -9.62 -7.03 -18.70
N TYR C 35 -10.36 -7.24 -19.76
CA TYR C 35 -9.81 -8.02 -20.91
C TYR C 35 -8.41 -7.49 -21.26
N ARG C 36 -8.25 -6.19 -21.31
CA ARG C 36 -6.93 -5.62 -21.66
C ARG C 36 -5.82 -6.32 -20.86
N PHE C 37 -5.99 -6.41 -19.57
CA PHE C 37 -4.95 -7.08 -18.73
C PHE C 37 -4.79 -8.54 -19.16
N PHE C 38 -5.88 -9.21 -19.43
CA PHE C 38 -5.79 -10.64 -19.85
C PHE C 38 -4.98 -10.72 -21.16
N GLU C 39 -5.12 -9.74 -22.02
CA GLU C 39 -4.38 -9.77 -23.29
C GLU C 39 -2.90 -9.45 -23.03
N HIS C 40 -2.64 -8.55 -22.11
CA HIS C 40 -1.23 -8.19 -21.80
C HIS C 40 -0.50 -9.44 -21.30
N GLY C 41 -1.14 -10.23 -20.48
CA GLY C 41 -0.48 -11.47 -19.97
C GLY C 41 -0.27 -12.45 -21.13
N LEU C 42 -1.34 -12.89 -21.73
CA LEU C 42 -1.21 -13.85 -22.87
C LEU C 42 -0.99 -13.07 -24.16
N LYS C 43 -1.47 -13.59 -25.26
CA LYS C 43 -1.28 -12.86 -26.56
C LYS C 43 -2.31 -11.74 -26.66
N SER D 6 13.71 18.38 17.27
CA SER D 6 15.16 18.40 16.97
C SER D 6 15.78 17.06 17.36
N ASP D 7 15.06 16.26 18.11
CA ASP D 7 15.60 14.93 18.53
C ASP D 7 15.57 13.97 17.33
N PRO D 8 16.33 12.91 17.40
CA PRO D 8 16.40 11.90 16.30
C PRO D 8 15.06 11.17 16.12
N LEU D 9 14.23 11.17 17.13
CA LEU D 9 12.91 10.48 17.00
C LEU D 9 12.27 10.89 15.68
N VAL D 10 12.33 12.15 15.36
CA VAL D 10 11.74 12.61 14.06
C VAL D 10 12.60 12.09 12.91
N VAL D 11 13.90 12.16 13.05
CA VAL D 11 14.79 11.66 11.96
C VAL D 11 14.36 10.25 11.58
N ALA D 12 14.18 9.40 12.55
CA ALA D 12 13.77 7.99 12.24
C ALA D 12 12.35 8.01 11.66
N ALA D 13 11.53 8.91 12.10
CA ALA D 13 10.13 8.99 11.58
C ALA D 13 10.17 9.37 10.09
N SER D 14 10.76 10.48 9.77
CA SER D 14 10.81 10.91 8.35
C SER D 14 11.46 9.81 7.49
N ILE D 15 12.42 9.13 8.03
CA ILE D 15 13.08 8.04 7.25
C ILE D 15 12.13 6.86 7.11
N ILE D 16 11.43 6.52 8.16
CA ILE D 16 10.48 5.37 8.08
C ILE D 16 9.48 5.64 6.94
N GLY D 17 9.12 6.88 6.75
CA GLY D 17 8.16 7.21 5.66
C GLY D 17 8.87 7.06 4.32
N ILE D 18 10.09 7.54 4.22
CA ILE D 18 10.83 7.43 2.93
C ILE D 18 10.97 5.95 2.56
N LEU D 19 11.04 5.09 3.53
CA LEU D 19 11.18 3.63 3.24
C LEU D 19 9.85 3.08 2.73
N HIS D 20 8.86 3.03 3.59
CA HIS D 20 7.52 2.50 3.17
C HIS D 20 7.13 3.07 1.80
N LEU D 21 7.49 4.29 1.52
CA LEU D 21 7.11 4.88 0.20
C LEU D 21 7.96 4.25 -0.90
N ILE D 22 9.25 4.43 -0.86
CA ILE D 22 10.12 3.83 -1.91
C ILE D 22 9.80 2.35 -2.06
N LEU D 23 9.46 1.69 -0.98
CA LEU D 23 9.13 0.23 -1.04
C LEU D 23 7.84 0.01 -1.85
N TRP D 24 6.73 0.50 -1.36
CA TRP D 24 5.45 0.30 -2.08
C TRP D 24 5.64 0.58 -3.57
N ILE D 25 6.26 1.68 -3.90
CA ILE D 25 6.49 2.00 -5.33
C ILE D 25 7.33 0.87 -5.94
N LEU D 26 8.27 0.35 -5.20
CA LEU D 26 9.13 -0.74 -5.72
C LEU D 26 8.26 -1.92 -6.15
N ASP D 27 7.28 -2.26 -5.36
CA ASP D 27 6.40 -3.40 -5.71
C ASP D 27 5.49 -3.02 -6.88
N ARG D 28 5.18 -1.77 -7.05
CA ARG D 28 4.28 -1.37 -8.17
C ARG D 28 5.03 -1.41 -9.52
N LEU D 29 6.32 -1.20 -9.53
CA LEU D 29 7.03 -1.24 -10.84
C LEU D 29 6.82 -2.60 -11.49
N PHE D 30 6.31 -3.56 -10.76
CA PHE D 30 6.07 -4.90 -11.34
C PHE D 30 4.86 -4.84 -12.27
N PHE D 31 4.48 -3.65 -12.67
CA PHE D 31 3.30 -3.51 -13.58
C PHE D 31 3.42 -4.52 -14.73
N LYS D 32 2.31 -4.89 -15.32
CA LYS D 32 2.36 -5.88 -16.43
C LYS D 32 2.88 -7.22 -15.92
N SER D 33 3.60 -7.94 -16.73
CA SER D 33 4.14 -9.25 -16.29
C SER D 33 3.01 -10.07 -15.63
N ILE D 34 1.96 -10.34 -16.35
CA ILE D 34 0.84 -11.12 -15.78
C ILE D 34 1.02 -12.60 -16.14
N TYR D 35 1.62 -12.88 -17.26
CA TYR D 35 1.82 -14.29 -17.67
C TYR D 35 2.61 -15.05 -16.58
N ARG D 36 3.56 -14.39 -15.96
CA ARG D 36 4.35 -15.06 -14.90
C ARG D 36 3.42 -15.45 -13.75
N PHE D 37 2.44 -14.64 -13.46
CA PHE D 37 1.50 -14.97 -12.36
C PHE D 37 0.62 -16.14 -12.79
N PHE D 38 0.23 -16.19 -14.03
CA PHE D 38 -0.62 -17.31 -14.52
C PHE D 38 0.14 -18.63 -14.40
N GLU D 39 1.32 -18.70 -14.96
CA GLU D 39 2.11 -19.96 -14.88
C GLU D 39 2.44 -20.27 -13.42
N HIS D 40 2.56 -19.27 -12.60
CA HIS D 40 2.88 -19.52 -11.17
C HIS D 40 1.69 -20.23 -10.50
N GLY D 41 0.50 -19.77 -10.74
CA GLY D 41 -0.69 -20.41 -10.12
C GLY D 41 -0.82 -21.84 -10.64
N LEU D 42 -0.99 -22.00 -11.92
CA LEU D 42 -1.12 -23.37 -12.50
C LEU D 42 0.17 -24.16 -12.25
N LYS D 43 0.32 -25.27 -12.92
CA LYS D 43 1.55 -26.09 -12.74
C LYS D 43 2.79 -25.21 -12.93
CA RIM E . -4.37 -5.56 6.75
CB RIM E . -4.50 -7.06 6.46
NC RIM E . -3.67 -7.40 5.27
CD RIM E . -4.04 -7.92 7.66
CE1 RIM E . -2.50 -8.06 7.67
CE2 RIM E . -4.49 -7.31 9.00
CE3 RIM E . -4.66 -9.31 7.51
CF1 RIM E . -2.09 -8.96 8.84
CF2 RIM E . -4.08 -8.21 10.16
CF3 RIM E . -4.24 -10.22 8.68
CG1 RIM E . -2.56 -8.34 10.15
CG2 RIM E . -4.71 -9.59 9.98
CG3 RIM E . -2.72 -10.33 8.68
HA1 RIM E . -4.49 -5.01 5.82
HA2 RIM E . -3.40 -5.35 7.16
HA3 RIM E . -5.14 -5.25 7.44
HB RIM E . -5.53 -7.28 6.24
HNC1 RIM E . -3.74 -8.29 4.87
HNC2 RIM E . -3.10 -6.72 4.85
HE11 RIM E . -2.05 -7.10 7.79
HE12 RIM E . -2.18 -8.52 6.75
HE21 RIM E . -5.57 -7.19 8.99
HE22 RIM E . -4.03 -6.34 9.15
HE31 RIM E . -4.34 -9.76 6.58
HE32 RIM E . -5.74 -9.23 7.51
HF1 RIM E . -1.01 -9.06 8.86
HF2 RIM E . -4.41 -7.78 11.09
HF3 RIM E . -4.68 -11.20 8.56
HG11 RIM E . -2.26 -8.99 10.98
HG12 RIM E . -2.12 -7.35 10.26
HG21 RIM E . -4.39 -10.23 10.81
HG22 RIM E . -5.79 -9.48 9.95
HG31 RIM E . -2.42 -10.96 9.52
HG32 RIM E . -2.39 -10.76 7.74
CA RIM F . -7.69 3.36 -2.11
CB RIM F . -8.76 2.28 -2.33
NC RIM F . -8.34 1.04 -1.65
CD RIM F . -10.14 2.73 -1.78
CE1 RIM F . -10.41 4.22 -2.07
CE2 RIM F . -11.22 1.88 -2.48
CE3 RIM F . -10.23 2.49 -0.26
CF1 RIM F . -11.80 4.60 -1.57
CF2 RIM F . -12.61 2.27 -1.96
CF3 RIM F . -11.62 2.88 0.25
CG1 RIM F . -12.85 3.74 -2.26
CG2 RIM F . -12.67 2.04 -0.45
CG3 RIM F . -11.87 4.36 -0.06
HA1 RIM F . -6.72 2.93 -2.31
HA2 RIM F . -7.72 3.71 -1.09
HA3 RIM F . -7.86 4.18 -2.79
HB RIM F . -8.85 2.10 -3.39
HNC1 RIM F . -7.98 1.06 -0.73
HNC2 RIM F . -8.32 0.19 -2.14
HE11 RIM F . -10.34 4.40 -3.13
HE12 RIM F . -9.68 4.83 -1.55
HE21 RIM F . -11.04 0.84 -2.27
HE22 RIM F . -11.18 2.05 -3.54
HE31 RIM F . -9.48 3.08 0.24
HE32 RIM F . -10.06 1.44 -0.05
HF1 RIM F . -11.99 5.65 -1.78
HF2 RIM F . -13.36 1.67 -2.46
HF3 RIM F . -11.67 2.73 1.31
HG11 RIM F . -13.84 4.02 -1.90
HG12 RIM F . -12.78 3.90 -3.34
HG21 RIM F . -13.66 2.33 -0.09
HG22 RIM F . -12.48 0.99 -0.25
HG31 RIM F . -12.87 4.63 0.30
HG32 RIM F . -11.10 4.96 0.42
CA RIM G . 3.63 3.71 -7.77
CB RIM G . 3.08 3.49 -9.19
NC RIM G . 1.66 3.02 -9.07
CD RIM G . 3.12 4.78 -10.05
CE1 RIM G . 4.53 4.96 -10.62
CE2 RIM G . 2.13 4.62 -11.21
CE3 RIM G . 2.73 6.03 -9.22
CF1 RIM G . 4.57 6.21 -11.51
CF2 RIM G . 2.18 5.87 -12.11
CF3 RIM G . 2.77 7.26 -10.13
CG1 RIM G . 3.58 6.04 -12.66
CG2 RIM G . 1.79 7.08 -11.28
CG3 RIM G . 4.18 7.43 -10.68
HA1 RIM G . 3.78 2.75 -7.29
HA2 RIM G . 2.93 4.29 -7.18
HA3 RIM G . 4.57 4.24 -7.81
HB RIM G . 3.66 2.72 -9.67
HNC1 RIM G . 1.37 2.24 -9.58
HNC2 RIM G . 1.02 3.55 -8.56
HE11 RIM G . 4.79 4.10 -11.21
HE12 RIM G . 5.24 5.08 -9.82
HE21 RIM G . 1.13 4.51 -10.82
HE22 RIM G . 2.38 3.75 -11.78
HE31 RIM G . 3.45 6.17 -8.43
HE32 RIM G . 1.75 5.90 -8.81
HF1 RIM G . 5.56 6.34 -11.90
HF2 RIM G . 1.48 5.74 -12.92
HF3 RIM G . 2.50 8.14 -9.56
HG11 RIM G . 3.61 6.93 -13.28
HG12 RIM G . 3.85 5.15 -13.22
HG21 RIM G . 1.83 7.97 -11.92
HG22 RIM G . 0.79 6.93 -10.88
HG31 RIM G . 4.20 8.31 -11.33
HG32 RIM G . 4.87 7.53 -9.86
CA RIM H . 7.27 -6.61 0.92
CB RIM H . 7.75 -6.36 -0.51
NC RIM H . 7.78 -4.90 -0.77
CD RIM H . 9.17 -6.96 -0.76
CE1 RIM H . 10.08 -6.79 0.47
CE2 RIM H . 9.03 -8.46 -1.09
CE3 RIM H . 9.80 -6.24 -1.96
CF1 RIM H . 11.46 -7.37 0.15
CF2 RIM H . 10.42 -9.05 -1.39
CF3 RIM H . 11.17 -6.83 -2.26
CG1 RIM H . 11.32 -8.86 -0.17
CG2 RIM H . 11.03 -8.32 -2.58
CG3 RIM H . 12.07 -6.65 -1.04
HA1 RIM H . 7.84 -5.98 1.60
HA2 RIM H . 7.39 -7.64 1.18
HA3 RIM H . 6.23 -6.34 1.00
HB RIM H . 7.05 -6.82 -1.20
HNC1 RIM H . 7.78 -4.27 -0.02
HNC2 RIM H . 7.85 -4.56 -1.68
HE11 RIM H . 9.68 -7.33 1.31
HE12 RIM H . 10.17 -5.75 0.72
HE21 RIM H . 8.40 -8.58 -1.95
HE22 RIM H . 8.60 -8.98 -0.25
HE31 RIM H . 9.91 -5.19 -1.74
HE32 RIM H . 9.16 -6.36 -2.83
HF1 RIM H . 12.12 -7.25 1.01
HF2 RIM H . 10.33 -10.10 -1.61
HF3 RIM H . 11.60 -6.33 -3.11
HG11 RIM H . 12.30 -9.27 -0.39
HG12 RIM H . 10.87 -9.36 0.69
HG21 RIM H . 12.01 -8.73 -2.78
HG22 RIM H . 10.38 -8.44 -3.44
HG31 RIM H . 13.04 -7.08 -1.27
HG32 RIM H . 12.14 -5.59 -0.82
N SER A 6 6.37 16.00 26.71
CA SER A 6 7.44 15.53 25.79
C SER A 6 6.91 15.52 24.35
N ASP A 7 5.92 16.33 24.06
CA ASP A 7 5.35 16.39 22.68
C ASP A 7 5.22 14.97 22.11
N PRO A 8 4.56 14.10 22.81
CA PRO A 8 4.37 12.68 22.37
C PRO A 8 3.66 12.59 21.02
N LEU A 9 3.02 13.65 20.60
CA LEU A 9 2.33 13.62 19.27
C LEU A 9 3.27 13.02 18.23
N VAL A 10 4.50 13.46 18.23
CA VAL A 10 5.48 12.91 17.26
C VAL A 10 5.76 11.45 17.60
N VAL A 11 5.96 11.15 18.85
CA VAL A 11 6.23 9.74 19.24
C VAL A 11 5.17 8.83 18.61
N ALA A 12 3.91 9.17 18.78
CA ALA A 12 2.83 8.34 18.19
C ALA A 12 2.95 8.35 16.67
N ALA A 13 3.38 9.45 16.10
CA ALA A 13 3.51 9.52 14.61
C ALA A 13 4.62 8.57 14.15
N SER A 14 5.80 8.75 14.65
CA SER A 14 6.94 7.88 14.24
C SER A 14 6.56 6.41 14.47
N ILE A 15 5.82 6.13 15.50
CA ILE A 15 5.43 4.72 15.77
C ILE A 15 4.36 4.28 14.79
N ILE A 16 3.38 5.11 14.55
CA ILE A 16 2.30 4.72 13.58
C ILE A 16 2.96 4.33 12.26
N GLY A 17 4.02 4.98 11.90
CA GLY A 17 4.73 4.65 10.63
C GLY A 17 5.45 3.31 10.80
N ILE A 18 6.14 3.13 11.89
CA ILE A 18 6.86 1.84 12.11
C ILE A 18 5.86 0.69 12.04
N LEU A 19 4.67 0.91 12.56
CA LEU A 19 3.64 -0.17 12.53
C LEU A 19 3.27 -0.48 11.07
N HIS A 20 2.62 0.43 10.40
CA HIS A 20 2.22 0.19 8.99
C HIS A 20 3.37 -0.46 8.22
N LEU A 21 4.58 0.00 8.42
CA LEU A 21 5.73 -0.59 7.69
C LEU A 21 5.86 -2.07 8.04
N ILE A 22 6.21 -2.37 9.27
CA ILE A 22 6.35 -3.80 9.67
C ILE A 22 5.12 -4.58 9.23
N LEU A 23 3.95 -4.03 9.43
CA LEU A 23 2.71 -4.76 9.04
C LEU A 23 2.76 -5.11 7.55
N TRP A 24 2.92 -4.14 6.69
CA TRP A 24 2.97 -4.44 5.23
C TRP A 24 3.92 -5.61 4.99
N ILE A 25 5.16 -5.48 5.38
CA ILE A 25 6.12 -6.58 5.18
C ILE A 25 5.51 -7.87 5.75
N LEU A 26 5.08 -7.84 6.98
CA LEU A 26 4.47 -9.04 7.62
C LEU A 26 3.56 -9.75 6.62
N ASP A 27 2.59 -9.05 6.10
CA ASP A 27 1.66 -9.68 5.12
C ASP A 27 2.45 -10.19 3.92
N ARG A 28 3.57 -9.57 3.62
CA ARG A 28 4.36 -10.02 2.44
C ARG A 28 5.22 -11.24 2.79
N LEU A 29 5.38 -11.54 4.06
CA LEU A 29 6.21 -12.74 4.43
C LEU A 29 5.31 -13.98 4.46
N PHE A 30 4.03 -13.80 4.57
CA PHE A 30 3.10 -14.96 4.60
C PHE A 30 1.84 -14.65 3.81
N PHE A 31 1.05 -15.65 3.51
CA PHE A 31 -0.21 -15.41 2.74
C PHE A 31 0.13 -15.18 1.27
N LYS A 32 0.02 -16.20 0.46
CA LYS A 32 0.33 -16.05 -0.99
C LYS A 32 -0.52 -17.03 -1.79
N SER A 33 0.07 -17.72 -2.74
CA SER A 33 -0.72 -18.69 -3.55
C SER A 33 -1.72 -17.93 -4.42
N ILE A 34 -1.60 -18.05 -5.72
CA ILE A 34 -2.54 -17.34 -6.62
C ILE A 34 -3.63 -18.31 -7.08
N TYR A 35 -3.33 -19.58 -7.15
CA TYR A 35 -4.37 -20.56 -7.59
C TYR A 35 -5.59 -20.46 -6.67
N ARG A 36 -5.36 -20.28 -5.40
CA ARG A 36 -6.52 -20.17 -4.46
C ARG A 36 -7.43 -19.02 -4.91
N PHE A 37 -6.85 -17.96 -5.39
CA PHE A 37 -7.66 -16.81 -5.85
C PHE A 37 -8.40 -17.19 -7.14
N PHE A 38 -7.74 -17.90 -8.01
CA PHE A 38 -8.40 -18.31 -9.29
C PHE A 38 -9.55 -19.28 -8.97
N GLU A 39 -9.39 -20.08 -7.96
CA GLU A 39 -10.45 -21.05 -7.59
C GLU A 39 -11.60 -20.31 -6.89
N HIS A 40 -11.30 -19.25 -6.19
CA HIS A 40 -12.38 -18.50 -5.49
C HIS A 40 -13.25 -17.79 -6.53
N GLY A 41 -12.64 -17.29 -7.57
CA GLY A 41 -13.43 -16.60 -8.62
C GLY A 41 -14.22 -17.62 -9.43
N LEU A 42 -13.54 -18.49 -10.12
CA LEU A 42 -14.24 -19.52 -10.93
C LEU A 42 -14.78 -20.62 -10.01
N LYS A 43 -15.86 -21.25 -10.39
CA LYS A 43 -16.43 -22.32 -9.53
C LYS A 43 -15.40 -23.44 -9.35
N SER B 6 4.61 23.91 19.05
CA SER B 6 4.14 22.86 18.11
C SER B 6 3.19 23.48 17.08
N ASP B 7 2.79 22.74 16.09
CA ASP B 7 1.87 23.28 15.06
C ASP B 7 0.96 22.16 14.55
N PRO B 8 -0.14 22.51 13.94
CA PRO B 8 -1.11 21.52 13.40
C PRO B 8 -0.50 20.67 12.28
N LEU B 9 0.50 21.17 11.62
CA LEU B 9 1.15 20.39 10.52
C LEU B 9 1.35 18.96 11.01
N VAL B 10 1.78 18.79 12.23
CA VAL B 10 1.99 17.42 12.77
C VAL B 10 0.62 16.76 12.98
N VAL B 11 -0.32 17.47 13.54
CA VAL B 11 -1.66 16.88 13.76
C VAL B 11 -2.14 16.24 12.46
N ALA B 12 -2.05 16.94 11.37
CA ALA B 12 -2.48 16.37 10.07
C ALA B 12 -1.57 15.21 9.70
N ALA B 13 -0.32 15.30 10.04
CA ALA B 13 0.63 14.19 9.70
C ALA B 13 0.22 12.92 10.46
N SER B 14 0.13 12.99 11.76
CA SER B 14 -0.25 11.79 12.55
C SER B 14 -1.60 11.25 12.05
N ILE B 15 -2.51 12.11 11.68
CA ILE B 15 -3.83 11.63 11.20
C ILE B 15 -3.68 11.01 9.82
N ILE B 16 -2.87 11.58 8.97
CA ILE B 16 -2.69 10.99 7.61
C ILE B 16 -2.19 9.56 7.76
N GLY B 17 -1.37 9.32 8.75
CA GLY B 17 -0.84 7.93 8.96
C GLY B 17 -1.98 7.05 9.50
N ILE B 18 -2.74 7.54 10.43
CA ILE B 18 -3.86 6.72 10.98
C ILE B 18 -4.79 6.32 9.85
N LEU B 19 -4.98 7.19 8.90
CA LEU B 19 -5.88 6.86 7.75
C LEU B 19 -5.25 5.72 6.94
N HIS B 20 -4.14 5.97 6.32
CA HIS B 20 -3.48 4.91 5.50
C HIS B 20 -3.45 3.60 6.29
N LEU B 21 -3.21 3.65 7.57
CA LEU B 21 -3.17 2.40 8.38
C LEU B 21 -4.53 1.72 8.35
N ILE B 22 -5.52 2.30 8.98
CA ILE B 22 -6.87 1.67 8.97
C ILE B 22 -7.28 1.33 7.54
N LEU B 23 -6.71 2.01 6.59
CA LEU B 23 -7.06 1.74 5.16
C LEU B 23 -6.52 0.37 4.75
N TRP B 24 -5.23 0.19 4.75
CA TRP B 24 -4.66 -1.13 4.35
C TRP B 24 -5.32 -2.25 5.14
N ILE B 25 -5.44 -2.09 6.43
CA ILE B 25 -6.09 -3.15 7.25
C ILE B 25 -7.53 -3.34 6.76
N LEU B 26 -8.29 -2.28 6.73
CA LEU B 26 -9.71 -2.37 6.27
C LEU B 26 -9.78 -3.17 4.96
N ASP B 27 -8.86 -2.95 4.07
CA ASP B 27 -8.88 -3.70 2.78
C ASP B 27 -8.47 -5.15 3.01
N ARG B 28 -7.72 -5.41 4.04
CA ARG B 28 -7.29 -6.82 4.31
C ARG B 28 -8.39 -7.60 5.05
N LEU B 29 -9.34 -6.94 5.64
CA LEU B 29 -10.42 -7.69 6.36
C LEU B 29 -11.46 -8.16 5.35
N PHE B 30 -11.61 -7.46 4.26
CA PHE B 30 -12.62 -7.88 3.24
C PHE B 30 -12.11 -7.51 1.84
N PHE B 31 -11.89 -8.49 1.01
CA PHE B 31 -11.41 -8.19 -0.37
C PHE B 31 -11.38 -9.49 -1.19
N LYS B 32 -12.50 -9.87 -1.73
CA LYS B 32 -12.55 -11.12 -2.54
C LYS B 32 -13.49 -10.91 -3.73
N SER B 33 -14.40 -11.81 -3.95
CA SER B 33 -15.34 -11.65 -5.10
C SER B 33 -14.54 -11.36 -6.36
N ILE B 34 -14.06 -12.37 -7.03
CA ILE B 34 -13.27 -12.16 -8.28
C ILE B 34 -14.19 -12.35 -9.49
N TYR B 35 -15.21 -13.13 -9.34
CA TYR B 35 -16.15 -13.38 -10.48
C TYR B 35 -16.64 -12.05 -11.05
N ARG B 36 -16.93 -11.09 -10.23
CA ARG B 36 -17.43 -9.78 -10.74
C ARG B 36 -16.34 -9.10 -11.58
N PHE B 37 -15.10 -9.34 -11.25
CA PHE B 37 -13.99 -8.71 -12.03
C PHE B 37 -13.86 -9.40 -13.39
N PHE B 38 -13.97 -10.70 -13.41
CA PHE B 38 -13.85 -11.43 -14.70
C PHE B 38 -15.02 -11.02 -15.61
N GLU B 39 -16.22 -11.09 -15.10
CA GLU B 39 -17.39 -10.69 -15.93
C GLU B 39 -17.24 -9.23 -16.35
N HIS B 40 -16.64 -8.42 -15.51
CA HIS B 40 -16.45 -6.98 -15.86
C HIS B 40 -15.60 -6.88 -17.12
N GLY B 41 -14.41 -7.39 -17.08
CA GLY B 41 -13.52 -7.32 -18.28
C GLY B 41 -14.28 -7.89 -19.48
N LEU B 42 -14.71 -9.12 -19.40
CA LEU B 42 -15.46 -9.72 -20.53
C LEU B 42 -16.89 -9.21 -20.53
N LYS B 43 -17.09 -7.95 -20.84
CA LYS B 43 -18.45 -7.38 -20.85
C LYS B 43 -19.16 -7.76 -22.16
N SER C 6 11.35 27.28 10.17
CA SER C 6 10.12 26.44 10.08
C SER C 6 10.53 24.96 10.08
N ASP C 7 11.79 24.69 9.90
CA ASP C 7 12.26 23.26 9.88
C ASP C 7 11.36 22.44 8.95
N PRO C 8 11.38 22.74 7.68
CA PRO C 8 10.58 22.02 6.66
C PRO C 8 10.65 20.50 6.83
N LEU C 9 11.50 20.03 7.68
CA LEU C 9 11.61 18.55 7.88
C LEU C 9 10.21 17.96 8.05
N VAL C 10 9.39 18.58 8.86
CA VAL C 10 8.01 18.07 9.05
C VAL C 10 7.24 18.25 7.74
N VAL C 11 7.34 19.41 7.15
CA VAL C 11 6.61 19.64 5.87
C VAL C 11 6.88 18.49 4.91
N ALA C 12 8.12 18.12 4.74
CA ALA C 12 8.46 17.00 3.83
C ALA C 12 7.84 15.71 4.37
N ALA C 13 7.77 15.57 5.68
CA ALA C 13 7.17 14.33 6.26
C ALA C 13 5.67 14.28 5.94
N SER C 14 4.95 15.31 6.29
CA SER C 14 3.48 15.32 6.01
C SER C 14 3.24 15.10 4.52
N ILE C 15 4.09 15.64 3.68
CA ILE C 15 3.90 15.46 2.21
C ILE C 15 4.26 14.02 1.84
N ILE C 16 5.31 13.49 2.39
CA ILE C 16 5.68 12.09 2.06
C ILE C 16 4.50 11.17 2.35
N GLY C 17 3.72 11.49 3.35
CA GLY C 17 2.54 10.64 3.68
C GLY C 17 1.43 10.93 2.66
N ILE C 18 1.19 12.18 2.35
CA ILE C 18 0.13 12.50 1.36
C ILE C 18 0.43 11.78 0.05
N LEU C 19 1.68 11.59 -0.26
CA LEU C 19 2.04 10.89 -1.52
C LEU C 19 1.69 9.40 -1.38
N HIS C 20 2.37 8.72 -0.49
CA HIS C 20 2.09 7.27 -0.29
C HIS C 20 0.57 7.05 -0.19
N LEU C 21 -0.13 7.94 0.45
CA LEU C 21 -1.61 7.78 0.58
C LEU C 21 -2.27 7.90 -0.80
N ILE C 22 -2.28 9.07 -1.37
CA ILE C 22 -2.91 9.23 -2.71
C ILE C 22 -2.42 8.13 -3.65
N LEU C 23 -1.26 7.59 -3.38
CA LEU C 23 -0.71 6.51 -4.24
C LEU C 23 -1.51 5.22 -4.01
N TRP C 24 -1.50 4.71 -2.81
CA TRP C 24 -2.24 3.45 -2.54
C TRP C 24 -3.65 3.55 -3.12
N ILE C 25 -4.34 4.63 -2.87
CA ILE C 25 -5.70 4.78 -3.42
C ILE C 25 -5.63 4.77 -4.94
N LEU C 26 -4.91 5.70 -5.50
CA LEU C 26 -4.77 5.77 -6.98
C LEU C 26 -4.55 4.37 -7.55
N ASP C 27 -3.69 3.60 -6.94
CA ASP C 27 -3.42 2.23 -7.45
C ASP C 27 -4.67 1.36 -7.24
N ARG C 28 -5.48 1.67 -6.26
CA ARG C 28 -6.69 0.84 -6.02
C ARG C 28 -7.83 1.27 -6.95
N LEU C 29 -7.73 2.42 -7.57
CA LEU C 29 -8.83 2.85 -8.48
C LEU C 29 -8.58 2.27 -9.88
N PHE C 30 -7.41 1.74 -10.11
CA PHE C 30 -7.11 1.15 -11.45
C PHE C 30 -8.13 0.05 -11.75
N PHE C 31 -9.18 0.38 -12.45
CA PHE C 31 -10.20 -0.65 -12.79
C PHE C 31 -11.09 -0.15 -13.92
N LYS C 32 -10.74 0.97 -14.50
CA LYS C 32 -11.56 1.51 -15.63
C LYS C 32 -11.79 0.41 -16.67
N SER C 33 -10.85 -0.49 -16.81
CA SER C 33 -11.01 -1.58 -17.82
C SER C 33 -10.01 -2.70 -17.52
N ILE C 34 -10.45 -3.92 -17.50
CA ILE C 34 -9.53 -5.05 -17.24
C ILE C 34 -8.80 -5.43 -18.54
N TYR C 35 -9.39 -5.10 -19.66
CA TYR C 35 -8.75 -5.42 -20.97
C TYR C 35 -7.26 -5.05 -20.93
N ARG C 36 -6.93 -3.95 -20.32
CA ARG C 36 -5.49 -3.53 -20.27
C ARG C 36 -4.63 -4.67 -19.70
N PHE C 37 -5.04 -5.25 -18.61
CA PHE C 37 -4.24 -6.36 -18.01
C PHE C 37 -4.19 -7.54 -19.00
N PHE C 38 -5.28 -7.83 -19.66
CA PHE C 38 -5.28 -8.96 -20.62
C PHE C 38 -4.26 -8.70 -21.73
N GLU C 39 -4.39 -7.62 -22.44
CA GLU C 39 -3.43 -7.31 -23.53
C GLU C 39 -2.00 -7.27 -22.99
N HIS C 40 -1.81 -6.76 -21.80
CA HIS C 40 -0.43 -6.70 -21.24
C HIS C 40 0.17 -8.10 -21.18
N GLY C 41 -0.56 -9.04 -20.65
CA GLY C 41 -0.02 -10.43 -20.57
C GLY C 41 0.27 -10.95 -21.97
N LEU C 42 -0.72 -11.01 -22.81
CA LEU C 42 -0.50 -11.50 -24.21
C LEU C 42 0.20 -10.42 -25.02
N LYS C 43 1.50 -10.38 -24.99
CA LYS C 43 2.24 -9.35 -25.77
C LYS C 43 1.83 -9.43 -27.24
N SER D 6 18.36 17.95 15.17
CA SER D 6 17.49 18.41 16.29
C SER D 6 16.37 17.39 16.52
N ASP D 7 16.41 16.70 17.63
CA ASP D 7 15.35 15.69 17.91
C ASP D 7 15.19 14.77 16.71
N PRO D 8 16.19 13.97 16.43
CA PRO D 8 16.18 13.02 15.28
C PRO D 8 14.88 12.23 15.21
N LEU D 9 14.05 12.33 16.22
CA LEU D 9 12.76 11.58 16.20
C LEU D 9 12.07 11.81 14.86
N VAL D 10 12.00 13.04 14.43
CA VAL D 10 11.35 13.32 13.11
C VAL D 10 12.23 12.76 12.00
N VAL D 11 13.51 12.97 12.07
CA VAL D 11 14.41 12.43 11.02
C VAL D 11 14.07 10.96 10.78
N ALA D 12 13.99 10.19 11.83
CA ALA D 12 13.65 8.74 11.66
C ALA D 12 12.25 8.61 11.07
N ALA D 13 11.35 9.46 11.45
CA ALA D 13 9.96 9.37 10.92
C ALA D 13 9.97 9.65 9.40
N SER D 14 10.48 10.78 9.00
CA SER D 14 10.51 11.10 7.55
C SER D 14 11.22 9.99 6.78
N ILE D 15 12.23 9.41 7.35
CA ILE D 15 12.95 8.30 6.64
C ILE D 15 12.08 7.04 6.63
N ILE D 16 11.43 6.75 7.72
CA ILE D 16 10.57 5.54 7.75
C ILE D 16 9.54 5.64 6.62
N GLY D 17 9.06 6.82 6.35
CA GLY D 17 8.07 6.98 5.25
C GLY D 17 8.76 6.77 3.91
N ILE D 18 9.92 7.35 3.73
CA ILE D 18 10.64 7.17 2.44
C ILE D 18 10.84 5.67 2.18
N LEU D 19 11.14 4.92 3.19
CA LEU D 19 11.33 3.45 3.01
C LEU D 19 10.00 2.81 2.62
N HIS D 20 9.03 2.89 3.48
CA HIS D 20 7.70 2.28 3.17
C HIS D 20 7.28 2.67 1.75
N LEU D 21 7.45 3.92 1.39
CA LEU D 21 7.05 4.36 0.02
C LEU D 21 7.84 3.57 -1.01
N ILE D 22 9.13 3.80 -1.10
CA ILE D 22 9.95 3.06 -2.10
C ILE D 22 9.62 1.57 -2.02
N LEU D 23 9.14 1.12 -0.89
CA LEU D 23 8.80 -0.33 -0.75
C LEU D 23 7.57 -0.65 -1.60
N TRP D 24 6.44 -0.06 -1.28
CA TRP D 24 5.21 -0.34 -2.05
C TRP D 24 5.51 -0.23 -3.55
N ILE D 25 6.15 0.82 -3.97
CA ILE D 25 6.49 0.97 -5.41
C ILE D 25 7.39 -0.19 -5.84
N LEU D 26 8.46 -0.42 -5.11
CA LEU D 26 9.40 -1.53 -5.46
C LEU D 26 8.62 -2.82 -5.66
N ASP D 27 7.60 -3.05 -4.87
CA ASP D 27 6.82 -4.31 -5.02
C ASP D 27 5.90 -4.20 -6.25
N ARG D 28 5.49 -3.00 -6.59
CA ARG D 28 4.59 -2.84 -7.77
C ARG D 28 5.35 -3.09 -9.07
N LEU D 29 6.64 -2.88 -9.10
CA LEU D 29 7.39 -3.13 -10.37
C LEU D 29 7.46 -4.64 -10.62
N PHE D 30 7.19 -5.43 -9.61
CA PHE D 30 7.24 -6.91 -9.80
C PHE D 30 5.91 -7.38 -10.40
N PHE D 31 4.95 -6.49 -10.50
CA PHE D 31 3.63 -6.88 -11.06
C PHE D 31 3.65 -6.71 -12.58
N LYS D 32 2.51 -6.49 -13.18
CA LYS D 32 2.46 -6.32 -14.66
C LYS D 32 2.64 -7.68 -15.34
N SER D 33 3.77 -8.30 -15.16
CA SER D 33 4.02 -9.62 -15.80
C SER D 33 2.88 -10.58 -15.43
N ILE D 34 2.01 -10.86 -16.36
CA ILE D 34 0.87 -11.79 -16.05
C ILE D 34 1.31 -13.23 -16.32
N TYR D 35 2.31 -13.43 -17.14
CA TYR D 35 2.75 -14.82 -17.44
C TYR D 35 3.27 -15.49 -16.16
N ARG D 36 4.14 -14.85 -15.43
CA ARG D 36 4.65 -15.48 -14.18
C ARG D 36 3.56 -15.52 -13.11
N PHE D 37 2.65 -14.59 -13.14
CA PHE D 37 1.57 -14.56 -12.11
C PHE D 37 0.52 -15.64 -12.38
N PHE D 38 -0.06 -15.67 -13.55
CA PHE D 38 -1.10 -16.69 -13.84
C PHE D 38 -0.47 -18.05 -14.07
N GLU D 39 0.81 -18.11 -14.36
CA GLU D 39 1.45 -19.44 -14.55
C GLU D 39 1.86 -19.98 -13.18
N HIS D 40 2.23 -19.10 -12.28
CA HIS D 40 2.60 -19.55 -10.91
C HIS D 40 1.34 -20.06 -10.22
N GLY D 41 0.23 -19.39 -10.43
CA GLY D 41 -1.04 -19.84 -9.78
C GLY D 41 -1.49 -21.15 -10.42
N LEU D 42 -1.77 -21.15 -11.69
CA LEU D 42 -2.22 -22.40 -12.36
C LEU D 42 -1.09 -23.43 -12.35
N LYS D 43 -0.86 -24.07 -11.24
CA LYS D 43 0.24 -25.08 -11.16
C LYS D 43 -0.09 -26.26 -12.09
CA RIM E . -4.06 -6.61 8.03
CB RIM E . -2.91 -7.62 8.09
NC RIM E . -1.62 -6.89 8.09
CD RIM E . -2.99 -8.54 9.35
CE1 RIM E . -3.97 -9.69 9.07
CE2 RIM E . -1.59 -9.11 9.62
CE3 RIM E . -3.47 -7.75 10.58
CF1 RIM E . -4.01 -10.62 10.30
CF2 RIM E . -1.64 -10.04 10.83
CF3 RIM E . -3.49 -8.69 11.80
CG1 RIM E . -2.62 -11.18 10.55
CG2 RIM E . -2.10 -9.26 12.04
CG3 RIM E . -4.46 -9.83 11.52
HA1 RIM E . -4.07 -6.13 7.07
HA2 RIM E . -3.91 -5.86 8.80
HA3 RIM E . -5.01 -7.11 8.20
HB RIM E . -2.96 -8.25 7.20
HNC1 RIM E . -1.61 -5.91 8.12
HNC2 RIM E . -0.77 -7.38 8.07
HE11 RIM E . -3.63 -10.26 8.21
HE12 RIM E . -4.96 -9.31 8.89
HE21 RIM E . -0.90 -8.31 9.82
HE22 RIM E . -1.25 -9.67 8.75
HE31 RIM E . -4.46 -7.38 10.42
HE32 RIM E . -2.80 -6.93 10.77
HF1 RIM E . -4.70 -11.43 10.12
HF2 RIM E . -0.66 -10.46 11.00
HF3 RIM E . -3.81 -8.14 12.66
HG11 RIM E . -2.66 -11.83 11.43
HG12 RIM E . -2.29 -11.73 9.67
HG21 RIM E . -2.14 -9.92 12.90
HG22 RIM E . -1.41 -8.43 12.21
HG31 RIM E . -4.48 -10.49 12.39
HG32 RIM E . -5.45 -9.42 11.32
CA RIM F . -8.38 2.70 -1.54
CB RIM F . -9.40 1.60 -1.23
NC RIM F . -8.72 0.52 -0.46
CD RIM F . -10.61 2.13 -0.42
CE1 RIM F . -10.26 2.21 1.07
CE2 RIM F . -11.04 3.52 -0.91
CE3 RIM F . -11.77 1.15 -0.60
CF1 RIM F . -11.48 2.69 1.86
CF2 RIM F . -12.27 4.00 -0.12
CF3 RIM F . -12.99 1.63 0.19
CG1 RIM F . -11.90 4.07 1.36
CG2 RIM F . -13.40 3.01 -0.31
CG3 RIM F . -12.63 1.71 1.66
HA1 RIM F . -8.78 3.37 -2.30
HA2 RIM F . -7.48 2.26 -1.92
HA3 RIM F . -8.16 3.25 -0.66
HB RIM F . -9.76 1.18 -2.17
HNC1 RIM F . -7.82 0.66 -0.12
HNC2 RIM F . -9.22 -0.30 -0.25
HE11 RIM F . -9.45 2.90 1.23
HE12 RIM F . -9.97 1.23 1.44
HE21 RIM F . -11.28 3.50 -1.96
HE22 RIM F . -10.25 4.24 -0.74
HE31 RIM F . -11.48 0.17 -0.26
HE32 RIM F . -12.04 1.10 -1.66
HF1 RIM F . -11.23 2.75 2.91
HF2 RIM F . -12.57 4.97 -0.47
HF3 RIM F . -13.81 0.93 0.06
HG11 RIM F . -12.77 4.40 1.92
HG12 RIM F . -11.07 4.76 1.49
HG21 RIM F . -14.27 3.34 0.26
HG22 RIM F . -13.64 2.94 -1.37
HG31 RIM F . -13.50 2.06 2.22
HG32 RIM F . -12.32 0.73 2.01
CA RIM G . 3.36 2.11 -7.36
CB RIM G . 1.98 2.54 -7.87
NC RIM G . 1.36 3.48 -6.88
CD RIM G . 2.04 3.24 -9.25
CE1 RIM G . 2.45 4.72 -9.09
CE2 RIM G . 3.05 2.54 -10.17
CE3 RIM G . 0.65 3.19 -9.88
CF1 RIM G . 2.48 5.40 -10.46
CF2 RIM G . 3.04 3.23 -11.55
CF3 RIM G . 0.66 3.88 -11.25
CG1 RIM G . 3.46 4.68 -11.37
CG2 RIM G . 1.66 3.16 -12.15
CG3 RIM G . 1.08 5.33 -11.08
HA1 RIM G . 3.69 1.26 -7.92
HA2 RIM G . 3.29 1.85 -6.32
HA3 RIM G . 4.06 2.93 -7.47
HB RIM G . 1.35 1.67 -7.95
HNC1 RIM G . 0.69 4.13 -7.17
HNC2 RIM G . 1.57 3.38 -5.93
HE11 RIM G . 3.43 4.78 -8.65
HE12 RIM G . 1.74 5.22 -8.46
HE21 RIM G . 2.77 1.51 -10.29
HE22 RIM G . 4.04 2.60 -9.77
HE31 RIM G . -0.06 3.69 -9.23
HE32 RIM G . 0.35 2.16 -10.00
HF1 RIM G . 2.77 6.43 -10.35
HF2 RIM G . 3.75 2.72 -12.20
HF3 RIM G . -0.32 3.83 -11.69
HG11 RIM G . 3.46 5.17 -12.35
HG12 RIM G . 4.45 4.72 -10.92
HG21 RIM G . 1.67 3.66 -13.12
HG22 RIM G . 1.36 2.12 -12.25
HG31 RIM G . 1.10 5.80 -12.06
HG32 RIM G . 0.38 5.82 -10.42
CA RIM H . 7.99 -6.71 1.83
CB RIM H . 8.46 -7.12 0.42
NC RIM H . 7.81 -6.23 -0.59
CD RIM H . 10.00 -7.03 0.26
CE1 RIM H . 10.42 -5.58 -0.04
CE2 RIM H . 10.72 -7.51 1.54
CE3 RIM H . 10.41 -7.93 -0.91
CF1 RIM H . 11.95 -5.53 -0.24
CF2 RIM H . 12.23 -7.46 1.32
CF3 RIM H . 11.93 -7.86 -1.12
CG1 RIM H . 12.65 -6.01 1.03
CG2 RIM H . 12.61 -8.34 0.14
CG3 RIM H . 12.33 -6.42 -1.41
HA1 RIM H . 8.45 -5.78 2.10
HA2 RIM H . 8.27 -7.48 2.53
HA3 RIM H . 6.92 -6.60 1.82
HB RIM H . 8.15 -8.14 0.24
HNC1 RIM H . 7.12 -5.60 -0.30
HNC2 RIM H . 8.10 -6.25 -1.51
HE11 RIM H . 10.15 -4.94 0.78
HE12 RIM H . 9.93 -5.24 -0.94
HE21 RIM H . 10.43 -8.52 1.77
HE22 RIM H . 10.48 -6.86 2.37
HE31 RIM H . 9.91 -7.59 -1.81
HE32 RIM H . 10.12 -8.94 -0.70
HF1 RIM H . 12.25 -4.51 -0.44
HF2 RIM H . 12.74 -7.80 2.22
HF3 RIM H . 12.20 -8.49 -1.95
HG11 RIM H . 13.72 -5.99 0.87
HG12 RIM H . 12.35 -5.39 1.86
HG21 RIM H . 13.69 -8.29 0.00
HG22 RIM H . 12.30 -9.37 0.36
HG31 RIM H . 13.41 -6.38 -1.53
HG32 RIM H . 11.82 -6.08 -2.30
N SER A 6 8.19 15.47 26.40
CA SER A 6 7.12 16.38 26.89
C SER A 6 6.07 16.58 25.79
N ASP A 7 6.16 15.83 24.73
CA ASP A 7 5.17 15.97 23.62
C ASP A 7 5.03 14.64 22.89
N PRO A 8 4.50 13.64 23.56
CA PRO A 8 4.30 12.29 22.96
C PRO A 8 3.70 12.36 21.56
N LEU A 9 3.23 13.51 21.15
CA LEU A 9 2.63 13.63 19.79
C LEU A 9 3.55 12.95 18.78
N VAL A 10 4.83 13.21 18.84
CA VAL A 10 5.77 12.57 17.89
C VAL A 10 5.85 11.07 18.18
N VAL A 11 5.96 10.72 19.44
CA VAL A 11 6.03 9.27 19.79
C VAL A 11 4.90 8.52 19.08
N ALA A 12 3.70 9.02 19.18
CA ALA A 12 2.55 8.34 18.49
C ALA A 12 2.76 8.39 16.98
N ALA A 13 3.31 9.47 16.49
CA ALA A 13 3.54 9.58 15.02
C ALA A 13 4.54 8.51 14.57
N SER A 14 5.71 8.48 15.14
CA SER A 14 6.72 7.47 14.74
C SER A 14 6.13 6.06 14.88
N ILE A 15 5.34 5.83 15.90
CA ILE A 15 4.75 4.48 16.07
C ILE A 15 3.69 4.23 14.99
N ILE A 16 2.90 5.22 14.68
CA ILE A 16 1.87 5.02 13.63
C ILE A 16 2.57 4.58 12.35
N GLY A 17 3.73 5.11 12.08
CA GLY A 17 4.48 4.72 10.86
C GLY A 17 4.99 3.29 11.02
N ILE A 18 5.54 2.96 12.16
CA ILE A 18 6.04 1.57 12.37
C ILE A 18 4.88 0.59 12.25
N LEU A 19 3.68 1.03 12.53
CA LEU A 19 2.51 0.13 12.43
C LEU A 19 2.19 -0.13 10.95
N HIS A 20 1.76 0.89 10.25
CA HIS A 20 1.42 0.71 8.81
C HIS A 20 2.53 -0.10 8.11
N LEU A 21 3.76 0.15 8.45
CA LEU A 21 4.88 -0.62 7.81
C LEU A 21 4.75 -2.10 8.17
N ILE A 22 4.97 -2.44 9.41
CA ILE A 22 4.88 -3.87 9.82
C ILE A 22 3.58 -4.46 9.26
N LEU A 23 2.54 -3.68 9.18
CA LEU A 23 1.24 -4.19 8.66
C LEU A 23 1.39 -4.62 7.20
N TRP A 24 1.85 -3.73 6.36
CA TRP A 24 2.02 -4.09 4.92
C TRP A 24 2.84 -5.37 4.80
N ILE A 25 3.90 -5.48 5.55
CA ILE A 25 4.73 -6.72 5.47
C ILE A 25 3.95 -7.89 6.08
N LEU A 26 3.07 -7.61 7.00
CA LEU A 26 2.28 -8.70 7.63
C LEU A 26 1.44 -9.41 6.56
N ASP A 27 0.81 -8.66 5.71
CA ASP A 27 -0.04 -9.30 4.65
C ASP A 27 0.84 -9.79 3.50
N ARG A 28 2.00 -9.21 3.33
CA ARG A 28 2.90 -9.64 2.22
C ARG A 28 3.91 -10.71 2.69
N LEU A 29 3.84 -11.12 3.94
CA LEU A 29 4.79 -12.15 4.47
C LEU A 29 5.20 -13.13 3.36
N PHE A 30 4.29 -13.46 2.48
CA PHE A 30 4.64 -14.41 1.38
C PHE A 30 3.36 -14.84 0.66
N PHE A 31 2.22 -14.51 1.22
CA PHE A 31 0.94 -14.89 0.57
C PHE A 31 1.01 -14.56 -0.92
N LYS A 32 1.18 -15.56 -1.75
CA LYS A 32 1.26 -15.31 -3.22
C LYS A 32 0.64 -16.47 -3.98
N SER A 33 1.32 -17.01 -4.94
CA SER A 33 0.77 -18.15 -5.73
C SER A 33 -0.45 -17.66 -6.51
N ILE A 34 -0.54 -18.04 -7.76
CA ILE A 34 -1.70 -17.60 -8.59
C ILE A 34 -2.71 -18.75 -8.71
N TYR A 35 -2.23 -19.96 -8.79
CA TYR A 35 -3.14 -21.13 -8.91
C TYR A 35 -4.13 -21.13 -7.74
N ARG A 36 -3.70 -20.72 -6.58
CA ARG A 36 -4.61 -20.70 -5.40
C ARG A 36 -5.74 -19.70 -5.66
N PHE A 37 -5.42 -18.57 -6.21
CA PHE A 37 -6.47 -17.55 -6.50
C PHE A 37 -7.44 -18.09 -7.54
N PHE A 38 -6.98 -18.96 -8.41
CA PHE A 38 -7.88 -19.53 -9.44
C PHE A 38 -8.80 -20.57 -8.80
N GLU A 39 -8.25 -21.67 -8.37
CA GLU A 39 -9.08 -22.72 -7.73
C GLU A 39 -10.00 -22.07 -6.68
N HIS A 40 -9.56 -21.01 -6.07
CA HIS A 40 -10.39 -20.32 -5.05
C HIS A 40 -11.59 -19.64 -5.74
N GLY A 41 -11.33 -18.75 -6.65
CA GLY A 41 -12.44 -18.05 -7.35
C GLY A 41 -13.36 -19.08 -8.02
N LEU A 42 -12.83 -19.86 -8.92
CA LEU A 42 -13.67 -20.88 -9.61
C LEU A 42 -14.00 -22.01 -8.63
N LYS A 43 -15.15 -21.96 -8.02
CA LYS A 43 -15.55 -23.02 -7.05
C LYS A 43 -15.34 -24.40 -7.69
N SER B 6 0.97 25.30 18.78
CA SER B 6 2.05 24.29 19.01
C SER B 6 2.56 23.79 17.66
N ASP B 7 2.72 24.66 16.71
CA ASP B 7 3.21 24.22 15.37
C ASP B 7 2.41 23.01 14.91
N PRO B 8 1.16 23.21 14.63
CA PRO B 8 0.25 22.12 14.16
C PRO B 8 0.87 21.28 13.05
N LEU B 9 1.98 21.71 12.51
CA LEU B 9 2.63 20.92 11.43
C LEU B 9 2.69 19.44 11.84
N VAL B 10 3.06 19.18 13.07
CA VAL B 10 3.12 17.77 13.53
C VAL B 10 1.69 17.23 13.63
N VAL B 11 0.79 17.99 14.19
CA VAL B 11 -0.61 17.52 14.30
C VAL B 11 -1.09 17.01 12.95
N ALA B 12 -0.91 17.78 11.91
CA ALA B 12 -1.35 17.34 10.56
C ALA B 12 -0.55 16.10 10.15
N ALA B 13 0.70 16.02 10.55
CA ALA B 13 1.52 14.84 10.18
C ALA B 13 0.96 13.59 10.87
N SER B 14 0.85 13.62 12.16
CA SER B 14 0.32 12.44 12.90
C SER B 14 -1.05 12.05 12.35
N ILE B 15 -1.85 13.01 11.98
CA ILE B 15 -3.20 12.69 11.44
C ILE B 15 -3.05 12.11 10.04
N ILE B 16 -2.21 12.67 9.23
CA ILE B 16 -2.02 12.14 7.85
C ILE B 16 -1.67 10.66 7.93
N GLY B 17 -0.92 10.28 8.95
CA GLY B 17 -0.54 8.85 9.09
C GLY B 17 -1.77 8.05 9.55
N ILE B 18 -2.50 8.57 10.50
CA ILE B 18 -3.70 7.84 10.98
C ILE B 18 -4.68 7.64 9.82
N LEU B 19 -4.63 8.51 8.85
CA LEU B 19 -5.55 8.36 7.68
C LEU B 19 -5.06 7.23 6.79
N HIS B 20 -3.90 7.38 6.19
CA HIS B 20 -3.36 6.32 5.30
C HIS B 20 -3.53 4.95 5.97
N LEU B 21 -3.23 4.85 7.24
CA LEU B 21 -3.38 3.54 7.93
C LEU B 21 -4.86 3.12 7.92
N ILE B 22 -5.70 3.87 8.58
CA ILE B 22 -7.14 3.52 8.60
C ILE B 22 -7.61 3.21 7.18
N LEU B 23 -7.00 3.80 6.20
CA LEU B 23 -7.42 3.56 4.78
C LEU B 23 -7.11 2.10 4.39
N TRP B 24 -5.88 1.69 4.53
CA TRP B 24 -5.53 0.29 4.14
C TRP B 24 -6.42 -0.70 4.90
N ILE B 25 -6.69 -0.45 6.15
CA ILE B 25 -7.56 -1.38 6.91
C ILE B 25 -9.00 -1.25 6.39
N LEU B 26 -9.42 -0.04 6.12
CA LEU B 26 -10.80 0.19 5.61
C LEU B 26 -11.02 -0.62 4.33
N ASP B 27 -10.04 -0.65 3.46
CA ASP B 27 -10.20 -1.41 2.19
C ASP B 27 -9.98 -2.90 2.45
N ARG B 28 -9.26 -3.24 3.49
CA ARG B 28 -9.00 -4.68 3.77
C ARG B 28 -10.10 -5.28 4.65
N LEU B 29 -11.03 -4.47 5.11
CA LEU B 29 -12.14 -5.00 5.98
C LEU B 29 -12.51 -6.43 5.57
N PHE B 30 -12.45 -6.72 4.30
CA PHE B 30 -12.80 -8.10 3.83
C PHE B 30 -12.48 -8.22 2.34
N PHE B 31 -11.88 -9.30 1.94
CA PHE B 31 -11.54 -9.48 0.50
C PHE B 31 -11.13 -10.94 0.25
N LYS B 32 -12.04 -11.75 -0.23
CA LYS B 32 -11.71 -13.18 -0.49
C LYS B 32 -12.39 -13.64 -1.78
N SER B 33 -13.58 -13.15 -2.03
CA SER B 33 -14.30 -13.55 -3.27
C SER B 33 -13.55 -13.05 -4.49
N ILE B 34 -13.20 -13.93 -5.39
CA ILE B 34 -12.46 -13.52 -6.63
C ILE B 34 -13.37 -13.68 -7.85
N TYR B 35 -14.37 -14.51 -7.74
CA TYR B 35 -15.29 -14.72 -8.90
C TYR B 35 -15.85 -13.36 -9.36
N ARG B 36 -15.82 -12.37 -8.51
CA ARG B 36 -16.35 -11.04 -8.91
C ARG B 36 -15.42 -10.41 -9.95
N PHE B 37 -14.13 -10.45 -9.69
CA PHE B 37 -13.17 -9.86 -10.66
C PHE B 37 -13.22 -10.63 -11.98
N PHE B 38 -13.43 -11.92 -11.91
CA PHE B 38 -13.49 -12.73 -13.16
C PHE B 38 -14.70 -12.30 -13.99
N GLU B 39 -15.89 -12.43 -13.44
CA GLU B 39 -17.11 -12.03 -14.20
C GLU B 39 -16.94 -10.60 -14.71
N HIS B 40 -16.22 -9.78 -13.99
CA HIS B 40 -16.03 -8.37 -14.45
C HIS B 40 -15.28 -8.36 -15.79
N GLY B 41 -14.07 -8.85 -15.79
CA GLY B 41 -13.29 -8.87 -17.06
C GLY B 41 -14.10 -9.57 -18.15
N LEU B 42 -14.46 -10.81 -17.92
CA LEU B 42 -15.25 -11.55 -18.94
C LEU B 42 -16.45 -10.72 -19.37
N LYS B 43 -16.82 -10.79 -20.62
CA LYS B 43 -18.00 -10.01 -21.09
C LYS B 43 -19.28 -10.70 -20.65
N SER C 6 13.52 26.55 10.57
CA SER C 6 13.91 26.08 11.93
C SER C 6 14.33 24.61 11.86
N ASP C 7 13.57 23.79 11.18
CA ASP C 7 13.92 22.36 11.08
C ASP C 7 13.01 21.67 10.07
N PRO C 8 13.16 21.98 8.81
CA PRO C 8 12.33 21.40 7.72
C PRO C 8 12.22 19.88 7.82
N LEU C 9 13.00 19.27 8.68
CA LEU C 9 12.94 17.79 8.82
C LEU C 9 11.48 17.35 8.92
N VAL C 10 10.71 18.01 9.74
CA VAL C 10 9.28 17.65 9.88
C VAL C 10 8.55 18.02 8.58
N VAL C 11 8.80 19.19 8.06
CA VAL C 11 8.14 19.60 6.80
C VAL C 11 8.26 18.48 5.78
N ALA C 12 9.44 17.92 5.63
CA ALA C 12 9.64 16.82 4.64
C ALA C 12 8.85 15.59 5.11
N ALA C 13 8.81 15.35 6.39
CA ALA C 13 8.07 14.17 6.89
C ALA C 13 6.58 14.31 6.55
N SER C 14 5.98 15.40 6.96
CA SER C 14 4.53 15.61 6.68
C SER C 14 4.28 15.52 5.17
N ILE C 15 5.20 16.00 4.37
CA ILE C 15 4.99 15.92 2.90
C ILE C 15 5.15 14.48 2.42
N ILE C 16 6.13 13.78 2.92
CA ILE C 16 6.32 12.37 2.49
C ILE C 16 5.02 11.60 2.75
N GLY C 17 4.33 11.93 3.81
CA GLY C 17 3.05 11.23 4.11
C GLY C 17 1.99 11.68 3.10
N ILE C 18 1.90 12.96 2.85
CA ILE C 18 0.90 13.45 1.87
C ILE C 18 1.12 12.75 0.53
N LEU C 19 2.35 12.44 0.23
CA LEU C 19 2.65 11.75 -1.06
C LEU C 19 2.12 10.31 -0.99
N HIS C 20 2.68 9.50 -0.12
CA HIS C 20 2.20 8.10 0.00
C HIS C 20 0.68 8.06 0.03
N LEU C 21 0.06 9.00 0.70
CA LEU C 21 -1.43 9.01 0.76
C LEU C 21 -2.01 9.21 -0.64
N ILE C 22 -1.85 10.38 -1.20
CA ILE C 22 -2.39 10.64 -2.56
C ILE C 22 -2.00 9.48 -3.49
N LEU C 23 -0.81 8.97 -3.33
CA LEU C 23 -0.35 7.84 -4.19
C LEU C 23 -1.26 6.63 -4.01
N TRP C 24 -1.33 6.09 -2.83
CA TRP C 24 -2.19 4.90 -2.59
C TRP C 24 -3.57 5.12 -3.23
N ILE C 25 -4.18 6.24 -2.98
CA ILE C 25 -5.50 6.51 -3.59
C ILE C 25 -5.35 6.50 -5.12
N LEU C 26 -4.33 7.14 -5.62
CA LEU C 26 -4.11 7.19 -7.09
C LEU C 26 -4.24 5.77 -7.67
N ASP C 27 -3.49 4.84 -7.16
CA ASP C 27 -3.54 3.45 -7.69
C ASP C 27 -4.92 2.84 -7.43
N ARG C 28 -5.60 3.27 -6.40
CA ARG C 28 -6.94 2.69 -6.10
C ARG C 28 -7.98 3.15 -7.13
N LEU C 29 -7.79 4.28 -7.75
CA LEU C 29 -8.78 4.73 -8.76
C LEU C 29 -8.72 3.81 -9.98
N PHE C 30 -7.76 2.94 -10.04
CA PHE C 30 -7.65 2.01 -11.21
C PHE C 30 -9.03 1.40 -11.48
N PHE C 31 -9.30 0.25 -10.92
CA PHE C 31 -10.62 -0.40 -11.15
C PHE C 31 -10.96 -0.36 -12.64
N LYS C 32 -9.98 -0.18 -13.49
CA LYS C 32 -10.26 -0.13 -14.95
C LYS C 32 -10.79 -1.50 -15.41
N SER C 33 -10.51 -1.86 -16.63
CA SER C 33 -10.98 -3.18 -17.14
C SER C 33 -9.92 -4.24 -16.86
N ILE C 34 -10.29 -5.50 -16.91
CA ILE C 34 -9.31 -6.59 -16.64
C ILE C 34 -8.90 -7.24 -17.97
N TYR C 35 -9.72 -7.11 -18.97
CA TYR C 35 -9.39 -7.72 -20.30
C TYR C 35 -8.12 -7.07 -20.86
N ARG C 36 -7.80 -5.88 -20.44
CA ARG C 36 -6.58 -5.21 -20.97
C ARG C 36 -5.33 -5.98 -20.53
N PHE C 37 -5.24 -6.34 -19.28
CA PHE C 37 -4.04 -7.08 -18.81
C PHE C 37 -3.98 -8.45 -19.47
N PHE C 38 -5.12 -9.04 -19.72
CA PHE C 38 -5.14 -10.39 -20.36
C PHE C 38 -4.52 -10.30 -21.75
N GLU C 39 -5.07 -9.48 -22.61
CA GLU C 39 -4.51 -9.35 -23.98
C GLU C 39 -3.04 -8.93 -23.88
N HIS C 40 -2.69 -8.21 -22.86
CA HIS C 40 -1.27 -7.78 -22.70
C HIS C 40 -0.40 -9.01 -22.44
N GLY C 41 -0.83 -9.87 -21.55
CA GLY C 41 -0.03 -11.08 -21.24
C GLY C 41 0.03 -11.99 -22.48
N LEU C 42 -1.09 -12.46 -22.94
CA LEU C 42 -1.09 -13.35 -24.14
C LEU C 42 -0.25 -12.72 -25.24
N LYS C 43 0.52 -13.50 -25.95
CA LYS C 43 1.36 -12.95 -27.04
C LYS C 43 2.15 -11.74 -26.51
N SER D 6 14.24 18.59 17.32
CA SER D 6 15.07 18.03 16.23
C SER D 6 15.65 16.67 16.67
N ASP D 7 15.24 16.18 17.81
CA ASP D 7 15.76 14.88 18.29
C ASP D 7 15.71 13.85 17.15
N PRO D 8 16.48 12.80 17.25
CA PRO D 8 16.51 11.73 16.21
C PRO D 8 15.16 11.05 16.04
N LEU D 9 14.32 11.07 17.04
CA LEU D 9 12.99 10.43 16.92
C LEU D 9 12.37 10.81 15.58
N VAL D 10 12.51 12.06 15.20
CA VAL D 10 11.95 12.50 13.90
C VAL D 10 12.78 11.88 12.77
N VAL D 11 14.08 11.90 12.88
CA VAL D 11 14.93 11.30 11.82
C VAL D 11 14.41 9.89 11.52
N ALA D 12 14.21 9.09 12.54
CA ALA D 12 13.71 7.71 12.31
C ALA D 12 12.29 7.77 11.73
N ALA D 13 11.54 8.75 12.11
CA ALA D 13 10.15 8.87 11.58
C ALA D 13 10.19 9.15 10.08
N SER D 14 10.87 10.19 9.68
CA SER D 14 10.94 10.53 8.23
C SER D 14 11.51 9.33 7.45
N ILE D 15 12.43 8.62 8.02
CA ILE D 15 13.01 7.45 7.30
C ILE D 15 11.97 6.32 7.26
N ILE D 16 11.28 6.10 8.34
CA ILE D 16 10.25 5.01 8.33
C ILE D 16 9.27 5.28 7.20
N GLY D 17 9.00 6.53 6.92
CA GLY D 17 8.06 6.86 5.81
C GLY D 17 8.74 6.59 4.47
N ILE D 18 9.97 7.01 4.33
CA ILE D 18 10.70 6.78 3.05
C ILE D 18 10.73 5.28 2.76
N LEU D 19 10.75 4.47 3.79
CA LEU D 19 10.79 3.00 3.57
C LEU D 19 9.41 2.53 3.07
N HIS D 20 8.40 2.61 3.90
CA HIS D 20 7.04 2.18 3.46
C HIS D 20 6.74 2.75 2.07
N LEU D 21 7.15 3.96 1.81
CA LEU D 21 6.88 4.58 0.48
C LEU D 21 7.61 3.80 -0.60
N ILE D 22 8.92 3.88 -0.63
CA ILE D 22 9.69 3.14 -1.66
C ILE D 22 9.22 1.69 -1.72
N LEU D 23 8.70 1.18 -0.64
CA LEU D 23 8.22 -0.23 -0.61
C LEU D 23 7.00 -0.37 -1.51
N TRP D 24 5.92 0.30 -1.19
CA TRP D 24 4.69 0.17 -2.04
C TRP D 24 5.04 0.45 -3.50
N ILE D 25 5.82 1.47 -3.75
CA ILE D 25 6.20 1.79 -5.14
C ILE D 25 6.98 0.60 -5.73
N LEU D 26 7.98 0.17 -5.02
CA LEU D 26 8.80 -0.99 -5.49
C LEU D 26 7.89 -2.15 -5.88
N ASP D 27 6.85 -2.38 -5.13
CA ASP D 27 5.93 -3.51 -5.46
C ASP D 27 5.05 -3.13 -6.65
N ARG D 28 4.84 -1.86 -6.88
CA ARG D 28 3.97 -1.44 -8.02
C ARG D 28 4.74 -1.58 -9.33
N LEU D 29 6.04 -1.53 -9.30
CA LEU D 29 6.81 -1.66 -10.57
C LEU D 29 6.76 -3.12 -11.04
N PHE D 30 6.64 -4.05 -10.12
CA PHE D 30 6.60 -5.48 -10.52
C PHE D 30 5.31 -5.75 -11.30
N PHE D 31 5.01 -7.00 -11.55
CA PHE D 31 3.78 -7.33 -12.32
C PHE D 31 3.98 -6.98 -13.80
N LYS D 32 5.20 -6.83 -14.22
CA LYS D 32 5.46 -6.49 -15.65
C LYS D 32 4.85 -7.56 -16.55
N SER D 33 5.65 -8.49 -16.99
CA SER D 33 5.12 -9.57 -17.87
C SER D 33 3.99 -10.30 -17.15
N ILE D 34 2.95 -10.63 -17.86
CA ILE D 34 1.79 -11.35 -17.23
C ILE D 34 1.75 -12.80 -17.74
N TYR D 35 2.26 -13.03 -18.93
CA TYR D 35 2.24 -14.42 -19.48
C TYR D 35 3.01 -15.36 -18.55
N ARG D 36 4.15 -14.94 -18.08
CA ARG D 36 4.94 -15.82 -17.17
C ARG D 36 4.15 -16.05 -15.88
N PHE D 37 3.45 -15.05 -15.42
CA PHE D 37 2.65 -15.20 -14.17
C PHE D 37 1.58 -16.27 -14.39
N PHE D 38 1.05 -16.36 -15.57
CA PHE D 38 0.01 -17.38 -15.84
C PHE D 38 0.64 -18.78 -15.85
N GLU D 39 1.63 -18.98 -16.68
CA GLU D 39 2.29 -20.31 -16.73
C GLU D 39 2.70 -20.73 -15.32
N HIS D 40 2.98 -19.77 -14.46
CA HIS D 40 3.38 -20.11 -13.07
C HIS D 40 2.17 -20.68 -12.32
N GLY D 41 1.10 -19.95 -12.28
CA GLY D 41 -0.12 -20.45 -11.58
C GLY D 41 -0.40 -21.88 -12.02
N LEU D 42 -0.57 -22.10 -13.30
CA LEU D 42 -0.85 -23.47 -13.80
C LEU D 42 0.34 -24.37 -13.49
N LYS D 43 0.13 -25.43 -12.75
CA LYS D 43 1.26 -26.35 -12.41
C LYS D 43 2.29 -25.60 -11.59
CA RIM E . -5.72 -5.11 7.28
CB RIM E . -5.89 -6.64 7.30
NC RIM E . -4.96 -7.24 6.30
CD RIM E . -5.60 -7.24 8.69
CE1 RIM E . -4.09 -7.41 8.91
CE2 RIM E . -6.18 -6.35 9.81
CE3 RIM E . -6.26 -8.62 8.75
CF1 RIM E . -3.83 -8.05 10.28
CF2 RIM E . -5.92 -7.01 11.17
CF3 RIM E . -6.00 -9.27 10.11
CG1 RIM E . -4.42 -7.16 11.37
CG2 RIM E . -6.58 -8.39 11.20
CG3 RIM E . -4.50 -9.41 10.32
HA1 RIM E . -4.80 -4.84 7.76
HA2 RIM E . -6.55 -4.65 7.78
HA3 RIM E . -5.69 -4.77 6.25
HB RIM E . -6.90 -6.88 7.01
HNC1 RIM E . -4.65 -8.15 6.42
HNC2 RIM E . -4.71 -6.73 5.49
HE11 RIM E . -3.60 -6.44 8.87
HE12 RIM E . -3.68 -8.05 8.13
HE21 RIM E . -7.25 -6.23 9.66
HE22 RIM E . -5.70 -5.39 9.80
HE31 RIM E . -5.86 -9.25 7.97
HE32 RIM E . -7.33 -8.52 8.61
HF1 RIM E . -2.77 -8.15 10.44
HF2 RIM E . -6.34 -6.40 11.96
HF3 RIM E . -6.47 -10.24 10.14
HG11 RIM E . -4.24 -7.63 12.34
HG12 RIM E . -3.96 -6.18 11.32
HG21 RIM E . -6.39 -8.85 12.17
HG22 RIM E . -7.64 -8.28 11.03
HG31 RIM E . -4.32 -9.86 11.29
HG32 RIM E . -4.09 -10.03 9.52
CA RIM F . -8.83 4.89 -2.04
CB RIM F . -9.78 3.93 -1.30
NC RIM F . -9.13 3.48 -0.04
CD RIM F . -11.13 4.62 -0.96
CE1 RIM F . -10.95 6.09 -0.56
CE2 RIM F . -12.06 4.55 -2.19
CE3 RIM F . -11.79 3.85 0.20
CF1 RIM F . -12.31 6.70 -0.21
CF2 RIM F . -13.41 5.18 -1.84
CF3 RIM F . -13.15 4.47 0.53
CG1 RIM F . -13.21 6.63 -1.43
CG2 RIM F . -14.05 4.41 -0.70
CG3 RIM F . -12.94 5.92 0.94
HA1 RIM F . -9.33 5.35 -2.87
HA2 RIM F . -7.98 4.32 -2.41
HA3 RIM F . -8.46 5.64 -1.36
HB RIM F . -9.97 3.08 -1.93
HNC1 RIM F . -8.16 3.57 0.06
HNC2 RIM F . -9.66 3.01 0.63
HE11 RIM F . -10.53 6.65 -1.37
HE12 RIM F . -10.29 6.15 0.31
HE21 RIM F . -12.20 3.52 -2.48
HE22 RIM F . -11.61 5.10 -3.01
HE31 RIM F . -11.16 3.91 1.07
HE32 RIM F . -11.92 2.82 -0.08
HF1 RIM F . -12.18 7.73 0.09
HF2 RIM F . -14.06 5.14 -2.72
HF3 RIM F . -13.61 3.92 1.34
HG11 RIM F . -14.17 7.07 -1.18
HG12 RIM F . -12.74 7.17 -2.24
HG21 RIM F . -15.00 4.86 -0.46
HG22 RIM F . -14.16 3.36 -1.01
HG31 RIM F . -13.92 6.36 1.17
HG32 RIM F . -12.28 5.95 1.80
CA RIM G . 3.66 3.54 -7.42
CB RIM G . 2.38 3.78 -8.23
NC RIM G . 1.40 4.50 -7.38
CD RIM G . 2.64 4.59 -9.52
CE1 RIM G . 1.48 4.34 -10.48
CE2 RIM G . 2.71 6.10 -9.20
CE3 RIM G . 3.96 4.16 -10.20
CF1 RIM G . 1.69 5.14 -11.77
CF2 RIM G . 2.93 6.89 -10.49
CF3 RIM G . 4.15 4.95 -11.49
CG1 RIM G . 1.76 6.62 -11.44
CG2 RIM G . 4.22 6.43 -11.16
CG3 RIM G . 2.99 4.69 -12.43
HA1 RIM G . 4.21 4.46 -7.31
HA2 RIM G . 4.28 2.80 -7.93
HA3 RIM G . 3.40 3.16 -6.44
HB RIM G . 1.96 2.81 -8.50
HNC1 RIM G . 0.83 5.19 -7.77
HNC2 RIM G . 1.36 4.33 -6.41
HE11 RIM G . 0.56 4.65 -10.01
HE12 RIM G . 1.42 3.29 -10.72
HE21 RIM G . 3.53 6.29 -8.52
HE22 RIM G . 1.78 6.41 -8.74
HE31 RIM G . 3.92 3.10 -10.41
HE32 RIM G . 4.79 4.37 -9.55
HF1 RIM G . 0.86 4.96 -12.45
HF2 RIM G . 2.98 7.94 -10.28
HF3 RIM G . 5.07 4.64 -11.96
HG11 RIM G . 1.92 7.18 -12.36
HG12 RIM G . 0.84 6.93 -10.96
HG21 RIM G . 4.36 6.99 -12.08
HG22 RIM G . 5.05 6.60 -10.48
HG31 RIM G . 3.13 5.27 -13.34
HG32 RIM G . 2.93 3.63 -12.64
CA RIM H . 6.34 -6.55 1.47
CB RIM H . 6.65 -6.88 0.01
NC RIM H . 6.14 -5.79 -0.86
CD RIM H . 8.18 -7.06 -0.24
CE1 RIM H . 8.86 -5.70 -0.40
CE2 RIM H . 8.84 -7.84 0.91
CE3 RIM H . 8.35 -7.86 -1.55
CF1 RIM H . 10.35 -5.91 -0.68
CF2 RIM H . 10.32 -8.05 0.60
CF3 RIM H . 9.83 -8.05 -1.84
CG1 RIM H . 10.99 -6.69 0.46
CG2 RIM H . 10.47 -8.82 -0.69
CG3 RIM H . 10.51 -6.70 -1.98
HA1 RIM H . 7.00 -5.78 1.82
HA2 RIM H . 6.47 -7.43 2.08
HA3 RIM H . 5.32 -6.21 1.55
HB RIM H . 6.15 -7.80 -0.25
HNC1 RIM H . 5.29 -5.89 -1.33
HNC2 RIM H . 6.64 -4.96 -0.94
HE11 RIM H . 8.76 -5.13 0.52
HE12 RIM H . 8.41 -5.15 -1.21
HE21 RIM H . 8.35 -8.80 1.03
HE22 RIM H . 8.76 -7.28 1.83
HE31 RIM H . 7.89 -7.32 -2.36
HE32 RIM H . 7.88 -8.82 -1.44
HF1 RIM H . 10.84 -4.95 -0.78
HF2 RIM H . 10.79 -8.60 1.41
HF3 RIM H . 9.94 -8.61 -2.76
HG11 RIM H . 12.04 -6.84 0.24
HG12 RIM H . 10.86 -6.13 1.38
HG21 RIM H . 11.53 -8.96 -0.91
HG22 RIM H . 9.96 -9.79 -0.59
HG31 RIM H . 11.56 -6.84 -2.18
HG32 RIM H . 10.02 -6.14 -2.78
N SER A 6 7.89 14.09 27.63
CA SER A 6 6.42 14.32 27.63
C SER A 6 5.96 14.72 26.23
N ASP A 7 6.23 13.90 25.25
CA ASP A 7 5.81 14.25 23.86
C ASP A 7 5.65 12.98 23.04
N PRO A 8 4.94 12.02 23.56
CA PRO A 8 4.70 10.71 22.88
C PRO A 8 4.01 10.89 21.52
N LEU A 9 3.50 12.06 21.26
CA LEU A 9 2.82 12.30 19.96
C LEU A 9 3.70 11.76 18.83
N VAL A 10 4.96 12.07 18.86
CA VAL A 10 5.87 11.56 17.80
C VAL A 10 6.03 10.05 17.97
N VAL A 11 6.22 9.59 19.18
CA VAL A 11 6.38 8.13 19.41
C VAL A 11 5.23 7.40 18.70
N ALA A 12 4.02 7.83 18.91
CA ALA A 12 2.87 7.17 18.24
C ALA A 12 2.97 7.37 16.73
N ALA A 13 3.50 8.48 16.30
CA ALA A 13 3.63 8.72 14.83
C ALA A 13 4.61 7.72 14.24
N SER A 14 5.82 7.68 14.73
CA SER A 14 6.82 6.72 14.18
C SER A 14 6.28 5.29 14.26
N ILE A 15 5.56 4.96 15.29
CA ILE A 15 5.01 3.58 15.39
C ILE A 15 3.88 3.40 14.38
N ILE A 16 3.04 4.39 14.21
CA ILE A 16 1.93 4.27 13.23
C ILE A 16 2.55 3.94 11.87
N GLY A 17 3.70 4.47 11.59
CA GLY A 17 4.35 4.20 10.27
C GLY A 17 4.89 2.77 10.27
N ILE A 18 5.54 2.37 11.33
CA ILE A 18 6.09 0.98 11.39
C ILE A 18 4.95 -0.01 11.17
N LEU A 19 3.77 0.30 11.65
CA LEU A 19 2.63 -0.63 11.45
C LEU A 19 2.25 -0.67 9.97
N HIS A 20 1.81 0.44 9.44
CA HIS A 20 1.43 0.48 8.00
C HIS A 20 2.50 -0.22 7.16
N LEU A 21 3.74 -0.04 7.51
CA LEU A 21 4.84 -0.69 6.74
C LEU A 21 4.72 -2.22 6.88
N ILE A 22 5.02 -2.74 8.04
CA ILE A 22 4.93 -4.20 8.25
C ILE A 22 3.61 -4.72 7.69
N LEU A 23 2.61 -3.88 7.62
CA LEU A 23 1.29 -4.32 7.08
C LEU A 23 1.38 -4.46 5.55
N TRP A 24 1.78 -3.42 4.87
CA TRP A 24 1.88 -3.50 3.39
C TRP A 24 2.68 -4.74 2.99
N ILE A 25 3.82 -4.94 3.60
CA ILE A 25 4.64 -6.13 3.25
C ILE A 25 3.89 -7.41 3.66
N LEU A 26 3.55 -7.52 4.93
CA LEU A 26 2.84 -8.72 5.42
C LEU A 26 1.64 -9.05 4.51
N ASP A 27 1.07 -8.07 3.86
CA ASP A 27 -0.09 -8.35 2.98
C ASP A 27 0.38 -8.67 1.56
N ARG A 28 1.52 -8.15 1.18
CA ARG A 28 2.03 -8.40 -0.19
C ARG A 28 2.54 -9.84 -0.33
N LEU A 29 2.96 -10.46 0.74
CA LEU A 29 3.45 -11.86 0.63
C LEU A 29 2.30 -12.78 0.21
N PHE A 30 1.10 -12.29 0.20
CA PHE A 30 -0.05 -13.13 -0.20
C PHE A 30 0.06 -13.48 -1.69
N PHE A 31 0.93 -14.40 -2.03
CA PHE A 31 1.09 -14.78 -3.46
C PHE A 31 1.68 -16.18 -3.54
N LYS A 32 1.56 -16.96 -2.50
CA LYS A 32 2.11 -18.34 -2.52
C LYS A 32 1.31 -19.20 -3.49
N SER A 33 0.83 -20.33 -3.05
CA SER A 33 0.04 -21.21 -3.96
C SER A 33 -1.02 -20.38 -4.68
N ILE A 34 -1.04 -20.44 -5.98
CA ILE A 34 -2.05 -19.66 -6.76
C ILE A 34 -3.26 -20.54 -7.04
N TYR A 35 -3.08 -21.84 -7.07
CA TYR A 35 -4.23 -22.75 -7.35
C TYR A 35 -5.30 -22.56 -6.29
N ARG A 36 -4.94 -22.08 -5.13
CA ARG A 36 -5.94 -21.89 -4.05
C ARG A 36 -6.87 -20.73 -4.41
N PHE A 37 -6.35 -19.70 -5.03
CA PHE A 37 -7.21 -18.55 -5.41
C PHE A 37 -8.11 -18.96 -6.59
N PHE A 38 -7.60 -19.75 -7.48
CA PHE A 38 -8.41 -20.19 -8.65
C PHE A 38 -9.58 -21.06 -8.17
N GLU A 39 -9.32 -22.01 -7.31
CA GLU A 39 -10.42 -22.88 -6.81
C GLU A 39 -11.35 -22.08 -5.89
N HIS A 40 -10.82 -21.07 -5.25
CA HIS A 40 -11.68 -20.25 -4.34
C HIS A 40 -12.71 -19.49 -5.19
N GLY A 41 -12.28 -18.87 -6.25
CA GLY A 41 -13.23 -18.11 -7.11
C GLY A 41 -14.14 -19.08 -7.86
N LEU A 42 -13.59 -19.88 -8.73
CA LEU A 42 -14.45 -20.84 -9.49
C LEU A 42 -15.16 -21.77 -8.52
N LYS A 43 -16.37 -22.16 -8.83
CA LYS A 43 -17.12 -23.06 -7.91
C LYS A 43 -16.83 -24.52 -8.29
N SER B 6 2.24 26.88 19.81
CA SER B 6 1.39 25.97 18.98
C SER B 6 2.27 25.23 17.98
N ASP B 7 2.02 23.96 17.77
CA ASP B 7 2.85 23.19 16.81
C ASP B 7 2.01 22.04 16.21
N PRO B 8 0.83 22.36 15.76
CA PRO B 8 -0.09 21.36 15.15
C PRO B 8 0.54 20.63 13.97
N LEU B 9 1.62 21.13 13.46
CA LEU B 9 2.29 20.47 12.30
C LEU B 9 2.41 18.97 12.59
N VAL B 10 2.83 18.61 13.78
CA VAL B 10 2.95 17.17 14.11
C VAL B 10 1.55 16.56 14.21
N VAL B 11 0.63 17.25 14.85
CA VAL B 11 -0.75 16.72 14.96
C VAL B 11 -1.25 16.31 13.57
N ALA B 12 -1.13 17.19 12.61
CA ALA B 12 -1.59 16.85 11.23
C ALA B 12 -0.77 15.67 10.71
N ALA B 13 0.48 15.61 11.03
CA ALA B 13 1.32 14.48 10.54
C ALA B 13 0.83 13.17 11.13
N SER B 14 0.75 13.08 12.43
CA SER B 14 0.28 11.81 13.06
C SER B 14 -1.10 11.44 12.50
N ILE B 15 -1.93 12.41 12.25
CA ILE B 15 -3.28 12.10 11.70
C ILE B 15 -3.16 11.63 10.24
N ILE B 16 -2.30 12.27 9.48
CA ILE B 16 -2.14 11.85 8.06
C ILE B 16 -1.77 10.36 8.02
N GLY B 17 -0.98 9.93 8.97
CA GLY B 17 -0.59 8.49 9.00
C GLY B 17 -1.79 7.65 9.42
N ILE B 18 -2.51 8.09 10.41
CA ILE B 18 -3.70 7.31 10.86
C ILE B 18 -4.72 7.25 9.72
N LEU B 19 -4.62 8.16 8.80
CA LEU B 19 -5.58 8.17 7.65
C LEU B 19 -5.15 7.10 6.64
N HIS B 20 -4.06 7.32 5.96
CA HIS B 20 -3.59 6.32 4.96
C HIS B 20 -3.64 4.91 5.58
N LEU B 21 -3.41 4.81 6.85
CA LEU B 21 -3.45 3.47 7.52
C LEU B 21 -4.89 2.96 7.53
N ILE B 22 -5.74 3.58 8.30
CA ILE B 22 -7.15 3.12 8.37
C ILE B 22 -7.68 2.94 6.95
N LEU B 23 -7.23 3.74 6.01
CA LEU B 23 -7.72 3.61 4.61
C LEU B 23 -7.28 2.25 4.04
N TRP B 24 -6.01 1.96 4.10
CA TRP B 24 -5.53 0.66 3.56
C TRP B 24 -6.38 -0.46 4.12
N ILE B 25 -6.62 -0.47 5.41
CA ILE B 25 -7.47 -1.55 5.99
C ILE B 25 -8.90 -1.38 5.48
N LEU B 26 -9.31 -0.16 5.24
CA LEU B 26 -10.69 0.10 4.75
C LEU B 26 -10.92 -0.61 3.41
N ASP B 27 -9.91 -0.71 2.59
CA ASP B 27 -10.09 -1.40 1.28
C ASP B 27 -9.84 -2.90 1.45
N ARG B 28 -9.05 -3.28 2.41
CA ARG B 28 -8.76 -4.73 2.61
C ARG B 28 -9.76 -5.34 3.61
N LEU B 29 -10.72 -4.56 4.07
CA LEU B 29 -11.73 -5.07 5.06
C LEU B 29 -11.95 -6.58 4.89
N PHE B 30 -11.94 -7.06 3.67
CA PHE B 30 -12.16 -8.51 3.45
C PHE B 30 -12.06 -8.84 1.96
N PHE B 31 -11.92 -10.08 1.62
CA PHE B 31 -11.81 -10.46 0.18
C PHE B 31 -12.06 -11.97 0.03
N LYS B 32 -13.17 -12.33 -0.56
CA LYS B 32 -13.46 -13.79 -0.74
C LYS B 32 -14.18 -14.00 -2.08
N SER B 33 -14.73 -12.95 -2.63
CA SER B 33 -15.43 -13.09 -3.94
C SER B 33 -14.46 -12.78 -5.08
N ILE B 34 -13.88 -13.78 -5.67
CA ILE B 34 -12.93 -13.55 -6.78
C ILE B 34 -13.67 -13.61 -8.12
N TYR B 35 -14.78 -14.31 -8.15
CA TYR B 35 -15.56 -14.41 -9.42
C TYR B 35 -15.99 -13.01 -9.87
N ARG B 36 -16.28 -12.14 -8.96
CA ARG B 36 -16.70 -10.76 -9.34
C ARG B 36 -15.54 -10.05 -10.04
N PHE B 37 -14.32 -10.35 -9.65
CA PHE B 37 -13.15 -9.71 -10.29
C PHE B 37 -12.97 -10.27 -11.70
N PHE B 38 -13.11 -11.56 -11.86
CA PHE B 38 -12.95 -12.17 -13.20
C PHE B 38 -13.99 -11.57 -14.15
N GLU B 39 -15.18 -11.36 -13.66
CA GLU B 39 -16.25 -10.78 -14.53
C GLU B 39 -15.94 -9.30 -14.78
N HIS B 40 -15.32 -8.64 -13.85
CA HIS B 40 -14.99 -7.20 -14.04
C HIS B 40 -14.00 -7.08 -15.19
N GLY B 41 -12.94 -7.85 -15.17
CA GLY B 41 -11.95 -7.77 -16.27
C GLY B 41 -12.61 -8.19 -17.58
N LEU B 42 -13.07 -9.41 -17.66
CA LEU B 42 -13.72 -9.89 -18.90
C LEU B 42 -14.93 -9.00 -19.21
N LYS B 43 -15.12 -8.64 -20.44
CA LYS B 43 -16.28 -7.78 -20.80
C LYS B 43 -17.58 -8.41 -20.26
N SER C 6 13.50 26.16 13.89
CA SER C 6 14.11 25.64 12.64
C SER C 6 14.20 24.12 12.70
N ASP C 7 13.36 23.44 11.98
CA ASP C 7 13.39 21.94 12.00
C ASP C 7 12.53 21.40 10.86
N PRO C 8 12.72 21.93 9.67
CA PRO C 8 11.96 21.50 8.47
C PRO C 8 11.84 19.98 8.37
N LEU C 9 12.70 19.26 9.05
CA LEU C 9 12.63 17.78 9.00
C LEU C 9 11.17 17.33 9.17
N VAL C 10 10.45 17.97 10.05
CA VAL C 10 9.03 17.59 10.26
C VAL C 10 8.23 18.00 9.03
N VAL C 11 8.44 19.18 8.53
CA VAL C 11 7.69 19.63 7.32
C VAL C 11 7.81 18.57 6.24
N ALA C 12 9.01 18.13 5.97
CA ALA C 12 9.19 17.09 4.92
C ALA C 12 8.50 15.80 5.36
N ALA C 13 8.48 15.54 6.64
CA ALA C 13 7.81 14.30 7.14
C ALA C 13 6.31 14.38 6.87
N SER C 14 5.67 15.41 7.35
CA SER C 14 4.21 15.55 7.13
C SER C 14 3.91 15.54 5.63
N ILE C 15 4.76 16.12 4.84
CA ILE C 15 4.51 16.13 3.37
C ILE C 15 4.73 14.72 2.81
N ILE C 16 5.72 14.02 3.27
CA ILE C 16 5.95 12.64 2.74
C ILE C 16 4.70 11.81 2.99
N GLY C 17 4.03 12.04 4.09
CA GLY C 17 2.78 11.28 4.39
C GLY C 17 1.70 11.73 3.42
N ILE C 18 1.58 13.01 3.21
CA ILE C 18 0.54 13.52 2.27
C ILE C 18 0.84 12.99 0.86
N LEU C 19 2.09 12.76 0.57
CA LEU C 19 2.44 12.24 -0.79
C LEU C 19 1.89 10.83 -0.94
N HIS C 20 2.28 9.93 -0.08
CA HIS C 20 1.78 8.53 -0.18
C HIS C 20 0.24 8.54 -0.17
N LEU C 21 -0.35 9.34 0.66
CA LEU C 21 -1.84 9.40 0.70
C LEU C 21 -2.37 9.80 -0.67
N ILE C 22 -2.04 10.98 -1.12
CA ILE C 22 -2.53 11.44 -2.45
C ILE C 22 -2.21 10.37 -3.51
N LEU C 23 -1.04 9.79 -3.43
CA LEU C 23 -0.66 8.74 -4.42
C LEU C 23 -1.64 7.55 -4.35
N TRP C 24 -1.81 6.99 -3.18
CA TRP C 24 -2.73 5.83 -3.04
C TRP C 24 -4.10 6.18 -3.63
N ILE C 25 -4.61 7.34 -3.35
CA ILE C 25 -5.94 7.74 -3.92
C ILE C 25 -5.79 7.98 -5.42
N LEU C 26 -4.63 8.38 -5.85
CA LEU C 26 -4.41 8.64 -7.31
C LEU C 26 -4.65 7.36 -8.10
N ASP C 27 -4.14 6.25 -7.64
CA ASP C 27 -4.33 4.97 -8.38
C ASP C 27 -5.69 4.37 -8.03
N ARG C 28 -6.22 4.70 -6.88
CA ARG C 28 -7.54 4.13 -6.48
C ARG C 28 -8.69 5.03 -6.96
N LEU C 29 -8.38 6.13 -7.62
CA LEU C 29 -9.44 7.06 -8.13
C LEU C 29 -10.72 6.29 -8.49
N PHE C 30 -10.58 5.11 -9.01
CA PHE C 30 -11.80 4.33 -9.38
C PHE C 30 -11.40 2.88 -9.72
N PHE C 31 -11.30 2.04 -8.74
CA PHE C 31 -10.91 0.63 -9.01
C PHE C 31 -9.72 0.58 -9.97
N LYS C 32 -9.80 -0.25 -10.98
CA LYS C 32 -8.68 -0.34 -11.95
C LYS C 32 -9.12 -1.18 -13.15
N SER C 33 -8.26 -2.02 -13.66
CA SER C 33 -8.64 -2.86 -14.83
C SER C 33 -7.89 -4.20 -14.73
N ILE C 34 -8.61 -5.28 -14.68
CA ILE C 34 -7.94 -6.61 -14.60
C ILE C 34 -7.64 -7.12 -16.01
N TYR C 35 -8.36 -6.62 -16.99
CA TYR C 35 -8.12 -7.06 -18.39
C TYR C 35 -6.76 -6.53 -18.86
N ARG C 36 -6.29 -5.47 -18.27
CA ARG C 36 -4.98 -4.91 -18.71
C ARG C 36 -3.84 -5.84 -18.28
N PHE C 37 -3.87 -6.32 -17.07
CA PHE C 37 -2.78 -7.24 -16.62
C PHE C 37 -2.91 -8.57 -17.37
N PHE C 38 -4.11 -9.07 -17.50
CA PHE C 38 -4.32 -10.35 -18.23
C PHE C 38 -3.73 -10.24 -19.63
N GLU C 39 -4.17 -9.28 -20.40
CA GLU C 39 -3.65 -9.11 -21.77
C GLU C 39 -2.14 -8.81 -21.72
N HIS C 40 -1.69 -8.23 -20.65
CA HIS C 40 -0.23 -7.91 -20.54
C HIS C 40 0.56 -9.21 -20.46
N GLY C 41 0.15 -10.13 -19.63
CA GLY C 41 0.86 -11.42 -19.51
C GLY C 41 0.80 -12.16 -20.85
N LEU C 42 -0.37 -12.46 -21.33
CA LEU C 42 -0.50 -13.16 -22.62
C LEU C 42 -0.07 -12.24 -23.77
N LYS C 43 0.49 -12.81 -24.81
CA LYS C 43 0.93 -11.97 -25.96
C LYS C 43 1.76 -10.79 -25.45
N SER D 6 19.37 15.64 17.96
CA SER D 6 19.08 15.55 19.42
C SER D 6 17.91 14.58 19.64
N ASP D 7 17.18 14.27 18.62
CA ASP D 7 16.03 13.34 18.78
C ASP D 7 15.79 12.60 17.47
N PRO D 8 16.70 11.73 17.09
CA PRO D 8 16.59 10.95 15.83
C PRO D 8 15.22 10.31 15.67
N LEU D 9 14.41 10.33 16.70
CA LEU D 9 13.06 9.72 16.59
C LEU D 9 12.38 10.22 15.31
N VAL D 10 12.46 11.49 15.05
CA VAL D 10 11.84 12.03 13.81
C VAL D 10 12.62 11.51 12.60
N VAL D 11 13.92 11.55 12.66
CA VAL D 11 14.73 11.05 11.52
C VAL D 11 14.23 9.67 11.12
N ALA D 12 14.04 8.79 12.08
CA ALA D 12 13.55 7.43 11.78
C ALA D 12 12.12 7.51 11.21
N ALA D 13 11.35 8.45 11.69
CA ALA D 13 9.96 8.58 11.18
C ALA D 13 9.98 9.01 9.71
N SER D 14 10.62 10.10 9.42
CA SER D 14 10.67 10.58 8.00
C SER D 14 11.25 9.48 7.10
N ILE D 15 12.19 8.73 7.61
CA ILE D 15 12.79 7.64 6.77
C ILE D 15 11.80 6.50 6.63
N ILE D 16 11.15 6.12 7.71
CA ILE D 16 10.17 5.01 7.61
C ILE D 16 9.15 5.33 6.52
N GLY D 17 8.83 6.60 6.37
CA GLY D 17 7.85 6.99 5.32
C GLY D 17 8.52 6.91 3.95
N ILE D 18 9.72 7.41 3.83
CA ILE D 18 10.42 7.35 2.52
C ILE D 18 10.46 5.91 2.03
N LEU D 19 10.53 4.97 2.92
CA LEU D 19 10.58 3.54 2.51
C LEU D 19 9.18 3.10 2.05
N HIS D 20 8.22 3.12 2.95
CA HIS D 20 6.84 2.71 2.57
C HIS D 20 6.45 3.35 1.24
N LEU D 21 6.82 4.59 1.03
CA LEU D 21 6.46 5.27 -0.25
C LEU D 21 7.22 4.62 -1.41
N ILE D 22 8.51 4.77 -1.45
CA ILE D 22 9.30 4.17 -2.57
C ILE D 22 8.87 2.72 -2.77
N LEU D 23 8.37 2.09 -1.74
CA LEU D 23 7.92 0.67 -1.86
C LEU D 23 6.69 0.59 -2.76
N TRP D 24 5.58 1.15 -2.33
CA TRP D 24 4.34 1.09 -3.15
C TRP D 24 4.65 1.51 -4.59
N ILE D 25 5.38 2.57 -4.77
CA ILE D 25 5.72 3.01 -6.15
C ILE D 25 6.55 1.92 -6.84
N LEU D 26 7.66 1.57 -6.24
CA LEU D 26 8.52 0.52 -6.83
C LEU D 26 7.65 -0.67 -7.25
N ASP D 27 6.75 -1.10 -6.41
CA ASP D 27 5.88 -2.25 -6.77
C ASP D 27 4.96 -1.87 -7.92
N ARG D 28 4.65 -0.61 -8.07
CA ARG D 28 3.75 -0.19 -9.17
C ARG D 28 4.51 -0.16 -10.50
N LEU D 29 5.82 -0.07 -10.46
CA LEU D 29 6.59 -0.05 -11.73
C LEU D 29 6.80 -1.49 -12.20
N PHE D 30 6.98 -2.40 -11.27
CA PHE D 30 7.20 -3.82 -11.64
C PHE D 30 5.86 -4.57 -11.61
N PHE D 31 5.42 -5.09 -12.72
CA PHE D 31 4.13 -5.83 -12.73
C PHE D 31 4.09 -6.77 -13.94
N LYS D 32 5.04 -6.66 -14.83
CA LYS D 32 5.05 -7.55 -16.03
C LYS D 32 5.31 -8.99 -15.57
N SER D 33 5.89 -9.79 -16.44
CA SER D 33 6.19 -11.21 -16.06
C SER D 33 4.98 -11.81 -15.34
N ILE D 34 3.85 -11.85 -15.99
CA ILE D 34 2.63 -12.41 -15.34
C ILE D 34 2.46 -13.88 -15.78
N TYR D 35 3.02 -14.26 -16.89
CA TYR D 35 2.89 -15.66 -17.35
C TYR D 35 3.65 -16.59 -16.40
N ARG D 36 4.61 -16.06 -15.69
CA ARG D 36 5.38 -16.92 -14.75
C ARG D 36 4.48 -17.31 -13.57
N PHE D 37 3.67 -16.41 -13.09
CA PHE D 37 2.77 -16.74 -11.96
C PHE D 37 1.70 -17.73 -12.43
N PHE D 38 1.22 -17.57 -13.63
CA PHE D 38 0.18 -18.49 -14.15
C PHE D 38 0.77 -19.90 -14.25
N GLU D 39 1.97 -20.02 -14.74
CA GLU D 39 2.60 -21.36 -14.86
C GLU D 39 2.90 -21.89 -13.46
N HIS D 40 3.13 -21.02 -12.52
CA HIS D 40 3.41 -21.47 -11.13
C HIS D 40 2.16 -22.12 -10.55
N GLY D 41 1.03 -21.49 -10.70
CA GLY D 41 -0.23 -22.07 -10.17
C GLY D 41 -0.49 -23.41 -10.85
N LEU D 42 -0.64 -23.40 -12.15
CA LEU D 42 -0.89 -24.68 -12.88
C LEU D 42 0.36 -25.55 -12.83
N LYS D 43 0.28 -26.67 -12.18
CA LYS D 43 1.46 -27.58 -12.09
C LYS D 43 1.71 -28.22 -13.45
CA RIM E . -5.15 -5.61 5.34
CB RIM E . -5.04 -7.12 5.12
NC RIM E . -3.94 -7.40 4.15
CD RIM E . -4.76 -7.89 6.44
CE1 RIM E . -5.59 -7.32 7.59
CE2 RIM E . -5.15 -9.36 6.22
CE3 RIM E . -3.27 -7.82 6.79
CF1 RIM E . -5.33 -8.13 8.87
CF2 RIM E . -4.88 -10.16 7.49
CF3 RIM E . -3.01 -8.63 8.07
CG1 RIM E . -5.71 -9.58 8.63
CG2 RIM E . -3.40 -10.07 7.84
CG3 RIM E . -3.84 -8.05 9.21
HA1 RIM E . -4.33 -5.26 5.97
HA2 RIM E . -6.09 -5.38 5.81
HA3 RIM E . -5.08 -5.11 4.39
HB RIM E . -5.97 -7.48 4.70
HNC1 RIM E . -3.75 -8.33 3.89
HNC2 RIM E . -3.45 -6.65 3.74
HE11 RIM E . -6.64 -7.37 7.35
HE12 RIM E . -5.31 -6.29 7.79
HE21 RIM E . -4.57 -9.78 5.41
HE22 RIM E . -6.20 -9.42 5.97
HE31 RIM E . -2.97 -6.80 6.95
HE32 RIM E . -2.68 -8.24 5.98
HF1 RIM E . -5.91 -7.73 9.68
HF2 RIM E . -5.16 -11.19 7.34
HF3 RIM E . -1.96 -8.57 8.33
HG11 RIM E . -5.50 -10.15 9.54
HG12 RIM E . -6.76 -9.64 8.36
HG21 RIM E . -3.22 -10.64 8.75
HG22 RIM E . -2.82 -10.47 7.02
HG31 RIM E . -3.66 -8.62 10.11
HG32 RIM E . -3.57 -7.00 9.36
CA RIM F . -8.78 5.16 -2.15
CB RIM F . -10.04 4.30 -1.97
NC RIM F . -9.73 3.16 -1.08
CD RIM F . -11.22 5.12 -1.37
CE1 RIM F . -11.28 6.54 -1.97
CE2 RIM F . -12.52 4.38 -1.71
CE3 RIM F . -11.08 5.21 0.16
CF1 RIM F . -12.48 7.28 -1.39
CF2 RIM F . -13.72 5.13 -1.13
CF3 RIM F . -12.29 5.98 0.73
CG1 RIM F . -13.77 6.52 -1.73
CG2 RIM F . -13.57 5.23 0.38
CG3 RIM F . -12.34 7.37 0.12
HA1 RIM F . -7.94 4.52 -2.36
HA2 RIM F . -8.58 5.71 -1.25
HA3 RIM F . -8.92 5.85 -2.97
HB RIM F . -10.34 3.92 -2.94
HNC1 RIM F . -8.80 2.94 -0.86
HNC2 RIM F . -10.46 2.66 -0.65
HE11 RIM F . -11.37 6.48 -3.05
HE12 RIM F . -10.39 7.09 -1.71
HE21 RIM F . -12.49 3.38 -1.30
HE22 RIM F . -12.63 4.31 -2.78
HE31 RIM F . -10.18 5.74 0.41
HE32 RIM F . -11.06 4.23 0.58
HF1 RIM F . -12.54 8.27 -1.82
HF2 RIM F . -14.62 4.60 -1.37
HF3 RIM F . -12.18 6.05 1.80
HG11 RIM F . -14.61 7.06 -1.31
HG12 RIM F . -13.85 6.44 -2.81
HG21 RIM F . -14.42 5.78 0.78
HG22 RIM F . -13.51 4.23 0.80
HG31 RIM F . -13.20 7.90 0.52
HG32 RIM F . -11.41 7.89 0.35
CA RIM G . 3.20 4.72 -8.79
CB RIM G . 1.92 5.31 -9.39
NC RIM G . 1.15 5.99 -8.30
CD RIM G . 2.23 6.34 -10.51
CE1 RIM G . 1.01 7.27 -10.67
CE2 RIM G . 3.48 7.19 -10.18
CE3 RIM G . 2.46 5.60 -11.83
CF1 RIM G . 1.27 8.28 -11.79
CF2 RIM G . 3.71 8.21 -11.30
CF3 RIM G . 2.72 6.62 -12.95
CG1 RIM G . 2.49 9.11 -11.45
CG2 RIM G . 3.94 7.46 -12.61
CG3 RIM G . 1.51 7.53 -13.09
HA1 RIM G . 3.71 5.46 -8.20
HA2 RIM G . 3.85 4.36 -9.57
HA3 RIM G . 2.93 3.89 -8.14
HB RIM G . 1.32 4.51 -9.79
HNC1 RIM G . 1.48 5.96 -7.38
HNC2 RIM G . 0.36 6.52 -8.52
HE11 RIM G . 0.85 7.82 -9.74
HE12 RIM G . 0.14 6.69 -10.90
HE21 RIM G . 4.35 6.56 -10.11
HE22 RIM G . 3.33 7.71 -9.24
HE31 RIM G . 1.59 5.02 -12.07
HE32 RIM G . 3.32 4.95 -11.74
HF1 RIM G . 0.41 8.92 -11.90
HF2 RIM G . 4.58 8.81 -11.07
HF3 RIM G . 2.88 6.10 -13.88
HG11 RIM G . 2.67 9.82 -12.24
HG12 RIM G . 2.32 9.62 -10.50
HG21 RIM G . 4.11 8.18 -13.41
HG22 RIM G . 4.80 6.80 -12.49
HG31 RIM G . 1.70 8.25 -13.88
HG32 RIM G . 0.63 6.93 -13.32
CA RIM H . 6.48 -5.99 -0.37
CB RIM H . 6.85 -5.47 -1.76
NC RIM H . 6.82 -3.97 -1.74
CD RIM H . 8.25 -5.96 -2.22
CE1 RIM H . 9.24 -6.02 -1.05
CE2 RIM H . 8.13 -7.36 -2.84
CE3 RIM H . 8.77 -4.98 -3.29
CF1 RIM H . 10.61 -6.46 -1.56
CF2 RIM H . 9.49 -7.82 -3.34
CF3 RIM H . 10.14 -5.46 -3.80
CG1 RIM H . 10.48 -7.85 -2.18
CG2 RIM H . 10.00 -6.85 -4.40
CG3 RIM H . 11.11 -5.50 -2.63
HA1 RIM H . 5.45 -5.77 -0.17
HA2 RIM H . 7.09 -5.51 0.37
HA3 RIM H . 6.63 -7.06 -0.33
HB RIM H . 6.10 -5.81 -2.47
HNC1 RIM H . 7.25 -3.50 -0.99
HNC2 RIM H . 6.30 -3.48 -2.41
HE11 RIM H . 8.91 -6.73 -0.32
HE12 RIM H . 9.33 -5.03 -0.59
HE21 RIM H . 7.43 -7.32 -3.67
HE22 RIM H . 7.76 -8.05 -2.11
HE31 RIM H . 8.89 -4.00 -2.86
HE32 RIM H . 8.08 -4.94 -4.11
HF1 RIM H . 11.32 -6.50 -0.75
HF2 RIM H . 9.41 -8.80 -3.78
HF3 RIM H . 10.50 -4.77 -4.55
HG11 RIM H . 11.45 -8.17 -2.54
HG12 RIM H . 10.10 -8.54 -1.42
HG21 RIM H . 10.97 -7.18 -4.74
HG22 RIM H . 9.29 -6.80 -5.22
HG31 RIM H . 12.09 -5.84 -2.99
HG32 RIM H . 11.18 -4.50 -2.19
N SER A 6 8.71 13.33 25.98
CA SER A 6 8.15 14.72 25.88
C SER A 6 7.12 14.77 24.74
N ASP A 7 5.88 15.03 25.06
CA ASP A 7 4.84 15.11 24.01
C ASP A 7 4.82 13.79 23.21
N PRO A 8 4.46 12.72 23.86
CA PRO A 8 4.39 11.38 23.21
C PRO A 8 3.69 11.44 21.85
N LEU A 9 3.05 12.53 21.54
CA LEU A 9 2.36 12.66 20.23
C LEU A 9 3.30 12.17 19.12
N VAL A 10 4.53 12.60 19.15
CA VAL A 10 5.49 12.15 18.11
C VAL A 10 5.79 10.66 18.32
N VAL A 11 6.04 10.27 19.53
CA VAL A 11 6.33 8.83 19.80
C VAL A 11 5.26 7.97 19.13
N ALA A 12 4.01 8.31 19.32
CA ALA A 12 2.91 7.52 18.69
C ALA A 12 2.98 7.67 17.17
N ALA A 13 3.40 8.82 16.71
CA ALA A 13 3.49 9.03 15.24
C ALA A 13 4.57 8.12 14.64
N SER A 14 5.77 8.24 15.14
CA SER A 14 6.87 7.39 14.60
C SER A 14 6.50 5.91 14.73
N ILE A 15 5.82 5.55 15.79
CA ILE A 15 5.42 4.12 15.97
C ILE A 15 4.33 3.78 14.96
N ILE A 16 3.40 4.66 14.74
CA ILE A 16 2.32 4.36 13.75
C ILE A 16 2.97 4.08 12.40
N GLY A 17 4.06 4.73 12.11
CA GLY A 17 4.75 4.48 10.81
C GLY A 17 5.43 3.11 10.87
N ILE A 18 6.09 2.82 11.95
CA ILE A 18 6.77 1.50 12.06
C ILE A 18 5.75 0.38 11.82
N LEU A 19 4.53 0.58 12.25
CA LEU A 19 3.49 -0.46 12.04
C LEU A 19 3.17 -0.55 10.55
N HIS A 20 2.62 0.50 9.99
CA HIS A 20 2.27 0.49 8.54
C HIS A 20 3.42 -0.11 7.73
N LEU A 21 4.64 0.22 8.06
CA LEU A 21 5.80 -0.33 7.29
C LEU A 21 5.85 -1.85 7.47
N ILE A 22 6.15 -2.30 8.66
CA ILE A 22 6.22 -3.77 8.89
C ILE A 22 4.98 -4.44 8.32
N LEU A 23 3.90 -3.70 8.19
CA LEU A 23 2.65 -4.28 7.63
C LEU A 23 2.82 -4.52 6.14
N TRP A 24 3.06 -3.48 5.37
CA TRP A 24 3.24 -3.64 3.90
C TRP A 24 4.27 -4.75 3.62
N ILE A 25 5.40 -4.68 4.26
CA ILE A 25 6.44 -5.73 4.02
C ILE A 25 5.86 -7.09 4.42
N LEU A 26 5.41 -7.21 5.64
CA LEU A 26 4.83 -8.51 6.10
C LEU A 26 3.86 -9.04 5.05
N ASP A 27 3.05 -8.18 4.49
CA ASP A 27 2.09 -8.64 3.46
C ASP A 27 2.85 -9.10 2.21
N ARG A 28 4.00 -8.53 1.98
CA ARG A 28 4.80 -8.91 0.77
C ARG A 28 5.54 -10.22 1.03
N LEU A 29 5.71 -10.63 2.26
CA LEU A 29 6.43 -11.91 2.53
C LEU A 29 5.42 -13.06 2.47
N PHE A 30 4.22 -12.82 2.92
CA PHE A 30 3.19 -13.90 2.90
C PHE A 30 2.27 -13.71 1.69
N PHE A 31 1.06 -14.19 1.76
CA PHE A 31 0.13 -14.02 0.61
C PHE A 31 0.64 -14.82 -0.59
N LYS A 32 -0.08 -15.82 -1.00
CA LYS A 32 0.36 -16.64 -2.15
C LYS A 32 -0.78 -17.59 -2.57
N SER A 33 -0.44 -18.75 -3.08
CA SER A 33 -1.50 -19.70 -3.50
C SER A 33 -2.50 -18.98 -4.42
N ILE A 34 -2.36 -19.12 -5.71
CA ILE A 34 -3.30 -18.44 -6.63
C ILE A 34 -4.52 -19.35 -6.86
N TYR A 35 -4.35 -20.62 -6.68
CA TYR A 35 -5.49 -21.55 -6.87
C TYR A 35 -6.64 -21.18 -5.94
N ARG A 36 -6.36 -20.48 -4.86
CA ARG A 36 -7.45 -20.10 -3.92
C ARG A 36 -8.29 -18.98 -4.53
N PHE A 37 -7.66 -17.99 -5.12
CA PHE A 37 -8.43 -16.87 -5.73
C PHE A 37 -9.07 -17.38 -7.02
N PHE A 38 -8.40 -18.27 -7.72
CA PHE A 38 -8.97 -18.82 -8.98
C PHE A 38 -10.19 -19.69 -8.67
N GLU A 39 -10.05 -20.64 -7.77
CA GLU A 39 -11.19 -21.53 -7.43
C GLU A 39 -12.25 -20.76 -6.65
N HIS A 40 -11.85 -19.74 -5.93
CA HIS A 40 -12.87 -18.96 -5.15
C HIS A 40 -13.83 -18.28 -6.12
N GLY A 41 -13.30 -17.54 -7.07
CA GLY A 41 -14.20 -16.84 -8.04
C GLY A 41 -14.82 -17.89 -8.96
N LEU A 42 -14.02 -18.55 -9.76
CA LEU A 42 -14.57 -19.58 -10.69
C LEU A 42 -15.28 -20.67 -9.87
N LYS A 43 -16.56 -20.82 -10.05
CA LYS A 43 -17.30 -21.87 -9.29
C LYS A 43 -16.98 -23.24 -9.88
N SER B 6 -1.48 25.31 18.91
CA SER B 6 -0.09 25.80 19.16
C SER B 6 0.87 25.12 18.17
N ASP B 7 0.62 23.87 17.85
CA ASP B 7 1.51 23.15 16.91
C ASP B 7 0.77 21.95 16.33
N PRO B 8 -0.42 22.17 15.83
CA PRO B 8 -1.27 21.09 15.23
C PRO B 8 -0.57 20.39 14.05
N LEU B 9 0.45 20.98 13.52
CA LEU B 9 1.16 20.35 12.37
C LEU B 9 1.41 18.87 12.70
N VAL B 10 1.83 18.58 13.89
CA VAL B 10 2.09 17.16 14.27
C VAL B 10 0.75 16.43 14.36
N VAL B 11 -0.24 17.04 14.98
CA VAL B 11 -1.56 16.39 15.10
C VAL B 11 -2.00 15.89 13.71
N ALA B 12 -1.86 16.72 12.71
CA ALA B 12 -2.25 16.29 11.34
C ALA B 12 -1.32 15.17 10.87
N ALA B 13 -0.07 15.24 11.23
CA ALA B 13 0.89 14.18 10.81
C ALA B 13 0.45 12.84 11.41
N SER B 14 0.30 12.78 12.72
CA SER B 14 -0.10 11.50 13.36
C SER B 14 -1.43 11.01 12.76
N ILE B 15 -2.32 11.90 12.45
CA ILE B 15 -3.63 11.46 11.87
C ILE B 15 -3.40 10.97 10.44
N ILE B 16 -2.55 11.63 9.69
CA ILE B 16 -2.29 11.18 8.30
C ILE B 16 -1.78 9.73 8.34
N GLY B 17 -1.01 9.40 9.34
CA GLY B 17 -0.50 8.01 9.45
C GLY B 17 -1.66 7.08 9.78
N ILE B 18 -2.50 7.48 10.71
CA ILE B 18 -3.66 6.63 11.08
C ILE B 18 -4.57 6.47 9.86
N LEU B 19 -4.49 7.39 8.94
CA LEU B 19 -5.34 7.29 7.72
C LEU B 19 -4.76 6.25 6.77
N HIS B 20 -3.65 6.55 6.14
CA HIS B 20 -3.04 5.56 5.20
C HIS B 20 -3.04 4.17 5.84
N LEU B 21 -2.86 4.09 7.12
CA LEU B 21 -2.86 2.75 7.79
C LEU B 21 -4.25 2.14 7.70
N ILE B 22 -5.20 2.71 8.39
CA ILE B 22 -6.59 2.14 8.35
C ILE B 22 -7.00 1.92 6.89
N LEU B 23 -6.67 2.83 6.03
CA LEU B 23 -7.05 2.68 4.59
C LEU B 23 -6.41 1.42 4.01
N TRP B 24 -5.10 1.36 4.00
CA TRP B 24 -4.43 0.16 3.42
C TRP B 24 -5.08 -1.11 3.98
N ILE B 25 -5.28 -1.17 5.26
CA ILE B 25 -5.92 -2.38 5.86
C ILE B 25 -7.33 -2.54 5.28
N LEU B 26 -8.05 -1.44 5.17
CA LEU B 26 -9.43 -1.49 4.64
C LEU B 26 -9.45 -2.23 3.29
N ASP B 27 -8.50 -1.95 2.44
CA ASP B 27 -8.48 -2.60 1.10
C ASP B 27 -7.94 -4.03 1.21
N ARG B 28 -7.14 -4.32 2.21
CA ARG B 28 -6.58 -5.69 2.33
C ARG B 28 -7.67 -6.68 2.77
N LEU B 29 -8.65 -6.24 3.52
CA LEU B 29 -9.72 -7.20 3.94
C LEU B 29 -10.33 -7.84 2.70
N PHE B 30 -10.30 -7.17 1.57
CA PHE B 30 -10.88 -7.76 0.35
C PHE B 30 -12.34 -8.15 0.62
N PHE B 31 -12.93 -8.93 -0.26
CA PHE B 31 -14.35 -9.36 -0.06
C PHE B 31 -14.46 -10.85 -0.34
N LYS B 32 -15.34 -11.24 -1.23
CA LYS B 32 -15.51 -12.69 -1.53
C LYS B 32 -15.95 -12.85 -2.99
N SER B 33 -17.11 -12.36 -3.32
CA SER B 33 -17.60 -12.48 -4.73
C SER B 33 -16.54 -11.97 -5.69
N ILE B 34 -15.84 -12.86 -6.36
CA ILE B 34 -14.79 -12.43 -7.33
C ILE B 34 -15.32 -12.55 -8.76
N TYR B 35 -16.33 -13.36 -8.95
CA TYR B 35 -16.90 -13.53 -10.31
C TYR B 35 -17.33 -12.17 -10.87
N ARG B 36 -17.38 -11.16 -10.04
CA ARG B 36 -17.80 -9.82 -10.52
C ARG B 36 -16.69 -9.21 -11.38
N PHE B 37 -15.46 -9.34 -10.95
CA PHE B 37 -14.34 -8.77 -11.75
C PHE B 37 -14.18 -9.58 -13.04
N PHE B 38 -14.35 -10.87 -12.95
CA PHE B 38 -14.21 -11.73 -14.17
C PHE B 38 -15.23 -11.29 -15.22
N GLU B 39 -16.47 -11.11 -14.83
CA GLU B 39 -17.50 -10.69 -15.82
C GLU B 39 -17.26 -9.23 -16.22
N HIS B 40 -16.65 -8.46 -15.36
CA HIS B 40 -16.39 -7.04 -15.69
C HIS B 40 -15.38 -6.98 -16.84
N GLY B 41 -14.28 -7.68 -16.72
CA GLY B 41 -13.27 -7.66 -17.81
C GLY B 41 -13.84 -8.34 -19.05
N LEU B 42 -14.14 -9.61 -18.95
CA LEU B 42 -14.70 -10.33 -20.13
C LEU B 42 -16.12 -9.81 -20.42
N LYS B 43 -16.32 -9.25 -21.58
CA LYS B 43 -17.67 -8.73 -21.93
C LYS B 43 -18.21 -7.89 -20.77
N SER C 6 8.00 22.51 15.29
CA SER C 6 7.99 23.93 14.85
C SER C 6 8.93 24.08 13.64
N ASP C 7 9.94 23.26 13.55
CA ASP C 7 10.88 23.36 12.40
C ASP C 7 10.24 22.72 11.16
N PRO C 8 10.71 23.07 10.00
CA PRO C 8 10.17 22.51 8.72
C PRO C 8 10.34 20.99 8.64
N LEU C 9 11.23 20.43 9.41
CA LEU C 9 11.44 18.96 9.36
C LEU C 9 10.07 18.28 9.43
N VAL C 10 9.21 18.76 10.28
CA VAL C 10 7.84 18.17 10.39
C VAL C 10 7.07 18.49 9.11
N VAL C 11 7.13 19.71 8.65
CA VAL C 11 6.40 20.08 7.40
C VAL C 11 6.73 19.04 6.32
N ALA C 12 7.98 18.72 6.16
CA ALA C 12 8.37 17.71 5.12
C ALA C 12 7.78 16.35 5.51
N ALA C 13 7.76 16.05 6.78
CA ALA C 13 7.20 14.73 7.22
C ALA C 13 5.71 14.66 6.88
N SER C 14 4.92 15.58 7.35
CA SER C 14 3.46 15.55 7.06
C SER C 14 3.24 15.52 5.54
N ILE C 15 4.05 16.22 4.80
CA ILE C 15 3.87 16.21 3.31
C ILE C 15 4.26 14.85 2.76
N ILE C 16 5.34 14.28 3.24
CA ILE C 16 5.76 12.95 2.73
C ILE C 16 4.61 11.97 2.91
N GLY C 17 3.85 12.11 3.97
CA GLY C 17 2.71 11.19 4.20
C GLY C 17 1.58 11.53 3.20
N ILE C 18 1.29 12.78 3.03
CA ILE C 18 0.21 13.17 2.08
C ILE C 18 0.53 12.58 0.70
N LEU C 19 1.79 12.43 0.40
CA LEU C 19 2.18 11.86 -0.92
C LEU C 19 1.91 10.36 -0.91
N HIS C 20 2.59 9.63 -0.08
CA HIS C 20 2.38 8.15 -0.01
C HIS C 20 0.90 7.82 -0.06
N LEU C 21 0.07 8.62 0.57
CA LEU C 21 -1.40 8.34 0.55
C LEU C 21 -1.96 8.63 -0.84
N ILE C 22 -1.94 9.87 -1.25
CA ILE C 22 -2.48 10.21 -2.60
C ILE C 22 -1.93 9.24 -3.63
N LEU C 23 -0.77 8.68 -3.39
CA LEU C 23 -0.17 7.72 -4.36
C LEU C 23 -0.95 6.39 -4.31
N TRP C 24 -0.94 5.73 -3.19
CA TRP C 24 -1.68 4.43 -3.07
C TRP C 24 -3.07 4.59 -3.68
N ILE C 25 -3.76 5.63 -3.33
CA ILE C 25 -5.12 5.85 -3.90
C ILE C 25 -5.00 5.92 -5.42
N LEU C 26 -4.10 6.73 -5.91
CA LEU C 26 -3.93 6.87 -7.38
C LEU C 26 -3.94 5.48 -8.03
N ASP C 27 -3.15 4.58 -7.52
CA ASP C 27 -3.10 3.22 -8.11
C ASP C 27 -4.46 2.54 -7.98
N ARG C 28 -5.18 2.82 -6.93
CA ARG C 28 -6.51 2.19 -6.75
C ARG C 28 -7.53 2.78 -7.73
N LEU C 29 -7.27 3.94 -8.28
CA LEU C 29 -8.25 4.51 -9.25
C LEU C 29 -7.97 3.91 -10.64
N PHE C 30 -6.85 3.27 -10.80
CA PHE C 30 -6.51 2.66 -12.12
C PHE C 30 -7.17 1.30 -12.24
N PHE C 31 -8.07 0.97 -11.35
CA PHE C 31 -8.74 -0.36 -11.42
C PHE C 31 -9.95 -0.25 -12.34
N LYS C 32 -9.86 -0.81 -13.53
CA LYS C 32 -11.02 -0.73 -14.46
C LYS C 32 -10.85 -1.77 -15.58
N SER C 33 -10.21 -1.40 -16.65
CA SER C 33 -10.02 -2.36 -17.77
C SER C 33 -9.22 -3.57 -17.28
N ILE C 34 -9.89 -4.68 -17.06
CA ILE C 34 -9.17 -5.90 -16.58
C ILE C 34 -8.73 -6.72 -17.80
N TYR C 35 -9.40 -6.54 -18.91
CA TYR C 35 -9.03 -7.32 -20.13
C TYR C 35 -7.60 -6.99 -20.55
N ARG C 36 -7.10 -5.85 -20.17
CA ARG C 36 -5.71 -5.47 -20.56
C ARG C 36 -4.70 -6.35 -19.83
N PHE C 37 -4.97 -6.68 -18.59
CA PHE C 37 -4.01 -7.53 -17.83
C PHE C 37 -4.07 -8.96 -18.36
N PHE C 38 -5.23 -9.40 -18.76
CA PHE C 38 -5.37 -10.78 -19.29
C PHE C 38 -4.59 -10.92 -20.60
N GLU C 39 -4.73 -9.98 -21.49
CA GLU C 39 -4.01 -10.05 -22.78
C GLU C 39 -2.51 -9.80 -22.55
N HIS C 40 -2.18 -9.03 -21.55
CA HIS C 40 -0.74 -8.76 -21.27
C HIS C 40 -0.05 -10.05 -20.88
N GLY C 41 -0.68 -10.85 -20.06
CA GLY C 41 -0.06 -12.14 -19.65
C GLY C 41 -0.06 -13.11 -20.84
N LEU C 42 -1.22 -13.45 -21.34
CA LEU C 42 -1.27 -14.39 -22.49
C LEU C 42 -0.87 -13.65 -23.77
N LYS C 43 0.29 -13.93 -24.28
CA LYS C 43 0.74 -13.24 -25.54
C LYS C 43 0.90 -11.74 -25.26
N SER D 6 18.74 17.20 19.52
CA SER D 6 17.97 17.86 18.44
C SER D 6 16.63 17.15 18.26
N ASP D 7 16.31 16.25 19.15
CA ASP D 7 15.02 15.51 19.04
C ASP D 7 15.02 14.63 17.78
N PRO D 8 16.07 13.88 17.60
CA PRO D 8 16.21 12.99 16.42
C PRO D 8 14.96 12.14 16.20
N LEU D 9 14.14 12.00 17.21
CA LEU D 9 12.89 11.21 17.06
C LEU D 9 12.20 11.61 15.76
N VAL D 10 12.16 12.88 15.46
CA VAL D 10 11.51 13.32 14.21
C VAL D 10 12.37 12.87 13.02
N VAL D 11 13.66 13.05 13.10
CA VAL D 11 14.54 12.63 11.97
C VAL D 11 14.19 11.18 11.60
N ALA D 12 14.08 10.32 12.56
CA ALA D 12 13.74 8.90 12.26
C ALA D 12 12.32 8.83 11.69
N ALA D 13 11.45 9.69 12.16
CA ALA D 13 10.04 9.68 11.64
C ALA D 13 10.03 10.07 10.16
N SER D 14 10.60 11.20 9.83
CA SER D 14 10.62 11.64 8.40
C SER D 14 11.32 10.59 7.54
N ILE D 15 12.34 9.96 8.07
CA ILE D 15 13.06 8.93 7.26
C ILE D 15 12.18 7.67 7.15
N ILE D 16 11.55 7.28 8.21
CA ILE D 16 10.67 6.08 8.13
C ILE D 16 9.64 6.30 7.02
N GLY D 17 9.22 7.53 6.84
CA GLY D 17 8.22 7.81 5.77
C GLY D 17 8.91 7.75 4.41
N ILE D 18 10.08 8.35 4.30
CA ILE D 18 10.80 8.32 3.00
C ILE D 18 11.09 6.86 2.62
N LEU D 19 11.25 6.01 3.60
CA LEU D 19 11.52 4.58 3.29
C LEU D 19 10.26 3.94 2.72
N HIS D 20 9.22 3.85 3.51
CA HIS D 20 7.95 3.24 3.02
C HIS D 20 7.61 3.80 1.64
N LEU D 21 7.76 5.09 1.45
CA LEU D 21 7.43 5.70 0.13
C LEU D 21 8.33 5.08 -0.95
N ILE D 22 9.61 5.35 -0.91
CA ILE D 22 10.52 4.78 -1.93
C ILE D 22 10.24 3.29 -2.11
N LEU D 23 9.90 2.60 -1.05
CA LEU D 23 9.61 1.15 -1.16
C LEU D 23 8.40 0.93 -2.05
N TRP D 24 7.28 1.50 -1.72
CA TRP D 24 6.06 1.32 -2.56
C TRP D 24 6.42 1.54 -4.03
N ILE D 25 7.14 2.58 -4.32
CA ILE D 25 7.53 2.84 -5.73
C ILE D 25 8.43 1.70 -6.22
N LEU D 26 9.45 1.39 -5.47
CA LEU D 26 10.38 0.30 -5.86
C LEU D 26 9.62 -0.98 -6.19
N ASP D 27 8.57 -1.25 -5.47
CA ASP D 27 7.79 -2.50 -5.73
C ASP D 27 6.77 -2.27 -6.85
N ARG D 28 6.40 -1.04 -7.10
CA ARG D 28 5.40 -0.77 -8.16
C ARG D 28 6.03 -0.89 -9.55
N LEU D 29 7.30 -0.62 -9.68
CA LEU D 29 7.94 -0.74 -11.03
C LEU D 29 7.73 -2.17 -11.55
N PHE D 30 7.27 -3.05 -10.72
CA PHE D 30 7.05 -4.45 -11.18
C PHE D 30 5.75 -4.52 -12.00
N PHE D 31 5.85 -4.93 -13.23
CA PHE D 31 4.62 -5.01 -14.08
C PHE D 31 4.79 -6.14 -15.09
N LYS D 32 3.79 -6.37 -15.91
CA LYS D 32 3.89 -7.46 -16.92
C LYS D 32 4.23 -8.78 -16.21
N SER D 33 4.86 -9.70 -16.89
CA SER D 33 5.22 -10.99 -16.24
C SER D 33 4.02 -11.55 -15.48
N ILE D 34 2.90 -11.70 -16.14
CA ILE D 34 1.69 -12.26 -15.45
C ILE D 34 1.59 -13.75 -15.74
N TYR D 35 2.09 -14.18 -16.87
CA TYR D 35 2.02 -15.63 -17.21
C TYR D 35 2.70 -16.44 -16.11
N ARG D 36 3.73 -15.90 -15.50
CA ARG D 36 4.42 -16.65 -14.42
C ARG D 36 3.46 -16.88 -13.25
N PHE D 37 2.58 -15.95 -13.01
CA PHE D 37 1.61 -16.11 -11.90
C PHE D 37 0.57 -17.15 -12.29
N PHE D 38 0.15 -17.14 -13.54
CA PHE D 38 -0.86 -18.13 -14.00
C PHE D 38 -0.29 -19.54 -13.86
N GLU D 39 0.90 -19.75 -14.35
CA GLU D 39 1.51 -21.10 -14.24
C GLU D 39 1.83 -21.40 -12.77
N HIS D 40 2.04 -20.38 -11.98
CA HIS D 40 2.34 -20.61 -10.54
C HIS D 40 1.09 -21.16 -9.84
N GLY D 41 -0.06 -20.72 -10.26
CA GLY D 41 -1.32 -21.22 -9.63
C GLY D 41 -1.64 -22.62 -10.16
N LEU D 42 -1.88 -22.73 -11.44
CA LEU D 42 -2.18 -24.07 -12.02
C LEU D 42 -1.01 -25.03 -11.77
N LYS D 43 -1.23 -26.06 -11.02
CA LYS D 43 -0.13 -27.01 -10.74
C LYS D 43 0.22 -27.79 -12.01
CA RIM E . -3.94 -5.74 6.61
CB RIM E . -3.32 -7.11 6.32
NC RIM E . -2.09 -6.92 5.51
CD RIM E . -2.97 -7.88 7.61
CE1 RIM E . -1.62 -7.41 8.18
CE2 RIM E . -4.06 -7.70 8.70
CE3 RIM E . -2.85 -9.38 7.27
CF1 RIM E . -1.27 -8.21 9.43
CF2 RIM E . -3.70 -8.50 9.93
CF3 RIM E . -2.50 -10.18 8.53
CG1 RIM E . -2.36 -8.02 10.48
CG2 RIM E . -3.59 -9.98 9.57
CG3 RIM E . -1.17 -9.68 9.07
HA1 RIM E . -4.95 -5.87 6.97
HA2 RIM E . -3.97 -5.16 5.70
HA3 RIM E . -3.36 -5.22 7.35
HB RIM E . -4.03 -7.70 5.74
HNC1 RIM E . -1.52 -7.70 5.29
HNC2 RIM E . -1.83 -6.03 5.20
HE11 RIM E . -1.67 -6.36 8.42
HE12 RIM E . -0.84 -7.56 7.43
HE21 RIM E . -5.01 -8.02 8.30
HE22 RIM E . -4.12 -6.65 8.97
HE31 RIM E . -2.10 -9.52 6.53
HE32 RIM E . -3.80 -9.72 6.88
HF1 RIM E . -0.33 -7.88 9.83
HF2 RIM E . -4.46 -8.38 10.69
HF3 RIM E . -2.43 -11.22 8.27
HG11 RIM E . -2.11 -8.60 11.36
HG12 RIM E . -2.44 -6.96 10.72
HG21 RIM E . -3.33 -10.55 10.46
HG22 RIM E . -4.54 -10.32 9.16
HG31 RIM E . -0.93 -10.26 9.97
HG32 RIM E . -0.41 -9.82 8.31
CA RIM F . -8.31 4.00 -2.46
CB RIM F . -9.09 2.98 -1.61
NC RIM F . -8.42 2.84 -0.29
CD RIM F . -10.57 3.42 -1.41
CE1 RIM F . -11.10 2.71 -0.16
CE2 RIM F . -10.70 4.94 -1.23
CE3 RIM F . -11.40 2.98 -2.62
CF1 RIM F . -12.57 3.07 0.06
CF2 RIM F . -12.17 5.29 -1.00
CF3 RIM F . -12.86 3.35 -2.40
CG1 RIM F . -12.69 4.58 0.25
CG2 RIM F . -12.98 4.86 -2.21
CG3 RIM F . -13.38 2.64 -1.16
HA1 RIM F . -8.86 4.23 -3.36
HA2 RIM F . -7.35 3.58 -2.72
HA3 RIM F . -8.15 4.91 -1.88
HB RIM F . -9.07 2.02 -2.11
HNC1 RIM F . -8.51 2.02 0.21
HNC2 RIM F . -7.82 3.56 0.03
HE11 RIM F . -10.53 3.02 0.72
HE12 RIM F . -11.01 1.64 -0.27
HE21 RIM F . -10.36 5.45 -2.12
HE22 RIM F . -10.11 5.25 -0.38
HE31 RIM F . -11.32 1.91 -2.75
HE32 RIM F . -11.04 3.47 -3.52
HF1 RIM F . -12.94 2.56 0.94
HF2 RIM F . -12.27 6.35 -0.86
HF3 RIM F . -13.45 3.05 -3.25
HG11 RIM F . -13.73 4.83 0.40
HG12 RIM F . -12.08 4.87 1.11
HG21 RIM F . -14.03 5.11 -2.03
HG22 RIM F . -12.60 5.36 -3.09
HG31 RIM F . -14.43 2.91 -1.00
HG32 RIM F . -13.27 1.57 -1.29
CA RIM G . 4.63 4.17 -8.24
CB RIM G . 3.53 4.51 -9.24
NC RIM G . 2.20 4.35 -8.59
CD RIM G . 3.66 5.95 -9.80
CE1 RIM G . 3.06 6.97 -8.79
CE2 RIM G . 5.14 6.31 -10.06
CE3 RIM G . 2.87 6.04 -11.11
CF1 RIM G . 3.17 8.37 -9.38
CF2 RIM G . 5.21 7.72 -10.65
CF3 RIM G . 2.96 7.45 -11.69
CG1 RIM G . 4.62 8.72 -9.65
CG2 RIM G . 4.42 7.78 -11.95
CG3 RIM G . 2.39 8.44 -10.68
HA1 RIM G . 5.57 4.02 -8.75
HA2 RIM G . 4.38 3.26 -7.72
HA3 RIM G . 4.74 4.96 -7.52
HB RIM G . 3.59 3.81 -10.06
HNC1 RIM G . 1.39 4.57 -9.08
HNC2 RIM G . 2.15 4.08 -7.65
HE11 RIM G . 3.61 6.92 -7.86
HE12 RIM G . 2.03 6.73 -8.61
HE21 RIM G . 5.56 5.60 -10.75
HE22 RIM G . 5.70 6.30 -9.15
HE31 RIM G . 1.83 5.79 -10.92
HE32 RIM G . 3.29 5.34 -11.82
HF1 RIM G . 2.76 9.08 -8.68
HF2 RIM G . 6.25 7.98 -10.86
HF3 RIM G . 2.40 7.49 -12.60
HG11 RIM G . 4.69 9.71 -10.08
HG12 RIM G . 5.19 8.65 -8.72
HG21 RIM G . 4.48 8.79 -12.35
HG22 RIM G . 4.82 7.05 -12.64
HG31 RIM G . 2.47 9.44 -11.10
HG32 RIM G . 1.35 8.18 -10.49
CA RIM H . 8.68 -5.77 0.73
CB RIM H . 9.26 -5.20 -0.58
NC RIM H . 9.21 -3.71 -0.51
CD RIM H . 10.72 -5.65 -0.81
CE1 RIM H . 10.74 -7.05 -1.45
CE2 RIM H . 11.39 -4.65 -1.78
CE3 RIM H . 11.53 -5.70 0.50
CF1 RIM H . 12.18 -7.48 -1.73
CF2 RIM H . 12.83 -5.10 -2.06
CF3 RIM H . 12.97 -6.11 0.21
CG1 RIM H . 12.83 -6.48 -2.69
CG2 RIM H . 13.61 -5.12 -0.76
CG3 RIM H . 12.97 -7.50 -0.42
HA1 RIM H . 8.85 -6.83 0.77
HA2 RIM H . 7.62 -5.59 0.75
HA3 RIM H . 9.14 -5.28 1.57
HB RIM H . 8.65 -5.53 -1.41
HNC1 RIM H . 9.56 -3.17 -1.25
HNC2 RIM H . 8.87 -3.27 0.30
HE11 RIM H . 10.18 -7.02 -2.38
HE12 RIM H . 10.27 -7.76 -0.78
HE21 RIM H . 11.42 -3.67 -1.34
HE22 RIM H . 10.84 -4.62 -2.71
HE31 RIM H . 11.10 -6.42 1.17
HE32 RIM H . 11.52 -4.72 0.96
HF1 RIM H . 12.19 -8.46 -2.17
HF2 RIM H . 13.29 -4.40 -2.75
HF3 RIM H . 13.54 -6.14 1.13
HG11 RIM H . 13.85 -6.80 -2.88
HG12 RIM H . 12.25 -6.46 -3.61
HG21 RIM H . 14.63 -5.44 -0.96
HG22 RIM H . 13.59 -4.13 -0.31
HG31 RIM H . 13.99 -7.80 -0.64
HG32 RIM H . 12.49 -8.20 0.26
N SER A 6 7.60 15.25 26.90
CA SER A 6 8.09 14.45 25.75
C SER A 6 7.12 14.57 24.58
N ASP A 7 5.93 15.04 24.83
CA ASP A 7 4.93 15.19 23.75
C ASP A 7 4.80 13.86 23.00
N PRO A 8 4.32 12.84 23.66
CA PRO A 8 4.14 11.49 23.07
C PRO A 8 3.52 11.56 21.67
N LEU A 9 3.00 12.70 21.29
CA LEU A 9 2.38 12.81 19.94
C LEU A 9 3.35 12.23 18.91
N VAL A 10 4.60 12.55 19.03
CA VAL A 10 5.60 12.00 18.06
C VAL A 10 5.72 10.50 18.28
N VAL A 11 5.85 10.08 19.51
CA VAL A 11 5.96 8.62 19.79
C VAL A 11 4.86 7.88 19.04
N ALA A 12 3.65 8.35 19.13
CA ALA A 12 2.53 7.69 18.41
C ALA A 12 2.75 7.81 16.90
N ALA A 13 3.33 8.89 16.46
CA ALA A 13 3.57 9.07 15.00
C ALA A 13 4.61 8.05 14.52
N SER A 14 5.77 8.05 15.10
CA SER A 14 6.83 7.10 14.68
C SER A 14 6.28 5.67 14.75
N ILE A 15 5.47 5.38 15.74
CA ILE A 15 4.90 4.01 15.85
C ILE A 15 3.87 3.80 14.74
N ILE A 16 3.06 4.80 14.47
CA ILE A 16 2.05 4.64 13.39
C ILE A 16 2.78 4.26 12.10
N GLY A 17 3.97 4.76 11.90
CA GLY A 17 4.73 4.42 10.68
C GLY A 17 5.23 2.98 10.78
N ILE A 18 5.77 2.61 11.92
CA ILE A 18 6.26 1.22 12.09
C ILE A 18 5.09 0.26 11.91
N LEU A 19 3.90 0.74 12.13
CA LEU A 19 2.70 -0.12 11.98
C LEU A 19 2.39 -0.31 10.49
N HIS A 20 1.93 0.73 9.83
CA HIS A 20 1.63 0.61 8.38
C HIS A 20 2.81 -0.07 7.67
N LEU A 21 4.00 0.15 8.12
CA LEU A 21 5.19 -0.46 7.47
C LEU A 21 5.14 -1.98 7.67
N ILE A 22 5.34 -2.43 8.88
CA ILE A 22 5.32 -3.90 9.13
C ILE A 22 4.08 -4.52 8.48
N LEU A 23 3.03 -3.76 8.34
CA LEU A 23 1.79 -4.30 7.72
C LEU A 23 2.03 -4.57 6.23
N TRP A 24 2.38 -3.57 5.48
CA TRP A 24 2.61 -3.79 4.01
C TRP A 24 3.62 -4.93 3.81
N ILE A 25 4.70 -4.92 4.54
CA ILE A 25 5.70 -6.02 4.39
C ILE A 25 5.03 -7.35 4.76
N LEU A 26 4.43 -7.41 5.92
CA LEU A 26 3.75 -8.65 6.36
C LEU A 26 2.80 -9.13 5.26
N ASP A 27 2.13 -8.22 4.60
CA ASP A 27 1.19 -8.62 3.52
C ASP A 27 1.99 -9.09 2.31
N ARG A 28 3.21 -8.63 2.16
CA ARG A 28 4.03 -9.05 1.00
C ARG A 28 4.59 -10.45 1.22
N LEU A 29 4.72 -10.89 2.45
CA LEU A 29 5.25 -12.26 2.69
C LEU A 29 4.12 -13.27 2.49
N PHE A 30 2.90 -12.81 2.44
CA PHE A 30 1.76 -13.75 2.24
C PHE A 30 1.72 -14.21 0.78
N PHE A 31 2.86 -14.28 0.14
CA PHE A 31 2.87 -14.72 -1.29
C PHE A 31 2.88 -16.25 -1.33
N LYS A 32 1.75 -16.86 -1.11
CA LYS A 32 1.69 -18.36 -1.14
C LYS A 32 1.47 -18.82 -2.58
N SER A 33 0.50 -19.66 -2.80
CA SER A 33 0.24 -20.16 -4.18
C SER A 33 -0.83 -19.28 -4.85
N ILE A 34 -1.02 -19.43 -6.14
CA ILE A 34 -2.03 -18.61 -6.85
C ILE A 34 -3.26 -19.48 -7.16
N TYR A 35 -3.09 -20.77 -7.20
CA TYR A 35 -4.24 -21.67 -7.49
C TYR A 35 -5.32 -21.48 -6.42
N ARG A 36 -4.96 -20.98 -5.27
CA ARG A 36 -5.97 -20.79 -4.20
C ARG A 36 -6.92 -19.65 -4.61
N PHE A 37 -6.39 -18.58 -5.13
CA PHE A 37 -7.25 -17.45 -5.56
C PHE A 37 -8.14 -17.89 -6.71
N PHE A 38 -7.64 -18.72 -7.58
CA PHE A 38 -8.46 -19.19 -8.73
C PHE A 38 -9.54 -20.14 -8.22
N GLU A 39 -9.14 -21.23 -7.63
CA GLU A 39 -10.15 -22.21 -7.11
C GLU A 39 -11.20 -21.47 -6.28
N HIS A 40 -10.82 -20.38 -5.67
CA HIS A 40 -11.81 -19.62 -4.84
C HIS A 40 -12.82 -18.93 -5.75
N GLY A 41 -12.35 -18.17 -6.71
CA GLY A 41 -13.29 -17.47 -7.63
C GLY A 41 -14.20 -18.49 -8.31
N LEU A 42 -13.63 -19.41 -9.05
CA LEU A 42 -14.48 -20.42 -9.74
C LEU A 42 -14.93 -21.48 -8.74
N LYS A 43 -15.96 -21.21 -8.00
CA LYS A 43 -16.46 -22.20 -7.00
C LYS A 43 -17.20 -23.33 -7.73
N SER B 6 4.84 20.13 19.17
CA SER B 6 3.71 20.75 19.93
C SER B 6 2.76 21.44 18.94
N ASP B 7 3.29 21.98 17.88
CA ASP B 7 2.42 22.67 16.88
C ASP B 7 1.51 21.64 16.21
N PRO B 8 0.45 22.09 15.60
CA PRO B 8 -0.52 21.19 14.90
C PRO B 8 0.12 20.47 13.71
N LEU B 9 1.19 21.00 13.19
CA LEU B 9 1.85 20.33 12.04
C LEU B 9 1.98 18.84 12.33
N VAL B 10 2.37 18.49 13.52
CA VAL B 10 2.49 17.06 13.88
C VAL B 10 1.09 16.45 13.96
N VAL B 11 0.17 17.14 14.58
CA VAL B 11 -1.22 16.59 14.68
C VAL B 11 -1.67 16.12 13.29
N ALA B 12 -1.46 16.93 12.29
CA ALA B 12 -1.87 16.53 10.92
C ALA B 12 -1.03 15.34 10.47
N ALA B 13 0.23 15.33 10.81
CA ALA B 13 1.10 14.19 10.41
C ALA B 13 0.58 12.89 11.04
N SER B 14 0.47 12.84 12.34
CA SER B 14 -0.02 11.59 13.00
C SER B 14 -1.37 11.18 12.40
N ILE B 15 -2.19 12.13 12.07
CA ILE B 15 -3.52 11.78 11.47
C ILE B 15 -3.31 11.26 10.04
N ILE B 16 -2.40 11.84 9.31
CA ILE B 16 -2.15 11.36 7.92
C ILE B 16 -1.79 9.87 7.97
N GLY B 17 -1.07 9.48 8.98
CA GLY B 17 -0.70 8.03 9.11
C GLY B 17 -1.94 7.22 9.44
N ILE B 18 -2.72 7.68 10.38
CA ILE B 18 -3.97 6.94 10.74
C ILE B 18 -4.86 6.85 9.51
N LEU B 19 -4.72 7.77 8.60
CA LEU B 19 -5.54 7.75 7.37
C LEU B 19 -5.01 6.67 6.43
N HIS B 20 -3.83 6.87 5.89
CA HIS B 20 -3.23 5.86 4.98
C HIS B 20 -3.46 4.45 5.53
N LEU B 21 -3.28 4.25 6.81
CA LEU B 21 -3.49 2.90 7.38
C LEU B 21 -4.96 2.50 7.23
N ILE B 22 -5.84 3.20 7.88
CA ILE B 22 -7.30 2.85 7.77
C ILE B 22 -7.67 2.66 6.31
N LEU B 23 -6.99 3.34 5.41
CA LEU B 23 -7.31 3.19 3.97
C LEU B 23 -6.75 1.86 3.45
N TRP B 24 -5.46 1.66 3.57
CA TRP B 24 -4.85 0.38 3.09
C TRP B 24 -5.71 -0.80 3.55
N ILE B 25 -5.95 -0.91 4.83
CA ILE B 25 -6.77 -2.04 5.32
C ILE B 25 -8.15 -2.00 4.64
N LEU B 26 -8.87 -0.92 4.83
CA LEU B 26 -10.22 -0.79 4.22
C LEU B 26 -10.21 -1.30 2.79
N ASP B 27 -9.16 -1.05 2.05
CA ASP B 27 -9.11 -1.53 0.64
C ASP B 27 -8.88 -3.04 0.62
N ARG B 28 -8.20 -3.56 1.61
CA ARG B 28 -7.93 -5.03 1.63
C ARG B 28 -9.14 -5.78 2.16
N LEU B 29 -10.10 -5.11 2.77
CA LEU B 29 -11.30 -5.84 3.29
C LEU B 29 -12.33 -5.95 2.17
N PHE B 30 -12.41 -4.96 1.32
CA PHE B 30 -13.40 -5.00 0.21
C PHE B 30 -13.08 -6.19 -0.72
N PHE B 31 -11.88 -6.67 -0.67
CA PHE B 31 -11.51 -7.82 -1.55
C PHE B 31 -12.00 -9.13 -0.91
N LYS B 32 -12.70 -9.93 -1.66
CA LYS B 32 -13.21 -11.21 -1.09
C LYS B 32 -13.72 -12.12 -2.22
N SER B 33 -14.62 -11.62 -3.03
CA SER B 33 -15.15 -12.44 -4.15
C SER B 33 -14.34 -12.16 -5.42
N ILE B 34 -14.03 -13.18 -6.17
CA ILE B 34 -13.25 -12.99 -7.43
C ILE B 34 -14.13 -13.25 -8.64
N TYR B 35 -15.13 -14.08 -8.50
CA TYR B 35 -16.02 -14.38 -9.66
C TYR B 35 -16.57 -13.08 -10.27
N ARG B 36 -16.80 -12.07 -9.47
CA ARG B 36 -17.33 -10.80 -10.01
C ARG B 36 -16.27 -10.14 -10.91
N PHE B 37 -15.03 -10.20 -10.51
CA PHE B 37 -13.96 -9.58 -11.33
C PHE B 37 -13.83 -10.34 -12.66
N PHE B 38 -14.05 -11.63 -12.63
CA PHE B 38 -13.94 -12.42 -13.89
C PHE B 38 -15.07 -12.02 -14.84
N GLU B 39 -16.29 -12.05 -14.37
CA GLU B 39 -17.44 -11.68 -15.25
C GLU B 39 -17.29 -10.23 -15.71
N HIS B 40 -16.67 -9.40 -14.91
CA HIS B 40 -16.49 -7.97 -15.31
C HIS B 40 -15.50 -7.89 -16.48
N GLY B 41 -14.32 -8.39 -16.30
CA GLY B 41 -13.31 -8.33 -17.41
C GLY B 41 -13.88 -8.99 -18.66
N LEU B 42 -14.24 -10.24 -18.58
CA LEU B 42 -14.81 -10.94 -19.76
C LEU B 42 -16.20 -10.38 -20.07
N LYS B 43 -16.57 -10.35 -21.32
CA LYS B 43 -17.92 -9.81 -21.68
C LYS B 43 -19.00 -10.60 -20.94
N SER C 6 14.09 27.12 12.80
CA SER C 6 13.90 26.35 11.54
C SER C 6 13.82 24.86 11.86
N ASP C 7 12.90 24.16 11.26
CA ASP C 7 12.78 22.69 11.54
C ASP C 7 11.88 22.06 10.49
N PRO C 8 12.17 22.29 9.24
CA PRO C 8 11.38 21.72 8.11
C PRO C 8 11.35 20.18 8.14
N LEU C 9 12.14 19.59 8.99
CA LEU C 9 12.15 18.10 9.07
C LEU C 9 10.71 17.60 9.14
N VAL C 10 9.91 18.20 9.97
CA VAL C 10 8.49 17.76 10.08
C VAL C 10 7.78 18.14 8.78
N VAL C 11 7.97 19.34 8.31
CA VAL C 11 7.30 19.76 7.04
C VAL C 11 7.51 18.68 5.98
N ALA C 12 8.74 18.26 5.79
CA ALA C 12 9.02 17.21 4.77
C ALA C 12 8.31 15.91 5.18
N ALA C 13 8.22 15.66 6.45
CA ALA C 13 7.55 14.42 6.92
C ALA C 13 6.07 14.47 6.56
N SER C 14 5.37 15.48 6.99
CA SER C 14 3.92 15.58 6.67
C SER C 14 3.72 15.49 5.15
N ILE C 15 4.61 16.05 4.38
CA ILE C 15 4.46 15.99 2.91
C ILE C 15 4.75 14.56 2.42
N ILE C 16 5.75 13.92 2.97
CA ILE C 16 6.07 12.53 2.54
C ILE C 16 4.81 11.66 2.70
N GLY C 17 4.05 11.92 3.74
CA GLY C 17 2.81 11.12 3.96
C GLY C 17 1.74 11.52 2.95
N ILE C 18 1.59 12.80 2.71
CA ILE C 18 0.56 13.25 1.74
C ILE C 18 0.83 12.62 0.38
N LEU C 19 2.08 12.48 0.01
CA LEU C 19 2.41 11.88 -1.31
C LEU C 19 2.06 10.39 -1.28
N HIS C 20 2.68 9.64 -0.41
CA HIS C 20 2.39 8.18 -0.33
C HIS C 20 0.87 7.94 -0.40
N LEU C 21 0.09 8.77 0.24
CA LEU C 21 -1.39 8.55 0.20
C LEU C 21 -1.92 8.84 -1.21
N ILE C 22 -1.85 10.07 -1.63
CA ILE C 22 -2.36 10.42 -3.00
C ILE C 22 -1.82 9.40 -4.00
N LEU C 23 -0.68 8.82 -3.72
CA LEU C 23 -0.10 7.82 -4.65
C LEU C 23 -0.87 6.50 -4.56
N TRP C 24 -1.04 5.98 -3.38
CA TRP C 24 -1.79 4.70 -3.23
C TRP C 24 -3.20 4.86 -3.80
N ILE C 25 -3.87 5.94 -3.47
CA ILE C 25 -5.23 6.16 -4.00
C ILE C 25 -5.17 6.31 -5.52
N LEU C 26 -4.15 7.00 -6.01
CA LEU C 26 -4.02 7.20 -7.49
C LEU C 26 -3.87 5.85 -8.18
N ASP C 27 -3.28 4.89 -7.52
CA ASP C 27 -3.11 3.55 -8.15
C ASP C 27 -4.40 2.74 -7.99
N ARG C 28 -5.17 3.03 -6.99
CA ARG C 28 -6.43 2.26 -6.76
C ARG C 28 -7.54 2.72 -7.70
N LEU C 29 -7.51 3.95 -8.16
CA LEU C 29 -8.61 4.39 -9.09
C LEU C 29 -8.68 3.45 -10.28
N PHE C 30 -7.72 2.57 -10.43
CA PHE C 30 -7.75 1.62 -11.56
C PHE C 30 -8.86 0.59 -11.34
N PHE C 31 -10.09 1.03 -11.37
CA PHE C 31 -11.23 0.08 -11.14
C PHE C 31 -11.72 -0.46 -12.49
N LYS C 32 -12.30 -1.63 -12.49
CA LYS C 32 -12.80 -2.22 -13.76
C LYS C 32 -11.65 -2.36 -14.76
N SER C 33 -11.93 -2.28 -16.03
CA SER C 33 -10.85 -2.42 -17.04
C SER C 33 -9.97 -3.62 -16.69
N ILE C 34 -10.56 -4.80 -16.65
CA ILE C 34 -9.76 -6.01 -16.33
C ILE C 34 -9.47 -6.79 -17.62
N TYR C 35 -10.35 -6.71 -18.57
CA TYR C 35 -10.14 -7.44 -19.85
C TYR C 35 -8.79 -7.05 -20.47
N ARG C 36 -8.38 -5.82 -20.30
CA ARG C 36 -7.07 -5.40 -20.88
C ARG C 36 -5.93 -6.11 -20.16
N PHE C 37 -6.06 -6.32 -18.88
CA PHE C 37 -4.99 -7.03 -18.12
C PHE C 37 -4.95 -8.48 -18.57
N PHE C 38 -6.08 -9.03 -18.92
CA PHE C 38 -6.13 -10.46 -19.36
C PHE C 38 -5.43 -10.57 -20.72
N GLU C 39 -5.73 -9.70 -21.63
CA GLU C 39 -5.09 -9.76 -22.98
C GLU C 39 -3.61 -9.46 -22.83
N HIS C 40 -3.23 -8.71 -21.83
CA HIS C 40 -1.79 -8.38 -21.63
C HIS C 40 -1.06 -9.64 -21.15
N GLY C 41 -1.63 -10.35 -20.23
CA GLY C 41 -0.96 -11.59 -19.72
C GLY C 41 -0.85 -12.60 -20.87
N LEU C 42 -1.96 -13.05 -21.38
CA LEU C 42 -1.91 -14.04 -22.51
C LEU C 42 -1.66 -13.29 -23.82
N LYS C 43 -0.42 -13.12 -24.19
CA LYS C 43 -0.12 -12.41 -25.46
C LYS C 43 -0.42 -13.32 -26.65
N SER D 6 19.37 16.80 21.61
CA SER D 6 18.59 16.64 20.35
C SER D 6 17.44 15.66 20.57
N ASP D 7 16.78 15.26 19.52
CA ASP D 7 15.65 14.30 19.67
C ASP D 7 15.48 13.52 18.37
N PRO D 8 16.44 12.71 18.03
CA PRO D 8 16.41 11.88 16.79
C PRO D 8 15.05 11.21 16.57
N LEU D 9 14.20 11.22 17.58
CA LEU D 9 12.88 10.58 17.43
C LEU D 9 12.24 11.02 16.11
N VAL D 10 12.31 12.29 15.81
CA VAL D 10 11.71 12.78 14.53
C VAL D 10 12.55 12.24 13.37
N VAL D 11 13.84 12.31 13.47
CA VAL D 11 14.72 11.79 12.38
C VAL D 11 14.24 10.39 11.99
N ALA D 12 14.05 9.53 12.96
CA ALA D 12 13.59 8.15 12.66
C ALA D 12 12.18 8.20 12.07
N ALA D 13 11.38 9.14 12.51
CA ALA D 13 9.99 9.25 11.98
C ALA D 13 10.04 9.63 10.50
N SER D 14 10.67 10.73 10.17
CA SER D 14 10.74 11.16 8.75
C SER D 14 11.37 10.05 7.91
N ILE D 15 12.35 9.36 8.45
CA ILE D 15 12.99 8.27 7.66
C ILE D 15 12.03 7.09 7.52
N ILE D 16 11.35 6.73 8.57
CA ILE D 16 10.40 5.59 8.47
C ILE D 16 9.40 5.89 7.35
N GLY D 17 9.04 7.13 7.19
CA GLY D 17 8.08 7.50 6.11
C GLY D 17 8.79 7.40 4.76
N ILE D 18 9.99 7.89 4.68
CA ILE D 18 10.74 7.81 3.40
C ILE D 18 10.96 6.35 3.03
N LEU D 19 10.98 5.49 4.03
CA LEU D 19 11.19 4.04 3.75
C LEU D 19 9.93 3.48 3.10
N HIS D 20 8.84 3.42 3.83
CA HIS D 20 7.58 2.87 3.26
C HIS D 20 7.34 3.46 1.86
N LEU D 21 7.48 4.74 1.71
CA LEU D 21 7.26 5.36 0.37
C LEU D 21 8.20 4.72 -0.66
N ILE D 22 9.49 4.87 -0.49
CA ILE D 22 10.44 4.27 -1.46
C ILE D 22 10.10 2.79 -1.67
N LEU D 23 9.66 2.12 -0.63
CA LEU D 23 9.32 0.67 -0.77
C LEU D 23 8.15 0.51 -1.73
N TRP D 24 7.04 1.14 -1.45
CA TRP D 24 5.85 1.01 -2.35
C TRP D 24 6.29 1.19 -3.80
N ILE D 25 7.09 2.18 -4.07
CA ILE D 25 7.57 2.41 -5.47
C ILE D 25 8.51 1.27 -5.85
N LEU D 26 9.26 0.78 -4.90
CA LEU D 26 10.22 -0.33 -5.17
C LEU D 26 9.45 -1.55 -5.68
N ASP D 27 8.34 -1.86 -5.08
CA ASP D 27 7.56 -3.06 -5.54
C ASP D 27 6.72 -2.68 -6.76
N ARG D 28 6.44 -1.43 -6.95
CA ARG D 28 5.61 -1.00 -8.12
C ARG D 28 6.50 -0.64 -9.31
N LEU D 29 7.81 -0.72 -9.16
CA LEU D 29 8.75 -0.36 -10.29
C LEU D 29 8.11 -0.68 -11.64
N PHE D 30 7.35 -1.74 -11.73
CA PHE D 30 6.70 -2.09 -13.03
C PHE D 30 5.91 -3.39 -12.87
N PHE D 31 5.65 -3.79 -11.66
CA PHE D 31 4.88 -5.05 -11.45
C PHE D 31 3.62 -5.01 -12.31
N LYS D 32 3.63 -5.71 -13.41
CA LYS D 32 2.42 -5.72 -14.30
C LYS D 32 2.36 -7.05 -15.06
N SER D 33 3.48 -7.65 -15.33
CA SER D 33 3.48 -8.94 -16.07
C SER D 33 2.52 -9.92 -15.39
N ILE D 34 1.53 -10.37 -16.11
CA ILE D 34 0.54 -11.33 -15.50
C ILE D 34 0.86 -12.75 -15.95
N TYR D 35 1.44 -12.91 -17.11
CA TYR D 35 1.77 -14.27 -17.61
C TYR D 35 2.61 -15.01 -16.56
N ARG D 36 3.46 -14.30 -15.86
CA ARG D 36 4.31 -14.97 -14.83
C ARG D 36 3.42 -15.55 -13.73
N PHE D 37 2.39 -14.85 -13.35
CA PHE D 37 1.49 -15.36 -12.29
C PHE D 37 0.73 -16.58 -12.80
N PHE D 38 0.35 -16.58 -14.05
CA PHE D 38 -0.39 -17.74 -14.60
C PHE D 38 0.52 -18.97 -14.60
N GLU D 39 1.59 -18.94 -15.36
CA GLU D 39 2.51 -20.11 -15.39
C GLU D 39 2.89 -20.50 -13.96
N HIS D 40 2.95 -19.55 -13.06
CA HIS D 40 3.32 -19.88 -11.65
C HIS D 40 2.19 -20.68 -11.01
N GLY D 41 0.98 -20.17 -11.04
CA GLY D 41 -0.17 -20.89 -10.43
C GLY D 41 -0.30 -22.27 -11.09
N LEU D 42 -0.58 -22.29 -12.36
CA LEU D 42 -0.73 -23.59 -13.06
C LEU D 42 0.53 -24.44 -12.83
N LYS D 43 0.43 -25.48 -12.07
CA LYS D 43 1.62 -26.34 -11.82
C LYS D 43 1.17 -27.74 -11.37
CA RIM E . -4.59 -5.53 5.34
CB RIM E . -4.36 -6.99 4.88
NC RIM E . -3.16 -7.02 4.00
CD RIM E . -4.15 -7.95 6.08
CE1 RIM E . -5.09 -7.60 7.25
CE2 RIM E . -4.45 -9.37 5.60
CE3 RIM E . -2.68 -7.89 6.56
CF1 RIM E . -4.88 -8.60 8.38
CF2 RIM E . -4.24 -10.36 6.74
CF3 RIM E . -2.50 -8.88 7.71
CG1 RIM E . -5.18 -10.01 7.88
CG2 RIM E . -2.80 -10.29 7.22
CG3 RIM E . -3.44 -8.53 8.86
HA1 RIM E . -5.58 -5.45 5.78
HA2 RIM E . -4.52 -4.88 4.48
HA3 RIM E . -3.85 -5.25 6.06
HB RIM E . -5.22 -7.31 4.31
HNC1 RIM E . -2.84 -6.20 3.58
HNC2 RIM E . -2.65 -7.86 3.91
HE11 RIM E . -6.11 -7.62 6.91
HE12 RIM E . -4.86 -6.61 7.63
HE21 RIM E . -3.79 -9.61 4.78
HE22 RIM E . -5.48 -9.42 5.26
HE31 RIM E . -2.45 -6.89 6.91
HE32 RIM E . -2.02 -8.15 5.75
HF1 RIM E . -5.54 -8.37 9.20
HF2 RIM E . -4.45 -11.36 6.39
HF3 RIM E . -1.47 -8.83 8.06
HG11 RIM E . -5.03 -10.71 8.70
HG12 RIM E . -6.20 -10.05 7.53
HG21 RIM E . -2.67 -10.98 8.04
HG22 RIM E . -2.14 -10.52 6.39
HG31 RIM E . -3.29 -9.25 9.66
HG32 RIM E . -3.22 -7.52 9.19
CA RIM F . -8.49 4.03 -2.65
CB RIM F . -9.54 2.91 -2.66
NC RIM F . -9.03 1.78 -1.84
CD RIM F . -10.90 3.38 -2.09
CE1 RIM F . -11.98 2.42 -2.60
CE2 RIM F . -10.89 3.36 -0.56
CE3 RIM F . -11.24 4.81 -2.57
CF1 RIM F . -13.35 2.83 -2.07
CF2 RIM F . -12.26 3.78 -0.03
CF3 RIM F . -12.61 5.21 -2.04
CG1 RIM F . -13.33 2.81 -0.54
CG2 RIM F . -12.59 5.18 -0.52
CG3 RIM F . -13.67 4.23 -2.55
HA1 RIM F . -8.48 4.53 -1.69
HA2 RIM F . -8.72 4.75 -3.43
HA3 RIM F . -7.52 3.61 -2.84
HB RIM F . -9.68 2.57 -3.68
HNC1 RIM F . -9.60 1.00 -1.68
HNC2 RIM F . -8.11 1.79 -1.49
HE11 RIM F . -11.76 1.42 -2.26
HE12 RIM F . -12.00 2.43 -3.68
HE21 RIM F . -10.14 4.03 -0.19
HE22 RIM F . -10.67 2.35 -0.22
HE31 RIM F . -11.24 4.84 -3.65
HE32 RIM F . -10.51 5.51 -2.20
HF1 RIM F . -14.11 2.14 -2.42
HF2 RIM F . -12.25 3.76 1.05
HF3 RIM F . -12.86 6.20 -2.38
HG11 RIM F . -14.30 3.13 -0.16
HG12 RIM F . -13.08 1.81 -0.20
HG21 RIM F . -13.57 5.47 -0.15
HG22 RIM F . -11.83 5.87 -0.17
HG31 RIM F . -14.65 4.53 -2.16
HG32 RIM F . -13.66 4.25 -3.63
CA RIM G . 4.34 3.48 -7.96
CB RIM G . 3.16 3.50 -8.95
NC RIM G . 1.88 3.61 -8.18
CD RIM G . 3.24 4.68 -9.95
CE1 RIM G . 2.73 5.98 -9.31
CE2 RIM G . 4.69 4.89 -10.44
CE3 RIM G . 2.36 4.34 -11.16
CF1 RIM G . 2.79 7.12 -10.34
CF2 RIM G . 4.74 6.02 -11.47
CF3 RIM G . 2.41 5.48 -12.18
CG1 RIM G . 4.23 7.30 -10.81
CG2 RIM G . 3.85 5.67 -12.65
CG3 RIM G . 1.91 6.77 -11.53
HA1 RIM G . 5.23 3.15 -8.48
HA2 RIM G . 4.11 2.81 -7.16
HA3 RIM G . 4.49 4.47 -7.57
HB RIM G . 3.15 2.57 -9.50
HNC1 RIM G . 1.06 3.91 -8.63
HNC2 RIM G . 1.85 3.33 -7.25
HE11 RIM G . 3.35 6.24 -8.47
HE12 RIM G . 1.71 5.85 -8.99
HE21 RIM G . 5.07 3.98 -10.89
HE22 RIM G . 5.32 5.16 -9.60
HE31 RIM G . 1.35 4.21 -10.83
HE32 RIM G . 2.71 3.43 -11.62
HF1 RIM G . 2.43 8.04 -9.89
HF2 RIM G . 5.75 6.17 -11.80
HF3 RIM G . 1.78 5.23 -13.03
HG11 RIM G . 4.25 8.11 -11.55
HG12 RIM G . 4.86 7.53 -9.95
HG21 RIM G . 3.87 6.48 -13.37
HG22 RIM G . 4.19 4.74 -13.09
HG31 RIM G . 1.96 7.57 -12.26
HG32 RIM G . 0.89 6.61 -11.18
CA RIM H . 7.91 -5.76 1.20
CB RIM H . 8.56 -5.49 -0.15
NC RIM H . 8.69 -4.02 -0.35
CD RIM H . 9.96 -6.16 -0.27
CE1 RIM H . 10.30 -6.27 -1.76
CE2 RIM H . 11.02 -5.29 0.43
CE3 RIM H . 9.96 -7.56 0.36
CF1 RIM H . 11.69 -6.91 -1.93
CF2 RIM H . 12.39 -5.94 0.26
CF3 RIM H . 11.34 -8.20 0.17
CG1 RIM H . 12.73 -6.05 -1.22
CG2 RIM H . 12.39 -7.34 0.88
CG3 RIM H . 11.67 -8.30 -1.30
HA1 RIM H . 7.05 -5.11 1.33
HA2 RIM H . 8.61 -5.58 2.00
HA3 RIM H . 7.56 -6.79 1.25
HB RIM H . 7.92 -5.89 -0.93
HNC1 RIM H . 8.13 -3.40 0.16
HNC2 RIM H . 9.33 -3.67 -1.01
HE11 RIM H . 10.31 -5.29 -2.20
HE12 RIM H . 9.57 -6.90 -2.26
HE21 RIM H . 10.80 -5.20 1.48
HE22 RIM H . 11.04 -4.31 -0.03
HE31 RIM H . 9.22 -8.18 -0.11
HE32 RIM H . 9.75 -7.50 1.41
HF1 RIM H . 11.92 -6.98 -2.97
HF2 RIM H . 13.14 -5.33 0.75
HF3 RIM H . 11.35 -9.19 0.62
HG11 RIM H . 13.71 -6.51 -1.34
HG12 RIM H . 12.72 -5.05 -1.66
HG21 RIM H . 13.37 -7.78 0.74
HG22 RIM H . 12.13 -7.25 1.93
HG31 RIM H . 12.66 -8.74 -1.42
HG32 RIM H . 10.91 -8.90 -1.79
N SER A 6 8.88 12.06 26.90
CA SER A 6 8.23 13.40 26.84
C SER A 6 7.76 13.68 25.41
N ASP A 7 6.63 14.32 25.28
CA ASP A 7 6.11 14.62 23.91
C ASP A 7 5.94 13.32 23.13
N PRO A 8 5.29 12.35 23.72
CA PRO A 8 5.05 11.03 23.08
C PRO A 8 4.35 11.16 21.72
N LEU A 9 3.80 12.30 21.43
CA LEU A 9 3.11 12.49 20.12
C LEU A 9 4.01 11.95 19.00
N VAL A 10 5.27 12.28 19.04
CA VAL A 10 6.20 11.78 18.00
C VAL A 10 6.35 10.26 18.16
N VAL A 11 6.53 9.79 19.36
CA VAL A 11 6.67 8.33 19.58
C VAL A 11 5.51 7.61 18.89
N ALA A 12 4.30 8.07 19.11
CA ALA A 12 3.13 7.41 18.46
C ALA A 12 3.23 7.58 16.95
N ALA A 13 3.78 8.67 16.49
CA ALA A 13 3.90 8.89 15.02
C ALA A 13 4.90 7.90 14.43
N SER A 14 6.10 7.88 14.95
CA SER A 14 7.12 6.93 14.42
C SER A 14 6.59 5.50 14.48
N ILE A 15 5.84 5.18 15.49
CA ILE A 15 5.29 3.80 15.61
C ILE A 15 4.18 3.61 14.59
N ILE A 16 3.31 4.58 14.44
CA ILE A 16 2.20 4.43 13.46
C ILE A 16 2.82 4.12 12.09
N GLY A 17 3.98 4.65 11.83
CA GLY A 17 4.63 4.38 10.52
C GLY A 17 5.23 2.97 10.51
N ILE A 18 5.91 2.60 11.57
CA ILE A 18 6.51 1.24 11.63
C ILE A 18 5.41 0.19 11.42
N LEU A 19 4.24 0.44 11.94
CA LEU A 19 3.13 -0.55 11.77
C LEU A 19 2.69 -0.56 10.31
N HIS A 20 2.25 0.57 9.81
CA HIS A 20 1.80 0.64 8.38
C HIS A 20 2.80 -0.11 7.48
N LEU A 21 4.07 0.10 7.68
CA LEU A 21 5.09 -0.58 6.82
C LEU A 21 5.00 -2.10 7.05
N ILE A 22 5.38 -2.55 8.21
CA ILE A 22 5.33 -4.01 8.50
C ILE A 22 3.99 -4.59 8.02
N LEU A 23 2.96 -3.80 8.02
CA LEU A 23 1.62 -4.29 7.57
C LEU A 23 1.65 -4.55 6.07
N TRP A 24 1.90 -3.53 5.29
CA TRP A 24 1.94 -3.71 3.81
C TRP A 24 2.74 -4.96 3.46
N ILE A 25 3.88 -5.15 4.07
CA ILE A 25 4.68 -6.37 3.77
C ILE A 25 3.99 -7.59 4.38
N LEU A 26 3.34 -7.43 5.49
CA LEU A 26 2.65 -8.58 6.13
C LEU A 26 1.58 -9.15 5.19
N ASP A 27 0.83 -8.29 4.56
CA ASP A 27 -0.25 -8.78 3.65
C ASP A 27 0.33 -9.12 2.28
N ARG A 28 1.47 -8.59 1.93
CA ARG A 28 2.04 -8.89 0.58
C ARG A 28 2.85 -10.18 0.58
N LEU A 29 3.25 -10.68 1.74
CA LEU A 29 4.07 -11.94 1.77
C LEU A 29 3.55 -12.94 0.72
N PHE A 30 2.27 -12.96 0.49
CA PHE A 30 1.71 -13.91 -0.51
C PHE A 30 2.43 -13.71 -1.86
N PHE A 31 2.97 -14.76 -2.42
CA PHE A 31 3.69 -14.62 -3.72
C PHE A 31 4.08 -16.01 -4.22
N LYS A 32 3.28 -17.00 -3.93
CA LYS A 32 3.61 -18.39 -4.39
C LYS A 32 2.32 -19.17 -4.65
N SER A 33 1.66 -19.60 -3.61
CA SER A 33 0.40 -20.37 -3.80
C SER A 33 -0.58 -19.55 -4.64
N ILE A 34 -0.49 -19.62 -5.93
CA ILE A 34 -1.41 -18.85 -6.80
C ILE A 34 -2.67 -19.68 -7.10
N TYR A 35 -2.58 -20.96 -6.97
CA TYR A 35 -3.76 -21.83 -7.24
C TYR A 35 -4.81 -21.63 -6.15
N ARG A 36 -4.43 -21.16 -5.00
CA ARG A 36 -5.41 -20.95 -3.91
C ARG A 36 -6.39 -19.84 -4.29
N PHE A 37 -5.91 -18.78 -4.89
CA PHE A 37 -6.82 -17.67 -5.27
C PHE A 37 -7.68 -18.11 -6.45
N PHE A 38 -7.13 -18.87 -7.36
CA PHE A 38 -7.93 -19.33 -8.53
C PHE A 38 -9.13 -20.14 -8.02
N GLU A 39 -8.89 -21.11 -7.17
CA GLU A 39 -10.03 -21.93 -6.65
C GLU A 39 -10.91 -21.06 -5.75
N HIS A 40 -10.36 -20.04 -5.17
CA HIS A 40 -11.17 -19.16 -4.28
C HIS A 40 -12.20 -18.42 -5.13
N GLY A 41 -11.80 -17.94 -6.28
CA GLY A 41 -12.75 -17.20 -7.16
C GLY A 41 -13.75 -18.19 -7.75
N LEU A 42 -13.29 -19.14 -8.53
CA LEU A 42 -14.21 -20.13 -9.13
C LEU A 42 -15.06 -20.77 -8.04
N LYS A 43 -16.17 -21.35 -8.40
CA LYS A 43 -17.04 -21.99 -7.38
C LYS A 43 -16.24 -23.02 -6.59
N SER B 6 2.95 26.59 20.45
CA SER B 6 2.26 25.38 19.91
C SER B 6 2.76 25.10 18.49
N ASP B 7 2.57 23.89 18.03
CA ASP B 7 3.04 23.55 16.65
C ASP B 7 2.23 22.37 16.11
N PRO B 8 0.95 22.55 15.91
CA PRO B 8 0.06 21.49 15.40
C PRO B 8 0.66 20.75 14.21
N LEU B 9 1.75 21.24 13.68
CA LEU B 9 2.39 20.56 12.52
C LEU B 9 2.50 19.06 12.80
N VAL B 10 2.96 18.70 13.96
CA VAL B 10 3.07 17.26 14.30
C VAL B 10 1.66 16.67 14.42
N VAL B 11 0.78 17.35 15.09
CA VAL B 11 -0.61 16.83 15.24
C VAL B 11 -1.13 16.42 13.87
N ALA B 12 -1.00 17.27 12.89
CA ALA B 12 -1.48 16.93 11.52
C ALA B 12 -0.67 15.75 10.97
N ALA B 13 0.59 15.67 11.31
CA ALA B 13 1.43 14.56 10.80
C ALA B 13 0.94 13.23 11.40
N SER B 14 0.89 13.14 12.70
CA SER B 14 0.44 11.88 13.35
C SER B 14 -0.97 11.53 12.85
N ILE B 15 -1.79 12.51 12.62
CA ILE B 15 -3.17 12.22 12.13
C ILE B 15 -3.09 11.76 10.67
N ILE B 16 -2.26 12.37 9.88
CA ILE B 16 -2.15 11.94 8.46
C ILE B 16 -1.79 10.47 8.42
N GLY B 17 -1.02 10.00 9.38
CA GLY B 17 -0.64 8.57 9.40
C GLY B 17 -1.83 7.74 9.88
N ILE B 18 -2.51 8.20 10.90
CA ILE B 18 -3.68 7.42 11.41
C ILE B 18 -4.71 7.26 10.29
N LEU B 19 -4.90 8.28 9.50
CA LEU B 19 -5.89 8.17 8.38
C LEU B 19 -5.38 7.14 7.37
N HIS B 20 -4.27 7.42 6.74
CA HIS B 20 -3.71 6.47 5.75
C HIS B 20 -3.77 5.04 6.30
N LEU B 21 -3.30 4.84 7.50
CA LEU B 21 -3.32 3.48 8.09
C LEU B 21 -4.75 2.94 8.10
N ILE B 22 -5.62 3.56 8.85
CA ILE B 22 -7.04 3.09 8.90
C ILE B 22 -7.55 2.83 7.48
N LEU B 23 -7.19 3.67 6.55
CA LEU B 23 -7.66 3.49 5.15
C LEU B 23 -7.16 2.15 4.61
N TRP B 24 -5.86 1.99 4.49
CA TRP B 24 -5.31 0.71 3.96
C TRP B 24 -6.03 -0.48 4.60
N ILE B 25 -6.16 -0.48 5.89
CA ILE B 25 -6.86 -1.61 6.56
C ILE B 25 -8.30 -1.67 6.06
N LEU B 26 -8.97 -0.55 6.05
CA LEU B 26 -10.39 -0.51 5.57
C LEU B 26 -10.50 -1.19 4.21
N ASP B 27 -9.55 -0.97 3.35
CA ASP B 27 -9.62 -1.58 1.98
C ASP B 27 -9.26 -3.07 2.07
N ARG B 28 -8.48 -3.46 3.04
CA ARG B 28 -8.08 -4.89 3.15
C ARG B 28 -9.26 -5.73 3.64
N LEU B 29 -10.16 -5.17 4.40
CA LEU B 29 -11.32 -5.97 4.88
C LEU B 29 -12.18 -6.38 3.69
N PHE B 30 -12.23 -5.56 2.67
CA PHE B 30 -13.06 -5.91 1.48
C PHE B 30 -12.31 -6.94 0.63
N PHE B 31 -11.73 -6.51 -0.47
CA PHE B 31 -10.99 -7.45 -1.34
C PHE B 31 -11.83 -8.70 -1.59
N LYS B 32 -11.20 -9.81 -1.88
CA LYS B 32 -11.96 -11.06 -2.15
C LYS B 32 -12.72 -10.92 -3.47
N SER B 33 -13.82 -11.64 -3.62
CA SER B 33 -14.59 -11.53 -4.89
C SER B 33 -13.64 -11.56 -6.09
N ILE B 34 -13.13 -12.70 -6.42
CA ILE B 34 -12.18 -12.79 -7.56
C ILE B 34 -12.95 -13.07 -8.86
N TYR B 35 -14.14 -13.59 -8.75
CA TYR B 35 -14.95 -13.88 -9.97
C TYR B 35 -15.50 -12.57 -10.55
N ARG B 36 -15.57 -11.55 -9.75
CA ARG B 36 -16.11 -10.25 -10.24
C ARG B 36 -15.11 -9.60 -11.20
N PHE B 37 -13.84 -9.62 -10.86
CA PHE B 37 -12.82 -8.99 -11.74
C PHE B 37 -12.67 -9.84 -13.01
N PHE B 38 -12.78 -11.13 -12.89
CA PHE B 38 -12.64 -12.00 -14.09
C PHE B 38 -13.76 -11.68 -15.08
N GLU B 39 -14.97 -11.56 -14.60
CA GLU B 39 -16.10 -11.26 -15.52
C GLU B 39 -16.00 -9.80 -15.99
N HIS B 40 -15.36 -8.96 -15.21
CA HIS B 40 -15.23 -7.54 -15.62
C HIS B 40 -14.35 -7.45 -16.88
N GLY B 41 -13.18 -8.03 -16.82
CA GLY B 41 -12.28 -8.00 -18.01
C GLY B 41 -12.94 -8.76 -19.16
N LEU B 42 -13.20 -10.03 -18.98
CA LEU B 42 -13.85 -10.82 -20.07
C LEU B 42 -15.15 -10.15 -20.48
N LYS B 43 -15.52 -10.27 -21.73
CA LYS B 43 -16.79 -9.63 -22.19
C LYS B 43 -16.65 -8.11 -22.15
N SER C 6 13.93 26.89 12.57
CA SER C 6 14.75 26.09 11.62
C SER C 6 14.59 24.60 11.96
N ASP C 7 13.74 23.91 11.26
CA ASP C 7 13.54 22.46 11.55
C ASP C 7 12.58 21.86 10.52
N PRO C 8 12.82 22.13 9.26
CA PRO C 8 11.97 21.62 8.16
C PRO C 8 11.84 20.09 8.17
N LEU C 9 12.65 19.42 8.95
CA LEU C 9 12.56 17.94 9.00
C LEU C 9 11.10 17.53 9.18
N VAL C 10 10.39 18.18 10.05
CA VAL C 10 8.96 17.83 10.25
C VAL C 10 8.17 18.23 8.99
N VAL C 11 8.41 19.41 8.49
CA VAL C 11 7.70 19.85 7.26
C VAL C 11 7.80 18.75 6.21
N ALA C 12 8.97 18.25 5.96
CA ALA C 12 9.13 17.17 4.95
C ALA C 12 8.40 15.91 5.43
N ALA C 13 8.34 15.71 6.72
CA ALA C 13 7.65 14.51 7.26
C ALA C 13 6.15 14.62 6.98
N SER C 14 5.52 15.67 7.45
CA SER C 14 4.06 15.82 7.21
C SER C 14 3.77 15.76 5.71
N ILE C 15 4.64 16.29 4.90
CA ILE C 15 4.40 16.25 3.43
C ILE C 15 4.59 14.82 2.92
N ILE C 16 5.56 14.11 3.43
CA ILE C 16 5.77 12.71 2.95
C ILE C 16 4.50 11.90 3.23
N GLY C 17 3.83 12.19 4.32
CA GLY C 17 2.58 11.45 4.63
C GLY C 17 1.50 11.88 3.64
N ILE C 18 1.41 13.15 3.37
CA ILE C 18 0.39 13.64 2.41
C ILE C 18 0.69 13.05 1.03
N LEU C 19 1.92 12.66 0.81
CA LEU C 19 2.28 12.08 -0.50
C LEU C 19 1.76 10.64 -0.58
N HIS C 20 2.34 9.74 0.17
CA HIS C 20 1.87 8.33 0.14
C HIS C 20 0.35 8.29 0.23
N LEU C 21 -0.24 9.17 0.98
CA LEU C 21 -1.73 9.18 1.11
C LEU C 21 -2.35 9.50 -0.25
N ILE C 22 -2.17 10.70 -0.74
CA ILE C 22 -2.75 11.07 -2.05
C ILE C 22 -2.43 9.99 -3.08
N LEU C 23 -1.32 9.31 -2.91
CA LEU C 23 -0.94 8.25 -3.88
C LEU C 23 -1.87 7.04 -3.73
N TRP C 24 -1.89 6.45 -2.57
CA TRP C 24 -2.77 5.25 -2.37
C TRP C 24 -4.19 5.56 -2.86
N ILE C 25 -4.73 6.68 -2.49
CA ILE C 25 -6.10 7.03 -2.94
C ILE C 25 -6.11 7.20 -4.45
N LEU C 26 -5.30 8.11 -4.95
CA LEU C 26 -5.25 8.34 -6.43
C LEU C 26 -5.18 6.99 -7.16
N ASP C 27 -4.23 6.16 -6.81
CA ASP C 27 -4.11 4.84 -7.48
C ASP C 27 -5.38 4.02 -7.26
N ARG C 28 -6.09 4.26 -6.19
CA ARG C 28 -7.33 3.46 -5.94
C ARG C 28 -8.49 3.98 -6.80
N LEU C 29 -8.42 5.20 -7.27
CA LEU C 29 -9.53 5.72 -8.11
C LEU C 29 -9.37 5.19 -9.54
N PHE C 30 -8.15 4.99 -9.97
CA PHE C 30 -7.93 4.47 -11.35
C PHE C 30 -7.83 2.94 -11.30
N PHE C 31 -7.01 2.37 -12.13
CA PHE C 31 -6.88 0.88 -12.14
C PHE C 31 -8.13 0.25 -12.76
N LYS C 32 -8.02 -0.24 -13.96
CA LYS C 32 -9.19 -0.86 -14.62
C LYS C 32 -8.73 -1.66 -15.84
N SER C 33 -9.57 -1.85 -16.82
CA SER C 33 -9.16 -2.61 -18.04
C SER C 33 -8.36 -3.86 -17.62
N ILE C 34 -9.03 -4.96 -17.43
CA ILE C 34 -8.30 -6.20 -17.03
C ILE C 34 -7.99 -7.03 -18.26
N TYR C 35 -8.68 -6.79 -19.35
CA TYR C 35 -8.42 -7.56 -20.59
C TYR C 35 -7.02 -7.21 -21.13
N ARG C 36 -6.50 -6.08 -20.76
CA ARG C 36 -5.15 -5.68 -21.26
C ARG C 36 -4.10 -6.60 -20.65
N PHE C 37 -4.19 -6.91 -19.39
CA PHE C 37 -3.19 -7.80 -18.76
C PHE C 37 -3.40 -9.22 -19.26
N PHE C 38 -4.63 -9.67 -19.31
CA PHE C 38 -4.89 -11.05 -19.81
C PHE C 38 -4.27 -11.20 -21.20
N GLU C 39 -4.52 -10.26 -22.06
CA GLU C 39 -3.93 -10.34 -23.43
C GLU C 39 -2.41 -10.19 -23.34
N HIS C 40 -1.93 -9.52 -22.33
CA HIS C 40 -0.47 -9.35 -22.17
C HIS C 40 0.16 -10.71 -21.87
N GLY C 41 -0.45 -11.47 -21.00
CA GLY C 41 0.09 -12.82 -20.68
C GLY C 41 0.03 -13.69 -21.93
N LEU C 42 -1.16 -13.95 -22.41
CA LEU C 42 -1.28 -14.80 -23.64
C LEU C 42 -0.67 -14.06 -24.83
N LYS C 43 0.51 -14.45 -25.23
CA LYS C 43 1.16 -13.76 -26.39
C LYS C 43 2.17 -14.71 -27.05
N SER D 6 20.59 14.44 17.08
CA SER D 6 19.72 15.43 17.79
C SER D 6 18.25 15.00 17.64
N ASP D 7 17.72 14.34 18.62
CA ASP D 7 16.30 13.90 18.53
C ASP D 7 16.08 13.13 17.23
N PRO D 8 16.89 12.13 16.98
CA PRO D 8 16.78 11.31 15.74
C PRO D 8 15.41 10.64 15.60
N LEU D 9 14.64 10.63 16.66
CA LEU D 9 13.29 10.01 16.58
C LEU D 9 12.57 10.50 15.32
N VAL D 10 12.65 11.78 15.06
CA VAL D 10 11.99 12.32 13.83
C VAL D 10 12.76 11.82 12.61
N VAL D 11 14.06 11.90 12.65
CA VAL D 11 14.87 11.44 11.49
C VAL D 11 14.38 10.05 11.08
N ALA D 12 14.22 9.16 12.02
CA ALA D 12 13.74 7.79 11.69
C ALA D 12 12.30 7.87 11.17
N ALA D 13 11.53 8.78 11.70
CA ALA D 13 10.12 8.91 11.25
C ALA D 13 10.09 9.33 9.78
N SER D 14 10.70 10.43 9.45
CA SER D 14 10.71 10.89 8.03
C SER D 14 11.27 9.79 7.12
N ILE D 15 12.23 9.06 7.59
CA ILE D 15 12.80 7.96 6.74
C ILE D 15 11.80 6.83 6.63
N ILE D 16 11.11 6.50 7.70
CA ILE D 16 10.10 5.40 7.62
C ILE D 16 9.08 5.76 6.55
N GLY D 17 8.76 7.01 6.43
CA GLY D 17 7.77 7.44 5.39
C GLY D 17 8.42 7.29 4.01
N ILE D 18 9.65 7.70 3.87
CA ILE D 18 10.33 7.58 2.55
C ILE D 18 10.42 6.10 2.19
N LEU D 19 10.38 5.24 3.16
CA LEU D 19 10.46 3.78 2.87
C LEU D 19 9.12 3.31 2.31
N HIS D 20 8.10 3.26 3.14
CA HIS D 20 6.77 2.81 2.66
C HIS D 20 6.43 3.49 1.34
N LEU D 21 6.83 4.73 1.18
CA LEU D 21 6.52 5.44 -0.10
C LEU D 21 7.26 4.78 -1.26
N ILE D 22 8.57 4.79 -1.22
CA ILE D 22 9.34 4.17 -2.33
C ILE D 22 8.89 2.71 -2.51
N LEU D 23 8.51 2.06 -1.43
CA LEU D 23 8.07 0.64 -1.53
C LEU D 23 6.74 0.57 -2.28
N TRP D 24 5.74 1.25 -1.78
CA TRP D 24 4.40 1.20 -2.45
C TRP D 24 4.56 1.40 -3.95
N ILE D 25 5.25 2.43 -4.36
CA ILE D 25 5.45 2.67 -5.82
C ILE D 25 6.18 1.46 -6.42
N LEU D 26 7.30 1.11 -5.86
CA LEU D 26 8.07 -0.06 -6.37
C LEU D 26 7.13 -1.24 -6.62
N ASP D 27 6.24 -1.50 -5.71
CA ASP D 27 5.30 -2.64 -5.90
C ASP D 27 4.33 -2.33 -7.03
N ARG D 28 4.05 -1.08 -7.27
CA ARG D 28 3.09 -0.72 -8.36
C ARG D 28 3.79 -0.77 -9.72
N LEU D 29 5.09 -0.72 -9.77
CA LEU D 29 5.78 -0.78 -11.09
C LEU D 29 5.87 -2.24 -11.54
N PHE D 30 6.02 -3.15 -10.62
CA PHE D 30 6.13 -4.59 -10.99
C PHE D 30 4.78 -5.06 -11.54
N PHE D 31 4.71 -5.41 -12.79
CA PHE D 31 3.43 -5.87 -13.38
C PHE D 31 3.70 -6.71 -14.63
N LYS D 32 2.76 -6.78 -15.53
CA LYS D 32 2.97 -7.59 -16.76
C LYS D 32 3.52 -8.97 -16.39
N SER D 33 4.24 -9.60 -17.28
CA SER D 33 4.80 -10.95 -16.97
C SER D 33 3.73 -11.81 -16.27
N ILE D 34 2.67 -12.12 -16.96
CA ILE D 34 1.60 -12.95 -16.33
C ILE D 34 1.90 -14.43 -16.58
N TYR D 35 2.64 -14.73 -17.61
CA TYR D 35 2.97 -16.14 -17.92
C TYR D 35 3.70 -16.78 -16.73
N ARG D 36 4.41 -15.99 -15.96
CA ARG D 36 5.14 -16.57 -14.79
C ARG D 36 4.14 -16.97 -13.71
N PHE D 37 3.17 -16.13 -13.44
CA PHE D 37 2.17 -16.46 -12.39
C PHE D 37 1.43 -17.74 -12.77
N PHE D 38 1.17 -17.93 -14.04
CA PHE D 38 0.47 -19.15 -14.49
C PHE D 38 1.37 -20.37 -14.30
N GLU D 39 2.43 -20.45 -15.05
CA GLU D 39 3.36 -21.61 -14.91
C GLU D 39 3.68 -21.84 -13.44
N HIS D 40 3.87 -20.79 -12.69
CA HIS D 40 4.19 -20.96 -11.24
C HIS D 40 2.98 -21.58 -10.53
N GLY D 41 1.82 -20.98 -10.67
CA GLY D 41 0.61 -21.54 -10.01
C GLY D 41 0.43 -23.00 -10.42
N LEU D 42 0.25 -23.24 -11.70
CA LEU D 42 0.06 -24.64 -12.16
C LEU D 42 1.28 -25.47 -11.77
N LYS D 43 1.08 -26.60 -11.16
CA LYS D 43 2.23 -27.45 -10.76
C LYS D 43 3.23 -26.60 -9.95
CA RIM E . -5.05 -5.53 6.68
CB RIM E . -4.16 -5.84 7.90
NC RIM E . -4.27 -4.72 8.87
CD RIM E . -4.56 -7.17 8.59
CE1 RIM E . -5.75 -6.94 9.53
CE2 RIM E . -4.92 -8.26 7.55
CE3 RIM E . -3.36 -7.65 9.42
CF1 RIM E . -6.10 -8.25 10.24
CF2 RIM E . -5.25 -9.56 8.29
CF3 RIM E . -3.70 -8.94 10.15
CG1 RIM E . -6.44 -9.31 9.20
CG2 RIM E . -4.06 -10.01 9.11
CG3 RIM E . -4.90 -8.71 11.05
HA1 RIM E . -6.09 -5.66 6.94
HA2 RIM E . -4.79 -6.20 5.87
HA3 RIM E . -4.88 -4.50 6.37
HB RIM E . -3.13 -5.91 7.57
HNC1 RIM E . -5.09 -4.19 8.92
HNC2 RIM E . -3.54 -4.56 9.52
HE11 RIM E . -6.61 -6.61 8.96
HE12 RIM E . -5.50 -6.20 10.27
HE21 RIM E . -4.08 -8.41 6.90
HE22 RIM E . -5.78 -7.95 6.99
HE31 RIM E . -3.10 -6.89 10.14
HE32 RIM E . -2.51 -7.81 8.76
HF1 RIM E . -6.94 -8.08 10.89
HF2 RIM E . -5.50 -10.32 7.56
HF3 RIM E . -2.86 -9.27 10.72
HG11 RIM E . -6.68 -10.25 9.72
HG12 RIM E . -7.29 -8.97 8.61
HG21 RIM E . -4.32 -10.93 9.63
HG22 RIM E . -3.20 -10.15 8.45
HG31 RIM E . -5.15 -9.65 11.55
HG32 RIM E . -4.65 -7.94 11.78
CA RIM F . -8.68 4.90 -1.27
CB RIM F . -9.52 3.70 -0.83
NC RIM F . -9.02 3.21 0.48
CD RIM F . -11.02 4.06 -0.70
CE1 RIM F . -11.48 5.01 -1.84
CE2 RIM F . -11.83 2.76 -0.78
CE3 RIM F . -11.31 4.74 0.66
CF1 RIM F . -12.98 5.28 -1.69
CF2 RIM F . -13.32 3.05 -0.64
CF3 RIM F . -12.80 5.03 0.78
CG1 RIM F . -13.76 3.98 -1.77
CG2 RIM F . -13.58 3.73 0.70
CG3 RIM F . -13.24 5.95 -0.35
HA1 RIM F . -8.93 5.77 -0.67
HA2 RIM F . -8.86 5.12 -2.32
HA3 RIM F . -7.63 4.67 -1.13
HB RIM F . -9.41 2.92 -1.57
HNC1 RIM F . -8.10 3.39 0.75
HNC2 RIM F . -9.63 2.77 1.10
HE11 RIM F . -11.28 4.54 -2.79
HE12 RIM F . -10.95 5.94 -1.77
HE21 RIM F . -11.52 2.10 0.01
HE22 RIM F . -11.65 2.28 -1.73
HE31 RIM F . -10.74 5.65 0.73
HE32 RIM F . -11.01 4.07 1.46
HF1 RIM F . -13.30 5.94 -2.49
HF2 RIM F . -13.88 2.13 -0.70
HF3 RIM F . -12.99 5.52 1.73
HG11 RIM F . -14.81 4.20 -1.67
HG12 RIM F . -13.54 3.50 -2.72
HG21 RIM F . -14.65 3.96 0.78
HG22 RIM F . -13.26 3.07 1.50
HG31 RIM F . -14.30 6.16 -0.26
HG32 RIM F . -12.66 6.88 -0.30
CA RIM G . 1.70 3.90 -7.42
CB RIM G . 1.69 5.39 -7.79
NC RIM G . 3.05 5.95 -7.53
CD RIM G . 1.32 5.61 -9.28
CE1 RIM G . 2.56 5.42 -10.17
CE2 RIM G . 0.21 4.64 -9.74
CE3 RIM G . 0.82 7.05 -9.43
CF1 RIM G . 2.19 5.68 -11.63
CF2 RIM G . -0.15 4.93 -11.19
CF3 RIM G . 0.47 7.33 -10.89
CG1 RIM G . 1.09 4.73 -12.06
CG2 RIM G . -0.64 6.37 -11.32
CG3 RIM G . 1.69 7.12 -11.76
HA1 RIM G . 2.27 3.34 -8.14
HA2 RIM G . 0.69 3.53 -7.37
HA3 RIM G . 2.16 3.78 -6.44
HB RIM G . 0.97 5.90 -7.16
HNC1 RIM G . 3.84 5.39 -7.63
HNC2 RIM G . 3.15 6.91 -7.32
HE11 RIM G . 2.93 4.40 -10.08
HE12 RIM G . 3.33 6.10 -9.87
HE21 RIM G . -0.65 4.76 -9.10
HE22 RIM G . 0.56 3.62 -9.67
HE31 RIM G . 1.60 7.74 -9.11
HE32 RIM G . -0.06 7.19 -8.82
HF1 RIM G . 3.05 5.54 -12.25
HF2 RIM G . -0.93 4.25 -11.51
HF3 RIM G . 0.12 8.35 -10.99
HG11 RIM G . 0.82 4.94 -13.10
HG12 RIM G . 1.43 3.71 -11.95
HG21 RIM G . -0.89 6.56 -12.36
HG22 RIM G . -1.50 6.51 -10.67
HG31 RIM G . 1.43 7.30 -12.79
HG32 RIM G . 2.48 7.79 -11.43
CA RIM H . 5.38 -5.82 -0.55
CB RIM H . 6.73 -5.24 -0.99
NC RIM H . 7.53 -4.92 0.22
CD RIM H . 7.53 -6.22 -1.89
CE1 RIM H . 8.28 -7.24 -1.03
CE2 RIM H . 6.60 -6.97 -2.86
CE3 RIM H . 8.54 -5.40 -2.70
CF1 RIM H . 9.09 -8.17 -1.94
CF2 RIM H . 7.43 -7.88 -3.76
CF3 RIM H . 9.37 -6.33 -3.59
CG1 RIM H . 8.17 -8.89 -2.90
CG2 RIM H . 8.44 -7.06 -4.55
CG3 RIM H . 10.10 -7.35 -2.73
HA1 RIM H . 4.96 -5.19 0.22
HA2 RIM H . 5.52 -6.82 -0.16
HA3 RIM H . 4.70 -5.84 -1.39
HB RIM H . 6.56 -4.32 -1.54
HNC1 RIM H . 7.08 -4.68 1.06
HNC2 RIM H . 8.51 -5.01 0.19
HE11 RIM H . 7.57 -7.83 -0.45
HE12 RIM H . 8.95 -6.73 -0.35
HE21 RIM H . 6.06 -6.25 -3.47
HE22 RIM H . 5.90 -7.58 -2.31
HE31 RIM H . 9.20 -4.88 -2.02
HE32 RIM H . 8.02 -4.69 -3.32
HF1 RIM H . 9.63 -8.90 -1.33
HF2 RIM H . 6.77 -8.41 -4.45
HF3 RIM H . 10.09 -5.74 -4.16
HG11 RIM H . 8.75 -9.55 -3.54
HG12 RIM H . 7.44 -9.47 -2.33
HG21 RIM H . 9.03 -7.73 -5.18
HG22 RIM H . 7.90 -6.32 -5.15
HG31 RIM H . 10.67 -8.01 -3.37
HG32 RIM H . 10.75 -6.82 -2.03
N SER A 6 8.10 12.96 25.89
CA SER A 6 7.80 14.38 25.58
C SER A 6 6.80 14.45 24.43
N ASP A 7 5.58 14.81 24.73
CA ASP A 7 4.55 14.89 23.64
C ASP A 7 4.51 13.58 22.87
N PRO A 8 4.09 12.53 23.50
CA PRO A 8 3.99 11.18 22.87
C PRO A 8 3.35 11.25 21.49
N LEU A 9 2.76 12.37 21.15
CA LEU A 9 2.12 12.49 19.81
C LEU A 9 3.08 11.97 18.74
N VAL A 10 4.32 12.37 18.81
CA VAL A 10 5.31 11.90 17.81
C VAL A 10 5.55 10.40 18.02
N VAL A 11 5.74 10.00 19.26
CA VAL A 11 5.97 8.56 19.54
C VAL A 11 4.91 7.73 18.81
N ALA A 12 3.66 8.09 18.96
CA ALA A 12 2.58 7.34 18.27
C ALA A 12 2.73 7.50 16.76
N ALA A 13 3.22 8.63 16.33
CA ALA A 13 3.40 8.86 14.86
C ALA A 13 4.46 7.90 14.32
N SER A 14 5.65 7.95 14.84
CA SER A 14 6.73 7.05 14.35
C SER A 14 6.26 5.59 14.45
N ILE A 15 5.53 5.26 15.47
CA ILE A 15 5.06 3.85 15.60
C ILE A 15 3.99 3.58 14.55
N ILE A 16 3.12 4.51 14.29
CA ILE A 16 2.07 4.29 13.25
C ILE A 16 2.77 3.96 11.93
N GLY A 17 3.91 4.56 11.68
CA GLY A 17 4.63 4.28 10.42
C GLY A 17 5.24 2.87 10.49
N ILE A 18 5.83 2.53 11.60
CA ILE A 18 6.43 1.18 11.72
C ILE A 18 5.35 0.12 11.47
N LEU A 19 4.12 0.43 11.82
CA LEU A 19 3.02 -0.54 11.58
C LEU A 19 2.74 -0.66 10.09
N HIS A 20 2.28 0.42 9.49
CA HIS A 20 1.98 0.38 8.03
C HIS A 20 3.12 -0.32 7.27
N LEU A 21 4.34 0.04 7.54
CA LEU A 21 5.49 -0.60 6.83
C LEU A 21 5.47 -2.11 7.07
N ILE A 22 5.64 -2.52 8.29
CA ILE A 22 5.63 -3.99 8.59
C ILE A 22 4.38 -4.63 7.99
N LEU A 23 3.33 -3.87 7.81
CA LEU A 23 2.08 -4.43 7.24
C LEU A 23 2.27 -4.64 5.73
N TRP A 24 2.62 -3.60 5.02
CA TRP A 24 2.81 -3.74 3.54
C TRP A 24 3.69 -4.95 3.26
N ILE A 25 4.83 -5.03 3.91
CA ILE A 25 5.73 -6.19 3.68
C ILE A 25 4.98 -7.48 4.04
N LEU A 26 4.45 -7.54 5.22
CA LEU A 26 3.72 -8.76 5.68
C LEU A 26 2.74 -9.23 4.58
N ASP A 27 2.16 -8.31 3.86
CA ASP A 27 1.19 -8.72 2.80
C ASP A 27 1.96 -9.17 1.55
N ARG A 28 3.13 -8.64 1.34
CA ARG A 28 3.93 -9.02 0.14
C ARG A 28 4.58 -10.40 0.33
N LEU A 29 4.71 -10.87 1.54
CA LEU A 29 5.34 -12.21 1.73
C LEU A 29 4.33 -13.30 1.40
N PHE A 30 3.09 -12.93 1.20
CA PHE A 30 2.05 -13.96 0.87
C PHE A 30 2.60 -14.88 -0.23
N PHE A 31 2.36 -14.54 -1.47
CA PHE A 31 2.87 -15.39 -2.59
C PHE A 31 2.55 -16.87 -2.29
N LYS A 32 1.55 -17.12 -1.49
CA LYS A 32 1.21 -18.53 -1.16
C LYS A 32 0.69 -19.23 -2.44
N SER A 33 -0.26 -20.11 -2.29
CA SER A 33 -0.80 -20.82 -3.48
C SER A 33 -1.79 -19.93 -4.21
N ILE A 34 -1.78 -19.95 -5.52
CA ILE A 34 -2.73 -19.11 -6.30
C ILE A 34 -3.95 -19.95 -6.71
N TYR A 35 -3.75 -21.22 -6.94
CA TYR A 35 -4.88 -22.09 -7.34
C TYR A 35 -5.99 -22.02 -6.29
N ARG A 36 -5.69 -21.57 -5.11
CA ARG A 36 -6.73 -21.48 -4.05
C ARG A 36 -7.69 -20.32 -4.36
N PHE A 37 -7.17 -19.21 -4.81
CA PHE A 37 -8.06 -18.06 -5.14
C PHE A 37 -8.89 -18.39 -6.37
N PHE A 38 -8.33 -19.14 -7.29
CA PHE A 38 -9.10 -19.50 -8.52
C PHE A 38 -10.23 -20.46 -8.15
N GLU A 39 -9.95 -21.45 -7.35
CA GLU A 39 -11.02 -22.42 -6.96
C GLU A 39 -12.05 -21.70 -6.08
N HIS A 40 -11.65 -20.67 -5.40
CA HIS A 40 -12.60 -19.93 -4.52
C HIS A 40 -13.61 -19.18 -5.41
N GLY A 41 -13.13 -18.42 -6.35
CA GLY A 41 -14.06 -17.67 -7.25
C GLY A 41 -14.97 -18.66 -7.97
N LEU A 42 -14.40 -19.55 -8.74
CA LEU A 42 -15.23 -20.54 -9.47
C LEU A 42 -16.24 -21.18 -8.50
N LYS A 43 -17.40 -21.54 -8.98
CA LYS A 43 -18.42 -22.17 -8.09
C LYS A 43 -19.47 -22.87 -8.95
N SER B 6 4.49 20.04 19.65
CA SER B 6 3.23 20.47 20.32
C SER B 6 2.38 21.28 19.35
N ASP B 7 2.82 21.41 18.13
CA ASP B 7 2.04 22.18 17.13
C ASP B 7 1.09 21.24 16.37
N PRO B 8 0.10 21.78 15.72
CA PRO B 8 -0.88 20.96 14.94
C PRO B 8 -0.23 20.27 13.74
N LEU B 9 0.82 20.84 13.20
CA LEU B 9 1.50 20.20 12.03
C LEU B 9 1.67 18.72 12.32
N VAL B 10 2.02 18.39 13.54
CA VAL B 10 2.18 16.96 13.91
C VAL B 10 0.80 16.30 13.94
N VAL B 11 -0.16 16.96 14.53
CA VAL B 11 -1.54 16.37 14.58
C VAL B 11 -1.93 15.91 13.18
N ALA B 12 -1.74 16.75 12.20
CA ALA B 12 -2.10 16.36 10.81
C ALA B 12 -1.19 15.22 10.35
N ALA B 13 0.04 15.23 10.78
CA ALA B 13 0.98 14.15 10.37
C ALA B 13 0.51 12.80 10.93
N SER B 14 0.33 12.71 12.21
CA SER B 14 -0.13 11.42 12.81
C SER B 14 -1.47 11.00 12.20
N ILE B 15 -2.34 11.94 11.94
CA ILE B 15 -3.66 11.58 11.35
C ILE B 15 -3.45 11.10 9.90
N ILE B 16 -2.62 11.79 9.17
CA ILE B 16 -2.37 11.37 7.75
C ILE B 16 -1.90 9.92 7.76
N GLY B 17 -1.15 9.53 8.76
CA GLY B 17 -0.66 8.13 8.83
C GLY B 17 -1.83 7.20 9.18
N ILE B 18 -2.63 7.60 10.14
CA ILE B 18 -3.79 6.74 10.53
C ILE B 18 -4.71 6.55 9.33
N LEU B 19 -4.78 7.52 8.46
CA LEU B 19 -5.66 7.39 7.26
C LEU B 19 -5.03 6.37 6.30
N HIS B 20 -3.91 6.69 5.73
CA HIS B 20 -3.26 5.76 4.78
C HIS B 20 -3.27 4.33 5.35
N LEU B 21 -3.01 4.19 6.62
CA LEU B 21 -3.01 2.82 7.22
C LEU B 21 -4.42 2.21 7.11
N ILE B 22 -5.36 2.75 7.82
CA ILE B 22 -6.75 2.20 7.76
C ILE B 22 -7.14 1.99 6.29
N LEU B 23 -6.64 2.81 5.42
CA LEU B 23 -6.97 2.67 3.97
C LEU B 23 -6.43 1.34 3.44
N TRP B 24 -5.15 1.13 3.51
CA TRP B 24 -4.56 -0.15 3.00
C TRP B 24 -5.36 -1.33 3.55
N ILE B 25 -5.68 -1.30 4.81
CA ILE B 25 -6.47 -2.42 5.40
C ILE B 25 -7.85 -2.46 4.75
N LEU B 26 -8.43 -1.31 4.52
CA LEU B 26 -9.78 -1.24 3.89
C LEU B 26 -9.78 -1.96 2.54
N ASP B 27 -8.69 -1.89 1.81
CA ASP B 27 -8.65 -2.55 0.49
C ASP B 27 -8.24 -4.02 0.65
N ARG B 28 -7.56 -4.36 1.71
CA ARG B 28 -7.13 -5.77 1.87
C ARG B 28 -8.30 -6.65 2.31
N LEU B 29 -9.29 -6.11 2.98
CA LEU B 29 -10.44 -6.96 3.38
C LEU B 29 -10.97 -7.70 2.16
N PHE B 30 -10.53 -7.32 0.98
CA PHE B 30 -11.01 -8.01 -0.25
C PHE B 30 -10.49 -9.45 -0.27
N PHE B 31 -11.37 -10.41 -0.42
CA PHE B 31 -10.93 -11.83 -0.45
C PHE B 31 -11.85 -12.63 -1.37
N LYS B 32 -12.89 -13.20 -0.84
CA LYS B 32 -13.82 -13.99 -1.69
C LYS B 32 -14.43 -13.08 -2.76
N SER B 33 -15.63 -13.36 -3.20
CA SER B 33 -16.27 -12.52 -4.23
C SER B 33 -15.27 -12.24 -5.36
N ILE B 34 -14.74 -13.27 -5.96
CA ILE B 34 -13.76 -13.06 -7.07
C ILE B 34 -14.51 -13.07 -8.40
N TYR B 35 -15.60 -13.77 -8.48
CA TYR B 35 -16.38 -13.82 -9.75
C TYR B 35 -16.63 -12.40 -10.26
N ARG B 36 -16.64 -11.44 -9.38
CA ARG B 36 -16.89 -10.03 -9.82
C ARG B 36 -15.70 -9.54 -10.65
N PHE B 37 -14.50 -9.89 -10.27
CA PHE B 37 -13.32 -9.44 -11.04
C PHE B 37 -13.27 -10.17 -12.38
N PHE B 38 -13.69 -11.41 -12.40
CA PHE B 38 -13.68 -12.18 -13.68
C PHE B 38 -14.68 -11.57 -14.66
N GLU B 39 -15.91 -11.40 -14.25
CA GLU B 39 -16.92 -10.80 -15.16
C GLU B 39 -16.56 -9.36 -15.49
N HIS B 40 -15.90 -8.68 -14.59
CA HIS B 40 -15.52 -7.26 -14.86
C HIS B 40 -14.46 -7.23 -15.96
N GLY B 41 -13.51 -8.12 -15.91
CA GLY B 41 -12.45 -8.13 -16.96
C GLY B 41 -12.98 -8.81 -18.22
N LEU B 42 -13.27 -10.08 -18.15
CA LEU B 42 -13.78 -10.79 -19.36
C LEU B 42 -15.24 -10.38 -19.59
N LYS B 43 -15.49 -9.62 -20.61
CA LYS B 43 -16.89 -9.18 -20.90
C LYS B 43 -17.11 -9.14 -22.41
N SER C 6 10.33 22.68 16.50
CA SER C 6 9.88 23.65 15.48
C SER C 6 10.92 23.75 14.36
N ASP C 7 10.87 22.84 13.42
CA ASP C 7 11.86 22.88 12.31
C ASP C 7 11.23 22.27 11.05
N PRO C 8 11.79 22.56 9.91
CA PRO C 8 11.27 22.04 8.60
C PRO C 8 11.29 20.50 8.55
N LEU C 9 12.14 19.88 9.33
CA LEU C 9 12.19 18.39 9.32
C LEU C 9 10.77 17.84 9.36
N VAL C 10 9.93 18.43 10.17
CA VAL C 10 8.52 17.95 10.24
C VAL C 10 7.81 18.31 8.93
N VAL C 11 8.00 19.51 8.46
CA VAL C 11 7.35 19.91 7.18
C VAL C 11 7.59 18.84 6.12
N ALA C 12 8.82 18.41 5.98
CA ALA C 12 9.14 17.36 4.98
C ALA C 12 8.44 16.06 5.36
N ALA C 13 8.37 15.76 6.63
CA ALA C 13 7.70 14.50 7.07
C ALA C 13 6.21 14.56 6.72
N SER C 14 5.53 15.57 7.16
CA SER C 14 4.07 15.68 6.86
C SER C 14 3.85 15.64 5.34
N ILE C 15 4.74 16.22 4.58
CA ILE C 15 4.57 16.20 3.11
C ILE C 15 4.86 14.80 2.58
N ILE C 16 5.88 14.15 3.07
CA ILE C 16 6.20 12.78 2.59
C ILE C 16 4.96 11.90 2.78
N GLY C 17 4.20 12.15 3.80
CA GLY C 17 2.97 11.33 4.04
C GLY C 17 1.88 11.76 3.07
N ILE C 18 1.70 13.05 2.89
CA ILE C 18 0.65 13.53 1.95
C ILE C 18 0.92 12.96 0.56
N LEU C 19 2.16 12.72 0.23
CA LEU C 19 2.47 12.16 -1.12
C LEU C 19 2.11 10.68 -1.13
N HIS C 20 2.70 9.91 -0.27
CA HIS C 20 2.39 8.45 -0.24
C HIS C 20 0.87 8.25 -0.27
N LEU C 21 0.13 9.08 0.42
CA LEU C 21 -1.35 8.93 0.43
C LEU C 21 -1.91 9.26 -0.95
N ILE C 22 -1.83 10.50 -1.36
CA ILE C 22 -2.35 10.89 -2.70
C ILE C 22 -1.88 9.88 -3.74
N LEU C 23 -0.76 9.25 -3.52
CA LEU C 23 -0.25 8.26 -4.49
C LEU C 23 -1.13 7.01 -4.48
N TRP C 24 -1.23 6.35 -3.36
CA TRP C 24 -2.07 5.12 -3.28
C TRP C 24 -3.43 5.40 -3.94
N ILE C 25 -4.02 6.53 -3.67
CA ILE C 25 -5.34 6.83 -4.29
C ILE C 25 -5.15 7.11 -5.78
N LEU C 26 -4.09 7.81 -6.13
CA LEU C 26 -3.83 8.13 -7.56
C LEU C 26 -3.67 6.84 -8.36
N ASP C 27 -3.07 5.84 -7.79
CA ASP C 27 -2.87 4.56 -8.52
C ASP C 27 -4.11 3.65 -8.37
N ARG C 28 -4.92 3.89 -7.38
CA ARG C 28 -6.10 3.02 -7.18
C ARG C 28 -7.29 3.49 -8.06
N LEU C 29 -7.29 4.72 -8.51
CA LEU C 29 -8.45 5.18 -9.35
C LEU C 29 -8.73 4.12 -10.42
N PHE C 30 -7.80 3.25 -10.67
CA PHE C 30 -8.02 2.20 -11.69
C PHE C 30 -8.57 0.94 -11.01
N PHE C 31 -9.84 0.92 -10.72
CA PHE C 31 -10.45 -0.26 -10.05
C PHE C 31 -10.81 -1.31 -11.11
N LYS C 32 -11.62 -0.94 -12.07
CA LYS C 32 -12.00 -1.91 -13.13
C LYS C 32 -10.85 -2.07 -14.13
N SER C 33 -11.15 -2.16 -15.39
CA SER C 33 -10.06 -2.31 -16.40
C SER C 33 -9.16 -3.48 -16.02
N ILE C 34 -9.72 -4.67 -15.96
CA ILE C 34 -8.90 -5.85 -15.59
C ILE C 34 -8.42 -6.56 -16.86
N TYR C 35 -9.14 -6.42 -17.94
CA TYR C 35 -8.73 -7.07 -19.21
C TYR C 35 -7.34 -6.60 -19.61
N ARG C 36 -6.92 -5.45 -19.14
CA ARG C 36 -5.57 -4.94 -19.50
C ARG C 36 -4.49 -5.84 -18.89
N PHE C 37 -4.67 -6.24 -17.66
CA PHE C 37 -3.64 -7.11 -17.02
C PHE C 37 -3.70 -8.50 -17.64
N PHE C 38 -4.88 -8.98 -17.94
CA PHE C 38 -5.00 -10.33 -18.55
C PHE C 38 -4.31 -10.32 -19.92
N GLU C 39 -4.56 -9.31 -20.72
CA GLU C 39 -3.92 -9.23 -22.05
C GLU C 39 -2.42 -8.98 -21.90
N HIS C 40 -2.02 -8.35 -20.82
CA HIS C 40 -0.57 -8.08 -20.61
C HIS C 40 0.16 -9.39 -20.33
N GLY C 41 -0.46 -10.28 -19.60
CA GLY C 41 0.18 -11.59 -19.31
C GLY C 41 0.22 -12.43 -20.58
N LEU C 42 -0.92 -12.72 -21.14
CA LEU C 42 -0.96 -13.53 -22.39
C LEU C 42 -0.47 -12.69 -23.56
N LYS C 43 -0.37 -13.28 -24.73
CA LYS C 43 0.10 -12.51 -25.92
C LYS C 43 -0.62 -13.03 -27.16
N SER D 6 19.28 16.11 19.53
CA SER D 6 18.13 16.82 20.16
C SER D 6 16.97 15.84 20.36
N ASP D 7 16.50 15.24 19.29
CA ASP D 7 15.37 14.28 19.43
C ASP D 7 15.20 13.51 18.11
N PRO D 8 16.14 12.69 17.77
CA PRO D 8 16.11 11.88 16.52
C PRO D 8 14.76 11.20 16.31
N LEU D 9 13.91 11.22 17.29
CA LEU D 9 12.59 10.57 17.15
C LEU D 9 11.97 11.01 15.81
N VAL D 10 12.00 12.27 15.53
CA VAL D 10 11.43 12.76 14.24
C VAL D 10 12.31 12.25 13.09
N VAL D 11 13.61 12.38 13.23
CA VAL D 11 14.52 11.91 12.16
C VAL D 11 14.11 10.49 11.74
N ALA D 12 13.92 9.63 12.69
CA ALA D 12 13.52 8.24 12.37
C ALA D 12 12.13 8.24 11.73
N ALA D 13 11.28 9.14 12.16
CA ALA D 13 9.91 9.19 11.57
C ALA D 13 9.99 9.61 10.11
N SER D 14 10.60 10.73 9.82
CA SER D 14 10.70 11.19 8.40
C SER D 14 11.38 10.11 7.56
N ILE D 15 12.32 9.39 8.12
CA ILE D 15 13.00 8.32 7.35
C ILE D 15 12.05 7.12 7.17
N ILE D 16 11.36 6.74 8.20
CA ILE D 16 10.43 5.59 8.08
C ILE D 16 9.45 5.88 6.93
N GLY D 17 9.09 7.11 6.74
CA GLY D 17 8.15 7.45 5.63
C GLY D 17 8.90 7.34 4.31
N ILE D 18 10.09 7.87 4.24
CA ILE D 18 10.88 7.79 2.97
C ILE D 18 11.02 6.32 2.56
N LEU D 19 11.16 5.45 3.52
CA LEU D 19 11.30 4.00 3.21
C LEU D 19 9.98 3.49 2.60
N HIS D 20 8.94 3.45 3.38
CA HIS D 20 7.64 2.98 2.87
C HIS D 20 7.35 3.65 1.52
N LEU D 21 7.70 4.91 1.39
CA LEU D 21 7.45 5.62 0.11
C LEU D 21 8.23 4.93 -1.01
N ILE D 22 9.53 5.05 -1.00
CA ILE D 22 10.35 4.41 -2.06
C ILE D 22 9.94 2.95 -2.21
N LEU D 23 9.37 2.38 -1.19
CA LEU D 23 8.94 0.95 -1.27
C LEU D 23 7.73 0.83 -2.19
N TRP D 24 6.64 1.48 -1.87
CA TRP D 24 5.43 1.39 -2.74
C TRP D 24 5.81 1.72 -4.18
N ILE D 25 6.56 2.77 -4.38
CA ILE D 25 6.96 3.13 -5.78
C ILE D 25 7.82 2.00 -6.34
N LEU D 26 8.87 1.65 -5.65
CA LEU D 26 9.77 0.56 -6.14
C LEU D 26 8.92 -0.65 -6.55
N ASP D 27 7.87 -0.93 -5.83
CA ASP D 27 7.01 -2.11 -6.18
C ASP D 27 6.19 -1.78 -7.43
N ARG D 28 5.89 -0.53 -7.64
CA ARG D 28 5.08 -0.15 -8.83
C ARG D 28 5.95 -0.15 -10.10
N LEU D 29 7.25 -0.07 -9.97
CA LEU D 29 8.11 -0.09 -11.17
C LEU D 29 8.30 -1.54 -11.64
N PHE D 30 7.85 -2.47 -10.84
CA PHE D 30 7.99 -3.90 -11.22
C PHE D 30 6.73 -4.66 -10.79
N PHE D 31 5.83 -4.91 -11.70
CA PHE D 31 4.58 -5.64 -11.35
C PHE D 31 4.07 -6.40 -12.56
N LYS D 32 4.82 -6.41 -13.64
CA LYS D 32 4.37 -7.14 -14.85
C LYS D 32 4.58 -8.65 -14.65
N SER D 33 5.00 -9.33 -15.67
CA SER D 33 5.23 -10.80 -15.54
C SER D 33 4.02 -11.45 -14.86
N ILE D 34 2.95 -11.62 -15.58
CA ILE D 34 1.73 -12.25 -14.98
C ILE D 34 1.67 -13.73 -15.36
N TYR D 35 2.30 -14.08 -16.45
CA TYR D 35 2.28 -15.51 -16.89
C TYR D 35 2.84 -16.40 -15.79
N ARG D 36 3.79 -15.91 -15.04
CA ARG D 36 4.39 -16.74 -13.95
C ARG D 36 3.32 -17.01 -12.89
N PHE D 37 2.40 -16.10 -12.71
CA PHE D 37 1.33 -16.31 -11.69
C PHE D 37 0.32 -17.33 -12.22
N PHE D 38 0.08 -17.33 -13.51
CA PHE D 38 -0.89 -18.28 -14.09
C PHE D 38 -0.31 -19.70 -14.07
N GLU D 39 0.94 -19.86 -14.45
CA GLU D 39 1.54 -21.21 -14.45
C GLU D 39 1.80 -21.66 -13.00
N HIS D 40 2.00 -20.73 -12.12
CA HIS D 40 2.26 -21.11 -10.69
C HIS D 40 0.96 -21.64 -10.09
N GLY D 41 -0.14 -21.02 -10.36
CA GLY D 41 -1.43 -21.49 -9.79
C GLY D 41 -1.85 -22.79 -10.48
N LEU D 42 -2.11 -22.75 -11.76
CA LEU D 42 -2.52 -23.99 -12.47
C LEU D 42 -1.45 -25.06 -12.29
N LYS D 43 -1.74 -26.07 -11.53
CA LYS D 43 -0.73 -27.16 -11.31
C LYS D 43 -0.37 -27.78 -12.65
CA RIM E . -4.36 -5.63 6.06
CB RIM E . -3.66 -6.91 5.60
NC RIM E . -2.21 -6.63 5.38
CD RIM E . -3.81 -8.06 6.64
CE1 RIM E . -5.22 -8.07 7.27
CE2 RIM E . -3.58 -9.39 5.90
CE3 RIM E . -2.75 -7.92 7.75
CF1 RIM E . -5.34 -9.24 8.24
CF2 RIM E . -3.71 -10.55 6.88
CF3 RIM E . -2.90 -9.09 8.73
CG1 RIM E . -5.11 -10.55 7.49
CG2 RIM E . -2.68 -10.40 7.98
CG3 RIM E . -4.29 -9.09 9.33
HA1 RIM E . -4.06 -4.81 5.42
HA2 RIM E . -4.08 -5.40 7.08
HA3 RIM E . -5.43 -5.75 5.99
HB RIM E . -4.10 -7.22 4.66
HNC1 RIM E . -1.80 -5.86 5.83
HNC2 RIM E . -1.66 -7.26 4.88
HE11 RIM E . -5.97 -8.14 6.49
HE12 RIM E . -5.37 -7.15 7.83
HE21 RIM E . -2.59 -9.39 5.47
HE22 RIM E . -4.33 -9.50 5.13
HE31 RIM E . -2.90 -6.99 8.28
HE32 RIM E . -1.76 -7.94 7.31
HF1 RIM E . -6.33 -9.25 8.67
HF2 RIM E . -3.54 -11.49 6.36
HF3 RIM E . -2.16 -8.99 9.52
HG11 RIM E . -5.19 -11.37 8.19
HG12 RIM E . -5.84 -10.63 6.69
HG21 RIM E . -2.78 -11.22 8.69
HG22 RIM E . -1.68 -10.39 7.55
HG31 RIM E . -4.39 -9.92 10.03
HG32 RIM E . -4.46 -8.14 9.85
CA RIM F . -8.10 3.55 -3.09
CB RIM F . -8.95 3.72 -1.82
NC RIM F . -8.63 5.05 -1.22
CD RIM F . -10.46 3.65 -2.10
CE1 RIM F . -10.98 5.00 -2.63
CE2 RIM F . -10.79 2.55 -3.15
CE3 RIM F . -11.18 3.32 -0.79
CF1 RIM F . -12.49 4.91 -2.86
CF2 RIM F . -12.30 2.48 -3.35
CF3 RIM F . -12.69 3.25 -1.01
CG1 RIM F . -12.80 3.82 -3.87
CG2 RIM F . -12.99 2.16 -2.03
CG3 RIM F . -13.18 4.59 -1.54
HA1 RIM F . -8.14 2.51 -3.40
HA2 RIM F . -7.09 3.82 -2.89
HA3 RIM F . -8.49 4.17 -3.88
HB RIM F . -8.68 2.95 -1.12
HNC1 RIM F . -7.73 5.43 -1.31
HNC2 RIM F . -9.33 5.58 -0.78
HE11 RIM F . -10.50 5.25 -3.56
HE12 RIM F . -10.78 5.78 -1.90
HE21 RIM F . -10.43 1.60 -2.78
HE22 RIM F . -10.32 2.78 -4.09
HE31 RIM F . -10.96 4.09 -0.06
HE32 RIM F . -10.83 2.37 -0.41
HF1 RIM F . -12.85 5.87 -3.23
HF2 RIM F . -12.53 1.71 -4.08
HF3 RIM F . -13.18 3.02 -0.08
HG11 RIM F . -13.88 3.76 -4.01
HG12 RIM F . -12.29 4.05 -4.80
HG21 RIM F . -14.06 2.11 -2.19
HG22 RIM F . -12.61 1.21 -1.66
HG31 RIM F . -14.25 4.53 -1.71
HG32 RIM F . -12.95 5.37 -0.82
CA RIM G . 4.33 4.85 -8.18
CB RIM G . 3.63 4.72 -9.55
NC RIM G . 2.29 4.09 -9.35
CD RIM G . 3.45 6.09 -10.24
CE1 RIM G . 2.21 6.82 -9.69
CE2 RIM G . 4.70 6.98 -10.05
CE3 RIM G . 3.25 5.83 -11.74
CF1 RIM G . 2.04 8.15 -10.43
CF2 RIM G . 4.51 8.30 -10.80
CF3 RIM G . 3.06 7.16 -12.47
CG1 RIM G . 3.29 9.01 -10.24
CG2 RIM G . 4.30 8.02 -12.28
CG3 RIM G . 1.84 7.88 -11.92
HA1 RIM G . 4.21 3.92 -7.64
HA2 RIM G . 3.87 5.64 -7.61
HA3 RIM G . 5.37 5.06 -8.32
HB RIM G . 4.23 4.08 -10.18
HNC1 RIM G . 1.65 4.06 -10.09
HNC2 RIM G . 2.03 3.75 -8.47
HE11 RIM G . 2.34 7.01 -8.64
HE12 RIM G . 1.35 6.21 -9.84
HE21 RIM G . 5.58 6.46 -10.43
HE22 RIM G . 4.84 7.20 -9.01
HE31 RIM G . 2.38 5.21 -11.89
HE32 RIM G . 4.12 5.32 -12.14
HF1 RIM G . 1.18 8.67 -10.04
HF2 RIM G . 5.39 8.92 -10.67
HF3 RIM G . 2.92 6.97 -13.53
HG11 RIM G . 3.15 9.95 -10.77
HG12 RIM G . 3.44 9.18 -9.17
HG21 RIM G . 4.15 8.97 -12.81
HG22 RIM G . 5.17 7.49 -12.67
HG31 RIM G . 1.73 8.83 -12.43
HG32 RIM G . 0.97 7.25 -12.05
CA RIM H . 7.76 -5.61 0.36
CB RIM H . 8.19 -5.82 -1.10
NC RIM H . 7.55 -4.77 -1.94
CD RIM H . 9.72 -5.75 -1.28
CE1 RIM H . 10.45 -6.45 -0.11
CE2 RIM H . 10.08 -6.45 -2.59
CE3 RIM H . 10.20 -4.29 -1.36
CF1 RIM H . 11.97 -6.41 -0.36
CF2 RIM H . 11.59 -6.41 -2.82
CF3 RIM H . 11.71 -4.24 -1.58
CG1 RIM H . 12.29 -7.11 -1.67
CG2 RIM H . 12.05 -4.95 -2.88
CG3 RIM H . 12.41 -4.96 -0.43
HA1 RIM H . 6.69 -5.46 0.40
HA2 RIM H . 8.27 -4.76 0.78
HA3 RIM H . 8.01 -6.49 0.93
HB RIM H . 7.83 -6.79 -1.43
HNC1 RIM H . 7.90 -3.85 -1.95
HNC2 RIM H . 6.77 -5.00 -2.50
HE11 RIM H . 10.13 -7.48 -0.05
HE12 RIM H . 10.25 -5.94 0.82
HE21 RIM H . 9.58 -5.96 -3.41
HE22 RIM H . 9.76 -7.49 -2.55
HE31 RIM H . 9.96 -3.77 -0.44
HE32 RIM H . 9.71 -3.78 -2.19
HF1 RIM H . 12.48 -6.91 0.46
HF2 RIM H . 11.84 -6.91 -3.75
HF3 RIM H . 12.05 -3.22 -1.63
HG11 RIM H . 13.36 -7.06 -1.83
HG12 RIM H . 11.95 -8.14 -1.62
HG21 RIM H . 13.13 -4.93 -3.03
HG22 RIM H . 11.52 -4.46 -3.70
HG31 RIM H . 13.49 -4.94 -0.60
HG32 RIM H . 12.16 -4.47 0.50
N SER A 6 3.90 14.89 27.77
CA SER A 6 4.66 16.05 27.23
C SER A 6 4.26 16.29 25.77
N ASP A 7 4.28 15.26 24.97
CA ASP A 7 3.90 15.43 23.54
C ASP A 7 3.86 14.06 22.85
N PRO A 8 3.20 13.11 23.47
CA PRO A 8 3.07 11.73 22.92
C PRO A 8 2.51 11.71 21.49
N LEU A 9 1.88 12.78 21.08
CA LEU A 9 1.31 12.81 19.70
C LEU A 9 2.35 12.28 18.72
N VAL A 10 3.58 12.69 18.87
CA VAL A 10 4.65 12.20 17.95
C VAL A 10 4.90 10.71 18.23
N VAL A 11 5.01 10.35 19.48
CA VAL A 11 5.25 8.92 19.82
C VAL A 11 4.25 8.05 19.04
N ALA A 12 2.99 8.39 19.08
CA ALA A 12 1.97 7.60 18.35
C ALA A 12 2.24 7.70 16.84
N ALA A 13 2.68 8.84 16.39
CA ALA A 13 2.95 8.99 14.92
C ALA A 13 4.09 8.05 14.51
N SER A 14 5.23 8.17 15.15
CA SER A 14 6.38 7.29 14.79
C SER A 14 5.96 5.82 14.87
N ILE A 15 5.13 5.47 15.82
CA ILE A 15 4.69 4.06 15.94
C ILE A 15 3.72 3.72 14.81
N ILE A 16 2.83 4.63 14.48
CA ILE A 16 1.88 4.34 13.37
C ILE A 16 2.67 4.01 12.11
N GLY A 17 3.81 4.63 11.94
CA GLY A 17 4.63 4.36 10.73
C GLY A 17 5.32 2.99 10.89
N ILE A 18 5.87 2.73 12.06
CA ILE A 18 6.55 1.43 12.27
C ILE A 18 5.55 0.30 12.03
N LEU A 19 4.30 0.53 12.30
CA LEU A 19 3.27 -0.53 12.09
C LEU A 19 3.04 -0.69 10.58
N HIS A 20 2.48 0.30 9.95
CA HIS A 20 2.23 0.20 8.47
C HIS A 20 3.48 -0.35 7.78
N LEU A 21 4.64 0.03 8.22
CA LEU A 21 5.89 -0.47 7.57
C LEU A 21 5.99 -1.98 7.78
N ILE A 22 6.24 -2.40 8.99
CA ILE A 22 6.36 -3.87 9.26
C ILE A 22 5.19 -4.61 8.60
N LEU A 23 4.03 -4.01 8.58
CA LEU A 23 2.85 -4.68 7.96
C LEU A 23 3.09 -4.89 6.47
N TRP A 24 3.23 -3.82 5.72
CA TRP A 24 3.47 -3.96 4.25
C TRP A 24 4.53 -5.04 4.01
N ILE A 25 5.61 -4.97 4.72
CA ILE A 25 6.67 -6.00 4.55
C ILE A 25 6.09 -7.38 4.87
N LEU A 26 5.38 -7.48 5.96
CA LEU A 26 4.79 -8.79 6.35
C LEU A 26 4.07 -9.40 5.14
N ASP A 27 3.24 -8.63 4.50
CA ASP A 27 2.49 -9.17 3.32
C ASP A 27 3.46 -9.50 2.18
N ARG A 28 4.54 -8.78 2.07
CA ARG A 28 5.50 -9.06 0.96
C ARG A 28 6.19 -10.40 1.18
N LEU A 29 6.32 -10.85 2.40
CA LEU A 29 7.00 -12.17 2.63
C LEU A 29 6.08 -13.30 2.16
N PHE A 30 4.78 -13.11 2.28
CA PHE A 30 3.85 -14.19 1.84
C PHE A 30 3.91 -14.35 0.33
N PHE A 31 3.12 -13.60 -0.39
CA PHE A 31 3.15 -13.69 -1.88
C PHE A 31 2.78 -15.12 -2.30
N LYS A 32 2.96 -15.45 -3.55
CA LYS A 32 2.62 -16.82 -4.02
C LYS A 32 1.21 -17.19 -3.52
N SER A 33 0.93 -18.45 -3.33
CA SER A 33 -0.42 -18.86 -2.84
C SER A 33 -1.49 -18.10 -3.62
N ILE A 34 -1.52 -18.26 -4.93
CA ILE A 34 -2.55 -17.55 -5.74
C ILE A 34 -3.71 -18.49 -6.05
N TYR A 35 -3.47 -19.77 -6.01
CA TYR A 35 -4.55 -20.75 -6.30
C TYR A 35 -5.75 -20.50 -5.38
N ARG A 36 -5.52 -19.91 -4.23
CA ARG A 36 -6.65 -19.66 -3.30
C ARG A 36 -7.59 -18.60 -3.89
N PHE A 37 -7.06 -17.59 -4.50
CA PHE A 37 -7.93 -16.54 -5.09
C PHE A 37 -8.64 -17.10 -6.33
N PHE A 38 -7.98 -17.93 -7.08
CA PHE A 38 -8.63 -18.50 -8.29
C PHE A 38 -9.81 -19.37 -7.85
N GLU A 39 -9.63 -20.18 -6.85
CA GLU A 39 -10.74 -21.05 -6.37
C GLU A 39 -11.82 -20.20 -5.70
N HIS A 40 -11.44 -19.08 -5.14
CA HIS A 40 -12.45 -18.21 -4.47
C HIS A 40 -13.42 -17.65 -5.53
N GLY A 41 -12.89 -17.24 -6.66
CA GLY A 41 -13.78 -16.70 -7.73
C GLY A 41 -14.56 -17.83 -8.37
N LEU A 42 -13.89 -18.76 -9.00
CA LEU A 42 -14.60 -19.89 -9.65
C LEU A 42 -15.15 -20.83 -8.57
N LYS A 43 -16.44 -21.01 -8.54
CA LYS A 43 -17.04 -21.90 -7.50
C LYS A 43 -16.53 -21.49 -6.12
N SER B 6 -1.89 22.39 19.44
CA SER B 6 -0.59 23.11 19.30
C SER B 6 0.07 22.72 17.98
N ASP B 7 0.21 23.65 17.07
CA ASP B 7 0.84 23.32 15.76
C ASP B 7 0.17 22.10 15.15
N PRO B 8 -1.08 22.23 14.78
CA PRO B 8 -1.85 21.12 14.16
C PRO B 8 -1.06 20.38 13.08
N LEU B 9 0.05 20.92 12.68
CA LEU B 9 0.87 20.25 11.63
C LEU B 9 1.02 18.77 12.00
N VAL B 10 1.38 18.48 13.22
CA VAL B 10 1.52 17.06 13.63
C VAL B 10 0.15 16.39 13.62
N VAL B 11 -0.85 17.06 14.15
CA VAL B 11 -2.20 16.46 14.16
C VAL B 11 -2.54 15.94 12.76
N ALA B 12 -2.34 16.76 11.76
CA ALA B 12 -2.64 16.31 10.37
C ALA B 12 -1.71 15.15 10.00
N ALA B 13 -0.50 15.18 10.47
CA ALA B 13 0.46 14.08 10.15
C ALA B 13 -0.02 12.76 10.77
N SER B 14 -0.19 12.73 12.07
CA SER B 14 -0.65 11.48 12.73
C SER B 14 -1.94 10.98 12.06
N ILE B 15 -2.80 11.88 11.66
CA ILE B 15 -4.07 11.45 11.01
C ILE B 15 -3.75 10.92 9.60
N ILE B 16 -2.89 11.58 8.88
CA ILE B 16 -2.56 11.11 7.51
C ILE B 16 -2.09 9.65 7.60
N GLY B 17 -1.40 9.31 8.65
CA GLY B 17 -0.93 7.90 8.79
C GLY B 17 -2.11 6.98 9.13
N ILE B 18 -2.95 7.40 10.04
CA ILE B 18 -4.12 6.55 10.40
C ILE B 18 -4.93 6.22 9.14
N LEU B 19 -5.05 7.16 8.24
CA LEU B 19 -5.81 6.89 7.00
C LEU B 19 -5.02 5.92 6.13
N HIS B 20 -3.82 6.28 5.77
CA HIS B 20 -2.98 5.36 4.94
C HIS B 20 -3.03 3.94 5.50
N LEU B 21 -2.98 3.81 6.81
CA LEU B 21 -3.01 2.46 7.42
C LEU B 21 -4.37 1.80 7.17
N ILE B 22 -5.41 2.30 7.79
CA ILE B 22 -6.76 1.71 7.59
C ILE B 22 -7.01 1.49 6.10
N LEU B 23 -6.38 2.26 5.26
CA LEU B 23 -6.58 2.11 3.79
C LEU B 23 -5.93 0.79 3.31
N TRP B 24 -4.64 0.68 3.45
CA TRP B 24 -3.97 -0.58 2.99
C TRP B 24 -4.71 -1.79 3.53
N ILE B 25 -5.03 -1.79 4.79
CA ILE B 25 -5.78 -2.95 5.38
C ILE B 25 -7.15 -3.05 4.72
N LEU B 26 -7.95 -2.03 4.88
CA LEU B 26 -9.32 -2.05 4.28
C LEU B 26 -9.25 -2.59 2.85
N ASP B 27 -8.27 -2.17 2.09
CA ASP B 27 -8.16 -2.67 0.69
C ASP B 27 -7.78 -4.15 0.70
N ARG B 28 -7.08 -4.58 1.72
CA ARG B 28 -6.68 -6.02 1.78
C ARG B 28 -7.86 -6.89 2.22
N LEU B 29 -8.88 -6.29 2.79
CA LEU B 29 -10.05 -7.11 3.23
C LEU B 29 -11.04 -7.22 2.07
N PHE B 30 -10.83 -6.47 1.03
CA PHE B 30 -11.77 -6.52 -0.14
C PHE B 30 -12.03 -7.98 -0.51
N PHE B 31 -11.14 -8.87 -0.17
CA PHE B 31 -11.34 -10.30 -0.53
C PHE B 31 -12.76 -10.73 -0.13
N LYS B 32 -13.62 -10.91 -1.09
CA LYS B 32 -15.02 -11.33 -0.77
C LYS B 32 -15.66 -11.94 -2.01
N SER B 33 -15.44 -11.36 -3.16
CA SER B 33 -16.05 -11.92 -4.40
C SER B 33 -15.20 -11.51 -5.61
N ILE B 34 -14.71 -12.46 -6.36
CA ILE B 34 -13.88 -12.15 -7.56
C ILE B 34 -14.74 -12.32 -8.81
N TYR B 35 -15.75 -13.13 -8.74
CA TYR B 35 -16.62 -13.35 -9.93
C TYR B 35 -17.09 -12.00 -10.50
N ARG B 36 -17.19 -11.00 -9.68
CA ARG B 36 -17.65 -9.67 -10.20
C ARG B 36 -16.64 -9.14 -11.21
N PHE B 37 -15.37 -9.28 -10.92
CA PHE B 37 -14.34 -8.77 -11.87
C PHE B 37 -14.35 -9.62 -13.14
N PHE B 38 -14.61 -10.90 -13.01
CA PHE B 38 -14.66 -11.77 -14.21
C PHE B 38 -15.83 -11.35 -15.10
N GLU B 39 -17.01 -11.34 -14.55
CA GLU B 39 -18.20 -10.95 -15.35
C GLU B 39 -17.99 -9.54 -15.93
N HIS B 40 -17.27 -8.70 -15.23
CA HIS B 40 -17.02 -7.33 -15.75
C HIS B 40 -16.20 -7.40 -17.02
N GLY B 41 -15.02 -7.94 -16.95
CA GLY B 41 -14.16 -8.05 -18.16
C GLY B 41 -14.95 -8.73 -19.28
N LEU B 42 -15.39 -9.95 -19.05
CA LEU B 42 -16.16 -10.67 -20.10
C LEU B 42 -17.61 -10.19 -20.10
N LYS B 43 -17.88 -9.07 -20.74
CA LYS B 43 -19.27 -8.56 -20.77
C LYS B 43 -20.02 -9.20 -21.94
N SER C 6 13.08 26.95 10.61
CA SER C 6 12.59 26.79 12.01
C SER C 6 12.53 25.31 12.37
N ASP C 7 11.71 24.55 11.68
CA ASP C 7 11.60 23.10 11.98
C ASP C 7 10.87 22.40 10.83
N PRO C 8 11.28 22.66 9.63
CA PRO C 8 10.67 22.04 8.42
C PRO C 8 10.71 20.51 8.46
N LEU C 9 11.49 19.96 9.35
CA LEU C 9 11.56 18.47 9.44
C LEU C 9 10.14 17.90 9.44
N VAL C 10 9.26 18.49 10.20
CA VAL C 10 7.86 17.99 10.22
C VAL C 10 7.19 18.30 8.88
N VAL C 11 7.38 19.50 8.39
CA VAL C 11 6.77 19.86 7.08
C VAL C 11 7.10 18.77 6.05
N ALA C 12 8.34 18.39 5.98
CA ALA C 12 8.73 17.33 5.00
C ALA C 12 8.09 16.00 5.40
N ALA C 13 7.91 15.78 6.68
CA ALA C 13 7.29 14.50 7.14
C ALA C 13 5.83 14.45 6.68
N SER C 14 5.06 15.45 7.01
CA SER C 14 3.62 15.45 6.60
C SER C 14 3.51 15.37 5.08
N ILE C 15 4.39 16.02 4.38
CA ILE C 15 4.33 15.96 2.88
C ILE C 15 4.74 14.58 2.41
N ILE C 16 5.75 14.01 3.00
CA ILE C 16 6.17 12.64 2.59
C ILE C 16 4.98 11.70 2.72
N GLY C 17 4.14 11.94 3.70
CA GLY C 17 2.95 11.07 3.89
C GLY C 17 1.92 11.38 2.80
N ILE C 18 1.68 12.64 2.54
CA ILE C 18 0.69 13.01 1.49
C ILE C 18 1.10 12.36 0.16
N LEU C 19 2.38 12.21 -0.07
CA LEU C 19 2.83 11.59 -1.34
C LEU C 19 2.53 10.09 -1.30
N HIS C 20 3.15 9.38 -0.41
CA HIS C 20 2.91 7.91 -0.31
C HIS C 20 1.41 7.64 -0.36
N LEU C 21 0.62 8.42 0.34
CA LEU C 21 -0.85 8.20 0.32
C LEU C 21 -1.38 8.35 -1.10
N ILE C 22 -1.36 9.54 -1.63
CA ILE C 22 -1.88 9.75 -3.01
C ILE C 22 -1.29 8.68 -3.94
N LEU C 23 -0.10 8.22 -3.66
CA LEU C 23 0.52 7.18 -4.53
C LEU C 23 -0.24 5.86 -4.38
N TRP C 24 -0.20 5.27 -3.22
CA TRP C 24 -0.91 3.97 -3.01
C TRP C 24 -2.31 4.04 -3.62
N ILE C 25 -3.05 5.08 -3.31
CA ILE C 25 -4.42 5.19 -3.88
C ILE C 25 -4.33 5.27 -5.41
N LEU C 26 -3.55 6.20 -5.91
CA LEU C 26 -3.40 6.35 -7.39
C LEU C 26 -3.13 4.97 -8.00
N ASP C 27 -2.27 4.20 -7.42
CA ASP C 27 -1.95 2.86 -7.97
C ASP C 27 -3.16 1.95 -7.86
N ARG C 28 -4.01 2.18 -6.88
CA ARG C 28 -5.20 1.31 -6.72
C ARG C 28 -6.26 1.66 -7.75
N LEU C 29 -6.25 2.86 -8.28
CA LEU C 29 -7.28 3.22 -9.31
C LEU C 29 -6.86 2.64 -10.66
N PHE C 30 -5.59 2.43 -10.86
CA PHE C 30 -5.11 1.86 -12.16
C PHE C 30 -5.82 0.53 -12.44
N PHE C 31 -6.89 0.55 -13.19
CA PHE C 31 -7.61 -0.71 -13.49
C PHE C 31 -8.41 -0.56 -14.78
N LYS C 32 -9.32 0.38 -14.82
CA LYS C 32 -10.13 0.58 -16.06
C LYS C 32 -10.78 -0.76 -16.43
N SER C 33 -10.80 -1.09 -17.70
CA SER C 33 -11.41 -2.39 -18.11
C SER C 33 -10.44 -3.52 -17.82
N ILE C 34 -10.87 -4.75 -17.95
CA ILE C 34 -9.97 -5.90 -17.67
C ILE C 34 -9.45 -6.48 -18.99
N TYR C 35 -10.18 -6.31 -20.06
CA TYR C 35 -9.73 -6.86 -21.37
C TYR C 35 -8.28 -6.42 -21.65
N ARG C 36 -7.86 -5.32 -21.09
CA ARG C 36 -6.46 -4.86 -21.35
C ARG C 36 -5.47 -5.81 -20.68
N PHE C 37 -5.74 -6.21 -19.46
CA PHE C 37 -4.81 -7.15 -18.78
C PHE C 37 -4.78 -8.47 -19.54
N PHE C 38 -5.91 -8.87 -20.07
CA PHE C 38 -5.96 -10.15 -20.83
C PHE C 38 -5.05 -10.05 -22.05
N GLU C 39 -5.22 -9.04 -22.85
CA GLU C 39 -4.36 -8.88 -24.05
C GLU C 39 -2.90 -8.71 -23.63
N HIS C 40 -2.67 -8.09 -22.50
CA HIS C 40 -1.27 -7.91 -22.03
C HIS C 40 -0.62 -9.28 -21.86
N GLY C 41 -1.20 -10.12 -21.04
CA GLY C 41 -0.62 -11.48 -20.85
C GLY C 41 -0.40 -12.14 -22.21
N LEU C 42 -1.46 -12.31 -22.96
CA LEU C 42 -1.32 -12.93 -24.30
C LEU C 42 -0.65 -11.95 -25.25
N LYS C 43 -0.38 -12.37 -26.46
CA LYS C 43 0.29 -11.45 -27.43
C LYS C 43 -0.58 -10.20 -27.62
N SER D 6 12.48 18.93 17.48
CA SER D 6 13.92 19.19 17.77
C SER D 6 14.59 17.90 18.23
N ASP D 7 13.83 16.98 18.75
CA ASP D 7 14.43 15.70 19.22
C ASP D 7 14.50 14.71 18.05
N PRO D 8 15.33 13.70 18.17
CA PRO D 8 15.49 12.68 17.09
C PRO D 8 14.19 11.90 16.84
N LEU D 9 13.32 11.84 17.81
CA LEU D 9 12.05 11.10 17.62
C LEU D 9 11.45 11.48 16.27
N VAL D 10 11.49 12.75 15.95
CA VAL D 10 10.95 13.20 14.63
C VAL D 10 11.87 12.70 13.53
N VAL D 11 13.16 12.82 13.71
CA VAL D 11 14.10 12.34 12.66
C VAL D 11 13.76 10.90 12.29
N ALA D 12 13.61 10.04 13.26
CA ALA D 12 13.27 8.61 12.98
C ALA D 12 11.89 8.54 12.32
N ALA D 13 10.99 9.41 12.70
CA ALA D 13 9.63 9.39 12.10
C ALA D 13 9.71 9.77 10.62
N SER D 14 10.29 10.90 10.32
CA SER D 14 10.40 11.34 8.90
C SER D 14 11.13 10.26 8.09
N ILE D 15 12.10 9.60 8.68
CA ILE D 15 12.85 8.54 7.93
C ILE D 15 11.94 7.32 7.77
N ILE D 16 11.27 6.92 8.81
CA ILE D 16 10.38 5.73 8.71
C ILE D 16 9.42 5.94 7.54
N GLY D 17 8.99 7.16 7.33
CA GLY D 17 8.06 7.45 6.20
C GLY D 17 8.82 7.34 4.87
N ILE D 18 10.00 7.90 4.82
CA ILE D 18 10.78 7.84 3.55
C ILE D 18 11.05 6.37 3.20
N LEU D 19 11.39 5.57 4.17
CA LEU D 19 11.64 4.12 3.88
C LEU D 19 10.37 3.51 3.26
N HIS D 20 9.30 3.50 4.00
CA HIS D 20 8.03 2.92 3.46
C HIS D 20 7.79 3.40 2.03
N LEU D 21 8.06 4.65 1.76
CA LEU D 21 7.84 5.18 0.38
C LEU D 21 8.79 4.49 -0.59
N ILE D 22 10.06 4.72 -0.44
CA ILE D 22 11.04 4.08 -1.37
C ILE D 22 10.76 2.58 -1.47
N LEU D 23 10.23 1.99 -0.43
CA LEU D 23 9.93 0.53 -0.48
C LEU D 23 8.77 0.27 -1.44
N TRP D 24 7.64 0.90 -1.21
CA TRP D 24 6.47 0.69 -2.11
C TRP D 24 6.93 0.80 -3.57
N ILE D 25 7.66 1.83 -3.89
CA ILE D 25 8.15 1.97 -5.30
C ILE D 25 9.12 0.83 -5.60
N LEU D 26 9.99 0.54 -4.68
CA LEU D 26 10.99 -0.54 -4.91
C LEU D 26 10.26 -1.83 -5.34
N ASP D 27 9.20 -2.17 -4.69
CA ASP D 27 8.45 -3.41 -5.05
C ASP D 27 7.63 -3.19 -6.32
N ARG D 28 7.29 -1.97 -6.61
CA ARG D 28 6.47 -1.71 -7.83
C ARG D 28 7.37 -1.48 -9.06
N LEU D 29 8.67 -1.47 -8.89
CA LEU D 29 9.60 -1.24 -10.04
C LEU D 29 9.02 -1.87 -11.33
N PHE D 30 8.34 -2.98 -11.20
CA PHE D 30 7.76 -3.63 -12.41
C PHE D 30 6.81 -4.75 -11.95
N PHE D 31 5.62 -4.78 -12.50
CA PHE D 31 4.66 -5.85 -12.10
C PHE D 31 3.49 -5.88 -13.09
N LYS D 32 3.53 -6.77 -14.04
CA LYS D 32 2.43 -6.86 -15.03
C LYS D 32 2.45 -8.22 -15.72
N SER D 33 3.60 -8.85 -15.77
CA SER D 33 3.68 -10.19 -16.42
C SER D 33 2.56 -11.08 -15.90
N ILE D 34 1.60 -11.39 -16.73
CA ILE D 34 0.47 -12.26 -16.28
C ILE D 34 0.88 -13.73 -16.41
N TYR D 35 1.90 -13.99 -17.18
CA TYR D 35 2.32 -15.41 -17.36
C TYR D 35 2.98 -15.96 -16.08
N ARG D 36 3.75 -15.17 -15.38
CA ARG D 36 4.41 -15.70 -14.14
C ARG D 36 3.42 -15.76 -12.98
N PHE D 37 2.59 -14.77 -12.82
CA PHE D 37 1.62 -14.77 -11.69
C PHE D 37 0.53 -15.81 -11.92
N PHE D 38 -0.01 -15.88 -13.10
CA PHE D 38 -1.11 -16.86 -13.36
C PHE D 38 -0.53 -18.28 -13.55
N GLU D 39 0.71 -18.40 -13.95
CA GLU D 39 1.27 -19.77 -14.10
C GLU D 39 1.69 -20.27 -12.72
N HIS D 40 2.03 -19.37 -11.84
CA HIS D 40 2.43 -19.77 -10.47
C HIS D 40 1.18 -20.27 -9.74
N GLY D 41 0.11 -19.52 -9.81
CA GLY D 41 -1.14 -19.95 -9.14
C GLY D 41 -1.61 -21.28 -9.76
N LEU D 42 -1.92 -21.28 -11.02
CA LEU D 42 -2.38 -22.54 -11.68
C LEU D 42 -1.23 -23.54 -11.73
N LYS D 43 -1.50 -24.79 -11.49
CA LYS D 43 -0.42 -25.82 -11.53
C LYS D 43 0.24 -25.80 -12.91
CA RIM E . -3.97 -6.48 5.99
CB RIM E . -2.78 -7.45 6.08
NC RIM E . -1.54 -6.65 6.26
CD RIM E . -2.93 -8.45 7.25
CE1 RIM E . -3.82 -9.63 6.82
CE2 RIM E . -1.53 -8.99 7.61
CE3 RIM E . -3.55 -7.79 8.50
CF1 RIM E . -3.93 -10.64 7.96
CF2 RIM E . -1.64 -10.02 8.74
CF3 RIM E . -3.64 -8.81 9.64
CG1 RIM E . -2.54 -11.17 8.29
CG2 RIM E . -2.25 -9.34 9.96
CG3 RIM E . -4.52 -9.97 9.19
HA1 RIM E . -3.93 -5.79 6.81
HA2 RIM E . -4.90 -7.03 6.02
HA3 RIM E . -3.92 -5.94 5.05
HB RIM E . -2.71 -8.01 5.16
HNC1 RIM E . -1.59 -5.73 6.59
HNC2 RIM E . -0.67 -7.06 6.07
HE11 RIM E . -3.40 -10.10 5.95
HE12 RIM E . -4.81 -9.27 6.58
HE21 RIM E . -0.90 -8.18 7.94
HE22 RIM E . -1.10 -9.46 6.74
HE31 RIM E . -4.54 -7.44 8.28
HE32 RIM E . -2.93 -6.96 8.80
HF1 RIM E . -4.56 -11.46 7.65
HF2 RIM E . -0.67 -10.40 8.98
HF3 RIM E . -4.06 -8.35 10.50
HG11 RIM E . -2.62 -11.88 9.11
HG12 RIM E . -2.11 -11.63 7.40
HG21 RIM E . -2.33 -10.08 10.76
HG22 RIM E . -1.62 -8.51 10.25
HG31 RIM E . -4.58 -10.70 10.00
HG32 RIM E . -5.51 -9.58 8.94
CA RIM F . -8.12 3.55 -3.18
CB RIM F . -8.75 2.51 -2.23
NC RIM F . -7.84 2.33 -1.06
CD RIM F . -10.15 2.95 -1.73
CE1 RIM F . -10.19 4.46 -1.45
CE2 RIM F . -11.20 2.60 -2.79
CE3 RIM F . -10.47 2.19 -0.44
CF1 RIM F . -11.57 4.85 -0.93
CF2 RIM F . -12.60 3.00 -2.27
CF3 RIM F . -11.86 2.57 0.06
CG1 RIM F . -12.62 4.50 -1.99
CG2 RIM F . -12.89 2.23 -1.00
CG3 RIM F . -11.88 4.07 0.35
HA1 RIM F . -8.83 3.83 -3.94
HA2 RIM F . -7.25 3.11 -3.66
HA3 RIM F . -7.81 4.41 -2.63
HB RIM F . -8.84 1.56 -2.75
HNC1 RIM F . -7.23 1.56 -1.04
HNC2 RIM F . -7.76 3.04 -0.40
HE11 RIM F . -10.01 5.02 -2.35
HE12 RIM F . -9.45 4.72 -0.71
HE21 RIM F . -11.19 1.55 -2.99
HE22 RIM F . -11.00 3.14 -3.71
HE31 RIM F . -9.74 2.43 0.33
HE32 RIM F . -10.44 1.12 -0.64
HF1 RIM F . -11.61 5.90 -0.72
HF2 RIM F . -13.34 2.77 -3.02
HF3 RIM F . -12.08 2.03 0.97
HG11 RIM F . -13.61 4.77 -1.62
HG12 RIM F . -12.38 5.04 -2.89
HG21 RIM F . -13.88 2.53 -0.64
HG22 RIM F . -12.85 1.17 -1.21
HG31 RIM F . -12.88 4.34 0.71
HG32 RIM F . -11.12 4.30 1.09
CA RIM G . 4.82 2.78 -7.64
CB RIM G . 3.67 2.57 -8.63
NC RIM G . 2.39 2.54 -7.89
CD RIM G . 3.63 3.68 -9.72
CE1 RIM G . 2.90 4.92 -9.17
CE2 RIM G . 5.05 4.08 -10.16
CE3 RIM G . 2.86 3.13 -10.92
CF1 RIM G . 2.82 5.98 -10.28
CF2 RIM G . 4.95 5.13 -11.27
CF3 RIM G . 2.77 4.20 -12.01
CG1 RIM G . 4.23 6.36 -10.72
CG2 RIM G . 4.17 4.58 -12.45
CG3 RIM G . 2.05 5.42 -11.46
HA1 RIM G . 4.81 3.80 -7.28
HA2 RIM G . 5.77 2.57 -8.11
HA3 RIM G . 4.69 2.11 -6.79
HB RIM G . 3.82 1.61 -9.12
HNC1 RIM G . 1.58 2.94 -8.29
HNC2 RIM G . 2.34 2.16 -6.99
HE11 RIM G . 3.43 5.32 -8.33
HE12 RIM G . 1.90 4.65 -8.87
HE21 RIM G . 5.57 3.21 -10.53
HE22 RIM G . 5.59 4.51 -9.34
HE31 RIM G . 1.86 2.84 -10.61
HE32 RIM G . 3.37 2.26 -11.31
HF1 RIM G . 2.32 6.86 -9.90
HF2 RIM G . 5.94 5.42 -11.59
HF3 RIM G . 2.22 3.80 -12.85
HG11 RIM G . 4.16 7.11 -11.51
HG12 RIM G . 4.78 6.74 -9.87
HG21 RIM G . 4.10 5.34 -13.22
HG22 RIM G . 4.68 3.69 -12.82
HG31 RIM G . 2.00 6.18 -12.24
HG32 RIM G . 1.06 5.13 -11.13
CA RIM H . 9.22 -5.80 1.65
CB RIM H . 9.82 -5.67 0.24
NC RIM H . 9.71 -4.26 -0.20
CD RIM H . 11.31 -6.10 0.19
CE1 RIM H . 11.56 -7.35 1.06
CE2 RIM H . 11.65 -6.42 -1.27
CE3 RIM H . 12.22 -4.96 0.68
CF1 RIM H . 13.02 -7.78 0.93
CF2 RIM H . 13.12 -6.83 -1.38
CF3 RIM H . 13.68 -5.39 0.57
CG1 RIM H . 13.35 -8.08 -0.53
CG2 RIM H . 14.00 -5.71 -0.88
CG3 RIM H . 13.91 -6.64 1.42
HA1 RIM H . 8.28 -5.28 1.68
HA2 RIM H . 9.89 -5.37 2.37
HA3 RIM H . 9.06 -6.85 1.88
HB RIM H . 9.25 -6.29 -0.44
HNC1 RIM H . 9.69 -3.53 0.47
HNC2 RIM H . 9.66 -4.04 -1.16
HE11 RIM H . 10.91 -8.16 0.72
HE12 RIM H . 11.35 -7.14 2.09
HE21 RIM H . 11.49 -5.54 -1.88
HE22 RIM H . 11.02 -7.23 -1.62
HE31 RIM H . 11.99 -4.73 1.71
HE32 RIM H . 12.06 -4.08 0.07
HF1 RIM H . 13.19 -8.65 1.53
HF2 RIM H . 13.36 -7.06 -2.40
HF3 RIM H . 14.32 -4.60 0.92
HG11 RIM H . 14.39 -8.37 -0.59
HG12 RIM H . 12.69 -8.88 -0.88
HG21 RIM H . 15.05 -6.02 -0.94
HG22 RIM H . 13.82 -4.82 -1.48
HG31 RIM H . 14.95 -6.94 1.33
HG32 RIM H . 13.66 -6.41 2.45
N SER A 6 5.90 15.65 28.05
CA SER A 6 5.43 14.36 27.46
C SER A 6 4.45 14.65 26.32
N ASP A 7 4.52 13.89 25.26
CA ASP A 7 3.60 14.12 24.11
C ASP A 7 3.59 12.88 23.22
N PRO A 8 3.05 11.80 23.72
CA PRO A 8 2.96 10.51 22.96
C PRO A 8 2.44 10.71 21.54
N LEU A 9 1.94 11.87 21.23
CA LEU A 9 1.42 12.11 19.86
C LEU A 9 2.43 11.58 18.84
N VAL A 10 3.67 11.87 19.02
CA VAL A 10 4.71 11.38 18.07
C VAL A 10 4.85 9.87 18.24
N VAL A 11 4.93 9.41 19.47
CA VAL A 11 5.06 7.94 19.70
C VAL A 11 4.02 7.21 18.87
N ALA A 12 2.78 7.66 18.92
CA ALA A 12 1.71 6.99 18.13
C ALA A 12 1.99 7.18 16.64
N ALA A 13 2.52 8.31 16.27
CA ALA A 13 2.81 8.55 14.83
C ALA A 13 3.87 7.56 14.34
N SER A 14 5.01 7.53 14.99
CA SER A 14 6.08 6.58 14.57
C SER A 14 5.56 5.14 14.56
N ILE A 15 4.73 4.80 15.50
CA ILE A 15 4.18 3.42 15.55
C ILE A 15 3.19 3.22 14.40
N ILE A 16 2.35 4.19 14.15
CA ILE A 16 1.37 4.05 13.04
C ILE A 16 2.13 3.77 11.75
N GLY A 17 3.31 4.32 11.62
CA GLY A 17 4.10 4.08 10.38
C GLY A 17 4.68 2.67 10.41
N ILE A 18 5.19 2.26 11.54
CA ILE A 18 5.77 0.88 11.65
C ILE A 18 4.70 -0.14 11.26
N LEU A 19 3.46 0.15 11.55
CA LEU A 19 2.38 -0.81 11.19
C LEU A 19 2.16 -0.77 9.68
N HIS A 20 1.77 0.36 9.16
CA HIS A 20 1.53 0.47 7.69
C HIS A 20 2.72 -0.13 6.93
N LEU A 21 3.91 0.11 7.41
CA LEU A 21 5.11 -0.44 6.71
C LEU A 21 5.11 -1.97 6.79
N ILE A 22 5.28 -2.51 7.97
CA ILE A 22 5.29 -3.99 8.11
C ILE A 22 4.09 -4.58 7.35
N LEU A 23 3.03 -3.84 7.22
CA LEU A 23 1.84 -4.35 6.51
C LEU A 23 2.16 -4.54 5.02
N TRP A 24 2.42 -3.47 4.31
CA TRP A 24 2.73 -3.58 2.86
C TRP A 24 3.78 -4.68 2.65
N ILE A 25 4.81 -4.69 3.44
CA ILE A 25 5.85 -5.75 3.28
C ILE A 25 5.21 -7.11 3.52
N LEU A 26 4.58 -7.27 4.65
CA LEU A 26 3.92 -8.57 4.97
C LEU A 26 3.10 -9.04 3.77
N ASP A 27 2.36 -8.16 3.15
CA ASP A 27 1.54 -8.57 1.98
C ASP A 27 2.44 -8.89 0.79
N ARG A 28 3.61 -8.31 0.73
CA ARG A 28 4.52 -8.59 -0.42
C ARG A 28 5.19 -9.95 -0.25
N LEU A 29 5.30 -10.46 0.95
CA LEU A 29 5.94 -11.79 1.13
C LEU A 29 4.94 -12.88 0.74
N PHE A 30 3.67 -12.56 0.75
CA PHE A 30 2.65 -13.57 0.38
C PHE A 30 2.68 -14.72 1.38
N PHE A 31 1.58 -15.40 1.56
CA PHE A 31 1.55 -16.53 2.53
C PHE A 31 0.40 -17.47 2.17
N LYS A 32 0.23 -17.78 0.91
CA LYS A 32 -0.87 -18.68 0.50
C LYS A 32 -0.61 -19.20 -0.93
N SER A 33 -1.65 -19.45 -1.69
CA SER A 33 -1.46 -19.96 -3.07
C SER A 33 -2.35 -19.16 -4.03
N ILE A 34 -2.12 -19.28 -5.32
CA ILE A 34 -2.96 -18.52 -6.29
C ILE A 34 -4.03 -19.46 -6.87
N TYR A 35 -3.66 -20.65 -7.23
CA TYR A 35 -4.67 -21.59 -7.80
C TYR A 35 -5.84 -21.76 -6.81
N ARG A 36 -5.60 -21.52 -5.55
CA ARG A 36 -6.69 -21.66 -4.55
C ARG A 36 -7.72 -20.55 -4.76
N PHE A 37 -7.26 -19.35 -4.96
CA PHE A 37 -8.21 -18.22 -5.18
C PHE A 37 -8.98 -18.47 -6.49
N PHE A 38 -8.38 -19.14 -7.42
CA PHE A 38 -9.07 -19.41 -8.71
C PHE A 38 -10.15 -20.47 -8.49
N GLU A 39 -9.76 -21.70 -8.25
CA GLU A 39 -10.77 -22.76 -8.03
C GLU A 39 -11.85 -22.27 -7.06
N HIS A 40 -11.51 -21.36 -6.19
CA HIS A 40 -12.52 -20.83 -5.23
C HIS A 40 -13.57 -20.03 -5.97
N GLY A 41 -13.18 -18.96 -6.62
CA GLY A 41 -14.17 -18.13 -7.37
C GLY A 41 -15.00 -19.04 -8.29
N LEU A 42 -14.36 -19.83 -9.11
CA LEU A 42 -15.11 -20.72 -10.03
C LEU A 42 -15.81 -21.81 -9.22
N LYS A 43 -17.09 -21.66 -8.98
CA LYS A 43 -17.83 -22.70 -8.20
C LYS A 43 -18.27 -23.82 -9.14
N SER B 6 3.87 20.97 20.47
CA SER B 6 3.85 20.03 19.31
C SER B 6 3.17 20.72 18.12
N ASP B 7 2.37 21.71 18.37
CA ASP B 7 1.68 22.43 17.26
C ASP B 7 0.85 21.43 16.45
N PRO B 8 -0.11 21.91 15.70
CA PRO B 8 -0.98 21.04 14.85
C PRO B 8 -0.20 20.36 13.74
N LEU B 9 0.93 20.90 13.35
CA LEU B 9 1.73 20.27 12.27
C LEU B 9 1.83 18.77 12.54
N VAL B 10 2.09 18.40 13.77
CA VAL B 10 2.18 16.95 14.10
C VAL B 10 0.78 16.34 14.03
N VAL B 11 -0.21 17.03 14.53
CA VAL B 11 -1.60 16.47 14.48
C VAL B 11 -1.91 16.05 13.04
N ALA B 12 -1.68 16.93 12.09
CA ALA B 12 -1.96 16.58 10.67
C ALA B 12 -1.06 15.43 10.24
N ALA B 13 0.16 15.40 10.72
CA ALA B 13 1.09 14.31 10.34
C ALA B 13 0.55 12.96 10.85
N SER B 14 0.30 12.87 12.13
CA SER B 14 -0.23 11.61 12.71
C SER B 14 -1.52 11.20 11.98
N ILE B 15 -2.34 12.16 11.63
CA ILE B 15 -3.60 11.81 10.93
C ILE B 15 -3.29 11.35 9.50
N ILE B 16 -2.35 11.99 8.85
CA ILE B 16 -2.01 11.56 7.45
C ILE B 16 -1.57 10.10 7.49
N GLY B 17 -0.93 9.69 8.54
CA GLY B 17 -0.48 8.27 8.64
C GLY B 17 -1.69 7.38 8.93
N ILE B 18 -2.55 7.82 9.82
CA ILE B 18 -3.75 7.00 10.14
C ILE B 18 -4.61 6.85 8.89
N LEU B 19 -4.69 7.86 8.08
CA LEU B 19 -5.51 7.78 6.84
C LEU B 19 -4.89 6.74 5.91
N HIS B 20 -3.68 6.97 5.46
CA HIS B 20 -3.02 6.00 4.55
C HIS B 20 -3.19 4.58 5.10
N LEU B 21 -3.06 4.41 6.38
CA LEU B 21 -3.22 3.04 6.98
C LEU B 21 -4.65 2.53 6.73
N ILE B 22 -5.61 3.10 7.40
CA ILE B 22 -7.01 2.64 7.22
C ILE B 22 -7.31 2.51 5.72
N LEU B 23 -6.73 3.35 4.91
CA LEU B 23 -6.97 3.28 3.44
C LEU B 23 -6.44 1.95 2.90
N TRP B 24 -5.17 1.70 3.08
CA TRP B 24 -4.58 0.43 2.57
C TRP B 24 -5.49 -0.74 2.95
N ILE B 25 -5.95 -0.78 4.17
CA ILE B 25 -6.84 -1.89 4.60
C ILE B 25 -8.20 -1.75 3.90
N LEU B 26 -8.64 -0.55 3.68
CA LEU B 26 -9.96 -0.33 3.02
C LEU B 26 -9.96 -0.99 1.64
N ASP B 27 -8.91 -0.84 0.88
CA ASP B 27 -8.87 -1.43 -0.48
C ASP B 27 -8.47 -2.91 -0.40
N ARG B 28 -7.79 -3.31 0.64
CA ARG B 28 -7.35 -4.73 0.74
C ARG B 28 -8.50 -5.62 1.25
N LEU B 29 -9.53 -5.05 1.83
CA LEU B 29 -10.66 -5.92 2.34
C LEU B 29 -11.00 -6.97 1.29
N PHE B 30 -10.62 -6.76 0.06
CA PHE B 30 -10.94 -7.76 -1.00
C PHE B 30 -10.54 -9.16 -0.52
N PHE B 31 -11.47 -9.91 -0.02
CA PHE B 31 -11.14 -11.28 0.47
C PHE B 31 -12.42 -12.06 0.74
N LYS B 32 -13.20 -12.32 -0.28
CA LYS B 32 -14.47 -13.07 -0.08
C LYS B 32 -14.91 -13.71 -1.40
N SER B 33 -15.94 -13.20 -2.00
CA SER B 33 -16.42 -13.77 -3.29
C SER B 33 -15.57 -13.27 -4.45
N ILE B 34 -15.08 -14.17 -5.26
CA ILE B 34 -14.22 -13.77 -6.42
C ILE B 34 -15.03 -13.91 -7.71
N TYR B 35 -15.93 -14.85 -7.76
CA TYR B 35 -16.74 -15.05 -8.99
C TYR B 35 -17.28 -13.71 -9.48
N ARG B 36 -17.47 -12.77 -8.60
CA ARG B 36 -17.99 -11.44 -9.02
C ARG B 36 -16.97 -10.74 -9.92
N PHE B 37 -15.71 -10.81 -9.56
CA PHE B 37 -14.65 -10.16 -10.39
C PHE B 37 -14.53 -10.87 -11.73
N PHE B 38 -14.73 -12.16 -11.75
CA PHE B 38 -14.61 -12.91 -13.03
C PHE B 38 -15.73 -12.47 -13.98
N GLU B 39 -16.94 -12.39 -13.51
CA GLU B 39 -18.06 -11.97 -14.38
C GLU B 39 -17.91 -10.48 -14.73
N HIS B 40 -17.39 -9.70 -13.83
CA HIS B 40 -17.22 -8.25 -14.14
C HIS B 40 -16.21 -8.10 -15.27
N GLY B 41 -15.24 -8.97 -15.34
CA GLY B 41 -14.23 -8.89 -16.43
C GLY B 41 -14.82 -9.48 -17.71
N LEU B 42 -15.12 -10.75 -17.70
CA LEU B 42 -15.71 -11.38 -18.92
C LEU B 42 -16.97 -10.61 -19.33
N LYS B 43 -17.04 -10.17 -20.56
CA LYS B 43 -18.24 -9.42 -21.00
C LYS B 43 -18.46 -8.22 -20.09
N SER C 6 13.12 26.32 11.70
CA SER C 6 11.96 26.09 12.61
C SER C 6 11.70 24.59 12.74
N ASP C 7 12.72 23.83 13.06
CA ASP C 7 12.53 22.36 13.21
C ASP C 7 11.83 21.80 11.96
N PRO C 8 12.36 22.10 10.80
CA PRO C 8 11.78 21.62 9.51
C PRO C 8 11.70 20.09 9.44
N LEU C 9 12.41 19.41 10.30
CA LEU C 9 12.38 17.92 10.28
C LEU C 9 10.92 17.46 10.18
N VAL C 10 10.04 18.05 10.93
CA VAL C 10 8.61 17.64 10.87
C VAL C 10 8.04 18.08 9.53
N VAL C 11 8.33 19.29 9.11
CA VAL C 11 7.80 19.77 7.80
C VAL C 11 8.09 18.71 6.73
N ALA C 12 9.30 18.24 6.66
CA ALA C 12 9.64 17.20 5.65
C ALA C 12 8.88 15.92 5.96
N ALA C 13 8.66 15.64 7.22
CA ALA C 13 7.92 14.40 7.59
C ALA C 13 6.47 14.49 7.09
N SER C 14 5.76 15.51 7.49
CA SER C 14 4.34 15.64 7.06
C SER C 14 4.27 15.68 5.53
N ILE C 15 5.24 16.25 4.88
CA ILE C 15 5.22 16.30 3.39
C ILE C 15 5.52 14.91 2.82
N ILE C 16 6.50 14.24 3.37
CA ILE C 16 6.83 12.88 2.86
C ILE C 16 5.57 12.01 2.91
N GLY C 17 4.75 12.21 3.90
CA GLY C 17 3.50 11.42 4.00
C GLY C 17 2.51 11.89 2.93
N ILE C 18 2.37 13.18 2.76
CA ILE C 18 1.43 13.69 1.73
C ILE C 18 1.84 13.13 0.36
N LEU C 19 3.09 12.82 0.18
CA LEU C 19 3.55 12.27 -1.12
C LEU C 19 3.12 10.80 -1.21
N HIS C 20 3.70 9.95 -0.40
CA HIS C 20 3.32 8.51 -0.44
C HIS C 20 1.79 8.38 -0.48
N LEU C 21 1.10 9.15 0.30
CA LEU C 21 -0.39 9.07 0.30
C LEU C 21 -0.92 9.41 -1.09
N ILE C 22 -0.77 10.65 -1.50
CA ILE C 22 -1.27 11.05 -2.84
C ILE C 22 -0.81 10.04 -3.90
N LEU C 23 0.30 9.39 -3.67
CA LEU C 23 0.80 8.39 -4.66
C LEU C 23 -0.14 7.18 -4.69
N TRP C 24 -0.24 6.46 -3.60
CA TRP C 24 -1.13 5.27 -3.58
C TRP C 24 -2.50 5.64 -4.15
N ILE C 25 -3.05 6.75 -3.74
CA ILE C 25 -4.37 7.15 -4.27
C ILE C 25 -4.26 7.39 -5.79
N LEU C 26 -3.26 8.13 -6.19
CA LEU C 26 -3.07 8.43 -7.64
C LEU C 26 -3.02 7.11 -8.44
N ASP C 27 -2.50 6.08 -7.86
CA ASP C 27 -2.43 4.78 -8.59
C ASP C 27 -3.75 4.03 -8.48
N ARG C 28 -4.52 4.29 -7.46
CA ARG C 28 -5.82 3.58 -7.30
C ARG C 28 -6.85 4.14 -8.28
N LEU C 29 -6.75 5.38 -8.66
CA LEU C 29 -7.75 5.93 -9.63
C LEU C 29 -7.68 5.14 -10.94
N PHE C 30 -6.52 4.64 -11.27
CA PHE C 30 -6.40 3.85 -12.53
C PHE C 30 -7.31 2.62 -12.44
N PHE C 31 -6.74 1.45 -12.33
CA PHE C 31 -7.57 0.22 -12.23
C PHE C 31 -8.69 0.26 -13.26
N LYS C 32 -8.41 -0.11 -14.48
CA LYS C 32 -9.46 -0.10 -15.53
C LYS C 32 -10.26 -1.41 -15.46
N SER C 33 -10.83 -1.86 -16.55
CA SER C 33 -11.61 -3.14 -16.50
C SER C 33 -10.68 -4.28 -16.09
N ILE C 34 -11.17 -5.49 -16.12
CA ILE C 34 -10.33 -6.67 -15.73
C ILE C 34 -9.98 -7.47 -16.98
N TYR C 35 -10.81 -7.42 -17.98
CA TYR C 35 -10.55 -8.18 -19.24
C TYR C 35 -9.19 -7.78 -19.81
N ARG C 36 -8.84 -6.53 -19.71
CA ARG C 36 -7.53 -6.07 -20.26
C ARG C 36 -6.39 -6.73 -19.48
N PHE C 37 -6.57 -6.92 -18.20
CA PHE C 37 -5.51 -7.55 -17.38
C PHE C 37 -5.35 -9.02 -17.79
N PHE C 38 -6.43 -9.67 -18.12
CA PHE C 38 -6.34 -11.10 -18.54
C PHE C 38 -5.66 -11.20 -19.90
N GLU C 39 -5.97 -10.30 -20.79
CA GLU C 39 -5.34 -10.35 -22.15
C GLU C 39 -3.87 -9.95 -22.03
N HIS C 40 -3.53 -9.19 -21.02
CA HIS C 40 -2.11 -8.77 -20.85
C HIS C 40 -1.29 -9.97 -20.36
N GLY C 41 -1.77 -10.67 -19.38
CA GLY C 41 -1.03 -11.85 -18.86
C GLY C 41 -1.06 -12.99 -19.88
N LEU C 42 -2.21 -13.53 -20.13
CA LEU C 42 -2.31 -14.65 -21.11
C LEU C 42 -1.80 -14.18 -22.47
N LYS C 43 -0.76 -14.79 -22.98
CA LYS C 43 -0.21 -14.39 -24.30
C LYS C 43 0.30 -12.95 -24.22
N SER D 6 18.52 15.12 20.52
CA SER D 6 17.58 15.62 21.56
C SER D 6 16.36 14.69 21.63
N ASP D 7 15.91 14.19 20.50
CA ASP D 7 14.73 13.29 20.51
C ASP D 7 14.63 12.58 19.16
N PRO D 8 15.56 11.71 18.88
CA PRO D 8 15.59 10.94 17.60
C PRO D 8 14.22 10.36 17.24
N LEU D 9 13.29 10.38 18.16
CA LEU D 9 11.94 9.83 17.87
C LEU D 9 11.46 10.36 16.51
N VAL D 10 11.60 11.64 16.28
CA VAL D 10 11.16 12.20 14.98
C VAL D 10 12.10 11.71 13.89
N VAL D 11 13.38 11.73 14.14
CA VAL D 11 14.35 11.25 13.12
C VAL D 11 13.91 9.88 12.60
N ALA D 12 13.58 8.98 13.50
CA ALA D 12 13.13 7.63 13.07
C ALA D 12 11.80 7.74 12.34
N ALA D 13 10.96 8.65 12.76
CA ALA D 13 9.64 8.81 12.09
C ALA D 13 9.84 9.29 10.65
N SER D 14 10.54 10.38 10.46
CA SER D 14 10.77 10.90 9.09
C SER D 14 11.45 9.82 8.23
N ILE D 15 12.34 9.05 8.81
CA ILE D 15 13.02 7.99 8.01
C ILE D 15 12.02 6.86 7.71
N ILE D 16 11.20 6.50 8.67
CA ILE D 16 10.21 5.41 8.42
C ILE D 16 9.35 5.80 7.22
N GLY D 17 9.06 7.06 7.07
CA GLY D 17 8.22 7.50 5.93
C GLY D 17 9.05 7.42 4.65
N ILE D 18 10.29 7.84 4.70
CA ILE D 18 11.15 7.79 3.49
C ILE D 18 11.34 6.33 3.06
N LEU D 19 11.31 5.42 4.00
CA LEU D 19 11.48 3.99 3.64
C LEU D 19 10.24 3.50 2.90
N HIS D 20 9.10 3.56 3.53
CA HIS D 20 7.85 3.10 2.86
C HIS D 20 7.76 3.74 1.46
N LEU D 21 8.12 4.99 1.34
CA LEU D 21 8.05 5.66 0.01
C LEU D 21 9.01 4.96 -0.96
N ILE D 22 10.28 5.09 -0.73
CA ILE D 22 11.27 4.43 -1.64
C ILE D 22 10.85 2.99 -1.89
N LEU D 23 10.23 2.37 -0.92
CA LEU D 23 9.79 0.95 -1.10
C LEU D 23 8.68 0.87 -2.14
N TRP D 24 7.59 1.57 -1.92
CA TRP D 24 6.46 1.54 -2.88
C TRP D 24 7.00 1.70 -4.31
N ILE D 25 7.90 2.63 -4.51
CA ILE D 25 8.45 2.83 -5.88
C ILE D 25 9.39 1.67 -6.22
N LEU D 26 10.15 1.20 -5.26
CA LEU D 26 11.08 0.07 -5.52
C LEU D 26 10.32 -1.14 -6.04
N ASP D 27 9.18 -1.43 -5.48
CA ASP D 27 8.40 -2.60 -5.94
C ASP D 27 7.58 -2.23 -7.19
N ARG D 28 7.28 -0.98 -7.37
CA ARG D 28 6.48 -0.57 -8.55
C ARG D 28 7.39 -0.25 -9.75
N LEU D 29 8.69 -0.33 -9.57
CA LEU D 29 9.65 -0.02 -10.69
C LEU D 29 9.03 -0.41 -12.04
N PHE D 30 8.27 -1.46 -12.09
CA PHE D 30 7.64 -1.87 -13.38
C PHE D 30 6.66 -3.02 -13.12
N PHE D 31 6.42 -3.35 -11.88
CA PHE D 31 5.48 -4.47 -11.58
C PHE D 31 4.21 -4.29 -12.40
N LYS D 32 3.95 -5.19 -13.32
CA LYS D 32 2.73 -5.08 -14.16
C LYS D 32 2.46 -6.42 -14.84
N SER D 33 3.50 -7.09 -15.26
CA SER D 33 3.30 -8.41 -15.94
C SER D 33 2.48 -9.34 -15.04
N ILE D 34 1.52 -10.01 -15.61
CA ILE D 34 0.66 -10.94 -14.80
C ILE D 34 1.09 -12.38 -15.09
N TYR D 35 1.64 -12.63 -16.24
CA TYR D 35 2.06 -14.01 -16.59
C TYR D 35 2.86 -14.62 -15.43
N ARG D 36 3.73 -13.86 -14.83
CA ARG D 36 4.53 -14.39 -13.69
C ARG D 36 3.60 -14.97 -12.63
N PHE D 37 2.56 -14.27 -12.29
CA PHE D 37 1.63 -14.79 -11.25
C PHE D 37 0.99 -16.10 -11.74
N PHE D 38 0.70 -16.18 -13.01
CA PHE D 38 0.08 -17.42 -13.55
C PHE D 38 1.04 -18.60 -13.37
N GLU D 39 2.16 -18.57 -14.05
CA GLU D 39 3.14 -19.68 -13.94
C GLU D 39 3.36 -20.03 -12.46
N HIS D 40 3.32 -19.05 -11.59
CA HIS D 40 3.51 -19.34 -10.15
C HIS D 40 2.39 -20.24 -9.64
N GLY D 41 1.17 -19.78 -9.72
CA GLY D 41 0.03 -20.62 -9.23
C GLY D 41 0.17 -22.04 -9.79
N LEU D 42 0.17 -22.17 -11.10
CA LEU D 42 0.31 -23.53 -11.71
C LEU D 42 1.72 -24.06 -11.47
N LYS D 43 1.83 -25.16 -10.77
CA LYS D 43 3.18 -25.73 -10.51
C LYS D 43 4.12 -24.65 -9.96
CA RIM E . -4.46 -5.06 4.68
CB RIM E . -3.65 -6.27 4.23
NC RIM E . -2.20 -5.92 4.24
CD RIM E . -3.88 -7.51 5.15
CE1 RIM E . -5.35 -7.61 5.59
CE2 RIM E . -3.49 -8.77 4.36
CE3 RIM E . -2.98 -7.42 6.40
CF1 RIM E . -5.54 -8.87 6.44
CF2 RIM E . -3.69 -10.01 5.23
CF3 RIM E . -3.20 -8.66 7.27
CG1 RIM E . -5.15 -10.11 5.64
CG2 RIM E . -2.81 -9.90 6.47
CG3 RIM E . -4.66 -8.77 7.67
HA1 RIM E . -4.32 -4.90 5.75
HA2 RIM E . -5.51 -5.22 4.47
HA3 RIM E . -4.13 -4.19 4.15
HB RIM E . -3.94 -6.53 3.22
HNC1 RIM E . -1.53 -6.61 4.43
HNC2 RIM E . -1.93 -4.99 4.11
HE11 RIM E . -5.98 -7.67 4.71
HE12 RIM E . -5.63 -6.76 6.18
HE21 RIM E . -2.45 -8.70 4.06
HE22 RIM E . -4.11 -8.84 3.48
HE31 RIM E . -3.24 -6.54 6.97
HE32 RIM E . -1.95 -7.36 6.11
HF1 RIM E . -6.57 -8.95 6.74
HF2 RIM E . -3.42 -10.89 4.67
HF3 RIM E . -2.58 -8.60 8.15
HG11 RIM E . -5.29 -10.98 6.26
HG12 RIM E . -5.76 -10.15 4.75
HG21 RIM E . -2.97 -10.79 7.09
HG22 RIM E . -1.77 -9.82 6.16
HG31 RIM E . -4.79 -9.66 8.28
HG32 RIM E . -4.94 -7.88 8.23
CA RIM F . -7.88 5.41 -3.13
CB RIM F . -9.11 4.56 -3.47
NC RIM F . -8.88 3.17 -3.00
CD RIM F . -10.40 5.11 -2.81
CE1 RIM F . -11.60 4.56 -3.56
CE2 RIM F . -10.49 4.66 -1.34
CE3 RIM F . -10.44 6.65 -2.86
CF1 RIM F . -12.90 5.06 -2.95
CF2 RIM F . -11.79 5.19 -0.72
CF3 RIM F . -11.75 7.16 -2.25
CG1 RIM F . -12.97 4.62 -1.49
CG2 RIM F . -11.82 6.71 -0.80
CG3 RIM F . -12.93 6.59 -3.02
HA1 RIM F . -6.98 4.87 -3.42
HA2 RIM F . -7.84 5.61 -2.08
HA3 RIM F . -7.91 6.34 -3.68
HB RIM F . -9.24 4.56 -4.54
HNC1 RIM F . -9.61 2.50 -3.07
HNC2 RIM F . -8.04 2.92 -2.59
HE11 RIM F . -11.59 3.48 -3.54
HE12 RIM F . -11.56 4.88 -4.60
HE21 RIM F . -9.65 5.05 -0.78
HE22 RIM F . -10.49 3.58 -1.29
HE31 RIM F . -10.38 6.98 -3.90
HE32 RIM F . -9.62 7.07 -2.30
HF1 RIM F . -13.75 4.67 -3.48
HF2 RIM F . -11.84 4.88 0.31
HF3 RIM F . -11.77 8.24 -2.29
HG11 RIM F . -13.89 5.00 -1.05
HG12 RIM F . -12.94 3.53 -1.46
HG21 RIM F . -12.75 7.06 -0.36
HG22 RIM F . -10.96 7.10 -0.26
HG31 RIM F . -13.85 6.94 -2.56
HG32 RIM F . -12.86 6.90 -4.06
CA RIM G . 5.13 4.01 -8.01
CB RIM G . 3.78 4.46 -8.59
NC RIM G . 3.05 5.23 -7.56
CD RIM G . 3.96 5.32 -9.86
CE1 RIM G . 2.67 6.15 -10.05
CE2 RIM G . 5.17 6.27 -9.75
CE3 RIM G . 4.15 4.41 -11.08
CF1 RIM G . 2.78 6.99 -11.33
CF2 RIM G . 5.25 7.13 -11.02
CF3 RIM G . 4.27 5.26 -12.35
CG1 RIM G . 3.98 7.93 -11.20
CG2 RIM G . 5.45 6.21 -12.22
CG3 RIM G . 3.00 6.07 -12.52
HA1 RIM G . 5.75 3.59 -8.79
HA2 RIM G . 4.97 3.27 -7.24
HA3 RIM G . 5.63 4.86 -7.56
HB RIM G . 3.21 3.57 -8.83
HNC1 RIM G . 2.22 5.70 -7.79
HNC2 RIM G . 3.42 5.32 -6.65
HE11 RIM G . 2.54 6.81 -9.22
HE12 RIM G . 1.83 5.49 -10.14
HE21 RIM G . 6.07 5.71 -9.65
HE22 RIM G . 5.03 6.92 -8.88
HE31 RIM G . 3.30 3.74 -11.17
HE32 RIM G . 5.04 3.83 -10.96
HF1 RIM G . 1.89 7.57 -11.47
HF2 RIM G . 6.10 7.81 -10.93
HF3 RIM G . 4.41 4.63 -13.20
HG11 RIM G . 4.06 8.52 -12.10
HG12 RIM G . 3.83 8.56 -10.33
HG21 RIM G . 5.52 6.82 -13.12
HG22 RIM G . 6.36 5.62 -12.07
HG31 RIM G . 3.09 6.68 -13.42
HG32 RIM G . 2.15 5.39 -12.60
CA RIM H . 8.29 -5.85 -0.32
CB RIM H . 9.59 -5.03 -0.24
NC RIM H . 9.78 -4.55 1.16
CD RIM H . 10.83 -5.87 -0.66
CE1 RIM H . 11.32 -6.73 0.51
CE2 RIM H . 10.52 -6.77 -1.86
CE3 RIM H . 11.95 -4.89 -1.06
CF1 RIM H . 12.57 -7.50 0.08
CF2 RIM H . 11.77 -7.53 -2.28
CF3 RIM H . 13.19 -5.65 -1.47
CG1 RIM H . 12.25 -8.38 -1.11
CG2 RIM H . 12.87 -6.54 -2.66
CG3 RIM H . 13.67 -6.51 -0.30
HA1 RIM H . 8.43 -6.81 0.17
HA2 RIM H . 8.02 -6.01 -1.35
HA3 RIM H . 7.50 -5.31 0.19
HB RIM H . 9.49 -4.18 -0.90
HNC1 RIM H . 9.06 -4.68 1.81
HNC2 RIM H . 10.62 -4.13 1.42
HE11 RIM H . 10.55 -7.43 0.79
HE12 RIM H . 11.56 -6.10 1.35
HE21 RIM H . 10.16 -6.18 -2.70
HE22 RIM H . 9.76 -7.50 -1.60
HE31 RIM H . 12.17 -4.25 -0.22
HE32 RIM H . 11.61 -4.28 -1.89
HF1 RIM H . 12.91 -8.11 0.91
HF2 RIM H . 11.55 -8.17 -3.13
HF3 RIM H . 13.98 -4.95 -1.73
HG11 RIM H . 13.15 -8.92 -1.40
HG12 RIM H . 11.45 -9.08 -0.84
HG21 RIM H . 13.76 -7.09 -2.94
HG22 RIM H . 12.52 -5.92 -3.48
HG31 RIM H . 14.55 -7.07 -0.60
HG32 RIM H . 13.88 -5.87 0.56
N SER A 6 6.63 16.50 27.07
CA SER A 6 5.73 15.32 27.06
C SER A 6 4.68 15.48 25.97
N ASP A 7 4.66 14.59 25.02
CA ASP A 7 3.67 14.69 23.92
C ASP A 7 3.66 13.39 23.11
N PRO A 8 3.17 12.33 23.69
CA PRO A 8 3.11 11.00 23.03
C PRO A 8 2.50 11.09 21.62
N LEU A 9 1.92 12.21 21.28
CA LEU A 9 1.34 12.35 19.91
C LEU A 9 2.35 11.86 18.88
N VAL A 10 3.58 12.29 19.00
CA VAL A 10 4.61 11.85 18.03
C VAL A 10 4.89 10.36 18.24
N VAL A 11 5.00 9.94 19.46
CA VAL A 11 5.26 8.50 19.73
C VAL A 11 4.26 7.66 18.95
N ALA A 12 2.99 7.97 19.05
CA ALA A 12 1.97 7.19 18.30
C ALA A 12 2.20 7.37 16.80
N ALA A 13 2.63 8.52 16.39
CA ALA A 13 2.87 8.76 14.93
C ALA A 13 4.01 7.85 14.46
N SER A 14 5.16 7.96 15.06
CA SER A 14 6.31 7.12 14.64
C SER A 14 5.91 5.63 14.66
N ILE A 15 5.10 5.24 15.61
CA ILE A 15 4.68 3.81 15.67
C ILE A 15 3.70 3.51 14.54
N ILE A 16 2.77 4.40 14.28
CA ILE A 16 1.80 4.14 13.19
C ILE A 16 2.57 3.87 11.89
N GLY A 17 3.67 4.55 11.70
CA GLY A 17 4.47 4.33 10.47
C GLY A 17 5.18 2.98 10.55
N ILE A 18 5.77 2.66 11.68
CA ILE A 18 6.47 1.36 11.81
C ILE A 18 5.51 0.22 11.49
N LEU A 19 4.27 0.33 11.90
CA LEU A 19 3.29 -0.75 11.59
C LEU A 19 3.00 -0.75 10.10
N HIS A 20 2.60 0.37 9.56
CA HIS A 20 2.29 0.43 8.10
C HIS A 20 3.44 -0.19 7.30
N LEU A 21 4.66 0.09 7.66
CA LEU A 21 5.81 -0.49 6.92
C LEU A 21 5.86 -2.01 7.14
N ILE A 22 6.10 -2.43 8.35
CA ILE A 22 6.16 -3.90 8.63
C ILE A 22 4.96 -4.59 7.97
N LEU A 23 3.89 -3.88 7.80
CA LEU A 23 2.68 -4.48 7.18
C LEU A 23 2.94 -4.76 5.70
N TRP A 24 3.20 -3.72 4.93
CA TRP A 24 3.46 -3.94 3.48
C TRP A 24 4.47 -5.07 3.30
N ILE A 25 5.53 -5.08 4.06
CA ILE A 25 6.53 -6.16 3.92
C ILE A 25 5.89 -7.49 4.32
N LEU A 26 5.34 -7.55 5.52
CA LEU A 26 4.69 -8.81 5.99
C LEU A 26 3.80 -9.39 4.89
N ASP A 27 3.03 -8.57 4.23
CA ASP A 27 2.13 -9.10 3.17
C ASP A 27 2.92 -9.40 1.89
N ARG A 28 4.01 -8.73 1.66
CA ARG A 28 4.80 -9.00 0.42
C ARG A 28 5.51 -10.35 0.53
N LEU A 29 5.74 -10.85 1.71
CA LEU A 29 6.44 -12.17 1.83
C LEU A 29 5.51 -13.26 1.31
N PHE A 30 4.26 -12.95 1.10
CA PHE A 30 3.31 -13.97 0.59
C PHE A 30 3.44 -14.07 -0.93
N PHE A 31 3.42 -15.25 -1.46
CA PHE A 31 3.55 -15.41 -2.94
C PHE A 31 2.82 -16.68 -3.39
N LYS A 32 2.75 -16.91 -4.67
CA LYS A 32 2.05 -18.13 -5.17
C LYS A 32 0.70 -18.26 -4.45
N SER A 33 0.30 -19.48 -4.15
CA SER A 33 -1.00 -19.67 -3.47
C SER A 33 -2.10 -18.93 -4.22
N ILE A 34 -2.09 -19.01 -5.53
CA ILE A 34 -3.13 -18.30 -6.33
C ILE A 34 -4.40 -19.15 -6.35
N TYR A 35 -4.26 -20.44 -6.29
CA TYR A 35 -5.45 -21.33 -6.31
C TYR A 35 -6.53 -20.79 -5.34
N ARG A 36 -6.13 -20.36 -4.19
CA ARG A 36 -7.11 -19.85 -3.20
C ARG A 36 -8.02 -18.81 -3.85
N PHE A 37 -7.48 -17.71 -4.30
CA PHE A 37 -8.34 -16.66 -4.92
C PHE A 37 -8.87 -17.14 -6.27
N PHE A 38 -8.18 -18.04 -6.93
CA PHE A 38 -8.67 -18.54 -8.24
C PHE A 38 -9.97 -19.32 -8.03
N GLU A 39 -10.01 -20.18 -7.06
CA GLU A 39 -11.25 -20.98 -6.81
C GLU A 39 -12.29 -20.10 -6.10
N HIS A 40 -11.85 -19.11 -5.37
CA HIS A 40 -12.83 -18.22 -4.67
C HIS A 40 -13.70 -17.52 -5.69
N GLY A 41 -13.10 -16.90 -6.68
CA GLY A 41 -13.91 -16.20 -7.71
C GLY A 41 -14.54 -17.24 -8.64
N LEU A 42 -13.75 -18.04 -9.29
CA LEU A 42 -14.32 -19.07 -10.22
C LEU A 42 -15.14 -20.08 -9.43
N LYS A 43 -15.49 -21.17 -10.04
CA LYS A 43 -16.30 -22.21 -9.33
C LYS A 43 -15.36 -23.23 -8.69
N SER B 6 -0.50 26.47 19.66
CA SER B 6 -1.22 25.72 18.58
C SER B 6 -0.20 25.04 17.67
N ASP B 7 -0.35 23.77 17.44
CA ASP B 7 0.60 23.04 16.56
C ASP B 7 -0.08 21.84 15.92
N PRO B 8 -1.24 22.05 15.35
CA PRO B 8 -2.03 20.96 14.69
C PRO B 8 -1.23 20.27 13.59
N LEU B 9 -0.15 20.86 13.16
CA LEU B 9 0.67 20.23 12.08
C LEU B 9 0.87 18.74 12.40
N VAL B 10 1.20 18.43 13.61
CA VAL B 10 1.39 17.00 13.98
C VAL B 10 0.03 16.30 13.96
N VAL B 11 -0.97 16.92 14.52
CA VAL B 11 -2.32 16.29 14.52
C VAL B 11 -2.66 15.82 13.11
N ALA B 12 -2.49 16.66 12.14
CA ALA B 12 -2.79 16.26 10.73
C ALA B 12 -1.82 15.17 10.30
N ALA B 13 -0.61 15.22 10.77
CA ALA B 13 0.40 14.18 10.39
C ALA B 13 -0.03 12.81 10.93
N SER B 14 -0.22 12.71 12.22
CA SER B 14 -0.63 11.41 12.83
C SER B 14 -1.93 10.92 12.17
N ILE B 15 -2.83 11.82 11.86
CA ILE B 15 -4.11 11.39 11.23
C ILE B 15 -3.84 10.95 9.79
N ILE B 16 -3.01 11.66 9.08
CA ILE B 16 -2.70 11.26 7.68
C ILE B 16 -2.18 9.83 7.68
N GLY B 17 -1.45 9.46 8.70
CA GLY B 17 -0.91 8.08 8.77
C GLY B 17 -2.03 7.10 9.13
N ILE B 18 -2.86 7.45 10.09
CA ILE B 18 -3.96 6.55 10.48
C ILE B 18 -4.81 6.23 9.24
N LEU B 19 -4.97 7.18 8.37
CA LEU B 19 -5.79 6.92 7.15
C LEU B 19 -5.02 5.97 6.22
N HIS B 20 -3.87 6.36 5.76
CA HIS B 20 -3.08 5.47 4.87
C HIS B 20 -3.04 4.05 5.45
N LEU B 21 -2.85 3.94 6.73
CA LEU B 21 -2.78 2.59 7.36
C LEU B 21 -4.13 1.87 7.17
N ILE B 22 -5.16 2.33 7.83
CA ILE B 22 -6.49 1.67 7.69
C ILE B 22 -6.78 1.42 6.20
N LEU B 23 -6.40 2.34 5.36
CA LEU B 23 -6.64 2.18 3.89
C LEU B 23 -5.95 0.91 3.39
N TRP B 24 -4.65 0.86 3.49
CA TRP B 24 -3.91 -0.34 3.00
C TRP B 24 -4.62 -1.61 3.47
N ILE B 25 -4.93 -1.69 4.74
CA ILE B 25 -5.64 -2.90 5.24
C ILE B 25 -6.96 -3.04 4.50
N LEU B 26 -7.72 -1.97 4.42
CA LEU B 26 -9.02 -2.01 3.71
C LEU B 26 -8.86 -2.74 2.37
N ASP B 27 -7.98 -2.27 1.53
CA ASP B 27 -7.77 -2.91 0.21
C ASP B 27 -7.36 -4.38 0.39
N ARG B 28 -6.66 -4.69 1.44
CA ARG B 28 -6.22 -6.11 1.63
C ARG B 28 -7.42 -6.99 2.00
N LEU B 29 -8.47 -6.43 2.55
CA LEU B 29 -9.66 -7.28 2.89
C LEU B 29 -10.41 -7.62 1.61
N PHE B 30 -10.44 -6.72 0.67
CA PHE B 30 -11.16 -6.99 -0.61
C PHE B 30 -10.76 -8.37 -1.14
N PHE B 31 -11.59 -9.35 -0.94
CA PHE B 31 -11.24 -10.72 -1.44
C PHE B 31 -12.51 -11.58 -1.47
N LYS B 32 -13.61 -11.05 -1.00
CA LYS B 32 -14.87 -11.85 -1.00
C LYS B 32 -15.33 -12.10 -2.44
N SER B 33 -16.48 -11.61 -2.79
CA SER B 33 -16.98 -11.81 -4.18
C SER B 33 -15.93 -11.35 -5.19
N ILE B 34 -15.24 -12.28 -5.80
CA ILE B 34 -14.20 -11.91 -6.81
C ILE B 34 -14.77 -12.11 -8.21
N TYR B 35 -15.73 -12.98 -8.35
CA TYR B 35 -16.32 -13.23 -9.70
C TYR B 35 -16.79 -11.91 -10.31
N ARG B 36 -17.09 -10.93 -9.50
CA ARG B 36 -17.55 -9.62 -10.04
C ARG B 36 -16.41 -8.97 -10.82
N PHE B 37 -15.21 -9.09 -10.35
CA PHE B 37 -14.05 -8.47 -11.07
C PHE B 37 -13.79 -9.26 -12.35
N PHE B 38 -13.95 -10.55 -12.29
CA PHE B 38 -13.71 -11.39 -13.50
C PHE B 38 -14.81 -11.11 -14.53
N GLU B 39 -16.04 -11.09 -14.11
CA GLU B 39 -17.15 -10.82 -15.06
C GLU B 39 -17.00 -9.39 -15.60
N HIS B 40 -16.40 -8.53 -14.84
CA HIS B 40 -16.21 -7.12 -15.30
C HIS B 40 -15.19 -7.09 -16.43
N GLY B 41 -14.08 -7.76 -16.27
CA GLY B 41 -13.06 -7.77 -17.35
C GLY B 41 -13.62 -8.47 -18.60
N LEU B 42 -13.98 -9.71 -18.48
CA LEU B 42 -14.53 -10.44 -19.65
C LEU B 42 -15.82 -9.76 -20.13
N LYS B 43 -16.43 -10.29 -21.15
CA LYS B 43 -17.69 -9.69 -21.66
C LYS B 43 -18.86 -10.09 -20.76
N SER C 6 12.09 27.52 12.03
CA SER C 6 11.54 26.74 13.18
C SER C 6 12.06 25.31 13.11
N ASP C 7 11.40 24.46 12.38
CA ASP C 7 11.85 23.05 12.27
C ASP C 7 11.07 22.33 11.17
N PRO C 8 11.26 22.76 9.95
CA PRO C 8 10.57 22.17 8.77
C PRO C 8 10.58 20.63 8.80
N LEU C 9 11.36 20.06 9.68
CA LEU C 9 11.42 18.56 9.76
C LEU C 9 10.00 18.01 9.78
N VAL C 10 9.14 18.58 10.57
CA VAL C 10 7.74 18.09 10.61
C VAL C 10 7.06 18.43 9.28
N VAL C 11 7.25 19.62 8.79
CA VAL C 11 6.63 20.00 7.49
C VAL C 11 6.95 18.92 6.46
N ALA C 12 8.20 18.54 6.35
CA ALA C 12 8.58 17.49 5.37
C ALA C 12 7.93 16.17 5.78
N ALA C 13 7.72 15.95 7.05
CA ALA C 13 7.09 14.69 7.50
C ALA C 13 5.62 14.65 7.06
N SER C 14 4.85 15.63 7.44
CA SER C 14 3.42 15.66 7.05
C SER C 14 3.31 15.56 5.52
N ILE C 15 4.21 16.19 4.82
CA ILE C 15 4.14 16.13 3.33
C ILE C 15 4.55 14.73 2.85
N ILE C 16 5.58 14.18 3.43
CA ILE C 16 6.02 12.82 3.01
C ILE C 16 4.82 11.86 3.15
N GLY C 17 4.00 12.08 4.14
CA GLY C 17 2.82 11.18 4.32
C GLY C 17 1.79 11.49 3.24
N ILE C 18 1.52 12.75 3.00
CA ILE C 18 0.53 13.12 1.96
C ILE C 18 0.98 12.52 0.62
N LEU C 19 2.27 12.47 0.40
CA LEU C 19 2.78 11.90 -0.88
C LEU C 19 2.45 10.41 -0.93
N HIS C 20 3.06 9.64 -0.08
CA HIS C 20 2.79 8.17 -0.07
C HIS C 20 1.27 7.93 -0.12
N LEU C 21 0.51 8.76 0.53
CA LEU C 21 -0.97 8.57 0.51
C LEU C 21 -1.49 8.77 -0.92
N ILE C 22 -1.46 9.98 -1.42
CA ILE C 22 -1.95 10.23 -2.80
C ILE C 22 -1.36 9.20 -3.75
N LEU C 23 -0.18 8.73 -3.47
CA LEU C 23 0.45 7.72 -4.38
C LEU C 23 -0.32 6.41 -4.30
N TRP C 24 -0.35 5.77 -3.15
CA TRP C 24 -1.09 4.48 -3.02
C TRP C 24 -2.45 4.57 -3.71
N ILE C 25 -3.19 5.61 -3.44
CA ILE C 25 -4.52 5.75 -4.09
C ILE C 25 -4.34 5.90 -5.60
N LEU C 26 -3.60 6.89 -6.02
CA LEU C 26 -3.36 7.12 -7.47
C LEU C 26 -3.02 5.79 -8.15
N ASP C 27 -2.24 4.96 -7.51
CA ASP C 27 -1.87 3.66 -8.14
C ASP C 27 -3.07 2.72 -8.10
N ARG C 28 -3.93 2.87 -7.14
CA ARG C 28 -5.12 1.97 -7.05
C ARG C 28 -6.17 2.37 -8.09
N LEU C 29 -6.10 3.57 -8.61
CA LEU C 29 -7.10 3.98 -9.64
C LEU C 29 -6.64 3.48 -11.00
N PHE C 30 -5.35 3.39 -11.22
CA PHE C 30 -4.83 2.91 -12.52
C PHE C 30 -5.47 1.56 -12.86
N PHE C 31 -5.04 0.94 -13.93
CA PHE C 31 -5.61 -0.37 -14.32
C PHE C 31 -7.08 -0.20 -14.74
N LYS C 32 -7.93 0.16 -13.82
CA LYS C 32 -9.36 0.34 -14.17
C LYS C 32 -9.88 -0.92 -14.88
N SER C 33 -9.84 -0.93 -16.18
CA SER C 33 -10.32 -2.13 -16.93
C SER C 33 -9.44 -3.33 -16.58
N ILE C 34 -10.00 -4.51 -16.58
CA ILE C 34 -9.21 -5.73 -16.25
C ILE C 34 -8.87 -6.49 -17.52
N TYR C 35 -9.70 -6.37 -18.53
CA TYR C 35 -9.44 -7.10 -19.81
C TYR C 35 -8.01 -6.79 -20.29
N ARG C 36 -7.42 -5.74 -19.81
CA ARG C 36 -6.04 -5.38 -20.24
C ARG C 36 -5.04 -6.36 -19.64
N PHE C 37 -5.19 -6.71 -18.39
CA PHE C 37 -4.24 -7.66 -17.75
C PHE C 37 -4.41 -9.04 -18.39
N PHE C 38 -5.62 -9.42 -18.69
CA PHE C 38 -5.86 -10.74 -19.31
C PHE C 38 -5.19 -10.79 -20.68
N GLU C 39 -5.58 -9.91 -21.57
CA GLU C 39 -4.96 -9.90 -22.92
C GLU C 39 -3.43 -9.77 -22.80
N HIS C 40 -2.98 -9.12 -21.76
CA HIS C 40 -1.50 -8.97 -21.58
C HIS C 40 -0.88 -10.34 -21.27
N GLY C 41 -1.40 -11.02 -20.28
CA GLY C 41 -0.84 -12.35 -19.92
C GLY C 41 -1.06 -13.32 -21.08
N LEU C 42 -2.30 -13.62 -21.40
CA LEU C 42 -2.56 -14.55 -22.53
C LEU C 42 -2.21 -13.87 -23.85
N LYS C 43 -1.11 -14.25 -24.45
CA LYS C 43 -0.71 -13.62 -25.74
C LYS C 43 -0.61 -12.11 -25.55
N SER D 6 18.61 15.72 20.09
CA SER D 6 17.94 15.72 21.42
C SER D 6 16.50 15.21 21.27
N ASP D 7 16.05 15.02 20.06
CA ASP D 7 14.66 14.52 19.85
C ASP D 7 14.57 13.82 18.49
N PRO D 8 15.48 12.93 18.23
CA PRO D 8 15.51 12.17 16.94
C PRO D 8 14.21 11.40 16.69
N LEU D 9 13.33 11.38 17.65
CA LEU D 9 12.04 10.65 17.45
C LEU D 9 11.43 11.07 16.12
N VAL D 10 11.35 12.35 15.86
CA VAL D 10 10.78 12.82 14.57
C VAL D 10 11.73 12.41 13.44
N VAL D 11 13.01 12.60 13.62
CA VAL D 11 13.97 12.22 12.56
C VAL D 11 13.66 10.79 12.10
N ALA D 12 13.54 9.87 13.02
CA ALA D 12 13.23 8.47 12.63
C ALA D 12 11.85 8.42 11.96
N ALA D 13 10.94 9.25 12.39
CA ALA D 13 9.59 9.26 11.77
C ALA D 13 9.69 9.70 10.30
N SER D 14 10.23 10.87 10.06
CA SER D 14 10.35 11.36 8.66
C SER D 14 11.11 10.34 7.81
N ILE D 15 12.09 9.69 8.38
CA ILE D 15 12.85 8.68 7.59
C ILE D 15 12.00 7.44 7.36
N ILE D 16 11.28 6.99 8.36
CA ILE D 16 10.42 5.79 8.17
C ILE D 16 9.50 6.04 6.99
N GLY D 17 9.04 7.26 6.82
CA GLY D 17 8.14 7.58 5.69
C GLY D 17 8.93 7.55 4.38
N ILE D 18 10.09 8.14 4.37
CA ILE D 18 10.91 8.14 3.13
C ILE D 18 11.16 6.69 2.70
N LEU D 19 11.37 5.81 3.63
CA LEU D 19 11.61 4.39 3.26
C LEU D 19 10.34 3.80 2.65
N HIS D 20 9.31 3.63 3.44
CA HIS D 20 8.04 3.06 2.90
C HIS D 20 7.71 3.66 1.53
N LEU D 21 8.06 4.91 1.32
CA LEU D 21 7.76 5.55 0.02
C LEU D 21 8.66 4.95 -1.07
N ILE D 22 9.93 5.24 -1.05
CA ILE D 22 10.85 4.67 -2.08
C ILE D 22 10.64 3.17 -2.19
N LEU D 23 10.23 2.55 -1.12
CA LEU D 23 9.99 1.07 -1.16
C LEU D 23 8.72 0.76 -1.94
N TRP D 24 7.60 1.28 -1.51
CA TRP D 24 6.32 1.03 -2.23
C TRP D 24 6.54 1.20 -3.74
N ILE D 25 7.05 2.32 -4.15
CA ILE D 25 7.30 2.54 -5.60
C ILE D 25 8.17 1.40 -6.13
N LEU D 26 9.22 1.09 -5.42
CA LEU D 26 10.15 0.00 -5.87
C LEU D 26 9.33 -1.22 -6.32
N ASP D 27 8.39 -1.63 -5.52
CA ASP D 27 7.56 -2.83 -5.88
C ASP D 27 6.69 -2.51 -7.10
N ARG D 28 6.24 -1.30 -7.23
CA ARG D 28 5.37 -0.96 -8.40
C ARG D 28 6.19 -1.00 -9.70
N LEU D 29 7.49 -0.84 -9.64
CA LEU D 29 8.29 -0.88 -10.90
C LEU D 29 8.42 -2.34 -11.35
N PHE D 30 8.51 -3.26 -10.42
CA PHE D 30 8.65 -4.68 -10.80
C PHE D 30 7.53 -5.06 -11.77
N PHE D 31 7.87 -5.42 -12.98
CA PHE D 31 6.83 -5.79 -13.97
C PHE D 31 7.49 -6.34 -15.23
N LYS D 32 7.02 -7.46 -15.73
CA LYS D 32 7.64 -8.04 -16.96
C LYS D 32 6.59 -8.90 -17.69
N SER D 33 5.84 -9.68 -16.98
CA SER D 33 4.82 -10.53 -17.64
C SER D 33 3.84 -11.08 -16.60
N ILE D 34 2.68 -11.48 -17.02
CA ILE D 34 1.66 -12.03 -16.08
C ILE D 34 1.62 -13.54 -16.20
N TYR D 35 1.98 -14.07 -17.34
CA TYR D 35 1.95 -15.55 -17.53
C TYR D 35 2.71 -16.24 -16.39
N ARG D 36 3.54 -15.51 -15.69
CA ARG D 36 4.31 -16.13 -14.57
C ARG D 36 3.37 -16.42 -13.39
N PHE D 37 2.48 -15.51 -13.11
CA PHE D 37 1.53 -15.74 -11.98
C PHE D 37 0.53 -16.84 -12.37
N PHE D 38 0.20 -16.91 -13.63
CA PHE D 38 -0.76 -17.95 -14.08
C PHE D 38 -0.11 -19.34 -13.96
N GLU D 39 1.13 -19.46 -14.34
CA GLU D 39 1.82 -20.77 -14.24
C GLU D 39 2.12 -21.07 -12.77
N HIS D 40 2.29 -20.06 -11.97
CA HIS D 40 2.58 -20.29 -10.53
C HIS D 40 1.35 -20.92 -9.88
N GLY D 41 0.19 -20.41 -10.18
CA GLY D 41 -1.06 -20.98 -9.60
C GLY D 41 -1.27 -22.38 -10.15
N LEU D 42 -1.47 -22.50 -11.44
CA LEU D 42 -1.69 -23.85 -12.04
C LEU D 42 -0.46 -24.72 -11.76
N LYS D 43 -0.67 -25.87 -11.18
CA LYS D 43 0.48 -26.77 -10.88
C LYS D 43 0.83 -27.59 -12.13
CA RIM E . -3.61 -6.69 5.46
CB RIM E . -2.71 -6.79 6.71
NC RIM E . -3.07 -5.70 7.65
CD RIM E . -2.87 -8.16 7.42
CE1 RIM E . -2.95 -9.32 6.41
CE2 RIM E . -1.63 -8.36 8.31
CE3 RIM E . -4.11 -8.16 8.31
CF1 RIM E . -3.05 -10.64 7.17
CF2 RIM E . -1.74 -9.70 9.06
CF3 RIM E . -4.22 -9.50 9.05
CG1 RIM E . -1.82 -10.82 8.04
CG2 RIM E . -2.99 -9.69 9.92
CG3 RIM E . -4.30 -10.64 8.04
HA1 RIM E . -3.64 -5.67 5.14
HA2 RIM E . -4.60 -7.03 5.69
HA3 RIM E . -3.19 -7.30 4.67
HB RIM E . -1.68 -6.67 6.40
HNC1 RIM E . -2.98 -5.84 8.61
HNC2 RIM E . -3.33 -4.82 7.30
HE11 RIM E . -2.07 -9.32 5.78
HE12 RIM E . -3.83 -9.21 5.80
HE21 RIM E . -1.56 -7.55 9.02
HE22 RIM E . -0.74 -8.37 7.69
HE31 RIM E . -4.99 -8.02 7.71
HE32 RIM E . -4.04 -7.36 9.03
HF1 RIM E . -3.10 -11.46 6.46
HF2 RIM E . -0.86 -9.83 9.68
HF3 RIM E . -5.11 -9.50 9.66
HG11 RIM E . -1.90 -11.77 8.58
HG12 RIM E . -0.93 -10.80 7.42
HG21 RIM E . -3.07 -10.64 10.44
HG22 RIM E . -2.92 -8.86 10.63
HG31 RIM E . -4.36 -11.58 8.57
HG32 RIM E . -5.17 -10.48 7.40
CA RIM F . -7.09 2.85 -2.62
CB RIM F . -8.18 3.28 -1.63
NC RIM F . -8.10 4.75 -1.42
CD RIM F . -9.60 2.91 -2.12
CE1 RIM F . -9.61 1.51 -2.78
CE2 RIM F . -10.53 2.90 -0.90
CE3 RIM F . -10.11 3.96 -3.13
CF1 RIM F . -11.04 1.17 -3.20
CF2 RIM F . -11.95 2.55 -1.34
CF3 RIM F . -11.52 3.60 -3.57
CG1 RIM F . -11.95 1.17 -1.99
CG2 RIM F . -12.44 3.58 -2.36
CG3 RIM F . -11.52 2.21 -4.21
HA1 RIM F . -7.35 3.16 -3.62
HA2 RIM F . -6.96 1.78 -2.59
HA3 RIM F . -6.16 3.32 -2.34
HB RIM F . -7.99 2.79 -0.68
HNC1 RIM F . -7.81 5.34 -2.16
HNC2 RIM F . -8.41 5.15 -0.58
HE11 RIM F . -9.25 0.78 -2.07
HE12 RIM F . -8.98 1.52 -3.66
HE21 RIM F . -10.53 3.88 -0.44
HE22 RIM F . -10.18 2.16 -0.19
HE31 RIM F . -9.46 3.97 -4.00
HE32 RIM F . -10.11 4.93 -2.67
HF1 RIM F . -11.05 0.19 -3.66
HF2 RIM F . -12.60 2.55 -0.49
HF3 RIM F . -11.87 4.33 -4.28
HG11 RIM F . -12.96 0.94 -2.31
HG12 RIM F . -11.58 0.45 -1.27
HG21 RIM F . -13.45 3.32 -2.67
HG22 RIM F . -12.42 4.57 -1.89
HG31 RIM F . -12.54 1.96 -4.51
HG32 RIM F . -10.85 2.22 -5.06
CA RIM G . 4.60 3.89 -8.37
CB RIM G . 3.44 3.79 -9.37
NC RIM G . 2.15 3.71 -8.62
CD RIM G . 3.39 5.02 -10.32
CE1 RIM G . 2.57 4.61 -11.56
CE2 RIM G . 2.70 6.20 -9.63
CE3 RIM G . 4.81 5.43 -10.75
CF1 RIM G . 2.50 5.79 -12.53
CF2 RIM G . 2.63 7.38 -10.62
CF3 RIM G . 4.71 6.59 -11.73
CG1 RIM G . 1.82 6.97 -11.84
CG2 RIM G . 4.03 7.77 -11.05
CG3 RIM G . 3.91 6.19 -12.95
HA1 RIM G . 4.62 4.86 -7.91
HA2 RIM G . 5.53 3.69 -8.87
HA3 RIM G . 4.46 3.14 -7.59
HB RIM G . 3.56 2.89 -9.94
HNC1 RIM G . 2.15 3.40 -7.68
HNC2 RIM G . 1.33 4.03 -9.02
HE11 RIM G . 1.58 4.33 -11.25
HE12 RIM G . 3.06 3.78 -12.04
HE21 RIM G . 3.25 6.50 -8.76
HE22 RIM G . 1.69 5.93 -9.35
HE31 RIM G . 5.30 4.60 -11.22
HE32 RIM G . 5.38 5.76 -9.90
HF1 RIM G . 1.93 5.50 -13.40
HF2 RIM G . 2.15 8.22 -10.14
HF3 RIM G . 5.71 6.89 -12.04
HG11 RIM G . 1.78 7.80 -12.54
HG12 RIM G . 0.83 6.67 -11.53
HG21 RIM G . 3.97 8.61 -11.75
HG22 RIM G . 4.61 8.05 -10.17
HG31 RIM G . 3.84 7.03 -13.64
HG32 RIM G . 4.38 5.33 -13.43
CA RIM H . 8.61 -5.75 0.74
CB RIM H . 8.93 -5.82 -0.76
NC RIM H . 8.53 -4.54 -1.40
CD RIM H . 10.43 -6.08 -1.02
CE1 RIM H . 11.24 -4.78 -0.88
CE2 RIM H . 11.00 -7.14 -0.06
CE3 RIM H . 10.58 -6.60 -2.46
CF1 RIM H . 12.72 -5.06 -1.20
CF2 RIM H . 12.47 -7.41 -0.39
CF3 RIM H . 12.05 -6.86 -2.79
CG1 RIM H . 13.26 -6.11 -0.24
CG2 RIM H . 12.58 -7.91 -1.82
CG3 RIM H . 12.84 -5.57 -2.63
HA1 RIM H . 7.62 -5.34 0.87
HA2 RIM H . 9.33 -5.12 1.25
HA3 RIM H . 8.63 -6.74 1.16
HB RIM H . 8.36 -6.62 -1.19
HNC1 RIM H . 7.80 -4.01 -1.02
HNC2 RIM H . 9.03 -4.20 -2.17
HE11 RIM H . 11.17 -4.41 0.12
HE12 RIM H . 10.86 -4.04 -1.56
HE21 RIM H . 10.43 -8.05 -0.14
HE22 RIM H . 10.94 -6.77 0.95
HE31 RIM H . 10.19 -5.86 -3.15
HE32 RIM H . 10.01 -7.51 -2.58
HF1 RIM H . 13.29 -4.15 -1.10
HF2 RIM H . 12.86 -8.15 0.29
HF3 RIM H . 12.13 -7.22 -3.80
HG11 RIM H . 14.30 -6.30 -0.49
HG12 RIM H . 13.15 -5.74 0.77
HG21 RIM H . 13.63 -8.08 -2.05
HG22 RIM H . 12.00 -8.82 -1.93
HG31 RIM H . 13.89 -5.76 -2.85
HG32 RIM H . 12.43 -4.82 -3.31
N SER A 6 6.42 13.80 27.05
CA SER A 6 7.08 14.47 25.90
C SER A 6 6.10 14.55 24.72
N ASP A 7 4.87 14.90 24.98
CA ASP A 7 3.86 14.98 23.89
C ASP A 7 3.92 13.70 23.05
N PRO A 8 3.49 12.61 23.60
CA PRO A 8 3.49 11.29 22.91
C PRO A 8 2.88 11.38 21.50
N LEU A 9 2.31 12.49 21.15
CA LEU A 9 1.71 12.62 19.79
C LEU A 9 2.72 12.12 18.76
N VAL A 10 3.95 12.56 18.86
CA VAL A 10 4.98 12.12 17.89
C VAL A 10 5.25 10.63 18.12
N VAL A 11 5.39 10.23 19.35
CA VAL A 11 5.65 8.78 19.64
C VAL A 11 4.62 7.94 18.88
N ALA A 12 3.37 8.31 18.94
CA ALA A 12 2.33 7.53 18.21
C ALA A 12 2.57 7.65 16.70
N ALA A 13 3.04 8.79 16.26
CA ALA A 13 3.29 8.97 14.80
C ALA A 13 4.44 8.04 14.36
N SER A 14 5.58 8.16 14.99
CA SER A 14 6.73 7.28 14.61
C SER A 14 6.31 5.81 14.66
N ILE A 15 5.49 5.46 15.61
CA ILE A 15 5.05 4.04 15.72
C ILE A 15 4.06 3.72 14.59
N ILE A 16 3.16 4.61 14.30
CA ILE A 16 2.19 4.35 13.21
C ILE A 16 2.96 4.06 11.92
N GLY A 17 4.07 4.71 11.73
CA GLY A 17 4.87 4.46 10.50
C GLY A 17 5.54 3.09 10.61
N ILE A 18 6.10 2.78 11.74
CA ILE A 18 6.76 1.46 11.91
C ILE A 18 5.73 0.35 11.67
N LEU A 19 4.51 0.58 12.05
CA LEU A 19 3.47 -0.47 11.83
C LEU A 19 3.21 -0.64 10.34
N HIS A 20 2.66 0.37 9.70
CA HIS A 20 2.37 0.27 8.24
C HIS A 20 3.56 -0.37 7.50
N LEU A 21 4.76 0.05 7.80
CA LEU A 21 5.94 -0.52 7.10
C LEU A 21 5.99 -2.04 7.35
N ILE A 22 6.21 -2.43 8.58
CA ILE A 22 6.29 -3.89 8.89
C ILE A 22 5.08 -4.60 8.27
N LEU A 23 3.91 -4.07 8.46
CA LEU A 23 2.69 -4.72 7.89
C LEU A 23 2.83 -4.89 6.38
N TRP A 24 3.10 -3.83 5.67
CA TRP A 24 3.24 -3.94 4.19
C TRP A 24 4.18 -5.11 3.85
N ILE A 25 5.32 -5.16 4.48
CA ILE A 25 6.27 -6.27 4.18
C ILE A 25 5.61 -7.60 4.54
N LEU A 26 5.18 -7.74 5.76
CA LEU A 26 4.51 -9.00 6.21
C LEU A 26 3.41 -9.38 5.23
N ASP A 27 2.91 -8.45 4.48
CA ASP A 27 1.81 -8.77 3.52
C ASP A 27 2.41 -9.17 2.16
N ARG A 28 3.57 -8.67 1.85
CA ARG A 28 4.19 -9.00 0.54
C ARG A 28 4.88 -10.37 0.59
N LEU A 29 5.23 -10.86 1.75
CA LEU A 29 5.90 -12.19 1.80
C LEU A 29 4.87 -13.27 1.43
N PHE A 30 3.63 -13.05 1.75
CA PHE A 30 2.58 -14.06 1.41
C PHE A 30 1.87 -13.63 0.12
N PHE A 31 1.85 -14.48 -0.86
CA PHE A 31 1.17 -14.12 -2.14
C PHE A 31 1.02 -15.36 -3.02
N LYS A 32 1.64 -16.45 -2.66
CA LYS A 32 1.52 -17.68 -3.48
C LYS A 32 0.11 -18.27 -3.33
N SER A 33 -0.02 -19.56 -3.43
CA SER A 33 -1.36 -20.20 -3.28
C SER A 33 -2.38 -19.41 -4.11
N ILE A 34 -2.32 -19.52 -5.40
CA ILE A 34 -3.30 -18.78 -6.27
C ILE A 34 -4.47 -19.70 -6.60
N TYR A 35 -4.26 -20.98 -6.59
CA TYR A 35 -5.38 -21.92 -6.91
C TYR A 35 -6.51 -21.73 -5.89
N ARG A 36 -6.20 -21.28 -4.72
CA ARG A 36 -7.26 -21.08 -3.70
C ARG A 36 -8.17 -19.91 -4.13
N PHE A 37 -7.60 -18.89 -4.72
CA PHE A 37 -8.42 -17.74 -5.16
C PHE A 37 -9.20 -18.14 -6.42
N PHE A 38 -8.58 -18.85 -7.31
CA PHE A 38 -9.27 -19.27 -8.56
C PHE A 38 -10.45 -20.18 -8.19
N GLU A 39 -10.25 -21.09 -7.28
CA GLU A 39 -11.36 -22.00 -6.89
C GLU A 39 -12.37 -21.22 -6.03
N HIS A 40 -11.93 -20.19 -5.37
CA HIS A 40 -12.86 -19.39 -4.52
C HIS A 40 -13.82 -18.62 -5.43
N GLY A 41 -13.36 -18.24 -6.59
CA GLY A 41 -14.25 -17.49 -7.53
C GLY A 41 -15.13 -18.48 -8.29
N LEU A 42 -14.56 -19.33 -9.08
CA LEU A 42 -15.38 -20.32 -9.84
C LEU A 42 -16.20 -21.16 -8.85
N LYS A 43 -17.49 -21.00 -8.87
CA LYS A 43 -18.34 -21.79 -7.94
C LYS A 43 -19.71 -22.03 -8.57
N SER B 6 -2.06 25.72 17.96
CA SER B 6 -0.68 25.77 18.49
C SER B 6 0.28 25.13 17.49
N ASP B 7 0.18 23.84 17.31
CA ASP B 7 1.10 23.15 16.35
C ASP B 7 0.38 21.93 15.77
N PRO B 8 -0.82 22.09 15.31
CA PRO B 8 -1.63 20.99 14.73
C PRO B 8 -0.90 20.31 13.56
N LEU B 9 0.18 20.89 13.10
CA LEU B 9 0.93 20.27 11.98
C LEU B 9 1.13 18.78 12.26
N VAL B 10 1.55 18.45 13.45
CA VAL B 10 1.76 17.01 13.80
C VAL B 10 0.39 16.32 13.83
N VAL B 11 -0.58 16.93 14.45
CA VAL B 11 -1.93 16.30 14.52
C VAL B 11 -2.34 15.84 13.12
N ALA B 12 -2.21 16.70 12.15
CA ALA B 12 -2.58 16.31 10.76
C ALA B 12 -1.63 15.21 10.27
N ALA B 13 -0.41 15.25 10.69
CA ALA B 13 0.56 14.20 10.25
C ALA B 13 0.14 12.84 10.82
N SER B 14 0.03 12.74 12.12
CA SER B 14 -0.37 11.43 12.73
C SER B 14 -1.70 10.96 12.12
N ILE B 15 -2.58 11.87 11.81
CA ILE B 15 -3.89 11.45 11.23
C ILE B 15 -3.68 11.02 9.77
N ILE B 16 -2.87 11.73 9.03
CA ILE B 16 -2.64 11.34 7.60
C ILE B 16 -2.14 9.89 7.58
N GLY B 17 -1.37 9.51 8.55
CA GLY B 17 -0.86 8.11 8.59
C GLY B 17 -2.00 7.17 8.97
N ILE B 18 -2.77 7.51 9.96
CA ILE B 18 -3.91 6.64 10.37
C ILE B 18 -4.79 6.38 9.16
N LEU B 19 -4.87 7.32 8.25
CA LEU B 19 -5.72 7.12 7.04
C LEU B 19 -5.02 6.13 6.10
N HIS B 20 -3.90 6.51 5.56
CA HIS B 20 -3.17 5.59 4.64
C HIS B 20 -3.11 4.19 5.25
N LEU B 21 -2.99 4.10 6.55
CA LEU B 21 -2.92 2.76 7.20
C LEU B 21 -4.27 2.06 7.05
N ILE B 22 -5.27 2.51 7.76
CA ILE B 22 -6.62 1.87 7.66
C ILE B 22 -6.97 1.65 6.19
N LEU B 23 -6.61 2.57 5.34
CA LEU B 23 -6.92 2.43 3.89
C LEU B 23 -6.28 1.15 3.35
N TRP B 24 -4.98 1.06 3.38
CA TRP B 24 -4.30 -0.15 2.86
C TRP B 24 -4.97 -1.41 3.42
N ILE B 25 -5.13 -1.48 4.71
CA ILE B 25 -5.80 -2.68 5.30
C ILE B 25 -7.16 -2.85 4.64
N LEU B 26 -7.92 -1.78 4.55
CA LEU B 26 -9.27 -1.86 3.93
C LEU B 26 -9.18 -2.66 2.62
N ASP B 27 -8.26 -2.30 1.78
CA ASP B 27 -8.13 -3.03 0.47
C ASP B 27 -7.78 -4.49 0.74
N ARG B 28 -7.06 -4.76 1.79
CA ARG B 28 -6.70 -6.18 2.08
C ARG B 28 -7.93 -6.94 2.59
N LEU B 29 -8.94 -6.27 3.08
CA LEU B 29 -10.13 -6.99 3.56
C LEU B 29 -11.08 -7.24 2.38
N PHE B 30 -11.13 -6.32 1.45
CA PHE B 30 -12.02 -6.50 0.27
C PHE B 30 -11.64 -7.78 -0.47
N PHE B 31 -12.32 -8.86 -0.20
CA PHE B 31 -11.99 -10.14 -0.88
C PHE B 31 -13.12 -11.15 -0.66
N LYS B 32 -14.00 -11.27 -1.61
CA LYS B 32 -15.13 -12.25 -1.46
C LYS B 32 -15.54 -12.75 -2.84
N SER B 33 -16.34 -11.99 -3.55
CA SER B 33 -16.78 -12.44 -4.90
C SER B 33 -15.68 -12.17 -5.93
N ILE B 34 -15.01 -13.19 -6.37
CA ILE B 34 -13.91 -12.99 -7.37
C ILE B 34 -14.48 -13.14 -8.78
N TYR B 35 -15.57 -13.84 -8.93
CA TYR B 35 -16.17 -14.01 -10.27
C TYR B 35 -16.64 -12.66 -10.79
N ARG B 36 -16.77 -11.69 -9.93
CA ARG B 36 -17.23 -10.34 -10.37
C ARG B 36 -16.12 -9.65 -11.16
N PHE B 37 -14.90 -9.73 -10.68
CA PHE B 37 -13.78 -9.06 -11.40
C PHE B 37 -13.52 -9.80 -12.72
N PHE B 38 -13.73 -11.08 -12.74
CA PHE B 38 -13.49 -11.85 -14.00
C PHE B 38 -14.56 -11.50 -15.04
N GLU B 39 -15.80 -11.44 -14.62
CA GLU B 39 -16.89 -11.11 -15.58
C GLU B 39 -16.75 -9.66 -16.04
N HIS B 40 -16.20 -8.81 -15.20
CA HIS B 40 -16.02 -7.39 -15.60
C HIS B 40 -14.96 -7.29 -16.70
N GLY B 41 -13.85 -7.94 -16.52
CA GLY B 41 -12.78 -7.89 -17.55
C GLY B 41 -13.28 -8.59 -18.82
N LEU B 42 -13.53 -9.88 -18.75
CA LEU B 42 -14.01 -10.61 -19.94
C LEU B 42 -15.30 -9.96 -20.45
N LYS B 43 -15.29 -9.50 -21.68
CA LYS B 43 -16.51 -8.85 -22.24
C LYS B 43 -16.80 -7.56 -21.48
N SER C 6 10.37 27.00 11.09
CA SER C 6 9.95 26.27 12.32
C SER C 6 10.37 24.79 12.21
N ASP C 7 11.64 24.54 12.02
CA ASP C 7 12.11 23.14 11.90
C ASP C 7 11.32 22.42 10.80
N PRO C 8 11.51 22.83 9.58
CA PRO C 8 10.82 22.23 8.40
C PRO C 8 10.85 20.70 8.45
N LEU C 9 11.66 20.14 9.31
CA LEU C 9 11.73 18.65 9.40
C LEU C 9 10.31 18.08 9.45
N VAL C 10 9.46 18.67 10.24
CA VAL C 10 8.06 18.16 10.32
C VAL C 10 7.35 18.49 8.99
N VAL C 11 7.51 19.68 8.50
CA VAL C 11 6.84 20.04 7.22
C VAL C 11 7.11 18.95 6.20
N ALA C 12 8.35 18.54 6.06
CA ALA C 12 8.68 17.46 5.08
C ALA C 12 8.00 16.16 5.53
N ALA C 13 7.93 15.94 6.81
CA ALA C 13 7.29 14.69 7.33
C ALA C 13 5.81 14.67 6.93
N SER C 14 5.06 15.66 7.31
CA SER C 14 3.62 15.69 6.96
C SER C 14 3.45 15.58 5.44
N ILE C 15 4.34 16.18 4.70
CA ILE C 15 4.22 16.11 3.22
C ILE C 15 4.54 14.69 2.75
N ILE C 16 5.53 14.07 3.32
CA ILE C 16 5.88 12.68 2.91
C ILE C 16 4.65 11.80 3.11
N GLY C 17 3.88 12.06 4.12
CA GLY C 17 2.64 11.26 4.36
C GLY C 17 1.63 11.60 3.27
N ILE C 18 1.45 12.86 2.99
CA ILE C 18 0.48 13.26 1.93
C ILE C 18 0.94 12.66 0.60
N LEU C 19 2.21 12.36 0.49
CA LEU C 19 2.73 11.78 -0.79
C LEU C 19 2.30 10.32 -0.88
N HIS C 20 2.87 9.47 -0.07
CA HIS C 20 2.50 8.02 -0.12
C HIS C 20 0.98 7.88 -0.20
N LEU C 21 0.26 8.73 0.50
CA LEU C 21 -1.23 8.64 0.46
C LEU C 21 -1.72 8.90 -0.95
N ILE C 22 -1.57 10.10 -1.44
CA ILE C 22 -2.04 10.42 -2.82
C ILE C 22 -1.47 9.39 -3.81
N LEU C 23 -0.32 8.84 -3.50
CA LEU C 23 0.30 7.83 -4.41
C LEU C 23 -0.52 6.54 -4.39
N TRP C 24 -0.64 5.92 -3.25
CA TRP C 24 -1.43 4.65 -3.17
C TRP C 24 -2.76 4.83 -3.88
N ILE C 25 -3.42 5.94 -3.66
CA ILE C 25 -4.73 6.16 -4.33
C ILE C 25 -4.50 6.34 -5.84
N LEU C 26 -3.45 7.02 -6.20
CA LEU C 26 -3.16 7.25 -7.65
C LEU C 26 -2.99 5.90 -8.37
N ASP C 27 -2.42 4.94 -7.72
CA ASP C 27 -2.21 3.62 -8.38
C ASP C 27 -3.46 2.74 -8.21
N ARG C 28 -4.29 3.03 -7.23
CA ARG C 28 -5.50 2.20 -7.03
C ARG C 28 -6.59 2.58 -8.04
N LEU C 29 -6.61 3.79 -8.54
CA LEU C 29 -7.66 4.15 -9.53
C LEU C 29 -7.66 3.11 -10.66
N PHE C 30 -6.64 2.29 -10.72
CA PHE C 30 -6.58 1.26 -11.78
C PHE C 30 -7.17 -0.05 -11.28
N PHE C 31 -8.38 -0.35 -11.66
CA PHE C 31 -9.02 -1.62 -11.20
C PHE C 31 -10.30 -1.87 -12.01
N LYS C 32 -10.85 -0.84 -12.60
CA LYS C 32 -12.09 -1.03 -13.40
C LYS C 32 -11.78 -1.85 -14.65
N SER C 33 -11.06 -1.27 -15.58
CA SER C 33 -10.72 -2.01 -16.83
C SER C 33 -9.74 -3.14 -16.49
N ILE C 34 -10.18 -4.37 -16.58
CA ILE C 34 -9.28 -5.52 -16.25
C ILE C 34 -8.85 -6.22 -17.55
N TYR C 35 -9.63 -6.11 -18.59
CA TYR C 35 -9.26 -6.78 -19.87
C TYR C 35 -7.85 -6.37 -20.27
N ARG C 36 -7.42 -5.20 -19.88
CA ARG C 36 -6.04 -4.74 -20.25
C ARG C 36 -5.00 -5.64 -19.58
N PHE C 37 -5.19 -5.97 -18.32
CA PHE C 37 -4.22 -6.83 -17.61
C PHE C 37 -4.21 -8.22 -18.26
N PHE C 38 -5.33 -8.68 -18.72
CA PHE C 38 -5.39 -10.01 -19.36
C PHE C 38 -4.53 -10.00 -20.63
N GLU C 39 -4.86 -9.14 -21.56
CA GLU C 39 -4.07 -9.08 -22.82
C GLU C 39 -2.58 -8.88 -22.49
N HIS C 40 -2.29 -8.20 -21.41
CA HIS C 40 -0.86 -7.97 -21.05
C HIS C 40 -0.21 -9.31 -20.70
N GLY C 41 -0.90 -10.14 -19.97
CA GLY C 41 -0.32 -11.47 -19.60
C GLY C 41 -0.18 -12.33 -20.85
N LEU C 42 -1.26 -12.63 -21.50
CA LEU C 42 -1.19 -13.47 -22.73
C LEU C 42 -0.65 -12.64 -23.89
N LYS C 43 -0.08 -13.29 -24.88
CA LYS C 43 0.46 -12.54 -26.04
C LYS C 43 -0.59 -11.58 -26.57
N SER D 6 18.06 17.37 17.25
CA SER D 6 17.07 17.79 18.28
C SER D 6 15.93 16.76 18.33
N ASP D 7 15.91 15.95 19.36
CA ASP D 7 14.81 14.94 19.46
C ASP D 7 14.71 14.14 18.16
N PRO D 8 15.73 13.37 17.85
CA PRO D 8 15.76 12.54 16.61
C PRO D 8 14.45 11.78 16.38
N LEU D 9 13.58 11.76 17.36
CA LEU D 9 12.29 11.04 17.19
C LEU D 9 11.67 11.42 15.84
N VAL D 10 11.66 12.69 15.53
CA VAL D 10 11.08 13.13 14.23
C VAL D 10 12.01 12.66 13.10
N VAL D 11 13.29 12.84 13.27
CA VAL D 11 14.25 12.40 12.22
C VAL D 11 13.92 10.95 11.84
N ALA D 12 13.77 10.09 12.80
CA ALA D 12 13.44 8.67 12.50
C ALA D 12 12.06 8.61 11.85
N ALA D 13 11.17 9.49 12.23
CA ALA D 13 9.81 9.47 11.64
C ALA D 13 9.88 9.81 10.15
N SER D 14 10.45 10.94 9.81
CA SER D 14 10.54 11.33 8.38
C SER D 14 11.27 10.24 7.59
N ILE D 15 12.25 9.60 8.19
CA ILE D 15 12.98 8.53 7.47
C ILE D 15 12.09 7.30 7.34
N ILE D 16 11.35 6.97 8.37
CA ILE D 16 10.47 5.78 8.29
C ILE D 16 9.51 5.98 7.12
N GLY D 17 9.12 7.19 6.85
CA GLY D 17 8.20 7.45 5.72
C GLY D 17 8.96 7.33 4.40
N ILE D 18 10.14 7.90 4.33
CA ILE D 18 10.93 7.80 3.08
C ILE D 18 11.15 6.33 2.74
N LEU D 19 11.20 5.49 3.74
CA LEU D 19 11.42 4.04 3.48
C LEU D 19 10.14 3.43 2.91
N HIS D 20 9.09 3.39 3.69
CA HIS D 20 7.82 2.80 3.19
C HIS D 20 7.50 3.36 1.80
N LEU D 21 7.73 4.62 1.58
CA LEU D 21 7.42 5.22 0.26
C LEU D 21 8.29 4.57 -0.82
N ILE D 22 9.59 4.80 -0.77
CA ILE D 22 10.48 4.19 -1.80
C ILE D 22 10.18 2.70 -1.93
N LEU D 23 9.94 2.04 -0.83
CA LEU D 23 9.63 0.58 -0.88
C LEU D 23 8.44 0.33 -1.81
N TRP D 24 7.33 0.97 -1.55
CA TRP D 24 6.13 0.75 -2.41
C TRP D 24 6.49 0.97 -3.88
N ILE D 25 7.15 2.04 -4.20
CA ILE D 25 7.53 2.30 -5.61
C ILE D 25 8.42 1.15 -6.11
N LEU D 26 9.43 0.82 -5.35
CA LEU D 26 10.36 -0.27 -5.75
C LEU D 26 9.56 -1.51 -6.15
N ASP D 27 8.52 -1.82 -5.43
CA ASP D 27 7.71 -3.03 -5.76
C ASP D 27 6.87 -2.75 -7.01
N ARG D 28 6.53 -1.52 -7.26
CA ARG D 28 5.70 -1.22 -8.47
C ARG D 28 6.55 -1.31 -9.74
N LEU D 29 7.84 -1.14 -9.64
CA LEU D 29 8.69 -1.22 -10.88
C LEU D 29 8.81 -2.69 -11.29
N PHE D 30 8.37 -3.59 -10.46
CA PHE D 30 8.47 -5.04 -10.80
C PHE D 30 7.23 -5.77 -10.28
N PHE D 31 6.19 -5.85 -11.07
CA PHE D 31 4.95 -6.54 -10.64
C PHE D 31 4.22 -7.10 -11.85
N LYS D 32 4.72 -6.84 -13.03
CA LYS D 32 4.04 -7.35 -14.26
C LYS D 32 4.08 -8.89 -14.25
N SER D 33 4.43 -9.49 -15.35
CA SER D 33 4.47 -10.98 -15.40
C SER D 33 3.16 -11.55 -14.88
N ILE D 34 2.14 -11.56 -15.68
CA ILE D 34 0.82 -12.11 -15.23
C ILE D 34 0.70 -13.57 -15.68
N TYR D 35 1.18 -13.88 -16.85
CA TYR D 35 1.12 -15.28 -17.35
C TYR D 35 1.69 -16.21 -16.28
N ARG D 36 2.80 -15.86 -15.71
CA ARG D 36 3.40 -16.71 -14.65
C ARG D 36 2.43 -16.81 -13.48
N PHE D 37 1.50 -15.90 -13.40
CA PHE D 37 0.51 -15.92 -12.29
C PHE D 37 -0.42 -17.12 -12.45
N PHE D 38 -0.91 -17.33 -13.64
CA PHE D 38 -1.82 -18.51 -13.85
C PHE D 38 -0.97 -19.79 -13.88
N GLU D 39 0.05 -19.82 -14.71
CA GLU D 39 0.91 -21.03 -14.77
C GLU D 39 1.32 -21.45 -13.37
N HIS D 40 1.53 -20.50 -12.49
CA HIS D 40 1.94 -20.84 -11.10
C HIS D 40 0.76 -21.47 -10.35
N GLY D 41 -0.35 -20.78 -10.28
CA GLY D 41 -1.53 -21.33 -9.57
C GLY D 41 -1.83 -22.74 -10.09
N LEU D 42 -2.04 -22.87 -11.37
CA LEU D 42 -2.33 -24.21 -11.95
C LEU D 42 -1.07 -25.08 -11.91
N LYS D 43 -1.13 -26.22 -11.29
CA LYS D 43 0.07 -27.10 -11.23
C LYS D 43 0.41 -27.59 -12.64
CA RIM E . -4.06 -6.16 6.27
CB RIM E . -2.91 -7.18 6.25
NC RIM E . -1.63 -6.46 6.48
CD RIM E . -3.08 -8.27 7.34
CE1 RIM E . -4.01 -9.37 6.80
CE2 RIM E . -1.71 -8.89 7.65
CE3 RIM E . -3.70 -7.69 8.63
CF1 RIM E . -4.15 -10.48 7.85
CF2 RIM E . -1.85 -9.99 8.68
CF3 RIM E . -3.81 -8.81 9.67
CG1 RIM E . -2.78 -11.07 8.15
CG2 RIM E . -2.44 -9.41 9.96
CG3 RIM E . -4.74 -9.90 9.14
HA1 RIM E . -3.99 -5.55 7.16
HA2 RIM E . -5.01 -6.67 6.25
HA3 RIM E . -3.99 -5.53 5.40
HB RIM E . -2.87 -7.65 5.28
HNC1 RIM E . -0.79 -6.96 6.52
HNC2 RIM E . -1.64 -5.49 6.64
HE11 RIM E . -3.59 -9.79 5.90
HE12 RIM E . -4.99 -8.96 6.59
HE21 RIM E . -1.06 -8.12 8.04
HE22 RIM E . -1.28 -9.29 6.75
HE31 RIM E . -4.67 -7.30 8.45
HE32 RIM E . -3.06 -6.91 9.02
HF1 RIM E . -4.81 -11.25 7.48
HF2 RIM E . -0.88 -10.42 8.90
HF3 RIM E . -4.23 -8.40 10.59
HG11 RIM E . -2.90 -11.85 8.90
HG12 RIM E . -2.37 -11.47 7.23
HG21 RIM E . -2.55 -10.20 10.69
HG22 RIM E . -1.78 -8.62 10.33
HG31 RIM E . -4.82 -10.69 9.88
HG32 RIM E . -5.71 -9.46 8.92
CA RIM F . -7.77 3.99 -2.95
CB RIM F . -8.80 2.87 -2.74
NC RIM F . -8.19 1.81 -1.90
CD RIM F . -10.10 3.38 -2.07
CE1 RIM F . -11.21 2.36 -2.36
CE2 RIM F . -9.91 3.49 -0.54
CE3 RIM F . -10.52 4.75 -2.64
CF1 RIM F . -12.52 2.82 -1.70
CF2 RIM F . -11.23 3.96 0.09
CF3 RIM F . -11.84 5.19 -1.99
CG1 RIM F . -12.32 2.94 -0.20
CG2 RIM F . -11.63 5.31 -0.49
CG3 RIM F . -12.91 4.16 -2.28
HA1 RIM F . -8.10 4.63 -3.76
HA2 RIM F . -6.82 3.56 -3.21
HA3 RIM F . -7.67 4.57 -2.05
HB RIM F . -9.05 2.44 -3.70
HNC1 RIM F . -8.76 1.12 -1.48
HNC2 RIM F . -7.24 1.85 -1.67
HE11 RIM F . -10.93 1.40 -1.95
HE12 RIM F . -11.36 2.27 -3.42
HE21 RIM F . -9.14 4.21 -0.33
HE22 RIM F . -9.64 2.53 -0.14
HE31 RIM F . -10.64 4.68 -3.70
HE32 RIM F . -9.77 5.49 -2.41
HF1 RIM F . -13.30 2.10 -1.91
HF2 RIM F . -11.09 4.05 1.17
HF3 RIM F . -12.13 6.15 -2.39
HG11 RIM F . -13.25 3.28 0.25
HG12 RIM F . -12.02 1.98 0.20
HG21 RIM F . -12.57 5.62 -0.02
HG22 RIM F . -10.84 6.03 -0.29
HG31 RIM F . -13.85 4.49 -1.82
HG32 RIM F . -13.03 4.06 -3.36
CA RIM G . 4.47 3.43 -8.37
CB RIM G . 4.02 4.89 -8.45
NC RIM G . 4.93 5.73 -7.62
CD RIM G . 4.04 5.42 -9.92
CE1 RIM G . 3.50 4.36 -10.90
CE2 RIM G . 3.13 6.66 -9.98
CE3 RIM G . 5.45 5.83 -10.33
CF1 RIM G . 3.48 4.94 -12.31
CF2 RIM G . 3.12 7.23 -11.40
CF3 RIM G . 5.44 6.39 -11.75
CG1 RIM G . 2.59 6.18 -12.36
CG2 RIM G . 4.54 7.61 -11.79
CG3 RIM G . 4.90 5.33 -12.71
HA1 RIM G . 5.37 3.28 -8.94
HA2 RIM G . 3.69 2.79 -8.74
HA3 RIM G . 4.66 3.18 -7.34
HB RIM G . 3.02 4.97 -8.06
HNC1 RIM G . 4.58 6.51 -7.15
HNC2 RIM G . 5.87 5.51 -7.56
HE11 RIM G . 2.50 4.07 -10.61
HE12 RIM G . 4.15 3.50 -10.90
HE21 RIM G . 3.50 7.41 -9.29
HE22 RIM G . 2.12 6.39 -9.69
HE31 RIM G . 6.11 4.96 -10.30
HE32 RIM G . 5.83 6.59 -9.65
HF1 RIM G . 3.10 4.20 -13.01
HF2 RIM G . 2.48 8.11 -11.43
HF3 RIM G . 6.44 6.67 -12.04
HG11 RIM G . 2.59 6.58 -13.37
HG12 RIM G . 1.59 5.89 -12.05
HG21 RIM G . 4.53 8.01 -12.81
HG22 RIM G . 4.91 8.36 -11.09
HG31 RIM G . 4.89 5.75 -13.71
HG32 RIM G . 5.54 4.46 -12.66
CA RIM H . 8.85 -6.65 0.92
CB RIM H . 9.52 -6.40 -0.43
NC RIM H . 8.80 -5.29 -1.13
CD RIM H . 11.02 -6.02 -0.28
CE1 RIM H . 11.17 -4.53 0.08
CE2 RIM H . 11.70 -6.87 0.81
CE3 RIM H . 11.71 -6.28 -1.62
CF1 RIM H . 12.65 -4.17 0.17
CF2 RIM H . 13.18 -6.51 0.90
CF3 RIM H . 13.19 -5.92 -1.52
CG1 RIM H . 13.31 -5.04 1.25
CG2 RIM H . 13.84 -6.77 -0.45
CG3 RIM H . 13.33 -4.45 -1.16
HA1 RIM H . 9.08 -5.86 1.62
HA2 RIM H . 9.18 -7.59 1.33
HA3 RIM H . 7.77 -6.68 0.79
HB RIM H . 9.44 -7.29 -1.03
HNC1 RIM H . 7.84 -5.17 -1.00
HNC2 RIM H . 9.31 -4.63 -1.65
HE11 RIM H . 10.68 -4.33 1.02
HE12 RIM H . 10.71 -3.93 -0.70
HE21 RIM H . 11.59 -7.92 0.58
HE22 RIM H . 11.25 -6.66 1.77
HE31 RIM H . 11.24 -5.68 -2.39
HE32 RIM H . 11.61 -7.33 -1.88
HF1 RIM H . 12.76 -3.13 0.44
HF2 RIM H . 13.65 -7.11 1.66
HF3 RIM H . 13.67 -6.10 -2.47
HG11 RIM H . 14.37 -4.78 1.31
HG12 RIM H . 12.82 -4.86 2.20
HG21 RIM H . 14.89 -6.51 -0.38
HG22 RIM H . 13.72 -7.82 -0.71
HG31 RIM H . 14.39 -4.20 -1.07
HG32 RIM H . 12.84 -3.85 -1.93
N SER A 6 9.06 13.64 25.45
CA SER A 6 8.26 14.90 25.62
C SER A 6 7.24 15.00 24.48
N ASP A 7 6.07 15.51 24.76
CA ASP A 7 5.04 15.64 23.69
C ASP A 7 4.94 14.33 22.90
N PRO A 8 4.42 13.30 23.53
CA PRO A 8 4.28 11.97 22.88
C PRO A 8 3.62 12.06 21.49
N LEU A 9 3.10 13.19 21.14
CA LEU A 9 2.46 13.33 19.79
C LEU A 9 3.40 12.75 18.74
N VAL A 10 4.65 13.12 18.78
CA VAL A 10 5.61 12.58 17.79
C VAL A 10 5.81 11.09 18.05
N VAL A 11 5.98 10.72 19.28
CA VAL A 11 6.17 9.28 19.61
C VAL A 11 5.08 8.47 18.90
N ALA A 12 3.85 8.90 19.02
CA ALA A 12 2.73 8.17 18.36
C ALA A 12 2.90 8.23 16.85
N ALA A 13 3.39 9.33 16.34
CA ALA A 13 3.58 9.43 14.86
C ALA A 13 4.64 8.43 14.41
N SER A 14 5.80 8.47 15.00
CA SER A 14 6.88 7.53 14.60
C SER A 14 6.39 6.08 14.75
N ILE A 15 5.61 5.80 15.75
CA ILE A 15 5.11 4.42 15.94
C ILE A 15 4.05 4.10 14.88
N ILE A 16 3.18 5.04 14.59
CA ILE A 16 2.14 4.78 13.56
C ILE A 16 2.83 4.41 12.25
N GLY A 17 3.97 5.00 11.98
CA GLY A 17 4.70 4.67 10.73
C GLY A 17 5.31 3.27 10.86
N ILE A 18 5.89 2.98 12.00
CA ILE A 18 6.50 1.63 12.18
C ILE A 18 5.40 0.57 12.07
N LEU A 19 4.19 0.92 12.38
CA LEU A 19 3.08 -0.06 12.28
C LEU A 19 2.76 -0.31 10.80
N HIS A 20 2.30 0.70 10.11
CA HIS A 20 1.97 0.53 8.67
C HIS A 20 3.09 -0.24 7.96
N LEU A 21 4.32 0.05 8.27
CA LEU A 21 5.46 -0.66 7.62
C LEU A 21 5.41 -2.15 7.98
N ILE A 22 5.65 -2.48 9.22
CA ILE A 22 5.62 -3.90 9.63
C ILE A 22 4.36 -4.56 9.07
N LEU A 23 3.28 -3.82 9.03
CA LEU A 23 2.00 -4.38 8.50
C LEU A 23 2.17 -4.77 7.03
N TRP A 24 2.48 -3.81 6.19
CA TRP A 24 2.66 -4.10 4.74
C TRP A 24 3.47 -5.39 4.56
N ILE A 25 4.54 -5.52 5.28
CA ILE A 25 5.36 -6.76 5.15
C ILE A 25 4.61 -7.93 5.80
N LEU A 26 3.79 -7.63 6.78
CA LEU A 26 3.01 -8.70 7.47
C LEU A 26 2.06 -9.38 6.48
N ASP A 27 1.41 -8.61 5.66
CA ASP A 27 0.46 -9.21 4.68
C ASP A 27 1.22 -9.68 3.44
N ARG A 28 2.37 -9.13 3.18
CA ARG A 28 3.15 -9.55 1.98
C ARG A 28 4.19 -10.61 2.35
N LEU A 29 4.23 -11.06 3.58
CA LEU A 29 5.23 -12.09 4.02
C LEU A 29 5.56 -13.04 2.85
N PHE A 30 4.59 -13.37 2.03
CA PHE A 30 4.88 -14.30 0.91
C PHE A 30 3.65 -14.36 -0.02
N PHE A 31 3.65 -15.27 -0.96
CA PHE A 31 2.50 -15.39 -1.90
C PHE A 31 2.17 -16.87 -2.13
N LYS A 32 2.93 -17.75 -1.53
CA LYS A 32 2.66 -19.21 -1.70
C LYS A 32 2.47 -19.51 -3.19
N SER A 33 1.25 -19.48 -3.65
CA SER A 33 1.00 -19.77 -5.10
C SER A 33 -0.20 -18.94 -5.58
N ILE A 34 -0.52 -19.05 -6.85
CA ILE A 34 -1.68 -18.28 -7.38
C ILE A 34 -2.89 -19.20 -7.54
N TYR A 35 -2.65 -20.48 -7.68
CA TYR A 35 -3.77 -21.43 -7.83
C TYR A 35 -4.78 -21.22 -6.69
N ARG A 36 -4.34 -20.64 -5.61
CA ARG A 36 -5.26 -20.41 -4.46
C ARG A 36 -6.32 -19.39 -4.84
N PHE A 37 -5.94 -18.33 -5.50
CA PHE A 37 -6.95 -17.30 -5.89
C PHE A 37 -7.85 -17.86 -6.98
N PHE A 38 -7.29 -18.61 -7.90
CA PHE A 38 -8.11 -19.19 -9.00
C PHE A 38 -9.27 -20.00 -8.40
N GLU A 39 -8.96 -20.89 -7.50
CA GLU A 39 -10.04 -21.72 -6.88
C GLU A 39 -10.89 -20.86 -5.94
N HIS A 40 -10.33 -19.79 -5.44
CA HIS A 40 -11.10 -18.92 -4.51
C HIS A 40 -12.23 -18.22 -5.29
N GLY A 41 -11.96 -17.83 -6.51
CA GLY A 41 -13.01 -17.16 -7.32
C GLY A 41 -13.93 -18.19 -7.96
N LEU A 42 -13.39 -19.03 -8.82
CA LEU A 42 -14.23 -20.06 -9.48
C LEU A 42 -14.61 -21.15 -8.47
N LYS A 43 -15.65 -20.93 -7.71
CA LYS A 43 -16.05 -21.96 -6.72
C LYS A 43 -16.11 -23.33 -7.38
N SER B 6 1.48 24.86 19.71
CA SER B 6 1.09 25.94 18.77
C SER B 6 1.64 25.63 17.38
N ASP B 7 1.67 24.38 17.01
CA ASP B 7 2.19 24.00 15.67
C ASP B 7 1.47 22.75 15.16
N PRO B 8 0.19 22.86 14.92
CA PRO B 8 -0.64 21.72 14.43
C PRO B 8 0.04 20.95 13.29
N LEU B 9 1.13 21.45 12.78
CA LEU B 9 1.83 20.73 11.67
C LEU B 9 1.98 19.26 12.03
N VAL B 10 2.40 18.97 13.24
CA VAL B 10 2.55 17.56 13.66
C VAL B 10 1.17 16.91 13.76
N VAL B 11 0.23 17.59 14.35
CA VAL B 11 -1.14 17.02 14.48
C VAL B 11 -1.59 16.49 13.11
N ALA B 12 -1.42 17.28 12.08
CA ALA B 12 -1.83 16.82 10.73
C ALA B 12 -0.96 15.64 10.30
N ALA B 13 0.30 15.65 10.64
CA ALA B 13 1.19 14.52 10.24
C ALA B 13 0.71 13.23 10.92
N SER B 14 0.59 13.24 12.22
CA SER B 14 0.13 12.01 12.94
C SER B 14 -1.23 11.58 12.39
N ILE B 15 -2.06 12.51 12.02
CA ILE B 15 -3.40 12.13 11.48
C ILE B 15 -3.23 11.54 10.06
N ILE B 16 -2.42 12.15 9.26
CA ILE B 16 -2.21 11.60 7.88
C ILE B 16 -1.80 10.14 7.99
N GLY B 17 -1.04 9.80 9.00
CA GLY B 17 -0.62 8.39 9.16
C GLY B 17 -1.82 7.55 9.61
N ILE B 18 -2.58 8.06 10.54
CA ILE B 18 -3.77 7.29 11.00
C ILE B 18 -4.70 7.02 9.83
N LEU B 19 -4.80 7.95 8.91
CA LEU B 19 -5.70 7.76 7.74
C LEU B 19 -5.11 6.67 6.83
N HIS B 20 -4.00 6.95 6.20
CA HIS B 20 -3.37 5.94 5.30
C HIS B 20 -3.39 4.57 5.97
N LEU B 21 -3.25 4.52 7.27
CA LEU B 21 -3.25 3.21 7.98
C LEU B 21 -4.66 2.62 7.94
N ILE B 22 -5.59 3.20 8.66
CA ILE B 22 -6.98 2.67 8.66
C ILE B 22 -7.42 2.41 7.22
N LEU B 23 -6.82 3.08 6.28
CA LEU B 23 -7.19 2.90 4.85
C LEU B 23 -6.68 1.54 4.36
N TRP B 24 -5.39 1.34 4.34
CA TRP B 24 -4.84 0.04 3.88
C TRP B 24 -5.59 -1.11 4.56
N ILE B 25 -5.76 -1.03 5.85
CA ILE B 25 -6.50 -2.11 6.56
C ILE B 25 -7.88 -2.24 5.92
N LEU B 26 -8.52 -1.13 5.68
CA LEU B 26 -9.87 -1.15 5.06
C LEU B 26 -9.85 -2.09 3.86
N ASP B 27 -8.95 -1.86 2.94
CA ASP B 27 -8.89 -2.73 1.73
C ASP B 27 -8.60 -4.18 2.11
N ARG B 28 -7.90 -4.40 3.20
CA ARG B 28 -7.59 -5.80 3.60
C ARG B 28 -8.83 -6.51 4.14
N LEU B 29 -9.80 -5.78 4.65
CA LEU B 29 -11.01 -6.46 5.19
C LEU B 29 -11.89 -6.95 4.03
N PHE B 30 -11.55 -6.56 2.82
CA PHE B 30 -12.37 -7.00 1.65
C PHE B 30 -11.45 -7.27 0.45
N PHE B 31 -11.42 -8.48 -0.02
CA PHE B 31 -10.55 -8.81 -1.18
C PHE B 31 -11.10 -10.05 -1.90
N LYS B 32 -12.14 -10.63 -1.36
CA LYS B 32 -12.72 -11.85 -2.01
C LYS B 32 -13.42 -11.45 -3.31
N SER B 33 -14.50 -12.12 -3.64
CA SER B 33 -15.22 -11.77 -4.90
C SER B 33 -14.21 -11.63 -6.05
N ILE B 34 -13.66 -12.73 -6.50
CA ILE B 34 -12.66 -12.67 -7.61
C ILE B 34 -13.36 -13.04 -8.93
N TYR B 35 -14.42 -13.78 -8.86
CA TYR B 35 -15.13 -14.18 -10.12
C TYR B 35 -15.82 -12.95 -10.71
N ARG B 36 -15.99 -11.91 -9.94
CA ARG B 36 -16.65 -10.68 -10.47
C ARG B 36 -15.71 -9.95 -11.43
N PHE B 37 -14.47 -9.80 -11.05
CA PHE B 37 -13.51 -9.10 -11.94
C PHE B 37 -13.24 -9.95 -13.17
N PHE B 38 -13.28 -11.25 -13.02
CA PHE B 38 -13.03 -12.14 -14.19
C PHE B 38 -14.19 -12.01 -15.18
N GLU B 39 -15.40 -12.05 -14.69
CA GLU B 39 -16.57 -11.91 -15.61
C GLU B 39 -16.68 -10.47 -16.09
N HIS B 40 -16.24 -9.53 -15.30
CA HIS B 40 -16.32 -8.11 -15.72
C HIS B 40 -15.43 -7.90 -16.95
N GLY B 41 -14.16 -8.15 -16.82
CA GLY B 41 -13.25 -7.98 -17.99
C GLY B 41 -13.74 -8.82 -19.16
N LEU B 42 -13.91 -10.10 -18.95
CA LEU B 42 -14.39 -10.98 -20.05
C LEU B 42 -15.79 -10.55 -20.46
N LYS B 43 -15.90 -9.73 -21.49
CA LYS B 43 -17.24 -9.27 -21.94
C LYS B 43 -17.97 -8.60 -20.77
N SER C 6 12.46 26.85 11.93
CA SER C 6 11.33 26.11 11.29
C SER C 6 11.69 24.62 11.19
N ASP C 7 12.94 24.31 10.95
CA ASP C 7 13.35 22.89 10.85
C ASP C 7 12.41 22.15 9.88
N PRO C 8 12.52 22.44 8.61
CA PRO C 8 11.66 21.81 7.57
C PRO C 8 11.60 20.29 7.72
N LEU C 9 12.39 19.73 8.61
CA LEU C 9 12.36 18.25 8.79
C LEU C 9 10.91 17.80 8.95
N VAL C 10 10.14 18.47 9.75
CA VAL C 10 8.72 18.08 9.93
C VAL C 10 7.97 18.37 8.62
N VAL C 11 8.18 19.52 8.05
CA VAL C 11 7.50 19.86 6.77
C VAL C 11 7.67 18.70 5.79
N ALA C 12 8.88 18.19 5.66
CA ALA C 12 9.11 17.05 4.74
C ALA C 12 8.38 15.81 5.26
N ALA C 13 8.29 15.67 6.56
CA ALA C 13 7.59 14.48 7.13
C ALA C 13 6.11 14.55 6.78
N SER C 14 5.44 15.62 7.13
CA SER C 14 3.99 15.74 6.83
C SER C 14 3.77 15.57 5.32
N ILE C 15 4.67 16.07 4.52
CA ILE C 15 4.50 15.93 3.04
C ILE C 15 4.73 14.47 2.64
N ILE C 16 5.70 13.81 3.23
CA ILE C 16 5.96 12.40 2.87
C ILE C 16 4.70 11.59 3.14
N GLY C 17 3.96 11.93 4.17
CA GLY C 17 2.71 11.19 4.47
C GLY C 17 1.68 11.51 3.40
N ILE C 18 1.57 12.76 3.03
CA ILE C 18 0.60 13.14 1.97
C ILE C 18 1.00 12.48 0.65
N LEU C 19 2.26 12.22 0.48
CA LEU C 19 2.72 11.57 -0.77
C LEU C 19 2.22 10.13 -0.82
N HIS C 20 2.71 9.29 0.04
CA HIS C 20 2.25 7.87 0.05
C HIS C 20 0.72 7.82 -0.02
N LEU C 21 0.04 8.66 0.71
CA LEU C 21 -1.44 8.64 0.69
C LEU C 21 -1.94 8.88 -0.74
N ILE C 22 -1.69 10.04 -1.27
CA ILE C 22 -2.16 10.33 -2.66
C ILE C 22 -1.75 9.18 -3.59
N LEU C 23 -0.65 8.54 -3.32
CA LEU C 23 -0.21 7.42 -4.19
C LEU C 23 -1.13 6.21 -4.02
N TRP C 24 -1.24 5.69 -2.82
CA TRP C 24 -2.11 4.50 -2.61
C TRP C 24 -3.48 4.75 -3.25
N ILE C 25 -4.06 5.89 -3.02
CA ILE C 25 -5.39 6.17 -3.62
C ILE C 25 -5.26 6.21 -5.15
N LEU C 26 -4.30 6.94 -5.64
CA LEU C 26 -4.09 7.04 -7.12
C LEU C 26 -3.95 5.63 -7.73
N ASP C 27 -3.40 4.71 -7.00
CA ASP C 27 -3.24 3.34 -7.55
C ASP C 27 -4.52 2.54 -7.33
N ARG C 28 -5.33 2.94 -6.39
CA ARG C 28 -6.59 2.18 -6.12
C ARG C 28 -7.66 2.57 -7.15
N LEU C 29 -7.59 3.72 -7.73
CA LEU C 29 -8.62 4.10 -8.75
C LEU C 29 -8.46 3.20 -9.97
N PHE C 30 -7.26 2.77 -10.26
CA PHE C 30 -7.04 1.89 -11.44
C PHE C 30 -8.08 0.76 -11.42
N PHE C 31 -9.14 0.89 -12.17
CA PHE C 31 -10.19 -0.16 -12.19
C PHE C 31 -11.05 0.00 -13.43
N LYS C 32 -10.57 0.72 -14.41
CA LYS C 32 -11.37 0.93 -15.66
C LYS C 32 -11.65 -0.42 -16.32
N SER C 33 -11.12 -0.63 -17.50
CA SER C 33 -11.37 -1.92 -18.21
C SER C 33 -10.30 -2.95 -17.77
N ILE C 34 -10.66 -4.20 -17.75
CA ILE C 34 -9.69 -5.25 -17.34
C ILE C 34 -9.25 -6.05 -18.58
N TYR C 35 -10.07 -6.07 -19.60
CA TYR C 35 -9.71 -6.82 -20.83
C TYR C 35 -8.32 -6.40 -21.31
N ARG C 36 -7.85 -5.25 -20.88
CA ARG C 36 -6.51 -4.79 -21.31
C ARG C 36 -5.43 -5.63 -20.62
N PHE C 37 -5.61 -5.92 -19.36
CA PHE C 37 -4.60 -6.75 -18.64
C PHE C 37 -4.60 -8.16 -19.21
N PHE C 38 -5.77 -8.67 -19.54
CA PHE C 38 -5.86 -10.04 -20.11
C PHE C 38 -5.15 -10.07 -21.46
N GLU C 39 -5.66 -9.34 -22.42
CA GLU C 39 -5.03 -9.33 -23.76
C GLU C 39 -3.53 -9.05 -23.63
N HIS C 40 -3.13 -8.32 -22.63
CA HIS C 40 -1.68 -8.01 -22.46
C HIS C 40 -0.93 -9.29 -22.10
N GLY C 41 -1.33 -9.96 -21.05
CA GLY C 41 -0.64 -11.21 -20.66
C GLY C 41 -0.65 -12.20 -21.82
N LEU C 42 -1.82 -12.58 -22.27
CA LEU C 42 -1.90 -13.54 -23.41
C LEU C 42 -0.95 -13.10 -24.53
N LYS C 43 0.10 -13.83 -24.75
CA LYS C 43 1.06 -13.44 -25.82
C LYS C 43 0.44 -13.74 -27.19
N SER D 6 20.20 15.32 16.76
CA SER D 6 19.38 16.21 17.61
C SER D 6 17.90 15.80 17.48
N ASP D 7 17.32 15.33 18.55
CA ASP D 7 15.89 14.92 18.48
C ASP D 7 15.67 14.04 17.24
N PRO D 8 16.43 12.99 17.10
CA PRO D 8 16.34 12.07 15.94
C PRO D 8 14.96 11.40 15.84
N LEU D 9 14.14 11.54 16.85
CA LEU D 9 12.79 10.91 16.80
C LEU D 9 12.14 11.26 15.46
N VAL D 10 12.20 12.50 15.06
CA VAL D 10 11.60 12.89 13.76
C VAL D 10 12.44 12.30 12.64
N VAL D 11 13.74 12.40 12.73
CA VAL D 11 14.62 11.84 11.66
C VAL D 11 14.18 10.40 11.37
N ALA D 12 14.00 9.60 12.38
CA ALA D 12 13.58 8.20 12.15
C ALA D 12 12.17 8.18 11.58
N ALA D 13 11.34 9.11 12.00
CA ALA D 13 9.94 9.14 11.48
C ALA D 13 9.95 9.45 9.98
N SER D 14 10.56 10.53 9.58
CA SER D 14 10.59 10.88 8.12
C SER D 14 11.23 9.73 7.33
N ILE D 15 12.23 9.10 7.86
CA ILE D 15 12.87 7.97 7.12
C ILE D 15 11.90 6.78 7.07
N ILE D 16 11.20 6.54 8.14
CA ILE D 16 10.24 5.40 8.14
C ILE D 16 9.22 5.61 7.02
N GLY D 17 8.87 6.84 6.77
CA GLY D 17 7.90 7.13 5.68
C GLY D 17 8.57 6.87 4.33
N ILE D 18 9.78 7.32 4.18
CA ILE D 18 10.51 7.08 2.89
C ILE D 18 10.64 5.58 2.66
N LEU D 19 10.70 4.82 3.73
CA LEU D 19 10.82 3.34 3.58
C LEU D 19 9.49 2.77 3.08
N HIS D 20 8.47 2.85 3.87
CA HIS D 20 7.14 2.32 3.45
C HIS D 20 6.81 2.80 2.04
N LEU D 21 7.16 4.01 1.71
CA LEU D 21 6.85 4.53 0.34
C LEU D 21 7.69 3.77 -0.70
N ILE D 22 8.98 3.89 -0.63
CA ILE D 22 9.85 3.20 -1.61
C ILE D 22 9.40 1.75 -1.74
N LEU D 23 9.05 1.12 -0.66
CA LEU D 23 8.59 -0.29 -0.70
C LEU D 23 7.35 -0.42 -1.60
N TRP D 24 6.27 0.24 -1.26
CA TRP D 24 5.04 0.13 -2.09
C TRP D 24 5.37 0.35 -3.56
N ILE D 25 6.14 1.36 -3.87
CA ILE D 25 6.49 1.61 -5.29
C ILE D 25 7.28 0.42 -5.83
N LEU D 26 8.25 -0.04 -5.10
CA LEU D 26 9.08 -1.19 -5.57
C LEU D 26 8.17 -2.37 -5.90
N ASP D 27 7.15 -2.59 -5.12
CA ASP D 27 6.24 -3.73 -5.41
C ASP D 27 5.34 -3.40 -6.60
N ARG D 28 5.10 -2.13 -6.85
CA ARG D 28 4.22 -1.76 -8.00
C ARG D 28 4.97 -1.96 -9.33
N LEU D 29 6.27 -1.84 -9.33
CA LEU D 29 7.01 -2.03 -10.62
C LEU D 29 6.94 -3.52 -11.02
N PHE D 30 6.75 -4.39 -10.08
CA PHE D 30 6.66 -5.84 -10.40
C PHE D 30 5.23 -6.20 -10.79
N PHE D 31 4.83 -5.86 -11.98
CA PHE D 31 3.44 -6.18 -12.43
C PHE D 31 3.37 -6.09 -13.96
N LYS D 32 4.48 -5.84 -14.60
CA LYS D 32 4.47 -5.73 -16.09
C LYS D 32 4.04 -7.07 -16.68
N SER D 33 4.98 -7.87 -17.11
CA SER D 33 4.64 -9.19 -17.72
C SER D 33 3.61 -9.90 -16.83
N ILE D 34 2.54 -10.36 -17.41
CA ILE D 34 1.49 -11.07 -16.62
C ILE D 34 1.59 -12.57 -16.89
N TYR D 35 2.02 -12.94 -18.07
CA TYR D 35 2.14 -14.38 -18.40
C TYR D 35 2.92 -15.10 -17.30
N ARG D 36 3.77 -14.39 -16.60
CA ARG D 36 4.56 -15.04 -15.51
C ARG D 36 3.62 -15.47 -14.38
N PHE D 37 2.71 -14.62 -13.99
CA PHE D 37 1.76 -14.98 -12.90
C PHE D 37 0.88 -16.14 -13.37
N PHE D 38 0.51 -16.14 -14.62
CA PHE D 38 -0.34 -17.24 -15.15
C PHE D 38 0.45 -18.55 -15.11
N GLU D 39 1.47 -18.65 -15.91
CA GLU D 39 2.29 -19.90 -15.92
C GLU D 39 2.60 -20.33 -14.49
N HIS D 40 2.71 -19.40 -13.59
CA HIS D 40 3.02 -19.75 -12.17
C HIS D 40 1.81 -20.47 -11.56
N GLY D 41 0.67 -19.85 -11.57
CA GLY D 41 -0.54 -20.50 -10.99
C GLY D 41 -0.79 -21.84 -11.66
N LEU D 42 -1.00 -21.84 -12.95
CA LEU D 42 -1.24 -23.12 -13.67
C LEU D 42 -0.03 -24.05 -13.48
N LYS D 43 -0.18 -25.07 -12.70
CA LYS D 43 0.96 -26.00 -12.47
C LYS D 43 2.22 -25.19 -12.13
CA RIM E . -4.72 -5.47 7.50
CB RIM E . -3.87 -5.92 8.69
NC RIM E . -3.97 -4.89 9.75
CD RIM E . -4.32 -7.30 9.25
CE1 RIM E . -3.72 -8.43 8.41
CE2 RIM E . -3.79 -7.43 10.69
CE3 RIM E . -5.85 -7.42 9.27
CF1 RIM E . -4.14 -9.78 8.99
CF2 RIM E . -4.20 -8.78 11.27
CF3 RIM E . -6.25 -8.77 9.86
CG1 RIM E . -3.62 -9.90 10.42
CG2 RIM E . -5.72 -8.89 11.28
CG3 RIM E . -5.67 -9.88 9.01
HA1 RIM E . -4.25 -4.65 7.00
HA2 RIM E . -5.70 -5.17 7.84
HA3 RIM E . -4.82 -6.29 6.80
HB RIM E . -2.83 -6.00 8.37
HNC1 RIM E . -3.47 -5.00 10.60
HNC2 RIM E . -4.58 -4.13 9.65
HE11 RIM E . -2.64 -8.35 8.42
HE12 RIM E . -4.08 -8.36 7.40
HE21 RIM E . -4.21 -6.64 11.31
HE22 RIM E . -2.71 -7.35 10.69
HE31 RIM E . -6.24 -7.37 8.26
HE32 RIM E . -6.28 -6.62 9.86
HF1 RIM E . -3.73 -10.58 8.39
HF2 RIM E . -3.83 -8.87 12.29
HF3 RIM E . -7.33 -8.84 9.88
HG11 RIM E . -3.94 -10.85 10.84
HG12 RIM E . -2.54 -9.81 10.41
HG21 RIM E . -6.00 -9.84 11.69
HG22 RIM E . -6.12 -8.07 11.88
HG31 RIM E . -5.96 -10.84 9.43
HG32 RIM E . -6.03 -9.77 7.99
CA RIM F . -8.61 4.41 -2.05
CB RIM F . -9.68 3.38 -1.72
NC RIM F . -9.10 2.30 -0.87
CD RIM F . -10.89 4.01 -0.97
CE1 RIM F . -12.10 3.07 -1.14
CE2 RIM F . -10.59 4.16 0.53
CE3 RIM F . -11.25 5.39 -1.56
CF1 RIM F . -13.31 3.64 -0.42
CF2 RIM F . -11.80 4.73 1.25
CF3 RIM F . -12.47 5.95 -0.83
CG1 RIM F . -12.99 3.79 1.07
CG2 RIM F . -12.15 6.09 0.66
CG3 RIM F . -13.65 4.99 -1.00
HA1 RIM F . -7.70 3.90 -2.36
HA2 RIM F . -8.39 5.02 -1.19
HA3 RIM F . -8.94 5.04 -2.86
HB RIM F . -10.04 2.93 -2.65
HNC1 RIM F . -9.65 1.85 -0.20
HNC2 RIM F . -8.16 2.03 -1.01
HE11 RIM F . -11.85 2.10 -0.74
HE12 RIM F . -12.33 2.97 -2.19
HE21 RIM F . -9.74 4.81 0.66
HE22 RIM F . -10.35 3.18 0.95
HE31 RIM F . -11.46 5.30 -2.60
HE32 RIM F . -10.43 6.08 -1.41
HF1 RIM F . -14.15 2.97 -0.54
HF2 RIM F . -11.58 4.84 2.30
HF3 RIM F . -12.72 6.92 -1.24
HG11 RIM F . -13.85 4.20 1.57
HG12 RIM F . -12.73 2.81 1.47
HG21 RIM F . -13.03 6.48 1.17
HG22 RIM F . -11.30 6.75 0.77
HG31 RIM F . -14.52 5.41 -0.47
HG32 RIM F . -13.86 4.88 -2.06
CA RIM G . 3.79 3.20 -7.60
CB RIM G . 2.50 3.32 -8.42
NC RIM G . 1.41 3.83 -7.55
CD RIM G . 2.67 4.28 -9.63
CE1 RIM G . 4.04 4.09 -10.31
CE2 RIM G . 1.56 3.95 -10.64
CE3 RIM G . 2.52 5.75 -9.20
CF1 RIM G . 4.14 5.00 -11.53
CF2 RIM G . 1.68 4.88 -11.86
CF3 RIM G . 2.65 6.66 -10.41
CG1 RIM G . 3.03 4.67 -12.52
CG2 RIM G . 1.54 6.33 -11.41
CG3 RIM G . 4.01 6.45 -11.07
HA1 RIM G . 4.20 4.19 -7.41
HA2 RIM G . 4.51 2.61 -8.14
HA3 RIM G . 3.57 2.73 -6.66
HB RIM G . 2.23 2.34 -8.79
HNC1 RIM G . 0.50 3.94 -7.91
HNC2 RIM G . 1.60 4.09 -6.62
HE11 RIM G . 4.16 3.06 -10.62
HE12 RIM G . 4.83 4.34 -9.62
HE21 RIM G . 0.59 4.10 -10.19
HE22 RIM G . 1.66 2.93 -10.97
HE31 RIM G . 3.29 5.99 -8.48
HE32 RIM G . 1.55 5.89 -8.74
HF1 RIM G . 5.11 4.87 -12.00
HF2 RIM G . 0.90 4.65 -12.57
HF3 RIM G . 2.56 7.69 -10.10
HG11 RIM G . 3.12 5.34 -13.38
HG12 RIM G . 3.13 3.63 -12.82
HG21 RIM G . 1.65 6.98 -12.28
HG22 RIM G . 0.58 6.46 -10.93
HG31 RIM G . 4.08 7.11 -11.94
HG32 RIM G . 4.79 6.67 -10.35
CA RIM H . 6.94 -6.38 1.70
CB RIM H . 6.93 -6.48 0.17
NC RIM H . 6.85 -5.10 -0.41
CD RIM H . 8.19 -7.19 -0.38
CE1 RIM H . 9.36 -6.20 -0.49
CE2 RIM H . 8.59 -8.38 0.52
CE3 RIM H . 7.86 -7.72 -1.79
CF1 RIM H . 10.59 -6.93 -1.08
CF2 RIM H . 9.80 -9.09 -0.09
CF3 RIM H . 9.08 -8.42 -2.38
CG1 RIM H . 10.96 -8.11 -0.18
CG2 RIM H . 9.46 -9.59 -1.49
CG3 RIM H . 10.24 -7.44 -2.46
HA1 RIM H . 6.75 -7.36 2.13
HA2 RIM H . 6.15 -5.71 2.01
HA3 RIM H . 7.88 -6.01 2.04
HB RIM H . 6.05 -7.02 -0.14
HNC1 RIM H . 7.15 -4.93 -1.32
HNC2 RIM H . 6.53 -4.36 0.15
HE11 RIM H . 9.61 -5.83 0.49
HE12 RIM H . 9.09 -5.38 -1.13
HE21 RIM H . 7.77 -9.07 0.60
HE22 RIM H . 8.86 -8.02 1.50
HE31 RIM H . 7.58 -6.89 -2.43
HE32 RIM H . 7.04 -8.41 -1.73
HF1 RIM H . 11.42 -6.24 -1.13
HF2 RIM H . 10.08 -9.92 0.54
HF3 RIM H . 8.84 -8.78 -3.37
HG11 RIM H . 11.83 -8.62 -0.61
HG12 RIM H . 11.18 -7.73 0.82
HG21 RIM H . 10.33 -10.09 -1.90
HG22 RIM H . 8.61 -10.27 -1.41
HG31 RIM H . 11.11 -7.96 -2.87
HG32 RIM H . 9.95 -6.60 -3.09
N SER A 6 6.36 14.47 27.52
CA SER A 6 5.98 15.91 27.39
C SER A 6 5.56 16.18 25.94
N ASP A 7 5.56 15.19 25.10
CA ASP A 7 5.16 15.40 23.69
C ASP A 7 5.04 14.05 22.98
N PRO A 8 4.35 13.13 23.59
CA PRO A 8 4.15 11.76 23.03
C PRO A 8 3.52 11.80 21.63
N LEU A 9 2.95 12.91 21.26
CA LEU A 9 2.33 13.01 19.91
C LEU A 9 3.28 12.44 18.87
N VAL A 10 4.54 12.76 18.97
CA VAL A 10 5.53 12.23 17.99
C VAL A 10 5.69 10.73 18.22
N VAL A 11 5.82 10.32 19.46
CA VAL A 11 5.97 8.86 19.74
C VAL A 11 4.89 8.08 19.00
N ALA A 12 3.66 8.49 19.13
CA ALA A 12 2.55 7.78 18.43
C ALA A 12 2.73 7.92 16.92
N ALA A 13 3.23 9.04 16.47
CA ALA A 13 3.43 9.24 15.01
C ALA A 13 4.49 8.25 14.49
N SER A 14 5.66 8.28 15.06
CA SER A 14 6.74 7.35 14.62
C SER A 14 6.24 5.91 14.69
N ILE A 15 5.47 5.57 15.69
CA ILE A 15 4.97 4.18 15.81
C ILE A 15 3.91 3.92 14.74
N ILE A 16 3.04 4.87 14.50
CA ILE A 16 1.99 4.66 13.46
C ILE A 16 2.68 4.32 12.14
N GLY A 17 3.83 4.90 11.90
CA GLY A 17 4.55 4.60 10.64
C GLY A 17 5.16 3.20 10.72
N ILE A 18 5.76 2.87 11.82
CA ILE A 18 6.35 1.51 11.97
C ILE A 18 5.26 0.46 11.80
N LEU A 19 4.05 0.80 12.12
CA LEU A 19 2.93 -0.17 11.99
C LEU A 19 2.59 -0.34 10.50
N HIS A 20 2.09 0.69 9.87
CA HIS A 20 1.74 0.58 8.42
C HIS A 20 2.87 -0.12 7.66
N LEU A 21 4.10 0.15 8.02
CA LEU A 21 5.24 -0.50 7.31
C LEU A 21 5.22 -2.00 7.59
N ILE A 22 5.49 -2.41 8.79
CA ILE A 22 5.50 -3.86 9.12
C ILE A 22 4.24 -4.51 8.56
N LEU A 23 3.14 -3.81 8.58
CA LEU A 23 1.88 -4.39 8.04
C LEU A 23 2.00 -4.59 6.53
N TRP A 24 2.27 -3.54 5.80
CA TRP A 24 2.39 -3.66 4.32
C TRP A 24 3.32 -4.83 3.98
N ILE A 25 4.46 -4.89 4.61
CA ILE A 25 5.42 -6.01 4.32
C ILE A 25 4.76 -7.34 4.71
N LEU A 26 4.21 -7.41 5.89
CA LEU A 26 3.56 -8.66 6.36
C LEU A 26 2.55 -9.17 5.33
N ASP A 27 1.89 -8.27 4.65
CA ASP A 27 0.89 -8.70 3.64
C ASP A 27 1.57 -9.01 2.30
N ARG A 28 2.69 -8.40 2.04
CA ARG A 28 3.39 -8.64 0.74
C ARG A 28 4.00 -10.04 0.71
N LEU A 29 4.39 -10.58 1.85
CA LEU A 29 5.00 -11.94 1.83
C LEU A 29 4.01 -12.94 1.25
N PHE A 30 2.73 -12.67 1.34
CA PHE A 30 1.73 -13.62 0.79
C PHE A 30 2.01 -13.84 -0.70
N PHE A 31 2.45 -15.01 -1.06
CA PHE A 31 2.74 -15.29 -2.49
C PHE A 31 2.97 -16.80 -2.69
N LYS A 32 2.58 -17.59 -1.74
CA LYS A 32 2.78 -19.06 -1.86
C LYS A 32 2.00 -19.58 -3.07
N SER A 33 1.28 -20.65 -2.89
CA SER A 33 0.49 -21.21 -4.02
C SER A 33 -0.59 -20.21 -4.45
N ILE A 34 -0.90 -20.18 -5.72
CA ILE A 34 -1.95 -19.24 -6.21
C ILE A 34 -3.22 -20.02 -6.55
N TYR A 35 -3.09 -21.29 -6.78
CA TYR A 35 -4.28 -22.12 -7.12
C TYR A 35 -5.31 -22.03 -5.99
N ARG A 36 -4.91 -21.54 -4.84
CA ARG A 36 -5.87 -21.44 -3.71
C ARG A 36 -6.91 -20.35 -4.01
N PHE A 37 -6.49 -19.25 -4.57
CA PHE A 37 -7.46 -18.16 -4.89
C PHE A 37 -8.31 -18.59 -6.08
N PHE A 38 -7.71 -19.17 -7.08
CA PHE A 38 -8.49 -19.62 -8.27
C PHE A 38 -9.60 -20.57 -7.81
N GLU A 39 -9.26 -21.52 -6.97
CA GLU A 39 -10.29 -22.49 -6.48
C GLU A 39 -11.24 -21.76 -5.53
N HIS A 40 -10.78 -20.72 -4.90
CA HIS A 40 -11.66 -19.97 -3.96
C HIS A 40 -12.76 -19.25 -4.75
N GLY A 41 -12.44 -18.83 -5.95
CA GLY A 41 -13.45 -18.12 -6.78
C GLY A 41 -14.37 -19.15 -7.43
N LEU A 42 -13.84 -19.99 -8.27
CA LEU A 42 -14.69 -21.01 -8.94
C LEU A 42 -15.09 -22.09 -7.93
N LYS A 43 -16.32 -22.53 -7.96
CA LYS A 43 -16.78 -23.57 -7.00
C LYS A 43 -16.54 -23.09 -5.57
N SER B 6 0.11 24.84 19.30
CA SER B 6 1.48 25.44 19.19
C SER B 6 2.05 25.13 17.80
N ASP B 7 1.86 23.94 17.32
CA ASP B 7 2.41 23.58 15.97
C ASP B 7 1.64 22.39 15.42
N PRO B 8 0.37 22.56 15.16
CA PRO B 8 -0.50 21.47 14.62
C PRO B 8 0.17 20.72 13.48
N LEU B 9 1.27 21.21 12.98
CA LEU B 9 1.97 20.51 11.87
C LEU B 9 2.07 19.02 12.21
N VAL B 10 2.48 18.70 13.40
CA VAL B 10 2.59 17.27 13.79
C VAL B 10 1.19 16.68 13.87
N VAL B 11 0.27 17.37 14.51
CA VAL B 11 -1.11 16.84 14.61
C VAL B 11 -1.58 16.37 13.23
N ALA B 12 -1.40 17.18 12.23
CA ALA B 12 -1.82 16.78 10.86
C ALA B 12 -0.98 15.60 10.40
N ALA B 13 0.27 15.55 10.79
CA ALA B 13 1.15 14.42 10.38
C ALA B 13 0.63 13.11 10.99
N SER B 14 0.52 13.06 12.28
CA SER B 14 0.02 11.81 12.94
C SER B 14 -1.33 11.42 12.35
N ILE B 15 -2.15 12.38 12.02
CA ILE B 15 -3.49 12.04 11.43
C ILE B 15 -3.30 11.54 10.00
N ILE B 16 -2.44 12.16 9.24
CA ILE B 16 -2.23 11.70 7.84
C ILE B 16 -1.83 10.23 7.87
N GLY B 17 -1.12 9.81 8.87
CA GLY B 17 -0.71 8.39 8.97
C GLY B 17 -1.91 7.54 9.38
N ILE B 18 -2.66 7.99 10.36
CA ILE B 18 -3.84 7.21 10.80
C ILE B 18 -4.78 6.97 9.61
N LEU B 19 -4.81 7.90 8.69
CA LEU B 19 -5.69 7.74 7.51
C LEU B 19 -5.09 6.68 6.58
N HIS B 20 -3.93 6.94 6.04
CA HIS B 20 -3.29 5.95 5.12
C HIS B 20 -3.39 4.55 5.70
N LEU B 21 -3.20 4.40 6.98
CA LEU B 21 -3.29 3.05 7.60
C LEU B 21 -4.72 2.52 7.51
N ILE B 22 -5.63 3.13 8.22
CA ILE B 22 -7.05 2.66 8.16
C ILE B 22 -7.46 2.46 6.71
N LEU B 23 -6.84 3.15 5.80
CA LEU B 23 -7.20 3.00 4.35
C LEU B 23 -6.75 1.62 3.85
N TRP B 24 -5.47 1.40 3.76
CA TRP B 24 -4.97 0.08 3.27
C TRP B 24 -5.76 -1.05 3.91
N ILE B 25 -5.95 -1.00 5.20
CA ILE B 25 -6.72 -2.07 5.87
C ILE B 25 -8.12 -2.12 5.25
N LEU B 26 -8.75 -0.99 5.12
CA LEU B 26 -10.11 -0.96 4.51
C LEU B 26 -10.12 -1.81 3.24
N ASP B 27 -9.23 -1.53 2.34
CA ASP B 27 -9.17 -2.30 1.07
C ASP B 27 -8.93 -3.78 1.35
N ARG B 28 -8.24 -4.11 2.41
CA ARG B 28 -7.97 -5.54 2.69
C ARG B 28 -9.23 -6.23 3.26
N LEU B 29 -10.16 -5.48 3.80
CA LEU B 29 -11.39 -6.15 4.33
C LEU B 29 -12.32 -6.47 3.16
N PHE B 30 -12.33 -5.64 2.16
CA PHE B 30 -13.23 -5.89 0.99
C PHE B 30 -12.84 -7.21 0.33
N PHE B 31 -13.77 -8.11 0.22
CA PHE B 31 -13.46 -9.43 -0.43
C PHE B 31 -14.76 -10.05 -0.94
N LYS B 32 -15.51 -9.32 -1.73
CA LYS B 32 -16.77 -9.88 -2.28
C LYS B 32 -16.52 -11.27 -2.86
N SER B 33 -16.00 -11.33 -4.06
CA SER B 33 -15.73 -12.66 -4.68
C SER B 33 -14.64 -12.51 -5.74
N ILE B 34 -14.09 -13.60 -6.19
CA ILE B 34 -13.01 -13.52 -7.23
C ILE B 34 -13.61 -13.74 -8.62
N TYR B 35 -14.60 -14.57 -8.74
CA TYR B 35 -15.21 -14.82 -10.07
C TYR B 35 -15.82 -13.52 -10.61
N ARG B 36 -16.07 -12.57 -9.74
CA ARG B 36 -16.66 -11.28 -10.21
C ARG B 36 -15.63 -10.52 -11.05
N PHE B 37 -14.42 -10.45 -10.59
CA PHE B 37 -13.37 -9.73 -11.36
C PHE B 37 -13.09 -10.47 -12.67
N PHE B 38 -13.22 -11.76 -12.66
CA PHE B 38 -12.98 -12.55 -13.91
C PHE B 38 -14.10 -12.26 -14.91
N GLU B 39 -15.31 -12.56 -14.54
CA GLU B 39 -16.46 -12.31 -15.46
C GLU B 39 -16.44 -10.85 -15.93
N HIS B 40 -15.92 -9.97 -15.13
CA HIS B 40 -15.88 -8.53 -15.54
C HIS B 40 -14.85 -8.36 -16.66
N GLY B 41 -13.64 -8.79 -16.44
CA GLY B 41 -12.59 -8.64 -17.49
C GLY B 41 -13.02 -9.43 -18.73
N LEU B 42 -13.16 -10.72 -18.60
CA LEU B 42 -13.58 -11.55 -19.77
C LEU B 42 -14.92 -11.03 -20.30
N LYS B 43 -14.92 -10.39 -21.43
CA LYS B 43 -16.19 -9.87 -21.99
C LYS B 43 -15.98 -9.46 -23.45
N SER C 6 11.96 26.49 11.97
CA SER C 6 13.43 26.40 12.15
C SER C 6 13.87 24.94 12.03
N ASP C 7 12.97 24.06 11.70
CA ASP C 7 13.34 22.62 11.58
C ASP C 7 12.44 21.96 10.52
N PRO C 8 12.60 22.36 9.28
CA PRO C 8 11.80 21.81 8.15
C PRO C 8 11.73 20.28 8.19
N LEU C 9 12.50 19.66 9.03
CA LEU C 9 12.48 18.17 9.10
C LEU C 9 11.02 17.69 9.16
N VAL C 10 10.22 18.30 9.99
CA VAL C 10 8.79 17.89 10.08
C VAL C 10 8.09 18.28 8.77
N VAL C 11 8.33 19.46 8.29
CA VAL C 11 7.67 19.89 7.02
C VAL C 11 7.86 18.80 5.97
N ALA C 12 9.06 18.33 5.80
CA ALA C 12 9.31 17.25 4.80
C ALA C 12 8.59 15.98 5.23
N ALA C 13 8.48 15.76 6.52
CA ALA C 13 7.78 14.54 7.01
C ALA C 13 6.30 14.61 6.62
N SER C 14 5.62 15.63 7.05
CA SER C 14 4.16 15.75 6.72
C SER C 14 3.97 15.67 5.20
N ILE C 15 4.86 16.24 4.44
CA ILE C 15 4.72 16.20 2.96
C ILE C 15 4.99 14.78 2.46
N ILE C 16 5.99 14.13 3.00
CA ILE C 16 6.29 12.74 2.56
C ILE C 16 5.03 11.89 2.73
N GLY C 17 4.26 12.16 3.76
CA GLY C 17 3.02 11.38 3.99
C GLY C 17 1.95 11.80 2.97
N ILE C 18 1.79 13.07 2.75
CA ILE C 18 0.77 13.53 1.77
C ILE C 18 1.03 12.87 0.42
N LEU C 19 2.27 12.60 0.12
CA LEU C 19 2.59 11.94 -1.19
C LEU C 19 2.21 10.47 -1.11
N HIS C 20 2.75 9.74 -0.17
CA HIS C 20 2.42 8.30 -0.05
C HIS C 20 0.89 8.13 -0.04
N LEU C 21 0.19 9.04 0.59
CA LEU C 21 -1.29 8.93 0.63
C LEU C 21 -1.85 9.13 -0.79
N ILE C 22 -1.76 10.32 -1.30
CA ILE C 22 -2.28 10.58 -2.68
C ILE C 22 -1.81 9.48 -3.62
N LEU C 23 -0.70 8.87 -3.31
CA LEU C 23 -0.19 7.78 -4.19
C LEU C 23 -1.10 6.56 -4.09
N TRP C 24 -1.17 5.95 -2.94
CA TRP C 24 -2.03 4.74 -2.76
C TRP C 24 -3.40 5.01 -3.41
N ILE C 25 -3.99 6.13 -3.13
CA ILE C 25 -5.32 6.43 -3.74
C ILE C 25 -5.16 6.54 -5.26
N LEU C 26 -4.30 7.40 -5.72
CA LEU C 26 -4.08 7.56 -7.18
C LEU C 26 -3.99 6.19 -7.85
N ASP C 27 -3.18 5.30 -7.32
CA ASP C 27 -3.04 3.97 -7.94
C ASP C 27 -4.33 3.16 -7.78
N ARG C 28 -5.11 3.45 -6.77
CA ARG C 28 -6.38 2.67 -6.58
C ARG C 28 -7.45 3.15 -7.56
N LEU C 29 -7.35 4.34 -8.09
CA LEU C 29 -8.38 4.80 -9.05
C LEU C 29 -8.14 4.14 -10.41
N PHE C 30 -6.98 3.56 -10.60
CA PHE C 30 -6.68 2.90 -11.89
C PHE C 30 -7.40 1.55 -11.97
N PHE C 31 -8.07 1.17 -10.91
CA PHE C 31 -8.80 -0.13 -10.93
C PHE C 31 -10.12 0.02 -11.67
N LYS C 32 -10.25 -0.61 -12.80
CA LYS C 32 -11.52 -0.50 -13.58
C LYS C 32 -11.59 -1.62 -14.62
N SER C 33 -11.14 -1.37 -15.82
CA SER C 33 -11.18 -2.43 -16.86
C SER C 33 -10.05 -3.42 -16.62
N ILE C 34 -10.32 -4.69 -16.77
CA ILE C 34 -9.26 -5.72 -16.55
C ILE C 34 -8.76 -6.22 -17.91
N TYR C 35 -9.53 -6.02 -18.95
CA TYR C 35 -9.11 -6.48 -20.29
C TYR C 35 -7.71 -5.94 -20.61
N ARG C 36 -7.38 -4.79 -20.09
CA ARG C 36 -6.03 -4.21 -20.36
C ARG C 36 -4.95 -5.14 -19.80
N PHE C 37 -5.11 -5.61 -18.59
CA PHE C 37 -4.09 -6.51 -18.00
C PHE C 37 -4.03 -7.81 -18.81
N PHE C 38 -5.15 -8.28 -19.29
CA PHE C 38 -5.16 -9.54 -20.10
C PHE C 38 -4.37 -9.30 -21.38
N GLU C 39 -4.83 -8.41 -22.22
CA GLU C 39 -4.12 -8.13 -23.49
C GLU C 39 -2.61 -7.97 -23.22
N HIS C 40 -2.26 -7.41 -22.09
CA HIS C 40 -0.82 -7.24 -21.77
C HIS C 40 -0.16 -8.61 -21.63
N GLY C 41 -0.75 -9.48 -20.84
CA GLY C 41 -0.16 -10.83 -20.65
C GLY C 41 0.03 -11.48 -22.02
N LEU C 42 -1.04 -11.67 -22.75
CA LEU C 42 -0.91 -12.31 -24.10
C LEU C 42 -0.66 -11.21 -25.14
N LYS C 43 0.54 -11.11 -25.62
CA LYS C 43 0.85 -10.06 -26.64
C LYS C 43 0.61 -10.62 -28.04
N SER D 6 15.93 19.22 16.31
CA SER D 6 14.93 18.38 17.01
C SER D 6 15.55 17.02 17.37
N ASP D 7 14.96 16.31 18.28
CA ASP D 7 15.51 14.99 18.69
C ASP D 7 15.47 14.05 17.48
N PRO D 8 16.25 12.99 17.51
CA PRO D 8 16.30 11.99 16.41
C PRO D 8 14.96 11.27 16.21
N LEU D 9 14.13 11.25 17.22
CA LEU D 9 12.81 10.57 17.08
C LEU D 9 12.17 10.99 15.76
N VAL D 10 12.24 12.25 15.45
CA VAL D 10 11.66 12.74 14.16
C VAL D 10 12.52 12.22 13.01
N VAL D 11 13.82 12.30 13.14
CA VAL D 11 14.70 11.80 12.05
C VAL D 11 14.26 10.38 11.67
N ALA D 12 14.10 9.53 12.65
CA ALA D 12 13.66 8.13 12.34
C ALA D 12 12.25 8.17 11.75
N ALA D 13 11.44 9.10 12.16
CA ALA D 13 10.06 9.18 11.61
C ALA D 13 10.11 9.55 10.12
N SER D 14 10.73 10.64 9.79
CA SER D 14 10.81 11.06 8.37
C SER D 14 11.45 9.94 7.53
N ILE D 15 12.41 9.26 8.10
CA ILE D 15 13.08 8.16 7.34
C ILE D 15 12.13 6.97 7.21
N ILE D 16 11.43 6.65 8.26
CA ILE D 16 10.47 5.50 8.19
C ILE D 16 9.49 5.76 7.05
N GLY D 17 9.14 7.01 6.84
CA GLY D 17 8.19 7.34 5.74
C GLY D 17 8.91 7.20 4.39
N ILE D 18 10.12 7.69 4.30
CA ILE D 18 10.86 7.58 3.02
C ILE D 18 10.98 6.10 2.64
N LEU D 19 11.19 5.25 3.60
CA LEU D 19 11.31 3.79 3.29
C LEU D 19 9.97 3.29 2.75
N HIS D 20 8.95 3.29 3.58
CA HIS D 20 7.62 2.80 3.12
C HIS D 20 7.29 3.40 1.75
N LEU D 21 7.67 4.62 1.52
CA LEU D 21 7.37 5.26 0.19
C LEU D 21 8.17 4.54 -0.90
N ILE D 22 9.46 4.70 -0.92
CA ILE D 22 10.28 4.03 -1.96
C ILE D 22 9.88 2.55 -2.05
N LEU D 23 9.36 2.01 -0.99
CA LEU D 23 8.94 0.58 -1.00
C LEU D 23 7.67 0.41 -1.84
N TRP D 24 6.64 1.14 -1.53
CA TRP D 24 5.38 1.02 -2.32
C TRP D 24 5.69 1.22 -3.81
N ILE D 25 6.37 2.27 -4.15
CA ILE D 25 6.71 2.50 -5.58
C ILE D 25 7.52 1.31 -6.09
N LEU D 26 8.61 0.99 -5.42
CA LEU D 26 9.46 -0.14 -5.86
C LEU D 26 8.58 -1.37 -6.13
N ASP D 27 7.55 -1.56 -5.34
CA ASP D 27 6.67 -2.74 -5.56
C ASP D 27 5.78 -2.50 -6.79
N ARG D 28 5.53 -1.27 -7.12
CA ARG D 28 4.67 -0.98 -8.30
C ARG D 28 5.48 -1.05 -9.60
N LEU D 29 6.79 -0.98 -9.53
CA LEU D 29 7.59 -1.06 -10.79
C LEU D 29 7.76 -2.52 -11.20
N PHE D 30 7.88 -3.42 -10.26
CA PHE D 30 8.06 -4.86 -10.61
C PHE D 30 6.72 -5.60 -10.43
N PHE D 31 6.75 -6.91 -10.46
CA PHE D 31 5.49 -7.70 -10.31
C PHE D 31 4.71 -7.69 -11.62
N LYS D 32 5.40 -7.60 -12.73
CA LYS D 32 4.69 -7.59 -14.05
C LYS D 32 4.62 -9.02 -14.58
N SER D 33 4.64 -9.18 -15.88
CA SER D 33 4.57 -10.54 -16.46
C SER D 33 3.33 -11.26 -15.93
N ILE D 34 2.30 -11.34 -16.73
CA ILE D 34 1.06 -12.03 -16.27
C ILE D 34 1.13 -13.51 -16.67
N TYR D 35 1.96 -13.84 -17.61
CA TYR D 35 2.08 -15.26 -18.04
C TYR D 35 2.72 -16.09 -16.92
N ARG D 36 3.58 -15.49 -16.15
CA ARG D 36 4.25 -16.24 -15.05
C ARG D 36 3.24 -16.60 -13.96
N PHE D 37 2.44 -15.66 -13.53
CA PHE D 37 1.43 -15.95 -12.46
C PHE D 37 0.36 -16.87 -13.03
N PHE D 38 0.10 -16.77 -14.31
CA PHE D 38 -0.94 -17.65 -14.93
C PHE D 38 -0.53 -19.11 -14.82
N GLU D 39 0.62 -19.46 -15.34
CA GLU D 39 1.07 -20.88 -15.26
C GLU D 39 1.42 -21.25 -13.82
N HIS D 40 1.80 -20.30 -13.02
CA HIS D 40 2.14 -20.61 -11.61
C HIS D 40 0.93 -21.22 -10.92
N GLY D 41 -0.15 -20.49 -10.84
CA GLY D 41 -1.38 -21.02 -10.18
C GLY D 41 -1.91 -22.22 -10.98
N LEU D 42 -2.24 -22.00 -12.23
CA LEU D 42 -2.76 -23.11 -13.06
C LEU D 42 -1.67 -24.17 -13.24
N LYS D 43 -1.84 -25.32 -12.63
CA LYS D 43 -0.82 -26.40 -12.77
C LYS D 43 -1.03 -27.14 -14.09
CA RIM E . -5.09 -5.59 6.81
CB RIM E . -3.96 -6.62 6.83
NC RIM E . -2.65 -5.90 6.94
CD RIM E . -4.09 -7.61 8.03
CE1 RIM E . -4.60 -6.89 9.30
CE2 RIM E . -5.07 -8.73 7.67
CE3 RIM E . -2.72 -8.23 8.32
CF1 RIM E . -4.67 -7.88 10.46
CF2 RIM E . -5.17 -9.72 8.84
CF3 RIM E . -2.81 -9.23 9.47
CG1 RIM E . -5.65 -8.99 10.08
CG2 RIM E . -3.80 -10.32 9.10
CG3 RIM E . -3.30 -8.50 10.71
HA1 RIM E . -5.06 -5.05 5.87
HA2 RIM E . -4.96 -4.88 7.61
HA3 RIM E . -6.04 -6.08 6.91
HB RIM E . -3.97 -7.19 5.91
HNC1 RIM E . -2.64 -4.92 6.94
HNC2 RIM E . -1.81 -6.41 6.99
HE11 RIM E . -5.58 -6.49 9.14
HE12 RIM E . -3.91 -6.08 9.56
HE21 RIM E . -4.71 -9.25 6.79
HE22 RIM E . -6.05 -8.31 7.47
HE31 RIM E . -2.02 -7.45 8.59
HE32 RIM E . -2.35 -8.73 7.43
HF1 RIM E . -5.02 -7.38 11.35
HF2 RIM E . -5.87 -10.51 8.59
HF3 RIM E . -1.84 -9.66 9.66
HG11 RIM E . -5.71 -9.70 10.91
HG12 RIM E . -6.62 -8.55 9.89
HG21 RIM E . -3.88 -11.03 9.94
HG22 RIM E . -3.46 -10.83 8.20
HG31 RIM E . -3.38 -9.21 11.53
HG32 RIM E . -2.60 -7.71 10.95
CA RIM F . -8.23 4.33 -2.28
CB RIM F . -9.18 3.13 -2.09
NC RIM F . -8.73 2.32 -0.93
CD RIM F . -10.65 3.59 -1.85
CE1 RIM F . -11.01 4.80 -2.73
CE2 RIM F . -11.57 2.41 -2.20
CE3 RIM F . -10.86 3.96 -0.37
CF1 RIM F . -12.48 5.17 -2.51
CF2 RIM F . -13.03 2.80 -1.96
CF3 RIM F . -12.32 4.36 -0.16
CG1 RIM F . -13.38 3.98 -2.86
CG2 RIM F . -13.23 3.18 -0.50
CG3 RIM F . -12.67 5.54 -1.05
HA1 RIM F . -8.41 4.79 -3.24
HA2 RIM F . -7.22 3.97 -2.22
HA3 RIM F . -8.40 5.05 -1.50
HB RIM F . -9.15 2.52 -2.98
HNC1 RIM F . -7.90 2.57 -0.46
HNC2 RIM F . -9.31 1.62 -0.57
HE11 RIM F . -10.86 4.55 -3.78
HE12 RIM F . -10.40 5.64 -2.48
HE21 RIM F . -11.32 1.56 -1.58
HE22 RIM F . -11.44 2.14 -3.24
HE31 RIM F . -10.22 4.79 -0.11
HE32 RIM F . -10.63 3.11 0.25
HF1 RIM F . -12.73 6.01 -3.14
HF2 RIM F . -13.67 1.97 -2.21
HF3 RIM F . -12.48 4.64 0.88
HG11 RIM F . -14.42 4.27 -2.69
HG12 RIM F . -13.20 3.71 -3.90
HG21 RIM F . -14.26 3.48 -0.35
HG22 RIM F . -12.96 2.34 0.12
HG31 RIM F . -13.72 5.82 -0.89
HG32 RIM F . -12.02 6.37 -0.81
CA RIM G . 3.40 3.65 -8.16
CB RIM G . 3.16 5.17 -8.16
NC RIM G . 4.31 5.83 -7.47
CD RIM G . 3.02 5.74 -9.59
CE1 RIM G . 2.29 7.08 -9.49
CE2 RIM G . 4.41 5.99 -10.20
CE3 RIM G . 2.23 4.80 -10.50
CF1 RIM G . 2.15 7.71 -10.88
CF2 RIM G . 4.26 6.59 -11.59
CF3 RIM G . 2.07 5.44 -11.89
CG1 RIM G . 3.53 7.93 -11.48
CG2 RIM G . 3.46 5.67 -12.48
CG3 RIM G . 1.35 6.77 -11.76
HA1 RIM G . 3.71 3.33 -7.18
HA2 RIM G . 4.18 3.40 -8.88
HA3 RIM G . 2.49 3.14 -8.44
HB RIM G . 2.26 5.37 -7.61
HNC1 RIM G . 4.44 6.79 -7.57
HNC2 RIM G . 4.96 5.29 -6.98
HE11 RIM G . 2.84 7.75 -8.84
HE12 RIM G . 1.30 6.92 -9.07
HE21 RIM G . 4.94 5.05 -10.29
HE22 RIM G . 4.97 6.67 -9.58
HE31 RIM G . 1.25 4.62 -10.07
HE32 RIM G . 2.74 3.86 -10.62
HF1 RIM G . 1.64 8.66 -10.80
HF2 RIM G . 5.24 6.75 -12.02
HF3 RIM G . 1.51 4.77 -12.52
HG11 RIM G . 3.42 8.36 -12.47
HG12 RIM G . 4.09 8.59 -10.83
HG21 RIM G . 3.35 6.11 -13.46
HG22 RIM G . 3.97 4.70 -12.55
HG31 RIM G . 1.26 7.21 -12.76
HG32 RIM G . 0.37 6.60 -11.32
CA RIM H . 7.66 -5.91 1.06
CB RIM H . 8.03 -6.22 -0.40
NC RIM H . 7.32 -5.27 -1.30
CD RIM H . 9.56 -6.13 -0.64
CE1 RIM H . 9.88 -6.94 -1.92
CE2 RIM H . 9.98 -4.67 -0.86
CE3 RIM H . 10.35 -6.72 0.54
CF1 RIM H . 11.38 -6.87 -2.21
CF2 RIM H . 11.48 -4.61 -1.15
CF3 RIM H . 11.85 -6.66 0.23
CG1 RIM H . 11.78 -5.41 -2.40
CG2 RIM H . 12.25 -5.21 0.02
CG3 RIM H . 12.14 -7.46 -1.04
HA1 RIM H . 8.15 -5.01 1.38
HA2 RIM H . 7.95 -6.73 1.70
HA3 RIM H . 6.59 -5.77 1.13
HB RIM H . 7.70 -7.22 -0.63
HNC1 RIM H . 6.65 -5.59 -1.93
HNC2 RIM H . 7.58 -4.33 -1.29
HE11 RIM H . 9.33 -6.53 -2.74
HE12 RIM H . 9.59 -7.97 -1.76
HE21 RIM H . 9.77 -4.09 0.02
HE22 RIM H . 9.44 -4.26 -1.71
HE31 RIM H . 10.05 -7.74 0.70
HE32 RIM H . 10.17 -6.14 1.43
HF1 RIM H . 11.59 -7.44 -3.10
HF2 RIM H . 11.78 -3.59 -1.30
HF3 RIM H . 12.41 -7.08 1.06
HG11 RIM H . 12.86 -5.38 -2.61
HG12 RIM H . 11.22 -5.01 -3.24
HG21 RIM H . 13.32 -5.16 -0.20
HG22 RIM H . 12.02 -4.64 0.92
HG31 RIM H . 13.21 -7.40 -1.24
HG32 RIM H . 11.82 -8.49 -0.88
N SER A 6 9.47 16.35 20.90
CA SER A 6 9.87 15.91 22.27
C SER A 6 8.65 15.33 22.99
N ASP A 7 7.47 15.64 22.52
CA ASP A 7 6.24 15.10 23.17
C ASP A 7 5.93 13.72 22.61
N PRO A 8 5.13 12.94 23.30
CA PRO A 8 4.76 11.57 22.85
C PRO A 8 4.00 11.59 21.51
N LEU A 9 3.29 12.65 21.24
CA LEU A 9 2.53 12.73 19.95
C LEU A 9 3.44 12.26 18.83
N VAL A 10 4.69 12.64 18.87
CA VAL A 10 5.64 12.21 17.81
C VAL A 10 5.89 10.71 17.96
N VAL A 11 6.08 10.25 19.17
CA VAL A 11 6.33 8.80 19.39
C VAL A 11 5.22 7.99 18.71
N ALA A 12 3.99 8.32 19.00
CA ALA A 12 2.86 7.57 18.38
C ALA A 12 2.91 7.74 16.85
N ALA A 13 3.33 8.89 16.39
CA ALA A 13 3.40 9.11 14.92
C ALA A 13 4.45 8.17 14.31
N SER A 14 5.66 8.21 14.82
CA SER A 14 6.72 7.34 14.28
C SER A 14 6.29 5.87 14.36
N ILE A 15 5.62 5.49 15.41
CA ILE A 15 5.18 4.07 15.53
C ILE A 15 4.05 3.79 14.53
N ILE A 16 3.13 4.71 14.39
CA ILE A 16 2.02 4.48 13.43
C ILE A 16 2.62 4.20 12.05
N GLY A 17 3.70 4.86 11.72
CA GLY A 17 4.34 4.63 10.39
C GLY A 17 4.99 3.25 10.38
N ILE A 18 5.67 2.88 11.44
CA ILE A 18 6.31 1.55 11.50
C ILE A 18 5.25 0.46 11.38
N LEU A 19 4.18 0.58 12.12
CA LEU A 19 3.11 -0.46 12.04
C LEU A 19 2.63 -0.58 10.59
N HIS A 20 2.42 0.54 9.93
CA HIS A 20 1.97 0.48 8.51
C HIS A 20 2.99 -0.30 7.67
N LEU A 21 4.22 0.10 7.69
CA LEU A 21 5.26 -0.61 6.90
C LEU A 21 5.25 -2.10 7.27
N ILE A 22 5.48 -2.41 8.52
CA ILE A 22 5.48 -3.84 8.93
C ILE A 22 4.23 -4.53 8.38
N LEU A 23 3.09 -3.93 8.54
CA LEU A 23 1.84 -4.56 8.01
C LEU A 23 2.03 -4.90 6.53
N TRP A 24 2.31 -3.93 5.72
CA TRP A 24 2.51 -4.18 4.26
C TRP A 24 3.39 -5.41 4.08
N ILE A 25 4.63 -5.33 4.48
CA ILE A 25 5.55 -6.51 4.33
C ILE A 25 4.85 -7.76 4.86
N LEU A 26 4.10 -7.62 5.92
CA LEU A 26 3.40 -8.78 6.53
C LEU A 26 2.58 -9.51 5.45
N ASP A 27 1.80 -8.80 4.69
CA ASP A 27 0.97 -9.45 3.65
C ASP A 27 1.84 -9.83 2.44
N ARG A 28 2.96 -9.20 2.27
CA ARG A 28 3.82 -9.53 1.10
C ARG A 28 4.85 -10.62 1.45
N LEU A 29 4.86 -11.09 2.68
CA LEU A 29 5.84 -12.14 3.08
C LEU A 29 6.08 -13.12 1.93
N PHE A 30 5.10 -13.33 1.10
CA PHE A 30 5.26 -14.26 -0.05
C PHE A 30 4.05 -14.15 -0.99
N PHE A 31 4.15 -14.70 -2.16
CA PHE A 31 3.00 -14.63 -3.10
C PHE A 31 3.20 -15.65 -4.23
N LYS A 32 2.55 -16.78 -4.13
CA LYS A 32 2.69 -17.82 -5.18
C LYS A 32 1.41 -18.65 -5.26
N SER A 33 0.88 -19.04 -4.13
CA SER A 33 -0.37 -19.85 -4.14
C SER A 33 -1.49 -19.06 -4.83
N ILE A 34 -1.51 -19.04 -6.13
CA ILE A 34 -2.57 -18.28 -6.85
C ILE A 34 -3.75 -19.21 -7.15
N TYR A 35 -3.50 -20.49 -7.29
CA TYR A 35 -4.60 -21.44 -7.59
C TYR A 35 -5.73 -21.25 -6.57
N ARG A 36 -5.40 -21.15 -5.31
CA ARG A 36 -6.47 -20.97 -4.28
C ARG A 36 -7.38 -19.81 -4.69
N PHE A 37 -6.81 -18.71 -5.12
CA PHE A 37 -7.66 -17.56 -5.54
C PHE A 37 -8.53 -17.97 -6.72
N PHE A 38 -8.01 -18.78 -7.61
CA PHE A 38 -8.81 -19.21 -8.78
C PHE A 38 -9.98 -20.09 -8.30
N GLU A 39 -9.76 -20.86 -7.26
CA GLU A 39 -10.84 -21.72 -6.74
C GLU A 39 -11.91 -20.86 -6.07
N HIS A 40 -11.51 -19.83 -5.39
CA HIS A 40 -12.51 -18.94 -4.73
C HIS A 40 -13.41 -18.30 -5.78
N GLY A 41 -12.83 -17.65 -6.76
CA GLY A 41 -13.65 -17.01 -7.82
C GLY A 41 -14.58 -18.05 -8.44
N LEU A 42 -14.03 -19.06 -9.06
CA LEU A 42 -14.88 -20.12 -9.69
C LEU A 42 -15.50 -20.99 -8.59
N LYS A 43 -15.60 -20.48 -7.40
CA LYS A 43 -16.20 -21.29 -6.29
C LYS A 43 -15.61 -22.70 -6.30
N SER B 6 1.43 27.24 19.32
CA SER B 6 0.64 26.22 18.58
C SER B 6 1.53 25.54 17.54
N ASP B 7 1.36 24.27 17.33
CA ASP B 7 2.19 23.55 16.32
C ASP B 7 1.42 22.34 15.80
N PRO B 8 0.19 22.55 15.38
CA PRO B 8 -0.68 21.48 14.84
C PRO B 8 -0.03 20.74 13.67
N LEU B 9 1.05 21.26 13.15
CA LEU B 9 1.72 20.58 12.00
C LEU B 9 1.87 19.09 12.33
N VAL B 10 2.32 18.78 13.51
CA VAL B 10 2.47 17.34 13.88
C VAL B 10 1.08 16.70 13.98
N VAL B 11 0.16 17.35 14.62
CA VAL B 11 -1.21 16.77 14.74
C VAL B 11 -1.67 16.31 13.36
N ALA B 12 -1.52 17.13 12.36
CA ALA B 12 -1.94 16.73 10.98
C ALA B 12 -1.08 15.56 10.51
N ALA B 13 0.17 15.54 10.87
CA ALA B 13 1.06 14.42 10.44
C ALA B 13 0.60 13.11 11.09
N SER B 14 0.53 13.08 12.39
CA SER B 14 0.09 11.83 13.08
C SER B 14 -1.26 11.39 12.52
N ILE B 15 -2.11 12.32 12.20
CA ILE B 15 -3.45 11.94 11.65
C ILE B 15 -3.27 11.40 10.22
N ILE B 16 -2.45 12.04 9.43
CA ILE B 16 -2.26 11.55 8.03
C ILE B 16 -1.84 10.08 8.09
N GLY B 17 -1.09 9.71 9.09
CA GLY B 17 -0.65 8.28 9.21
C GLY B 17 -1.83 7.43 9.67
N ILE B 18 -2.56 7.88 10.66
CA ILE B 18 -3.71 7.08 11.15
C ILE B 18 -4.65 6.77 9.98
N LEU B 19 -4.77 7.69 9.06
CA LEU B 19 -5.67 7.44 7.89
C LEU B 19 -5.00 6.44 6.96
N HIS B 20 -3.84 6.75 6.47
CA HIS B 20 -3.12 5.81 5.55
C HIS B 20 -3.14 4.40 6.15
N LEU B 21 -3.00 4.29 7.44
CA LEU B 21 -3.00 2.94 8.07
C LEU B 21 -4.40 2.34 7.98
N ILE B 22 -5.35 2.89 8.69
CA ILE B 22 -6.73 2.35 8.65
C ILE B 22 -7.14 2.11 7.20
N LEU B 23 -6.54 2.82 6.28
CA LEU B 23 -6.88 2.62 4.84
C LEU B 23 -6.39 1.26 4.37
N TRP B 24 -5.10 1.04 4.38
CA TRP B 24 -4.56 -0.27 3.93
C TRP B 24 -5.36 -1.40 4.58
N ILE B 25 -5.59 -1.32 5.86
CA ILE B 25 -6.37 -2.38 6.54
C ILE B 25 -7.78 -2.42 5.95
N LEU B 26 -8.50 -1.33 6.07
CA LEU B 26 -9.89 -1.26 5.53
C LEU B 26 -9.94 -1.90 4.14
N ASP B 27 -9.02 -1.56 3.28
CA ASP B 27 -9.02 -2.14 1.91
C ASP B 27 -8.74 -3.64 2.00
N ARG B 28 -8.03 -4.06 3.01
CA ARG B 28 -7.71 -5.52 3.14
C ARG B 28 -8.89 -6.26 3.75
N LEU B 29 -9.84 -5.58 4.34
CA LEU B 29 -11.00 -6.30 4.93
C LEU B 29 -12.10 -6.46 3.87
N PHE B 30 -12.00 -5.72 2.80
CA PHE B 30 -13.03 -5.84 1.73
C PHE B 30 -13.28 -7.32 1.41
N PHE B 31 -12.39 -7.94 0.68
CA PHE B 31 -12.57 -9.38 0.35
C PHE B 31 -14.02 -9.64 -0.07
N LYS B 32 -14.38 -9.24 -1.27
CA LYS B 32 -15.79 -9.47 -1.74
C LYS B 32 -15.83 -10.74 -2.59
N SER B 33 -15.59 -10.62 -3.87
CA SER B 33 -15.63 -11.82 -4.75
C SER B 33 -14.64 -11.63 -5.90
N ILE B 34 -14.08 -12.70 -6.39
CA ILE B 34 -13.09 -12.59 -7.50
C ILE B 34 -13.80 -12.84 -8.83
N TYR B 35 -14.91 -13.53 -8.81
CA TYR B 35 -15.65 -13.81 -10.07
C TYR B 35 -16.20 -12.50 -10.65
N ARG B 36 -16.34 -11.49 -9.84
CA ARG B 36 -16.86 -10.19 -10.33
C ARG B 36 -15.83 -9.53 -11.25
N PHE B 37 -14.59 -9.53 -10.86
CA PHE B 37 -13.54 -8.90 -11.70
C PHE B 37 -13.37 -9.68 -13.00
N PHE B 38 -13.52 -10.98 -12.94
CA PHE B 38 -13.38 -11.80 -14.18
C PHE B 38 -14.50 -11.45 -15.15
N GLU B 39 -15.71 -11.33 -14.67
CA GLU B 39 -16.83 -10.99 -15.58
C GLU B 39 -16.66 -9.54 -16.05
N HIS B 40 -16.00 -8.74 -15.26
CA HIS B 40 -15.79 -7.31 -15.65
C HIS B 40 -14.78 -7.25 -16.80
N GLY B 41 -13.78 -8.08 -16.77
CA GLY B 41 -12.77 -8.06 -17.87
C GLY B 41 -13.37 -8.67 -19.13
N LEU B 42 -13.75 -9.92 -19.07
CA LEU B 42 -14.34 -10.58 -20.27
C LEU B 42 -15.76 -10.04 -20.49
N LYS B 43 -16.11 -9.74 -21.71
CA LYS B 43 -17.48 -9.22 -21.98
C LYS B 43 -18.51 -10.26 -21.56
N SER C 6 13.86 27.71 12.18
CA SER C 6 12.73 26.80 11.83
C SER C 6 13.24 25.37 11.72
N ASP C 7 12.42 24.48 11.22
CA ASP C 7 12.86 23.06 11.08
C ASP C 7 11.97 22.34 10.08
N PRO C 8 12.06 22.70 8.83
CA PRO C 8 11.24 22.08 7.74
C PRO C 8 11.23 20.56 7.84
N LEU C 9 12.05 20.00 8.68
CA LEU C 9 12.09 18.51 8.82
C LEU C 9 10.65 17.98 8.93
N VAL C 10 9.86 18.60 9.76
CA VAL C 10 8.45 18.14 9.91
C VAL C 10 7.69 18.46 8.62
N VAL C 11 7.87 19.65 8.11
CA VAL C 11 7.16 20.02 6.85
C VAL C 11 7.37 18.92 5.81
N ALA C 12 8.60 18.51 5.61
CA ALA C 12 8.87 17.43 4.62
C ALA C 12 8.23 16.13 5.11
N ALA C 13 8.15 15.95 6.40
CA ALA C 13 7.54 14.70 6.94
C ALA C 13 6.04 14.67 6.61
N SER C 14 5.31 15.68 6.99
CA SER C 14 3.86 15.71 6.70
C SER C 14 3.63 15.62 5.20
N ILE C 15 4.46 16.25 4.40
CA ILE C 15 4.27 16.18 2.93
C ILE C 15 4.62 14.78 2.44
N ILE C 16 5.66 14.18 2.96
CA ILE C 16 6.03 12.81 2.51
C ILE C 16 4.84 11.89 2.77
N GLY C 17 4.08 12.15 3.80
CA GLY C 17 2.91 11.29 4.11
C GLY C 17 1.79 11.61 3.12
N ILE C 18 1.55 12.87 2.86
CA ILE C 18 0.47 13.23 1.91
C ILE C 18 0.75 12.57 0.56
N LEU C 19 2.00 12.37 0.23
CA LEU C 19 2.32 11.71 -1.07
C LEU C 19 1.98 10.23 -0.97
N HIS C 20 2.62 9.52 -0.09
CA HIS C 20 2.33 8.06 0.06
C HIS C 20 0.81 7.84 0.12
N LEU C 21 0.09 8.75 0.71
CA LEU C 21 -1.38 8.60 0.79
C LEU C 21 -2.01 8.76 -0.59
N ILE C 22 -1.94 9.95 -1.14
CA ILE C 22 -2.54 10.17 -2.49
C ILE C 22 -2.04 9.09 -3.46
N LEU C 23 -0.89 8.53 -3.20
CA LEU C 23 -0.36 7.47 -4.10
C LEU C 23 -1.17 6.19 -3.91
N TRP C 24 -1.26 5.72 -2.69
CA TRP C 24 -2.03 4.46 -2.44
C TRP C 24 -3.45 4.61 -2.99
N ILE C 25 -4.12 5.69 -2.67
CA ILE C 25 -5.50 5.88 -3.19
C ILE C 25 -5.46 5.98 -4.71
N LEU C 26 -4.68 6.89 -5.23
CA LEU C 26 -4.58 7.06 -6.71
C LEU C 26 -4.38 5.69 -7.37
N ASP C 27 -3.57 4.86 -6.79
CA ASP C 27 -3.32 3.51 -7.40
C ASP C 27 -4.55 2.62 -7.20
N ARG C 28 -5.34 2.88 -6.20
CA ARG C 28 -6.54 2.02 -5.96
C ARG C 28 -7.69 2.45 -6.88
N LEU C 29 -7.65 3.65 -7.42
CA LEU C 29 -8.75 4.08 -8.32
C LEU C 29 -8.54 3.47 -9.71
N PHE C 30 -7.30 3.29 -10.10
CA PHE C 30 -7.03 2.69 -11.43
C PHE C 30 -6.88 1.17 -11.31
N PHE C 31 -7.89 0.45 -11.69
CA PHE C 31 -7.82 -1.05 -11.58
C PHE C 31 -8.75 -1.68 -12.62
N LYS C 32 -9.60 -0.90 -13.22
CA LYS C 32 -10.53 -1.48 -14.23
C LYS C 32 -9.73 -1.99 -15.43
N SER C 33 -10.34 -2.10 -16.59
CA SER C 33 -9.60 -2.59 -17.78
C SER C 33 -8.77 -3.83 -17.41
N ILE C 34 -9.42 -4.96 -17.28
CA ILE C 34 -8.68 -6.20 -16.92
C ILE C 34 -8.34 -6.98 -18.19
N TYR C 35 -9.12 -6.83 -19.22
CA TYR C 35 -8.83 -7.56 -20.48
C TYR C 35 -7.44 -7.17 -20.99
N ARG C 36 -6.98 -6.00 -20.63
CA ARG C 36 -5.63 -5.57 -21.09
C ARG C 36 -4.56 -6.42 -20.42
N PHE C 37 -4.75 -6.79 -19.19
CA PHE C 37 -3.74 -7.63 -18.48
C PHE C 37 -3.79 -9.05 -19.03
N PHE C 38 -4.96 -9.52 -19.39
CA PHE C 38 -5.08 -10.90 -19.93
C PHE C 38 -4.32 -11.01 -21.25
N GLU C 39 -4.65 -10.18 -22.21
CA GLU C 39 -3.95 -10.24 -23.53
C GLU C 39 -2.48 -9.87 -23.34
N HIS C 40 -2.16 -9.07 -22.36
CA HIS C 40 -0.75 -8.67 -22.14
C HIS C 40 0.04 -9.87 -21.61
N GLY C 41 -0.52 -10.60 -20.69
CA GLY C 41 0.19 -11.79 -20.13
C GLY C 41 0.22 -12.90 -21.17
N LEU C 42 -0.92 -13.45 -21.51
CA LEU C 42 -0.95 -14.53 -22.51
C LEU C 42 -0.46 -14.00 -23.86
N LYS C 43 0.80 -14.17 -24.16
CA LYS C 43 1.34 -13.66 -25.44
C LYS C 43 0.92 -12.20 -25.62
N SER D 6 18.49 17.81 18.71
CA SER D 6 17.99 17.40 17.37
C SER D 6 16.83 16.43 17.52
N ASP D 7 16.86 15.62 18.55
CA ASP D 7 15.75 14.63 18.76
C ASP D 7 15.55 13.84 17.47
N PRO D 8 16.48 13.00 17.12
CA PRO D 8 16.41 12.17 15.90
C PRO D 8 15.05 11.48 15.76
N LEU D 9 14.24 11.52 16.78
CA LEU D 9 12.90 10.86 16.69
C LEU D 9 12.23 11.29 15.40
N VAL D 10 12.24 12.55 15.09
CA VAL D 10 11.61 13.02 13.83
C VAL D 10 12.45 12.50 12.65
N VAL D 11 13.75 12.62 12.73
CA VAL D 11 14.61 12.13 11.62
C VAL D 11 14.18 10.71 11.25
N ALA D 12 14.04 9.86 12.22
CA ALA D 12 13.62 8.46 11.93
C ALA D 12 12.20 8.47 11.35
N ALA D 13 11.38 9.39 11.80
CA ALA D 13 9.99 9.46 11.26
C ALA D 13 10.02 9.83 9.77
N SER D 14 10.62 10.94 9.44
CA SER D 14 10.69 11.37 8.01
C SER D 14 11.30 10.23 7.17
N ILE D 15 12.26 9.54 7.70
CA ILE D 15 12.89 8.43 6.92
C ILE D 15 11.91 7.27 6.82
N ILE D 16 11.22 6.94 7.88
CA ILE D 16 10.25 5.82 7.82
C ILE D 16 9.27 6.08 6.68
N GLY D 17 8.92 7.33 6.46
CA GLY D 17 7.97 7.65 5.36
C GLY D 17 8.68 7.45 4.02
N ILE D 18 9.89 7.94 3.91
CA ILE D 18 10.64 7.77 2.63
C ILE D 18 10.82 6.28 2.35
N LEU D 19 10.79 5.48 3.38
CA LEU D 19 10.96 4.01 3.18
C LEU D 19 9.66 3.43 2.61
N HIS D 20 8.62 3.37 3.41
CA HIS D 20 7.33 2.81 2.92
C HIS D 20 7.01 3.39 1.53
N LEU D 21 7.39 4.61 1.29
CA LEU D 21 7.11 5.24 -0.03
C LEU D 21 7.94 4.54 -1.12
N ILE D 22 9.24 4.68 -1.06
CA ILE D 22 10.11 4.03 -2.09
C ILE D 22 9.76 2.53 -2.17
N LEU D 23 9.29 1.96 -1.10
CA LEU D 23 8.95 0.50 -1.13
C LEU D 23 7.63 0.30 -1.87
N TRP D 24 6.57 0.90 -1.40
CA TRP D 24 5.25 0.74 -2.06
C TRP D 24 5.41 0.89 -3.58
N ILE D 25 6.01 1.97 -4.02
CA ILE D 25 6.19 2.16 -5.48
C ILE D 25 7.03 1.01 -6.04
N LEU D 26 8.21 0.82 -5.52
CA LEU D 26 9.09 -0.27 -6.00
C LEU D 26 8.28 -1.56 -6.17
N ASP D 27 7.44 -1.88 -5.23
CA ASP D 27 6.62 -3.12 -5.34
C ASP D 27 5.62 -2.96 -6.49
N ARG D 28 5.18 -1.76 -6.76
CA ARG D 28 4.19 -1.56 -7.85
C ARG D 28 4.90 -1.62 -9.21
N LEU D 29 6.20 -1.48 -9.26
CA LEU D 29 6.91 -1.56 -10.57
C LEU D 29 7.21 -3.01 -10.90
N PHE D 30 7.15 -3.89 -9.93
CA PHE D 30 7.43 -5.33 -10.19
C PHE D 30 6.38 -5.87 -11.17
N PHE D 31 5.38 -5.10 -11.48
CA PHE D 31 4.33 -5.59 -12.42
C PHE D 31 4.91 -5.67 -13.83
N LYS D 32 5.78 -6.60 -14.08
CA LYS D 32 6.37 -6.73 -15.44
C LYS D 32 5.61 -7.80 -16.24
N SER D 33 6.14 -8.98 -16.32
CA SER D 33 5.45 -10.06 -17.08
C SER D 33 4.28 -10.60 -16.27
N ILE D 34 3.12 -10.70 -16.87
CA ILE D 34 1.94 -11.23 -16.12
C ILE D 34 1.82 -12.73 -16.36
N TYR D 35 2.24 -13.19 -17.50
CA TYR D 35 2.16 -14.66 -17.80
C TYR D 35 2.93 -15.45 -16.73
N ARG D 36 3.90 -14.84 -16.11
CA ARG D 36 4.68 -15.57 -15.07
C ARG D 36 3.77 -15.95 -13.90
N PHE D 37 2.90 -15.06 -13.51
CA PHE D 37 1.99 -15.36 -12.38
C PHE D 37 0.95 -16.40 -12.83
N PHE D 38 0.44 -16.26 -14.02
CA PHE D 38 -0.58 -17.23 -14.51
C PHE D 38 0.02 -18.63 -14.51
N GLU D 39 1.26 -18.77 -14.93
CA GLU D 39 1.90 -20.10 -14.94
C GLU D 39 2.23 -20.52 -13.51
N HIS D 40 2.44 -19.57 -12.63
CA HIS D 40 2.76 -19.92 -11.23
C HIS D 40 1.53 -20.57 -10.58
N GLY D 41 0.36 -20.06 -10.89
CA GLY D 41 -0.88 -20.64 -10.30
C GLY D 41 -1.18 -21.98 -10.98
N LEU D 42 -1.44 -21.95 -12.25
CA LEU D 42 -1.74 -23.23 -12.98
C LEU D 42 -0.60 -24.22 -12.77
N LYS D 43 -0.86 -25.48 -12.98
CA LYS D 43 0.21 -26.50 -12.79
C LYS D 43 1.13 -26.51 -14.00
CA RIM E . -4.51 -5.76 6.88
CB RIM E . -3.74 -7.07 6.68
NC RIM E . -2.28 -6.77 6.61
CD RIM E . -4.00 -8.07 7.85
CE1 RIM E . -3.63 -9.47 7.34
CE2 RIM E . -3.11 -7.74 9.05
CE3 RIM E . -5.48 -8.06 8.28
CF1 RIM E . -3.85 -10.51 8.44
CF2 RIM E . -3.35 -8.77 10.16
CF3 RIM E . -5.69 -9.10 9.38
CG1 RIM E . -2.98 -10.15 9.65
CG2 RIM E . -4.82 -8.76 10.57
CG3 RIM E . -5.32 -10.49 8.86
HA1 RIM E . -4.38 -5.39 7.88
HA2 RIM E . -5.56 -5.92 6.69
HA3 RIM E . -4.14 -5.03 6.18
HB RIM E . -4.05 -7.52 5.75
HNC1 RIM E . -1.97 -5.84 6.65
HNC2 RIM E . -1.63 -7.51 6.58
HE11 RIM E . -2.60 -9.49 7.03
HE12 RIM E . -4.25 -9.73 6.49
HE21 RIM E . -3.36 -6.76 9.43
HE22 RIM E . -2.07 -7.76 8.76
HE31 RIM E . -6.10 -8.28 7.43
HE32 RIM E . -5.73 -7.09 8.67
HF1 RIM E . -3.60 -11.49 8.09
HF2 RIM E . -2.73 -8.53 11.02
HF3 RIM E . -6.73 -9.10 9.68
HG11 RIM E . -3.15 -10.88 10.43
HG12 RIM E . -1.95 -10.15 9.33
HG21 RIM E . -4.97 -9.49 11.36
HG22 RIM E . -5.07 -7.75 10.92
HG31 RIM E . -5.47 -11.21 9.66
HG32 RIM E . -5.93 -10.72 8.00
CA RIM F . -8.43 3.04 -1.69
CB RIM F . -9.07 3.62 -0.43
NC RIM F . -8.66 5.04 -0.28
CD RIM F . -10.62 3.53 -0.45
CE1 RIM F . -11.13 3.64 0.99
CE2 RIM F . -11.20 4.70 -1.27
CE3 RIM F . -11.09 2.20 -1.06
CF1 RIM F . -12.65 3.58 1.01
CF2 RIM F . -12.73 4.62 -1.25
CF3 RIM F . -12.62 2.14 -1.02
CG1 RIM F . -13.21 4.73 0.19
CG2 RIM F . -13.19 3.29 -1.84
CG3 RIM F . -13.10 2.26 0.43
HA1 RIM F . -8.51 1.96 -1.67
HA2 RIM F . -7.38 3.31 -1.72
HA3 RIM F . -8.93 3.42 -2.56
HB RIM F . -8.70 3.08 0.43
HNC1 RIM F . -8.26 5.52 -1.06
HNC2 RIM F . -8.88 5.55 0.52
HE11 RIM F . -10.79 4.57 1.42
HE12 RIM F . -10.72 2.82 1.58
HE21 RIM F . -10.86 4.63 -2.29
HE22 RIM F . -10.89 5.64 -0.84
HE31 RIM F . -10.68 1.38 -0.50
HE32 RIM F . -10.77 2.12 -2.09
HF1 RIM F . -13.00 3.66 2.03
HF2 RIM F . -13.13 5.43 -1.83
HF3 RIM F . -12.96 1.20 -1.43
HG11 RIM F . -14.30 4.67 0.20
HG12 RIM F . -12.87 5.67 0.61
HG21 RIM F . -14.27 3.25 -1.81
HG22 RIM F . -12.82 3.21 -2.86
HG31 RIM F . -14.19 2.22 0.43
HG32 RIM F . -12.68 1.45 1.01
CA RIM G . 3.15 3.38 -7.76
CB RIM G . 2.33 3.08 -9.02
NC RIM G . 1.01 2.51 -8.62
CD RIM G . 2.08 4.35 -9.88
CE1 RIM G . 1.72 3.89 -11.30
CE2 RIM G . 0.91 5.17 -9.31
CE3 RIM G . 3.35 5.22 -9.94
CF1 RIM G . 1.47 5.11 -12.19
CF2 RIM G . 0.67 6.39 -10.20
CF3 RIM G . 3.09 6.43 -10.84
CG1 RIM G . 0.31 5.93 -11.61
CG2 RIM G . 1.93 7.25 -10.26
CG3 RIM G . 2.73 5.96 -12.24
HA1 RIM G . 4.18 3.55 -8.05
HA2 RIM G . 3.10 2.53 -7.10
HA3 RIM G . 2.76 4.24 -7.26
HB RIM G . 2.85 2.35 -9.62
HNC1 RIM G . 0.38 2.18 -9.29
HNC2 RIM G . 0.80 2.38 -7.67
HE11 RIM G . 0.84 3.28 -11.27
HE12 RIM G . 2.54 3.32 -11.71
HE21 RIM G . 1.15 5.51 -8.31
HE22 RIM G . 0.02 4.57 -9.29
HE31 RIM G . 4.17 4.65 -10.32
HE32 RIM G . 3.59 5.59 -8.95
HF1 RIM G . 1.21 4.78 -13.18
HF2 RIM G . -0.15 6.98 -9.80
HF3 RIM G . 3.97 7.05 -10.88
HG11 RIM G . 0.15 6.80 -12.24
HG12 RIM G . -0.57 5.30 -11.56
HG21 RIM G . 1.75 8.11 -10.90
HG22 RIM G . 2.20 7.56 -9.25
HG31 RIM G . 2.54 6.84 -12.86
HG32 RIM G . 3.54 5.36 -12.63
CA RIM H . 7.27 -6.15 0.79
CB RIM H . 7.69 -5.64 -0.58
NC RIM H . 7.77 -4.15 -0.54
CD RIM H . 9.06 -6.23 -1.04
CE1 RIM H . 8.85 -7.62 -1.64
CE2 RIM H . 9.66 -5.30 -2.11
CE3 RIM H . 10.05 -6.32 0.14
CF1 RIM H . 10.19 -8.18 -2.12
CF2 RIM H . 10.99 -5.86 -2.61
CF3 RIM H . 11.39 -6.87 -0.36
CG1 RIM H . 10.76 -7.26 -3.19
CG2 RIM H . 11.95 -5.95 -1.43
CG3 RIM H . 11.16 -8.25 -0.95
HA1 RIM H . 7.89 -5.70 1.55
HA2 RIM H . 7.37 -7.23 0.84
HA3 RIM H . 6.24 -5.88 0.97
HB RIM H . 6.93 -5.91 -1.31
HNC1 RIM H . 8.02 -3.64 -1.35
HNC2 RIM H . 7.68 -3.68 0.31
HE11 RIM H . 8.17 -7.56 -2.47
HE12 RIM H . 8.44 -8.28 -0.88
HE21 RIM H . 9.82 -4.32 -1.69
HE22 RIM H . 8.97 -5.23 -2.95
HE31 RIM H . 9.67 -7.00 0.89
HE32 RIM H . 10.20 -5.34 0.58
HF1 RIM H . 10.04 -9.16 -2.53
HF2 RIM H . 11.39 -5.21 -3.36
HF3 RIM H . 12.09 -6.94 0.46
HG11 RIM H . 11.72 -7.65 -3.52
HG12 RIM H . 10.05 -7.18 -4.01
HG21 RIM H . 12.89 -6.36 -1.79
HG22 RIM H . 12.08 -4.96 -1.01
HG31 RIM H . 12.11 -8.64 -1.31
HG32 RIM H . 10.74 -8.90 -0.18
#